data_8FC8
#
_entry.id   8FC8
#
_cell.length_a   1.00
_cell.length_b   1.00
_cell.length_c   1.00
_cell.angle_alpha   90.00
_cell.angle_beta   90.00
_cell.angle_gamma   90.00
#
_symmetry.space_group_name_H-M   'P 1'
#
loop_
_entity.id
_entity.type
_entity.pdbx_description
1 polymer 'Transient receptor potential cation channel subfamily V member 4'
2 non-polymer N-[(2S)-1-{4-[N-(2,4-dichlorobenzene-1-sulfonyl)-L-seryl]piperazin-1-yl}-4-methyl-1-oxopentan-2-yl]-1-benzothiophene-2-carboxamide
3 non-polymer 'CHOLESTEROL HEMISUCCINATE'
#
_entity_poly.entity_id   1
_entity_poly.type   'polypeptide(L)'
_entity_poly.pdbx_seq_one_letter_code
;MADSSEGPRAGPGEVAELPGDESGTPGGEAFPLSSLANLFEGEDGSLSPSPADASRPAGPGDGRPNLRMKFQGAFRKGVP
NPIDLLESTLYESSVVPGPKKAPMDSLFDYGTYRHHSSDNKRWRKKIIEKQPQSPKAPAPQPPPILKVFNRPILFDIVSR
GSTADLDGLLPFLLTHKKRLTDEEFREPSTGKTCLPKALLNLSNGRNDTIPVLLDIAERTGNMREFINSPFRDIYYRGQT
ALHIAIERRCKHYVELLVAQGADVHAQARGRFFQPKDEGGYFYFGELPLSLAACTNQPHIVNYLTENPHKKADMRRQDSR
GNTVLHALVAIADNTRENTKFVTKMYDLLLLKCARLFPDSNLEAVLNNDGLSPLMMAAKTGKIGIFQHIIRREVTDEDTR
HLSRKFKDWAYGPVYSSLYDLSSLDTCGEEASVLEILVYNSKIENRHEMLAVEPINELLRDKWRKFGAVSFYINVVSYLC
AMVIFTLTAYYQPLEGTPPYPYRTTVDYLRLAGEVITLFTGVLFFFTNIKDLFMKKCPGVNSLFIDGSFQLLYFIYSVLV
IVSAALYLAGIEAYLAVMVFALVLGWMNALYFTRGLKLTGTYSIMIQKILFKDLFRFLLVYLLFMIGYASALVSLLNPCA
NMKVCNEDQTNCTVPTYPSCRDSETFSTFLLDLFKLTIGMGDLEMLSSTKYPVVFIILLVTYIILTFVLLLNMLIALMGE
TVGQVSKESKHIWKLQWATTILDIERSFPVFLRKAFRSGEMVTVGKSSDGTPDRRWCFRVDEVNWSHWNQNLGIINEDPG
KNETYQYYGFSHTVGRLRRDRWSSVVPRVVELNKNSNPDEVVVPLDSMGNPRCDGHQQGYPRKWRTDDAPLENSLEVLFQ
GPDYKDDDDKAHHHHHHHHHH
;
_entity_poly.pdbx_strand_id   A,B,C,D
#
loop_
_chem_comp.id
_chem_comp.type
_chem_comp.name
_chem_comp.formula
XQ3 non-polymer N-[(2S)-1-{4-[N-(2,4-dichlorobenzene-1-sulfonyl)-L-seryl]piperazin-1-yl}-4-methyl-1-oxopentan-2-yl]-1-benzothiophene-2-carboxamide 'C28 H32 Cl2 N4 O6 S2'
Y01 non-polymer 'CHOLESTEROL HEMISUCCINATE' 'C31 H50 O4'
#
# COMPACT_ATOMS: atom_id res chain seq x y z
N ASN A 150 -12.15 -67.35 22.79
CA ASN A 150 -12.60 -67.21 21.41
C ASN A 150 -12.66 -65.74 21.00
N ARG A 151 -12.07 -64.87 21.81
CA ARG A 151 -12.07 -63.44 21.49
C ARG A 151 -11.37 -63.15 20.17
N PRO A 152 -10.15 -63.65 19.93
CA PRO A 152 -9.50 -63.34 18.64
C PRO A 152 -10.27 -63.84 17.43
N ILE A 153 -10.78 -65.07 17.48
CA ILE A 153 -11.50 -65.62 16.33
C ILE A 153 -12.78 -64.84 16.09
N LEU A 154 -13.52 -64.52 17.15
CA LEU A 154 -14.75 -63.76 16.98
C LEU A 154 -14.47 -62.37 16.45
N PHE A 155 -13.42 -61.72 16.96
CA PHE A 155 -13.05 -60.40 16.45
C PHE A 155 -12.70 -60.46 14.96
N ASP A 156 -11.93 -61.46 14.56
CA ASP A 156 -11.58 -61.59 13.15
C ASP A 156 -12.83 -61.83 12.30
N ILE A 157 -13.73 -62.70 12.77
CA ILE A 157 -14.93 -63.01 12.00
C ILE A 157 -15.78 -61.76 11.83
N VAL A 158 -15.96 -60.99 12.91
CA VAL A 158 -16.82 -59.81 12.83
C VAL A 158 -16.16 -58.74 11.97
N SER A 159 -14.83 -58.59 12.07
CA SER A 159 -14.15 -57.61 11.24
C SER A 159 -14.28 -57.95 9.76
N ARG A 160 -14.11 -59.24 9.42
CA ARG A 160 -14.27 -59.65 8.03
C ARG A 160 -15.70 -59.54 7.55
N GLY A 161 -16.67 -59.47 8.45
CA GLY A 161 -18.06 -59.36 8.07
C GLY A 161 -18.73 -60.65 7.67
N SER A 162 -18.03 -61.78 7.77
CA SER A 162 -18.63 -63.06 7.39
C SER A 162 -19.73 -63.43 8.36
N THR A 163 -20.84 -63.95 7.83
CA THR A 163 -21.99 -64.34 8.62
C THR A 163 -22.07 -65.84 8.88
N ALA A 164 -21.52 -66.66 7.96
CA ALA A 164 -21.57 -68.10 8.15
C ALA A 164 -20.77 -68.53 9.37
N ASP A 165 -19.62 -67.92 9.60
CA ASP A 165 -18.77 -68.31 10.71
C ASP A 165 -19.50 -68.19 12.04
N LEU A 166 -20.45 -67.27 12.15
CA LEU A 166 -21.18 -67.09 13.40
C LEU A 166 -22.05 -68.29 13.75
N ASP A 167 -22.33 -69.16 12.78
CA ASP A 167 -23.15 -70.34 13.05
C ASP A 167 -22.50 -71.20 14.13
N GLY A 168 -23.31 -71.68 15.06
CA GLY A 168 -22.84 -72.49 16.16
C GLY A 168 -22.43 -71.72 17.40
N LEU A 169 -22.41 -70.39 17.34
CA LEU A 169 -22.07 -69.61 18.53
C LEU A 169 -23.14 -69.72 19.60
N LEU A 170 -24.42 -69.69 19.21
CA LEU A 170 -25.49 -69.77 20.18
C LEU A 170 -25.49 -71.08 20.94
N PRO A 171 -25.37 -72.25 20.30
CA PRO A 171 -25.22 -73.49 21.08
C PRO A 171 -24.04 -73.46 22.02
N PHE A 172 -22.92 -72.89 21.59
CA PHE A 172 -21.74 -72.82 22.47
C PHE A 172 -22.04 -71.99 23.70
N LEU A 173 -22.66 -70.83 23.51
CA LEU A 173 -23.00 -69.98 24.65
C LEU A 173 -24.00 -70.67 25.57
N LEU A 174 -24.99 -71.35 25.00
CA LEU A 174 -25.98 -72.04 25.81
C LEU A 174 -25.34 -73.16 26.63
N THR A 175 -24.46 -73.94 26.01
CA THR A 175 -23.83 -75.05 26.72
C THR A 175 -22.88 -74.55 27.79
N HIS A 176 -22.05 -73.55 27.47
CA HIS A 176 -21.08 -73.02 28.42
C HIS A 176 -21.65 -71.92 29.30
N LYS A 177 -22.86 -71.43 29.01
CA LYS A 177 -23.50 -70.38 29.79
C LYS A 177 -22.58 -69.16 29.90
N LYS A 178 -21.93 -68.82 28.80
CA LYS A 178 -21.01 -67.69 28.75
C LYS A 178 -21.72 -66.50 28.11
N ARG A 179 -21.80 -65.39 28.83
CA ARG A 179 -22.43 -64.18 28.32
C ARG A 179 -21.51 -63.45 27.37
N LEU A 180 -22.11 -62.70 26.44
CA LEU A 180 -21.35 -61.96 25.45
C LEU A 180 -20.59 -60.78 26.06
N THR A 181 -20.87 -60.42 27.30
CA THR A 181 -20.18 -59.33 27.97
C THR A 181 -19.07 -59.80 28.90
N ASP A 182 -18.69 -61.08 28.81
CA ASP A 182 -17.64 -61.61 29.66
C ASP A 182 -16.32 -60.87 29.41
N GLU A 183 -15.55 -60.69 30.48
CA GLU A 183 -14.29 -59.95 30.38
C GLU A 183 -13.40 -60.53 29.29
N GLU A 184 -13.40 -61.85 29.14
CA GLU A 184 -12.56 -62.48 28.13
C GLU A 184 -12.95 -62.02 26.72
N PHE A 185 -14.25 -61.96 26.44
CA PHE A 185 -14.70 -61.50 25.13
C PHE A 185 -14.35 -60.03 24.90
N ARG A 186 -14.51 -59.20 25.92
CA ARG A 186 -14.24 -57.78 25.78
C ARG A 186 -12.74 -57.54 25.63
N GLU A 187 -12.38 -56.61 24.75
CA GLU A 187 -10.99 -56.28 24.54
C GLU A 187 -10.41 -55.64 25.80
N PRO A 188 -9.32 -56.17 26.36
CA PRO A 188 -8.77 -55.56 27.59
C PRO A 188 -8.36 -54.11 27.42
N SER A 189 -7.93 -53.71 26.22
CA SER A 189 -7.35 -52.38 26.05
C SER A 189 -8.34 -51.29 26.41
N THR A 190 -9.58 -51.39 25.92
CA THR A 190 -10.57 -50.34 26.15
C THR A 190 -11.95 -50.89 26.47
N GLY A 191 -12.06 -52.15 26.88
CA GLY A 191 -13.36 -52.73 27.14
C GLY A 191 -14.24 -52.81 25.91
N LYS A 192 -13.66 -52.66 24.72
CA LYS A 192 -14.44 -52.72 23.49
C LYS A 192 -15.07 -54.09 23.34
N THR A 193 -16.28 -54.12 22.79
CA THR A 193 -17.04 -55.34 22.61
C THR A 193 -17.26 -55.59 21.12
N CYS A 194 -18.01 -56.66 20.82
CA CYS A 194 -18.17 -57.08 19.43
C CYS A 194 -18.91 -56.03 18.60
N LEU A 195 -19.97 -55.46 19.16
CA LEU A 195 -20.81 -54.55 18.40
C LEU A 195 -20.08 -53.29 17.94
N PRO A 196 -19.36 -52.57 18.80
CA PRO A 196 -18.61 -51.41 18.30
C PRO A 196 -17.57 -51.77 17.25
N LYS A 197 -16.92 -52.94 17.40
CA LYS A 197 -16.00 -53.38 16.36
C LYS A 197 -16.71 -53.59 15.04
N ALA A 198 -17.90 -54.20 15.09
CA ALA A 198 -18.66 -54.41 13.87
C ALA A 198 -19.05 -53.09 13.23
N LEU A 199 -19.48 -52.12 14.03
CA LEU A 199 -19.93 -50.84 13.49
C LEU A 199 -18.77 -50.00 12.98
N LEU A 200 -17.58 -50.15 13.59
CA LEU A 200 -16.44 -49.33 13.18
C LEU A 200 -16.04 -49.63 11.74
N ASN A 201 -15.91 -50.90 11.39
CA ASN A 201 -15.52 -51.32 10.05
C ASN A 201 -16.68 -52.04 9.39
N LEU A 202 -17.04 -51.60 8.18
CA LEU A 202 -18.14 -52.20 7.45
C LEU A 202 -18.07 -51.73 6.00
N SER A 203 -18.79 -52.44 5.14
CA SER A 203 -18.78 -52.18 3.70
C SER A 203 -20.06 -51.46 3.32
N ASN A 204 -19.94 -50.20 2.91
CA ASN A 204 -21.06 -49.42 2.42
C ASN A 204 -22.19 -49.34 3.44
N GLY A 205 -21.84 -49.35 4.72
CA GLY A 205 -22.84 -49.24 5.76
C GLY A 205 -23.75 -50.42 5.91
N ARG A 206 -23.34 -51.61 5.46
CA ARG A 206 -24.15 -52.81 5.49
C ARG A 206 -23.33 -54.00 5.97
N ASN A 207 -22.69 -53.83 7.14
CA ASN A 207 -21.87 -54.88 7.73
C ASN A 207 -22.60 -56.22 7.71
N ASP A 208 -23.91 -56.19 7.91
CA ASP A 208 -24.76 -57.37 7.74
C ASP A 208 -24.60 -58.38 8.88
N THR A 209 -23.67 -58.12 9.80
CA THR A 209 -23.49 -58.97 10.97
C THR A 209 -24.24 -58.48 12.19
N ILE A 210 -24.71 -57.23 12.16
CA ILE A 210 -25.35 -56.65 13.35
C ILE A 210 -26.60 -57.41 13.75
N PRO A 211 -27.56 -57.67 12.85
CA PRO A 211 -28.80 -58.32 13.29
C PRO A 211 -28.58 -59.70 13.90
N VAL A 212 -27.63 -60.47 13.38
CA VAL A 212 -27.36 -61.80 13.92
C VAL A 212 -26.84 -61.69 15.35
N LEU A 213 -25.88 -60.78 15.58
CA LEU A 213 -25.36 -60.59 16.92
C LEU A 213 -26.44 -60.11 17.87
N LEU A 214 -27.31 -59.21 17.40
CA LEU A 214 -28.38 -58.72 18.26
C LEU A 214 -29.36 -59.83 18.62
N ASP A 215 -29.70 -60.69 17.65
CA ASP A 215 -30.56 -61.82 17.95
C ASP A 215 -29.90 -62.76 18.95
N ILE A 216 -28.60 -63.00 18.79
CA ILE A 216 -27.89 -63.86 19.73
C ILE A 216 -27.95 -63.27 21.13
N ALA A 217 -27.70 -61.97 21.24
CA ALA A 217 -27.77 -61.32 22.55
C ALA A 217 -29.16 -61.41 23.14
N GLU A 218 -30.19 -61.26 22.29
CA GLU A 218 -31.57 -61.39 22.76
C GLU A 218 -31.82 -62.80 23.31
N ARG A 219 -31.33 -63.82 22.61
CA ARG A 219 -31.50 -65.19 23.09
C ARG A 219 -30.78 -65.39 24.42
N THR A 220 -29.58 -64.82 24.56
CA THR A 220 -28.87 -64.90 25.83
C THR A 220 -29.57 -64.13 26.93
N GLY A 221 -30.52 -63.25 26.59
CA GLY A 221 -31.22 -62.48 27.59
C GLY A 221 -30.43 -61.33 28.17
N ASN A 222 -29.41 -60.84 27.46
CA ASN A 222 -28.56 -59.76 27.93
C ASN A 222 -28.44 -58.68 26.86
N MET A 223 -29.56 -58.32 26.25
CA MET A 223 -29.54 -57.33 25.19
C MET A 223 -29.30 -55.92 25.73
N ARG A 224 -29.98 -55.57 26.82
CA ARG A 224 -29.86 -54.21 27.34
C ARG A 224 -28.43 -53.90 27.78
N GLU A 225 -27.81 -54.83 28.51
CA GLU A 225 -26.43 -54.64 28.93
C GLU A 225 -25.49 -54.60 27.73
N PHE A 226 -25.73 -55.47 26.74
CA PHE A 226 -24.78 -55.61 25.64
C PHE A 226 -24.81 -54.41 24.70
N ILE A 227 -26.01 -53.93 24.34
CA ILE A 227 -26.12 -52.88 23.34
C ILE A 227 -25.45 -51.59 23.84
N ASN A 228 -25.74 -51.22 25.08
CA ASN A 228 -25.27 -49.96 25.64
C ASN A 228 -24.09 -50.15 26.59
N SER A 229 -23.19 -51.07 26.27
CA SER A 229 -22.01 -51.28 27.09
C SER A 229 -21.03 -50.14 26.85
N PRO A 230 -20.68 -49.36 27.87
CA PRO A 230 -19.80 -48.21 27.64
C PRO A 230 -18.33 -48.60 27.61
N PHE A 231 -17.56 -47.84 26.85
CA PHE A 231 -16.12 -48.03 26.80
C PHE A 231 -15.48 -47.57 28.10
N ARG A 232 -14.47 -48.31 28.54
CA ARG A 232 -13.68 -47.94 29.70
C ARG A 232 -12.48 -47.12 29.23
N ASP A 233 -11.49 -46.95 30.12
CA ASP A 233 -10.29 -46.19 29.80
C ASP A 233 -10.56 -44.69 29.82
N ILE A 234 -9.63 -43.92 29.26
CA ILE A 234 -9.65 -42.47 29.38
C ILE A 234 -10.08 -41.81 28.07
N TYR A 235 -9.43 -42.17 26.97
CA TYR A 235 -9.62 -41.43 25.72
C TYR A 235 -11.06 -41.54 25.22
N TYR A 236 -11.64 -42.73 25.25
CA TYR A 236 -12.97 -42.99 24.70
C TYR A 236 -13.93 -43.42 25.78
N ARG A 237 -13.89 -42.76 26.94
CA ARG A 237 -14.77 -43.14 28.04
C ARG A 237 -16.20 -42.70 27.77
N GLY A 238 -17.14 -43.60 28.00
CA GLY A 238 -18.55 -43.32 27.83
C GLY A 238 -19.10 -43.57 26.44
N GLN A 239 -18.24 -43.73 25.43
CA GLN A 239 -18.71 -43.95 24.09
C GLN A 239 -19.52 -45.25 24.01
N THR A 240 -20.57 -45.23 23.21
CA THR A 240 -21.48 -46.35 23.05
C THR A 240 -21.67 -46.66 21.57
N ALA A 241 -22.45 -47.70 21.29
CA ALA A 241 -22.71 -48.09 19.91
C ALA A 241 -23.54 -47.04 19.19
N LEU A 242 -24.46 -46.38 19.89
CA LEU A 242 -25.33 -45.41 19.25
C LEU A 242 -24.53 -44.24 18.69
N HIS A 243 -23.52 -43.77 19.44
CA HIS A 243 -22.70 -42.67 18.95
C HIS A 243 -22.00 -43.07 17.66
N ILE A 244 -21.46 -44.28 17.60
CA ILE A 244 -20.79 -44.75 16.39
C ILE A 244 -21.77 -44.83 15.23
N ALA A 245 -22.95 -45.40 15.48
CA ALA A 245 -23.94 -45.52 14.41
C ALA A 245 -24.32 -44.15 13.87
N ILE A 246 -24.51 -43.18 14.75
CA ILE A 246 -24.84 -41.82 14.31
C ILE A 246 -23.68 -41.24 13.50
N GLU A 247 -22.45 -41.45 13.97
CA GLU A 247 -21.30 -40.87 13.29
C GLU A 247 -21.15 -41.40 11.87
N ARG A 248 -21.33 -42.69 11.68
CA ARG A 248 -21.15 -43.29 10.35
C ARG A 248 -22.28 -42.94 9.40
N ARG A 249 -23.24 -42.13 9.81
CA ARG A 249 -24.25 -41.56 8.91
C ARG A 249 -25.18 -42.65 8.34
N CYS A 250 -25.34 -43.75 9.06
CA CYS A 250 -26.24 -44.83 8.65
C CYS A 250 -27.52 -44.74 9.48
N LYS A 251 -28.63 -44.43 8.83
CA LYS A 251 -29.91 -44.32 9.52
C LYS A 251 -30.44 -45.68 9.95
N HIS A 252 -30.19 -46.72 9.15
CA HIS A 252 -30.77 -48.03 9.43
C HIS A 252 -30.31 -48.57 10.78
N TYR A 253 -28.99 -48.51 11.05
CA TYR A 253 -28.49 -49.03 12.31
C TYR A 253 -28.95 -48.18 13.48
N VAL A 254 -29.10 -46.87 13.28
CA VAL A 254 -29.64 -46.01 14.34
C VAL A 254 -31.05 -46.46 14.69
N GLU A 255 -31.89 -46.67 13.67
CA GLU A 255 -33.24 -47.14 13.93
C GLU A 255 -33.22 -48.47 14.67
N LEU A 256 -32.37 -49.39 14.22
CA LEU A 256 -32.31 -50.71 14.84
C LEU A 256 -31.92 -50.62 16.30
N LEU A 257 -30.85 -49.88 16.60
CA LEU A 257 -30.40 -49.75 17.98
C LEU A 257 -31.45 -49.09 18.85
N VAL A 258 -32.09 -48.03 18.35
CA VAL A 258 -33.09 -47.33 19.15
C VAL A 258 -34.27 -48.25 19.42
N ALA A 259 -34.72 -48.98 18.40
CA ALA A 259 -35.87 -49.87 18.60
C ALA A 259 -35.54 -50.99 19.57
N GLN A 260 -34.33 -51.55 19.48
CA GLN A 260 -33.96 -52.66 20.36
C GLN A 260 -33.80 -52.24 21.81
N GLY A 261 -33.76 -50.94 22.09
CA GLY A 261 -33.65 -50.45 23.44
C GLY A 261 -32.36 -49.73 23.77
N ALA A 262 -31.64 -49.22 22.77
CA ALA A 262 -30.39 -48.52 23.04
C ALA A 262 -30.65 -47.23 23.81
N ASP A 263 -29.82 -46.97 24.81
CA ASP A 263 -29.94 -45.73 25.56
C ASP A 263 -29.66 -44.55 24.66
N VAL A 264 -30.46 -43.50 24.81
CA VAL A 264 -30.36 -42.31 23.97
C VAL A 264 -29.81 -41.11 24.72
N HIS A 265 -29.64 -41.20 26.04
CA HIS A 265 -29.09 -40.11 26.83
C HIS A 265 -27.68 -40.40 27.31
N ALA A 266 -27.03 -41.43 26.78
CA ALA A 266 -25.68 -41.78 27.21
C ALA A 266 -24.72 -40.64 26.87
N GLN A 267 -23.81 -40.36 27.80
CA GLN A 267 -22.87 -39.27 27.67
C GLN A 267 -21.47 -39.80 27.43
N ALA A 268 -20.79 -39.24 26.43
CA ALA A 268 -19.41 -39.57 26.13
C ALA A 268 -18.50 -38.50 26.72
N ARG A 269 -17.64 -38.89 27.66
CA ARG A 269 -16.83 -37.95 28.42
C ARG A 269 -15.34 -38.22 28.27
N GLY A 270 -14.93 -38.93 27.23
CA GLY A 270 -13.52 -39.19 27.03
C GLY A 270 -12.75 -37.93 26.67
N ARG A 271 -11.44 -37.96 26.95
CA ARG A 271 -10.61 -36.80 26.67
C ARG A 271 -10.60 -36.45 25.19
N PHE A 272 -10.75 -37.45 24.33
CA PHE A 272 -10.80 -37.18 22.90
C PHE A 272 -12.01 -36.33 22.53
N PHE A 273 -13.11 -36.46 23.27
CA PHE A 273 -14.32 -35.72 23.00
C PHE A 273 -14.35 -34.34 23.65
N GLN A 274 -13.33 -33.99 24.41
CA GLN A 274 -13.27 -32.70 25.08
C GLN A 274 -12.93 -31.59 24.09
N PRO A 275 -13.15 -30.33 24.47
CA PRO A 275 -12.87 -29.23 23.55
C PRO A 275 -11.44 -29.24 23.05
N LYS A 276 -11.20 -28.44 22.01
CA LYS A 276 -9.88 -28.40 21.38
C LYS A 276 -8.82 -27.91 22.36
N ASP A 277 -9.08 -26.78 23.03
CA ASP A 277 -8.06 -26.20 23.90
C ASP A 277 -7.76 -27.06 25.11
N GLU A 278 -8.65 -28.00 25.46
CA GLU A 278 -8.46 -28.83 26.63
C GLU A 278 -7.68 -30.11 26.33
N GLY A 279 -7.68 -30.58 25.08
CA GLY A 279 -6.95 -31.77 24.72
C GLY A 279 -7.71 -32.71 23.82
N GLY A 280 -9.02 -32.49 23.68
CA GLY A 280 -9.85 -33.31 22.82
C GLY A 280 -10.04 -32.67 21.46
N TYR A 281 -9.84 -33.47 20.42
CA TYR A 281 -9.84 -32.94 19.06
C TYR A 281 -11.23 -32.63 18.52
N PHE A 282 -12.29 -33.11 19.19
CA PHE A 282 -13.65 -32.88 18.71
C PHE A 282 -14.60 -32.80 19.90
N TYR A 283 -15.48 -31.80 19.87
CA TYR A 283 -16.48 -31.61 20.92
C TYR A 283 -17.84 -31.41 20.28
N PHE A 284 -18.85 -32.12 20.79
CA PHE A 284 -20.18 -32.07 20.20
C PHE A 284 -21.29 -32.05 21.26
N GLY A 285 -20.98 -31.71 22.50
CA GLY A 285 -21.97 -31.66 23.56
C GLY A 285 -22.14 -32.94 24.33
N GLU A 286 -21.52 -34.04 23.90
CA GLU A 286 -21.53 -35.29 24.64
C GLU A 286 -22.95 -35.86 24.73
N LEU A 287 -23.62 -35.93 23.59
CA LEU A 287 -24.96 -36.49 23.52
C LEU A 287 -25.19 -37.02 22.11
N PRO A 288 -26.05 -38.02 21.95
CA PRO A 288 -26.35 -38.50 20.58
C PRO A 288 -27.02 -37.47 19.71
N LEU A 289 -28.10 -36.84 20.20
CA LEU A 289 -28.80 -35.85 19.37
C LEU A 289 -27.90 -34.68 19.05
N SER A 290 -27.12 -34.20 20.03
CA SER A 290 -26.19 -33.12 19.78
C SER A 290 -25.15 -33.52 18.74
N LEU A 291 -24.66 -34.76 18.83
CA LEU A 291 -23.69 -35.24 17.86
C LEU A 291 -24.29 -35.25 16.45
N ALA A 292 -25.52 -35.72 16.33
CA ALA A 292 -26.17 -35.72 15.03
C ALA A 292 -26.36 -34.30 14.49
N ALA A 293 -26.76 -33.39 15.36
CA ALA A 293 -26.98 -32.01 14.93
C ALA A 293 -25.67 -31.35 14.48
N CYS A 294 -24.58 -31.60 15.20
CA CYS A 294 -23.31 -30.98 14.87
C CYS A 294 -22.70 -31.56 13.60
N THR A 295 -23.16 -32.73 13.16
CA THR A 295 -22.61 -33.38 11.99
C THR A 295 -23.46 -33.16 10.74
N ASN A 296 -24.44 -32.27 10.80
CA ASN A 296 -25.28 -31.93 9.66
C ASN A 296 -26.01 -33.17 9.12
N GLN A 297 -26.87 -33.73 9.96
CA GLN A 297 -27.70 -34.88 9.60
C GLN A 297 -29.14 -34.59 10.01
N PRO A 298 -29.82 -33.71 9.26
CA PRO A 298 -31.20 -33.34 9.65
C PRO A 298 -32.13 -34.52 9.78
N HIS A 299 -32.01 -35.52 8.90
CA HIS A 299 -32.91 -36.67 8.96
C HIS A 299 -32.75 -37.44 10.26
N ILE A 300 -31.51 -37.65 10.69
CA ILE A 300 -31.27 -38.37 11.94
C ILE A 300 -31.86 -37.60 13.11
N VAL A 301 -31.66 -36.28 13.14
CA VAL A 301 -32.20 -35.47 14.23
C VAL A 301 -33.72 -35.55 14.24
N ASN A 302 -34.34 -35.44 13.06
CA ASN A 302 -35.79 -35.49 12.99
C ASN A 302 -36.31 -36.83 13.50
N TYR A 303 -35.69 -37.93 13.07
CA TYR A 303 -36.14 -39.24 13.53
C TYR A 303 -35.94 -39.41 15.03
N LEU A 304 -34.79 -38.99 15.54
CA LEU A 304 -34.47 -39.21 16.94
C LEU A 304 -35.36 -38.38 17.85
N THR A 305 -35.69 -37.15 17.43
CA THR A 305 -36.55 -36.29 18.24
C THR A 305 -37.93 -36.90 18.41
N GLU A 306 -38.50 -37.44 17.34
CA GLU A 306 -39.84 -38.02 17.37
C GLU A 306 -39.73 -39.48 16.93
N ASN A 307 -39.71 -40.38 17.90
CA ASN A 307 -39.67 -41.81 17.64
C ASN A 307 -40.69 -42.50 18.54
N PRO A 308 -41.39 -43.53 18.03
CA PRO A 308 -42.37 -44.22 18.87
C PRO A 308 -41.77 -44.94 20.06
N HIS A 309 -40.47 -45.24 20.03
CA HIS A 309 -39.84 -46.01 21.10
C HIS A 309 -39.27 -45.08 22.18
N LYS A 310 -38.39 -44.16 21.78
CA LYS A 310 -37.76 -43.24 22.72
C LYS A 310 -37.58 -41.89 22.04
N LYS A 311 -37.51 -40.85 22.85
CA LYS A 311 -37.34 -39.48 22.37
C LYS A 311 -36.23 -38.81 23.16
N ALA A 312 -35.40 -38.05 22.47
CA ALA A 312 -34.31 -37.29 23.09
C ALA A 312 -34.75 -35.84 23.22
N ASP A 313 -35.11 -35.45 24.45
CA ASP A 313 -35.54 -34.07 24.69
C ASP A 313 -34.41 -33.10 24.36
N MET A 314 -34.76 -32.04 23.64
CA MET A 314 -33.77 -31.06 23.21
C MET A 314 -33.27 -30.21 24.36
N ARG A 315 -34.02 -30.10 25.44
CA ARG A 315 -33.60 -29.33 26.61
C ARG A 315 -32.93 -30.24 27.64
N ARG A 316 -31.82 -30.84 27.20
CA ARG A 316 -31.05 -31.77 28.00
C ARG A 316 -29.62 -31.25 28.09
N GLN A 317 -29.07 -31.24 29.30
CA GLN A 317 -27.75 -30.68 29.55
C GLN A 317 -26.77 -31.79 29.92
N ASP A 318 -25.54 -31.66 29.42
CA ASP A 318 -24.48 -32.60 29.73
C ASP A 318 -23.83 -32.20 31.05
N SER A 319 -22.68 -32.81 31.36
CA SER A 319 -21.96 -32.46 32.58
C SER A 319 -21.55 -30.99 32.57
N ARG A 320 -21.07 -30.50 31.42
CA ARG A 320 -20.67 -29.11 31.32
C ARG A 320 -21.87 -28.17 31.44
N GLY A 321 -23.09 -28.68 31.26
CA GLY A 321 -24.27 -27.85 31.22
C GLY A 321 -24.69 -27.43 29.82
N ASN A 322 -23.81 -27.59 28.83
CA ASN A 322 -24.14 -27.21 27.47
C ASN A 322 -25.23 -28.09 26.90
N THR A 323 -26.24 -27.48 26.30
CA THR A 323 -27.31 -28.18 25.62
C THR A 323 -27.01 -28.21 24.13
N VAL A 324 -27.99 -28.64 23.33
CA VAL A 324 -27.75 -28.84 21.90
C VAL A 324 -27.34 -27.53 21.23
N LEU A 325 -28.02 -26.44 21.58
CA LEU A 325 -27.66 -25.14 21.01
C LEU A 325 -26.26 -24.73 21.44
N HIS A 326 -25.91 -24.98 22.69
CA HIS A 326 -24.57 -24.65 23.17
C HIS A 326 -23.51 -25.38 22.34
N ALA A 327 -23.70 -26.69 22.15
CA ALA A 327 -22.74 -27.46 21.37
C ALA A 327 -22.70 -26.99 19.92
N LEU A 328 -23.86 -26.70 19.35
CA LEU A 328 -23.91 -26.24 17.96
C LEU A 328 -23.12 -24.94 17.80
N VAL A 329 -23.24 -24.04 18.77
CA VAL A 329 -22.45 -22.81 18.73
C VAL A 329 -20.98 -23.12 18.93
N ALA A 330 -20.66 -24.10 19.78
CA ALA A 330 -19.27 -24.41 20.08
C ALA A 330 -18.52 -24.83 18.82
N ILE A 331 -19.13 -25.69 18.00
CA ILE A 331 -18.49 -26.13 16.76
C ILE A 331 -18.72 -25.16 15.61
N ALA A 332 -19.48 -24.10 15.83
CA ALA A 332 -19.73 -23.14 14.76
C ALA A 332 -18.42 -22.49 14.33
N ASP A 333 -18.32 -22.21 13.04
CA ASP A 333 -17.13 -21.59 12.47
C ASP A 333 -17.54 -20.45 11.56
N ASN A 334 -16.61 -19.53 11.35
CA ASN A 334 -16.87 -18.36 10.52
C ASN A 334 -16.77 -18.66 9.03
N THR A 335 -16.50 -19.90 8.65
CA THR A 335 -16.39 -20.25 7.25
C THR A 335 -17.75 -20.14 6.55
N ARG A 336 -17.70 -19.95 5.24
CA ARG A 336 -18.91 -19.70 4.47
C ARG A 336 -19.86 -20.90 4.53
N GLU A 337 -19.31 -22.11 4.36
CA GLU A 337 -20.17 -23.29 4.31
C GLU A 337 -20.68 -23.67 5.70
N ASN A 338 -19.80 -23.61 6.71
CA ASN A 338 -20.19 -24.04 8.05
C ASN A 338 -21.31 -23.20 8.61
N THR A 339 -21.26 -21.88 8.39
CA THR A 339 -22.24 -20.99 9.00
C THR A 339 -23.64 -21.28 8.48
N LYS A 340 -23.78 -21.55 7.18
CA LYS A 340 -25.10 -21.79 6.62
C LYS A 340 -25.78 -22.97 7.31
N PHE A 341 -25.09 -24.10 7.38
CA PHE A 341 -25.70 -25.28 7.99
C PHE A 341 -25.88 -25.11 9.48
N VAL A 342 -24.96 -24.41 10.15
CA VAL A 342 -25.12 -24.17 11.58
C VAL A 342 -26.40 -23.37 11.84
N THR A 343 -26.59 -22.29 11.10
CA THR A 343 -27.79 -21.48 11.28
C THR A 343 -29.05 -22.26 10.94
N LYS A 344 -29.01 -23.04 9.85
CA LYS A 344 -30.19 -23.80 9.45
C LYS A 344 -30.57 -24.80 10.54
N MET A 345 -29.59 -25.55 11.06
CA MET A 345 -29.88 -26.52 12.10
C MET A 345 -30.35 -25.85 13.38
N TYR A 346 -29.73 -24.71 13.73
CA TYR A 346 -30.13 -23.98 14.93
C TYR A 346 -31.59 -23.56 14.83
N ASP A 347 -31.97 -22.97 13.70
CA ASP A 347 -33.35 -22.53 13.53
C ASP A 347 -34.31 -23.71 13.55
N LEU A 348 -33.95 -24.80 12.87
CA LEU A 348 -34.83 -25.96 12.84
C LEU A 348 -35.05 -26.51 14.24
N LEU A 349 -33.97 -26.67 15.00
CA LEU A 349 -34.08 -27.25 16.33
C LEU A 349 -34.85 -26.34 17.27
N LEU A 350 -34.59 -25.03 17.19
CA LEU A 350 -35.32 -24.09 18.04
C LEU A 350 -36.81 -24.11 17.72
N LEU A 351 -37.16 -24.12 16.44
CA LEU A 351 -38.57 -24.17 16.06
C LEU A 351 -39.22 -25.46 16.55
N LYS A 352 -38.53 -26.59 16.40
CA LYS A 352 -39.10 -27.85 16.88
C LYS A 352 -39.33 -27.81 18.39
N CYS A 353 -38.34 -27.32 19.14
CA CYS A 353 -38.47 -27.27 20.59
C CYS A 353 -39.63 -26.35 21.00
N ALA A 354 -39.74 -25.19 20.36
CA ALA A 354 -40.84 -24.29 20.68
C ALA A 354 -42.18 -24.92 20.34
N ARG A 355 -42.26 -25.60 19.19
CA ARG A 355 -43.51 -26.22 18.77
C ARG A 355 -43.94 -27.29 19.76
N LEU A 356 -43.01 -28.13 20.18
CA LEU A 356 -43.36 -29.24 21.08
C LEU A 356 -43.67 -28.72 22.47
N PHE A 357 -42.87 -27.80 22.99
CA PHE A 357 -43.10 -27.19 24.30
C PHE A 357 -43.33 -25.70 24.12
N PRO A 358 -44.58 -25.23 24.12
CA PRO A 358 -44.81 -23.78 23.95
C PRO A 358 -44.54 -22.96 25.19
N ASP A 359 -44.57 -23.55 26.38
CA ASP A 359 -44.42 -22.77 27.60
C ASP A 359 -42.99 -22.30 27.79
N SER A 360 -42.01 -23.17 27.54
CA SER A 360 -40.61 -22.88 27.81
C SER A 360 -39.86 -22.55 26.53
N ASN A 361 -38.96 -21.58 26.61
CA ASN A 361 -38.10 -21.20 25.50
C ASN A 361 -36.74 -21.86 25.69
N LEU A 362 -36.25 -22.49 24.62
CA LEU A 362 -35.02 -23.28 24.73
C LEU A 362 -33.82 -22.40 25.06
N GLU A 363 -33.74 -21.22 24.44
CA GLU A 363 -32.58 -20.35 24.67
C GLU A 363 -32.47 -19.90 26.12
N ALA A 364 -33.54 -20.02 26.89
CA ALA A 364 -33.49 -19.57 28.29
C ALA A 364 -32.51 -20.40 29.11
N VAL A 365 -32.36 -21.68 28.78
CA VAL A 365 -31.50 -22.55 29.58
C VAL A 365 -30.08 -22.01 29.57
N LEU A 366 -29.41 -22.12 30.72
CA LEU A 366 -28.04 -21.67 30.89
C LEU A 366 -27.16 -22.84 31.30
N ASN A 367 -25.89 -22.74 30.95
CA ASN A 367 -24.91 -23.76 31.32
C ASN A 367 -24.39 -23.51 32.72
N ASN A 368 -23.42 -24.32 33.14
CA ASN A 368 -22.83 -24.15 34.47
C ASN A 368 -22.13 -22.80 34.58
N ASP A 369 -21.48 -22.35 33.51
CA ASP A 369 -20.84 -21.05 33.51
C ASP A 369 -21.84 -19.91 33.60
N GLY A 370 -23.12 -20.17 33.39
CA GLY A 370 -24.15 -19.16 33.45
C GLY A 370 -24.44 -18.47 32.14
N LEU A 371 -23.74 -18.80 31.07
CA LEU A 371 -23.93 -18.16 29.78
C LEU A 371 -25.03 -18.86 28.99
N SER A 372 -25.58 -18.12 28.03
CA SER A 372 -26.56 -18.60 27.08
C SER A 372 -25.94 -18.70 25.70
N PRO A 373 -26.61 -19.34 24.75
CA PRO A 373 -26.01 -19.49 23.41
C PRO A 373 -25.61 -18.17 22.80
N LEU A 374 -26.43 -17.13 22.96
CA LEU A 374 -26.07 -15.81 22.47
C LEU A 374 -24.83 -15.29 23.18
N MET A 375 -24.82 -15.37 24.52
CA MET A 375 -23.68 -14.87 25.28
C MET A 375 -22.43 -15.68 24.99
N MET A 376 -22.57 -17.01 24.87
CA MET A 376 -21.40 -17.84 24.56
C MET A 376 -20.86 -17.53 23.17
N ALA A 377 -21.74 -17.32 22.20
CA ALA A 377 -21.28 -16.95 20.86
C ALA A 377 -20.56 -15.60 20.90
N ALA A 378 -21.09 -14.65 21.67
CA ALA A 378 -20.42 -13.36 21.79
C ALA A 378 -19.06 -13.50 22.43
N LYS A 379 -18.95 -14.33 23.48
CA LYS A 379 -17.70 -14.49 24.20
C LYS A 379 -16.66 -15.22 23.35
N THR A 380 -17.10 -16.18 22.54
CA THR A 380 -16.19 -16.98 21.73
C THR A 380 -15.80 -16.28 20.44
N GLY A 381 -16.48 -15.20 20.06
CA GLY A 381 -16.11 -14.48 18.86
C GLY A 381 -16.62 -15.09 17.58
N LYS A 382 -17.74 -15.80 17.63
CA LYS A 382 -18.32 -16.43 16.44
C LYS A 382 -19.40 -15.50 15.90
N ILE A 383 -19.00 -14.61 14.99
CA ILE A 383 -19.92 -13.62 14.43
C ILE A 383 -20.99 -14.26 13.58
N GLY A 384 -20.66 -15.35 12.87
CA GLY A 384 -21.60 -15.89 11.89
C GLY A 384 -22.94 -16.24 12.50
N ILE A 385 -22.92 -16.93 13.64
CA ILE A 385 -24.17 -17.29 14.30
C ILE A 385 -24.69 -16.12 15.13
N PHE A 386 -23.80 -15.29 15.66
CA PHE A 386 -24.22 -14.19 16.51
C PHE A 386 -25.11 -13.20 15.76
N GLN A 387 -24.65 -12.75 14.59
CA GLN A 387 -25.42 -11.78 13.83
C GLN A 387 -26.78 -12.35 13.45
N HIS A 388 -26.82 -13.62 13.05
CA HIS A 388 -28.09 -14.25 12.71
C HIS A 388 -29.03 -14.29 13.92
N ILE A 389 -28.50 -14.62 15.09
CA ILE A 389 -29.33 -14.69 16.28
C ILE A 389 -29.88 -13.31 16.62
N ILE A 390 -29.07 -12.27 16.44
CA ILE A 390 -29.52 -10.92 16.81
C ILE A 390 -30.73 -10.53 15.98
N ARG A 391 -30.71 -10.80 14.68
CA ARG A 391 -31.74 -10.37 13.75
C ARG A 391 -32.66 -11.53 13.35
N ARG A 392 -32.94 -12.44 14.27
CA ARG A 392 -33.80 -13.56 13.97
C ARG A 392 -35.24 -13.08 13.81
N GLU A 393 -35.85 -13.43 12.68
CA GLU A 393 -37.24 -13.10 12.39
C GLU A 393 -37.95 -14.35 11.91
N VAL A 394 -39.13 -14.61 12.47
CA VAL A 394 -39.91 -15.80 12.14
C VAL A 394 -41.19 -15.36 11.46
N THR A 395 -41.39 -15.84 10.22
CA THR A 395 -42.60 -15.52 9.48
C THR A 395 -43.81 -16.32 9.96
N ASP A 396 -43.57 -17.51 10.52
CA ASP A 396 -44.67 -18.35 10.95
C ASP A 396 -45.52 -17.64 12.00
N GLU A 397 -46.84 -17.69 11.81
CA GLU A 397 -47.75 -17.04 12.75
C GLU A 397 -47.80 -17.78 14.08
N ASP A 398 -47.73 -19.11 14.04
CA ASP A 398 -47.90 -19.89 15.27
C ASP A 398 -46.79 -19.59 16.26
N THR A 399 -45.55 -19.48 15.80
CA THR A 399 -44.39 -19.34 16.66
C THR A 399 -43.54 -18.14 16.22
N ARG A 400 -44.21 -17.02 15.96
CA ARG A 400 -43.50 -15.78 15.66
C ARG A 400 -43.12 -15.00 16.90
N HIS A 401 -43.57 -15.44 18.08
CA HIS A 401 -43.27 -14.70 19.30
C HIS A 401 -41.78 -14.71 19.61
N LEU A 402 -41.11 -15.83 19.35
CA LEU A 402 -39.69 -15.95 19.68
C LEU A 402 -38.79 -15.18 18.73
N SER A 403 -39.34 -14.43 17.78
CA SER A 403 -38.52 -13.62 16.90
C SER A 403 -37.90 -12.45 17.66
N ARG A 404 -36.77 -11.98 17.16
CA ARG A 404 -36.01 -10.90 17.79
C ARG A 404 -36.01 -9.61 16.99
N LYS A 405 -36.44 -9.65 15.72
CA LYS A 405 -36.50 -8.47 14.87
C LYS A 405 -37.91 -8.35 14.32
N PHE A 406 -38.53 -7.19 14.53
CA PHE A 406 -39.87 -6.92 14.05
C PHE A 406 -39.85 -5.74 13.10
N LYS A 407 -40.92 -5.63 12.31
CA LYS A 407 -41.09 -4.53 11.37
C LYS A 407 -42.06 -3.51 11.95
N ASP A 408 -41.63 -2.25 12.02
CA ASP A 408 -42.45 -1.19 12.59
C ASP A 408 -43.33 -0.54 11.54
N TRP A 409 -42.72 0.04 10.50
CA TRP A 409 -43.51 0.61 9.41
C TRP A 409 -42.58 1.10 8.31
N ALA A 410 -43.14 1.18 7.10
CA ALA A 410 -42.41 1.64 5.92
C ALA A 410 -43.11 2.85 5.33
N TYR A 411 -42.36 3.93 5.12
CA TYR A 411 -42.84 5.10 4.41
C TYR A 411 -41.88 5.33 3.25
N GLY A 412 -42.34 5.02 2.03
CA GLY A 412 -41.50 5.14 0.87
C GLY A 412 -40.22 4.35 1.02
N PRO A 413 -39.10 4.92 0.57
CA PRO A 413 -37.80 4.25 0.74
C PRO A 413 -37.41 4.04 2.19
N VAL A 414 -38.01 4.79 3.12
CA VAL A 414 -37.64 4.69 4.53
C VAL A 414 -38.33 3.48 5.14
N TYR A 415 -37.56 2.65 5.83
CA TYR A 415 -38.09 1.48 6.53
C TYR A 415 -37.62 1.52 7.98
N SER A 416 -38.57 1.47 8.91
CA SER A 416 -38.28 1.49 10.33
C SER A 416 -38.64 0.13 10.91
N SER A 417 -37.66 -0.51 11.55
CA SER A 417 -37.80 -1.83 12.12
C SER A 417 -37.45 -1.79 13.61
N LEU A 418 -38.09 -2.66 14.37
CA LEU A 418 -38.05 -2.62 15.83
C LEU A 418 -37.34 -3.86 16.35
N TYR A 419 -36.07 -3.72 16.69
CA TYR A 419 -35.30 -4.81 17.25
C TYR A 419 -35.66 -5.02 18.72
N ASP A 420 -35.28 -6.19 19.24
CA ASP A 420 -35.50 -6.54 20.64
C ASP A 420 -34.15 -6.68 21.33
N LEU A 421 -34.07 -6.16 22.54
CA LEU A 421 -32.85 -6.19 23.33
C LEU A 421 -33.16 -6.55 24.78
N SER A 422 -34.04 -7.55 24.97
CA SER A 422 -34.40 -7.95 26.32
C SER A 422 -33.18 -8.41 27.11
N SER A 423 -32.33 -9.23 26.50
CA SER A 423 -31.10 -9.69 27.14
C SER A 423 -29.85 -9.05 26.57
N LEU A 424 -29.96 -8.28 25.49
CA LEU A 424 -28.78 -7.65 24.91
C LEU A 424 -28.24 -6.55 25.80
N ASP A 425 -29.12 -5.86 26.53
CA ASP A 425 -28.72 -4.81 27.47
C ASP A 425 -29.41 -5.08 28.80
N THR A 426 -28.62 -5.10 29.87
CA THR A 426 -29.13 -5.34 31.21
C THR A 426 -28.62 -4.28 32.16
N CYS A 427 -29.51 -3.76 33.00
CA CYS A 427 -29.15 -2.73 33.99
C CYS A 427 -28.73 -3.37 35.31
N GLY A 428 -27.77 -4.28 35.25
CA GLY A 428 -27.28 -4.97 36.43
C GLY A 428 -28.08 -6.17 36.85
N GLU A 429 -29.27 -6.39 36.27
CA GLU A 429 -30.06 -7.56 36.64
C GLU A 429 -29.34 -8.85 36.27
N GLU A 430 -28.72 -8.88 35.09
CA GLU A 430 -27.98 -10.06 34.65
C GLU A 430 -26.89 -9.61 33.68
N ALA A 431 -25.96 -10.51 33.41
CA ALA A 431 -24.88 -10.22 32.48
C ALA A 431 -25.44 -9.86 31.12
N SER A 432 -24.81 -8.88 30.47
CA SER A 432 -25.26 -8.37 29.18
C SER A 432 -24.26 -8.74 28.09
N VAL A 433 -24.77 -8.90 26.87
CA VAL A 433 -23.91 -9.23 25.74
C VAL A 433 -22.88 -8.13 25.51
N LEU A 434 -23.30 -6.87 25.71
CA LEU A 434 -22.42 -5.75 25.41
C LEU A 434 -21.20 -5.74 26.31
N GLU A 435 -21.40 -5.93 27.61
CA GLU A 435 -20.28 -5.92 28.54
C GLU A 435 -19.32 -7.06 28.25
N ILE A 436 -19.85 -8.25 27.98
CA ILE A 436 -19.00 -9.39 27.66
C ILE A 436 -18.22 -9.13 26.39
N LEU A 437 -18.87 -8.56 25.38
CA LEU A 437 -18.21 -8.30 24.12
C LEU A 437 -17.10 -7.28 24.26
N VAL A 438 -17.30 -6.27 25.11
CA VAL A 438 -16.34 -5.18 25.22
C VAL A 438 -15.20 -5.57 26.16
N TYR A 439 -15.52 -5.85 27.43
CA TYR A 439 -14.47 -5.98 28.44
C TYR A 439 -13.60 -7.20 28.21
N ASN A 440 -14.18 -8.31 27.76
CA ASN A 440 -13.41 -9.54 27.62
C ASN A 440 -12.28 -9.37 26.62
N SER A 441 -11.18 -10.07 26.86
CA SER A 441 -9.97 -9.99 26.06
C SER A 441 -9.83 -11.25 25.20
N LYS A 442 -9.03 -11.12 24.14
CA LYS A 442 -8.71 -12.23 23.26
C LYS A 442 -9.95 -12.74 22.54
N ILE A 443 -10.66 -11.82 21.88
CA ILE A 443 -11.83 -12.15 21.06
C ILE A 443 -11.45 -11.97 19.60
N GLU A 444 -11.74 -12.98 18.79
CA GLU A 444 -11.25 -13.01 17.41
C GLU A 444 -11.79 -11.84 16.60
N ASN A 445 -13.10 -11.60 16.68
CA ASN A 445 -13.77 -10.64 15.81
C ASN A 445 -14.58 -9.65 16.64
N ARG A 446 -13.97 -9.11 17.70
CA ARG A 446 -14.67 -8.14 18.53
C ARG A 446 -15.08 -6.91 17.75
N HIS A 447 -14.15 -6.38 16.94
CA HIS A 447 -14.44 -5.15 16.19
C HIS A 447 -15.57 -5.35 15.20
N GLU A 448 -15.62 -6.51 14.54
CA GLU A 448 -16.69 -6.76 13.58
C GLU A 448 -18.02 -6.97 14.29
N MET A 449 -18.01 -7.68 15.42
CA MET A 449 -19.25 -7.93 16.15
C MET A 449 -19.79 -6.64 16.76
N LEU A 450 -18.93 -5.68 17.06
CA LEU A 450 -19.43 -4.40 17.57
C LEU A 450 -20.18 -3.62 16.49
N ALA A 451 -19.89 -3.87 15.22
CA ALA A 451 -20.50 -3.13 14.12
C ALA A 451 -21.72 -3.91 13.60
N VAL A 452 -22.78 -3.89 14.41
CA VAL A 452 -24.04 -4.51 14.05
C VAL A 452 -25.15 -3.48 14.24
N GLU A 453 -26.27 -3.71 13.56
CA GLU A 453 -27.31 -2.69 13.43
C GLU A 453 -27.77 -2.13 14.77
N PRO A 454 -28.10 -2.93 15.78
CA PRO A 454 -28.66 -2.37 17.01
C PRO A 454 -27.59 -1.87 17.98
N ILE A 455 -26.40 -2.47 17.95
CA ILE A 455 -25.36 -2.13 18.91
C ILE A 455 -24.95 -0.68 18.75
N ASN A 456 -24.69 -0.26 17.51
CA ASN A 456 -24.23 1.10 17.26
C ASN A 456 -25.27 2.12 17.68
N GLU A 457 -26.54 1.87 17.32
CA GLU A 457 -27.60 2.80 17.67
C GLU A 457 -27.79 2.87 19.18
N LEU A 458 -27.72 1.72 19.86
CA LEU A 458 -27.87 1.73 21.32
C LEU A 458 -26.74 2.51 21.97
N LEU A 459 -25.51 2.31 21.51
CA LEU A 459 -24.39 3.06 22.07
C LEU A 459 -24.57 4.55 21.83
N ARG A 460 -25.00 4.92 20.62
CA ARG A 460 -25.20 6.33 20.30
C ARG A 460 -26.25 6.95 21.21
N ASP A 461 -27.38 6.26 21.37
CA ASP A 461 -28.45 6.80 22.22
C ASP A 461 -28.01 6.90 23.68
N LYS A 462 -27.30 5.88 24.17
CA LYS A 462 -26.83 5.92 25.55
C LYS A 462 -25.85 7.06 25.76
N TRP A 463 -24.97 7.28 24.79
CA TRP A 463 -24.02 8.39 24.90
C TRP A 463 -24.72 9.73 24.90
N ARG A 464 -25.71 9.91 24.01
CA ARG A 464 -26.41 11.18 23.94
C ARG A 464 -27.23 11.44 25.20
N LYS A 465 -27.87 10.39 25.74
CA LYS A 465 -28.81 10.60 26.83
C LYS A 465 -28.12 11.15 28.07
N PHE A 466 -27.04 10.49 28.52
CA PHE A 466 -26.36 10.92 29.73
C PHE A 466 -24.84 10.88 29.65
N GLY A 467 -24.23 10.23 28.66
CA GLY A 467 -22.79 10.06 28.69
C GLY A 467 -22.04 11.38 28.61
N ALA A 468 -22.44 12.24 27.67
CA ALA A 468 -21.74 13.51 27.49
C ALA A 468 -21.93 14.41 28.72
N VAL A 469 -23.12 14.38 29.33
CA VAL A 469 -23.39 15.24 30.47
C VAL A 469 -22.43 14.94 31.60
N SER A 470 -22.21 13.65 31.90
CA SER A 470 -21.40 13.27 33.04
C SER A 470 -19.92 13.20 32.71
N PHE A 471 -19.54 13.01 31.44
CA PHE A 471 -18.12 12.93 31.09
C PHE A 471 -17.41 14.24 31.38
N TYR A 472 -18.02 15.37 30.98
CA TYR A 472 -17.39 16.65 31.23
C TYR A 472 -17.38 17.00 32.71
N ILE A 473 -18.42 16.62 33.45
CA ILE A 473 -18.42 16.77 34.90
C ILE A 473 -17.23 16.01 35.48
N ASN A 474 -17.02 14.78 35.00
CA ASN A 474 -15.88 13.98 35.42
C ASN A 474 -14.57 14.72 35.19
N VAL A 475 -14.38 15.23 33.98
CA VAL A 475 -13.13 15.89 33.63
C VAL A 475 -12.91 17.10 34.53
N VAL A 476 -13.95 17.92 34.70
CA VAL A 476 -13.82 19.14 35.49
C VAL A 476 -13.47 18.80 36.93
N SER A 477 -14.17 17.83 37.51
CA SER A 477 -13.91 17.48 38.91
C SER A 477 -12.50 16.96 39.09
N TYR A 478 -12.05 16.07 38.19
CA TYR A 478 -10.72 15.49 38.33
C TYR A 478 -9.65 16.57 38.17
N LEU A 479 -9.81 17.46 37.19
CA LEU A 479 -8.82 18.50 36.99
C LEU A 479 -8.78 19.46 38.18
N CYS A 480 -9.94 19.79 38.74
CA CYS A 480 -9.96 20.65 39.92
C CYS A 480 -9.25 19.98 41.09
N ALA A 481 -9.50 18.69 41.29
CA ALA A 481 -8.82 17.98 42.38
C ALA A 481 -7.32 17.97 42.16
N MET A 482 -6.89 17.76 40.92
CA MET A 482 -5.45 17.75 40.63
C MET A 482 -4.83 19.12 40.86
N VAL A 483 -5.53 20.19 40.49
CA VAL A 483 -5.02 21.54 40.73
C VAL A 483 -4.89 21.78 42.23
N ILE A 484 -5.90 21.37 43.01
CA ILE A 484 -5.83 21.52 44.45
C ILE A 484 -4.64 20.75 45.01
N PHE A 485 -4.43 19.52 44.52
CA PHE A 485 -3.31 18.72 44.99
C PHE A 485 -1.98 19.39 44.67
N THR A 486 -1.86 19.94 43.47
CA THR A 486 -0.62 20.62 43.09
C THR A 486 -0.37 21.83 43.98
N LEU A 487 -1.41 22.63 44.24
CA LEU A 487 -1.23 23.79 45.10
C LEU A 487 -0.84 23.36 46.51
N THR A 488 -1.45 22.29 47.02
CA THR A 488 -1.06 21.79 48.33
C THR A 488 0.39 21.35 48.35
N ALA A 489 0.82 20.66 47.29
CA ALA A 489 2.20 20.19 47.23
C ALA A 489 3.19 21.34 47.19
N TYR A 490 2.89 22.38 46.41
CA TYR A 490 3.82 23.50 46.30
C TYR A 490 4.00 24.19 47.65
N TYR A 491 2.89 24.56 48.29
CA TYR A 491 2.94 25.29 49.56
C TYR A 491 3.09 24.28 50.71
N GLN A 492 4.23 23.61 50.71
CA GLN A 492 4.55 22.62 51.73
C GLN A 492 5.66 23.15 52.62
N PRO A 493 5.44 23.37 53.92
CA PRO A 493 6.51 23.93 54.76
C PRO A 493 7.62 22.93 55.03
N LEU A 494 8.79 23.13 54.42
CA LEU A 494 9.92 22.26 54.69
C LEU A 494 10.39 22.39 56.13
N GLU A 495 10.43 23.62 56.64
CA GLU A 495 10.85 23.83 58.02
C GLU A 495 9.86 23.19 58.98
N GLY A 496 10.38 22.68 60.09
CA GLY A 496 9.56 22.04 61.10
C GLY A 496 9.37 20.56 60.86
N THR A 497 9.06 19.85 61.95
CA THR A 497 8.84 18.42 61.88
C THR A 497 7.36 18.15 61.65
N PRO A 498 6.98 17.43 60.59
CA PRO A 498 5.58 17.05 60.43
C PRO A 498 5.14 16.15 61.56
N PRO A 499 3.87 16.26 62.01
CA PRO A 499 2.83 17.20 61.57
C PRO A 499 3.08 18.61 62.09
N TYR A 500 2.47 19.62 61.47
CA TYR A 500 2.66 21.01 61.88
C TYR A 500 1.41 21.54 62.57
N PRO A 501 1.56 22.49 63.49
CA PRO A 501 0.37 23.14 64.07
C PRO A 501 -0.27 24.09 63.07
N TYR A 502 -1.59 24.18 63.13
CA TYR A 502 -2.39 25.00 62.22
C TYR A 502 -3.10 26.06 63.04
N ARG A 503 -2.63 27.31 62.93
CA ARG A 503 -3.15 28.40 63.76
C ARG A 503 -3.51 29.62 62.93
N THR A 504 -2.84 29.79 61.79
CA THR A 504 -2.97 31.00 61.01
C THR A 504 -4.13 30.90 60.02
N THR A 505 -4.42 32.03 59.36
CA THR A 505 -5.51 32.07 58.41
C THR A 505 -5.24 31.15 57.22
N VAL A 506 -4.01 31.15 56.71
CA VAL A 506 -3.66 30.30 55.57
C VAL A 506 -3.81 28.83 55.93
N ASP A 507 -3.76 28.48 57.21
CA ASP A 507 -3.90 27.09 57.62
C ASP A 507 -5.28 26.56 57.26
N TYR A 508 -6.32 27.39 57.42
CA TYR A 508 -7.66 26.97 57.04
C TYR A 508 -7.68 26.43 55.62
N LEU A 509 -7.06 27.15 54.68
CA LEU A 509 -7.05 26.74 53.29
C LEU A 509 -6.09 25.58 53.05
N ARG A 510 -4.95 25.58 53.74
CA ARG A 510 -3.93 24.57 53.44
C ARG A 510 -4.37 23.19 53.91
N LEU A 511 -4.98 23.09 55.09
CA LEU A 511 -5.39 21.79 55.61
C LEU A 511 -6.45 21.15 54.73
N ALA A 512 -7.34 21.97 54.18
CA ALA A 512 -8.44 21.45 53.36
C ALA A 512 -7.90 20.72 52.14
N GLY A 513 -6.84 21.22 51.53
CA GLY A 513 -6.28 20.55 50.37
C GLY A 513 -5.80 19.15 50.69
N GLU A 514 -5.05 19.01 51.79
CA GLU A 514 -4.57 17.68 52.18
C GLU A 514 -5.73 16.75 52.50
N VAL A 515 -6.72 17.25 53.25
CA VAL A 515 -7.85 16.40 53.60
C VAL A 515 -8.58 15.93 52.35
N ILE A 516 -8.82 16.87 51.41
CA ILE A 516 -9.54 16.53 50.20
C ILE A 516 -8.76 15.52 49.36
N THR A 517 -7.44 15.72 49.24
CA THR A 517 -6.65 14.79 48.45
C THR A 517 -6.66 13.39 49.07
N LEU A 518 -6.52 13.31 50.39
CA LEU A 518 -6.54 11.99 51.03
C LEU A 518 -7.88 11.32 50.85
N PHE A 519 -8.97 12.07 51.04
CA PHE A 519 -10.30 11.48 50.86
C PHE A 519 -10.52 11.06 49.40
N THR A 520 -10.00 11.84 48.46
CA THR A 520 -10.14 11.46 47.05
C THR A 520 -9.37 10.18 46.76
N GLY A 521 -8.16 10.03 47.33
CA GLY A 521 -7.43 8.79 47.15
C GLY A 521 -8.14 7.59 47.74
N VAL A 522 -8.71 7.76 48.93
CA VAL A 522 -9.47 6.68 49.55
C VAL A 522 -10.69 6.33 48.70
N LEU A 523 -11.36 7.35 48.15
CA LEU A 523 -12.50 7.11 47.29
C LEU A 523 -12.08 6.36 46.03
N PHE A 524 -10.92 6.72 45.46
CA PHE A 524 -10.42 6.00 44.30
C PHE A 524 -10.17 4.53 44.63
N PHE A 525 -9.57 4.27 45.78
CA PHE A 525 -9.30 2.90 46.18
C PHE A 525 -10.60 2.11 46.35
N PHE A 526 -11.59 2.72 47.02
CA PHE A 526 -12.87 2.04 47.21
C PHE A 526 -13.55 1.79 45.87
N THR A 527 -13.50 2.77 44.96
CA THR A 527 -14.10 2.58 43.65
C THR A 527 -13.42 1.45 42.89
N ASN A 528 -12.12 1.32 43.08
CA ASN A 528 -11.37 0.33 42.34
C ASN A 528 -11.44 -1.06 42.89
N ILE A 529 -11.78 -1.19 44.14
CA ILE A 529 -12.10 -2.49 44.71
C ILE A 529 -13.54 -2.88 44.38
N LYS A 530 -14.46 -1.91 44.45
CA LYS A 530 -15.85 -2.17 44.07
C LYS A 530 -15.94 -2.62 42.62
N ASP A 531 -15.17 -1.99 41.76
CA ASP A 531 -15.20 -2.33 40.34
C ASP A 531 -14.61 -3.71 40.12
N LEU A 532 -13.54 -4.02 40.84
CA LEU A 532 -12.90 -5.32 40.71
C LEU A 532 -13.86 -6.44 41.11
N PHE A 533 -14.60 -6.24 42.21
CA PHE A 533 -15.58 -7.22 42.63
C PHE A 533 -16.83 -7.21 41.75
N MET A 534 -17.13 -6.08 41.10
CA MET A 534 -18.32 -5.98 40.26
C MET A 534 -18.21 -6.88 39.05
N LYS A 535 -17.03 -6.94 38.43
CA LYS A 535 -16.78 -7.77 37.26
C LYS A 535 -16.43 -9.21 37.63
N LYS A 536 -16.78 -9.63 38.85
CA LYS A 536 -16.51 -10.99 39.31
C LYS A 536 -15.01 -11.27 39.34
N CYS A 537 -14.26 -10.31 39.88
CA CYS A 537 -12.82 -10.43 40.09
C CYS A 537 -12.10 -10.83 38.80
N PRO A 538 -12.00 -9.93 37.83
CA PRO A 538 -11.20 -10.23 36.64
C PRO A 538 -9.75 -10.50 37.01
N GLY A 539 -9.13 -11.40 36.25
CA GLY A 539 -7.78 -11.84 36.54
C GLY A 539 -6.74 -10.85 36.07
N VAL A 540 -5.50 -11.35 35.99
CA VAL A 540 -4.38 -10.51 35.59
C VAL A 540 -4.59 -9.97 34.19
N ASN A 541 -5.04 -10.82 33.26
CA ASN A 541 -5.17 -10.41 31.86
C ASN A 541 -6.02 -9.15 31.73
N SER A 542 -7.05 -9.02 32.57
CA SER A 542 -7.93 -7.85 32.47
C SER A 542 -7.20 -6.58 32.91
N LEU A 543 -6.35 -6.68 33.94
CA LEU A 543 -5.73 -5.50 34.52
C LEU A 543 -4.38 -5.16 33.88
N PHE A 544 -3.46 -6.12 33.85
CA PHE A 544 -2.09 -5.82 33.48
C PHE A 544 -1.97 -5.52 31.98
N ILE A 545 -2.44 -6.44 31.14
CA ILE A 545 -2.16 -6.34 29.70
C ILE A 545 -2.83 -5.09 29.12
N ASP A 546 -4.12 -4.92 29.41
CA ASP A 546 -4.90 -3.82 28.84
C ASP A 546 -5.64 -3.09 29.97
N GLY A 547 -6.18 -1.93 29.63
CA GLY A 547 -6.83 -1.09 30.62
C GLY A 547 -5.85 -0.69 31.70
N SER A 548 -4.67 -0.24 31.28
CA SER A 548 -3.61 0.08 32.24
C SER A 548 -4.09 1.08 33.29
N PHE A 549 -4.94 2.02 32.89
CA PHE A 549 -5.40 3.05 33.83
C PHE A 549 -6.17 2.45 35.00
N GLN A 550 -6.77 1.27 34.82
CA GLN A 550 -7.45 0.62 35.93
C GLN A 550 -6.47 0.22 37.03
N LEU A 551 -5.22 -0.07 36.66
CA LEU A 551 -4.19 -0.39 37.63
C LEU A 551 -3.49 0.85 38.18
N LEU A 552 -3.24 1.85 37.33
CA LEU A 552 -2.48 3.01 37.76
C LEU A 552 -3.15 3.72 38.93
N TYR A 553 -4.46 3.93 38.84
CA TYR A 553 -5.16 4.61 39.93
C TYR A 553 -5.06 3.81 41.22
N PHE A 554 -4.89 2.50 41.15
CA PHE A 554 -4.63 1.72 42.35
C PHE A 554 -3.29 2.13 42.96
N ILE A 555 -2.26 2.23 42.13
CA ILE A 555 -0.96 2.72 42.62
C ILE A 555 -1.11 4.11 43.20
N TYR A 556 -1.75 5.01 42.43
CA TYR A 556 -2.05 6.34 42.96
C TYR A 556 -2.84 6.24 44.25
N SER A 557 -3.73 5.24 44.35
CA SER A 557 -4.48 5.04 45.57
C SER A 557 -3.56 4.72 46.75
N VAL A 558 -2.53 3.91 46.50
CA VAL A 558 -1.63 3.50 47.57
C VAL A 558 -0.79 4.67 48.04
N LEU A 559 0.03 5.22 47.15
CA LEU A 559 1.02 6.21 47.55
C LEU A 559 0.38 7.35 48.34
N VAL A 560 -0.74 7.87 47.84
CA VAL A 560 -1.37 9.03 48.48
C VAL A 560 -1.68 8.74 49.93
N ILE A 561 -2.18 7.54 50.23
CA ILE A 561 -2.45 7.21 51.62
C ILE A 561 -1.16 6.82 52.34
N VAL A 562 -0.24 6.16 51.65
CA VAL A 562 1.02 5.77 52.29
C VAL A 562 1.70 7.00 52.87
N SER A 563 1.82 8.05 52.06
CA SER A 563 2.43 9.29 52.54
C SER A 563 1.78 9.74 53.83
N ALA A 564 0.46 9.66 53.91
CA ALA A 564 -0.24 10.10 55.12
C ALA A 564 0.36 9.42 56.35
N ALA A 565 0.54 8.10 56.29
CA ALA A 565 1.14 7.40 57.42
C ALA A 565 2.48 8.03 57.78
N LEU A 566 3.34 8.19 56.78
CA LEU A 566 4.63 8.84 57.03
C LEU A 566 4.42 10.23 57.60
N TYR A 567 3.48 10.99 57.03
CA TYR A 567 3.24 12.34 57.50
C TYR A 567 2.92 12.38 58.98
N LEU A 568 2.41 11.27 59.53
CA LEU A 568 2.12 11.20 60.96
C LEU A 568 3.34 10.75 61.77
N ALA A 569 4.13 9.81 61.24
CA ALA A 569 5.31 9.32 61.94
C ALA A 569 6.59 9.56 61.15
N GLY A 570 6.66 9.11 59.91
CA GLY A 570 7.84 9.31 59.09
C GLY A 570 7.83 10.70 58.48
N ILE A 571 7.98 11.71 59.33
CA ILE A 571 7.75 13.10 58.91
C ILE A 571 8.77 13.52 57.86
N GLU A 572 10.01 13.04 57.98
CA GLU A 572 11.09 13.59 57.17
C GLU A 572 10.87 13.34 55.68
N ALA A 573 10.47 12.13 55.30
CA ALA A 573 10.53 11.69 53.91
C ALA A 573 9.16 11.41 53.32
N TYR A 574 8.12 12.13 53.73
CA TYR A 574 6.82 11.97 53.10
C TYR A 574 6.76 12.67 51.75
N LEU A 575 7.50 13.77 51.59
CA LEU A 575 7.53 14.48 50.32
C LEU A 575 8.02 13.58 49.19
N ALA A 576 9.01 12.73 49.48
CA ALA A 576 9.62 11.92 48.44
C ALA A 576 8.58 11.09 47.70
N VAL A 577 7.64 10.50 48.42
CA VAL A 577 6.61 9.68 47.79
C VAL A 577 5.38 10.50 47.42
N MET A 578 5.09 11.57 48.16
CA MET A 578 3.95 12.42 47.82
C MET A 578 4.14 13.05 46.44
N VAL A 579 5.35 13.52 46.15
CA VAL A 579 5.62 14.13 44.86
C VAL A 579 5.47 13.11 43.74
N PHE A 580 5.93 11.88 43.98
CA PHE A 580 5.81 10.84 42.97
C PHE A 580 4.34 10.50 42.73
N ALA A 581 3.55 10.48 43.80
CA ALA A 581 2.11 10.26 43.65
C ALA A 581 1.48 11.37 42.82
N LEU A 582 1.87 12.62 43.08
CA LEU A 582 1.36 13.73 42.30
C LEU A 582 1.72 13.60 40.83
N VAL A 583 2.97 13.23 40.56
CA VAL A 583 3.40 13.08 39.16
C VAL A 583 2.59 11.97 38.48
N LEU A 584 2.41 10.85 39.15
CA LEU A 584 1.64 9.76 38.56
C LEU A 584 0.20 10.18 38.32
N GLY A 585 -0.40 10.89 39.26
CA GLY A 585 -1.76 11.35 39.07
C GLY A 585 -1.90 12.29 37.88
N TRP A 586 -0.95 13.21 37.73
CA TRP A 586 -0.98 14.10 36.58
C TRP A 586 -0.79 13.31 35.28
N MET A 587 0.10 12.32 35.30
CA MET A 587 0.43 11.58 34.09
C MET A 587 -0.67 10.60 33.68
N ASN A 588 -1.52 10.17 34.61
CA ASN A 588 -2.55 9.19 34.33
C ASN A 588 -3.91 9.82 34.09
N ALA A 589 -3.94 11.01 33.48
CA ALA A 589 -5.19 11.66 33.12
C ALA A 589 -5.62 11.37 31.69
N LEU A 590 -4.86 10.56 30.95
CA LEU A 590 -5.22 10.22 29.59
C LEU A 590 -6.45 9.33 29.51
N TYR A 591 -6.88 8.73 30.63
CA TYR A 591 -8.11 7.95 30.62
C TYR A 591 -9.29 8.81 30.20
N PHE A 592 -9.33 10.06 30.66
CA PHE A 592 -10.39 10.98 30.27
C PHE A 592 -10.25 11.46 28.84
N THR A 593 -9.02 11.49 28.31
CA THR A 593 -8.82 11.87 26.91
C THR A 593 -9.15 10.72 25.97
N ARG A 594 -9.19 9.49 26.47
CA ARG A 594 -9.58 8.35 25.62
C ARG A 594 -10.91 8.62 24.92
N GLY A 595 -11.85 9.24 25.63
CA GLY A 595 -13.18 9.42 25.06
C GLY A 595 -13.21 10.34 23.86
N LEU A 596 -12.44 11.44 23.90
CA LEU A 596 -12.50 12.43 22.84
C LEU A 596 -12.14 11.79 21.49
N LYS A 597 -12.96 12.08 20.48
CA LYS A 597 -12.71 11.51 19.15
C LYS A 597 -11.42 12.04 18.55
N LEU A 598 -11.15 13.32 18.71
CA LEU A 598 -9.97 13.92 18.08
C LEU A 598 -8.68 13.34 18.64
N THR A 599 -8.64 13.10 19.95
CA THR A 599 -7.45 12.60 20.63
C THR A 599 -7.68 11.23 21.26
N GLY A 600 -8.70 10.50 20.82
CA GLY A 600 -8.97 9.20 21.42
C GLY A 600 -7.87 8.19 21.16
N THR A 601 -7.36 8.14 19.94
CA THR A 601 -6.33 7.16 19.59
C THR A 601 -5.06 7.40 20.38
N TYR A 602 -4.66 8.67 20.54
CA TYR A 602 -3.33 9.00 21.03
C TYR A 602 -3.01 8.26 22.32
N SER A 603 -3.92 8.28 23.29
CA SER A 603 -3.66 7.64 24.57
C SER A 603 -3.50 6.12 24.41
N ILE A 604 -4.38 5.50 23.64
CA ILE A 604 -4.30 4.06 23.47
C ILE A 604 -2.98 3.68 22.81
N MET A 605 -2.58 4.41 21.77
CA MET A 605 -1.39 4.03 21.04
C MET A 605 -0.11 4.36 21.80
N ILE A 606 -0.11 5.41 22.64
CA ILE A 606 1.06 5.68 23.46
C ILE A 606 1.19 4.60 24.54
N GLN A 607 0.07 4.19 25.13
CA GLN A 607 0.14 3.09 26.11
C GLN A 607 0.61 1.80 25.44
N LYS A 608 0.15 1.55 24.21
CA LYS A 608 0.52 0.32 23.50
C LYS A 608 2.01 0.32 23.16
N ILE A 609 2.48 1.40 22.54
CA ILE A 609 3.87 1.46 22.08
C ILE A 609 4.83 1.46 23.26
N LEU A 610 4.46 2.13 24.35
CA LEU A 610 5.39 2.30 25.47
C LEU A 610 5.82 0.94 26.04
N PHE A 611 4.86 0.09 26.35
CA PHE A 611 5.17 -1.17 27.04
C PHE A 611 5.73 -2.22 26.10
N LYS A 612 5.36 -2.20 24.83
CA LYS A 612 5.70 -3.27 23.90
C LYS A 612 6.92 -2.96 23.04
N ASP A 613 6.91 -1.82 22.34
CA ASP A 613 8.03 -1.49 21.46
C ASP A 613 9.22 -0.95 22.26
N LEU A 614 8.98 0.05 23.11
CA LEU A 614 10.08 0.70 23.80
C LEU A 614 10.81 -0.27 24.71
N PHE A 615 10.08 -1.14 25.42
CA PHE A 615 10.74 -2.09 26.31
C PHE A 615 11.53 -3.13 25.53
N ARG A 616 10.98 -3.62 24.41
CA ARG A 616 11.70 -4.59 23.59
C ARG A 616 12.99 -3.98 23.07
N PHE A 617 12.94 -2.72 22.63
CA PHE A 617 14.16 -2.03 22.22
C PHE A 617 15.08 -1.76 23.41
N LEU A 618 14.51 -1.47 24.57
CA LEU A 618 15.30 -1.13 25.74
C LEU A 618 16.07 -2.33 26.26
N LEU A 619 15.59 -3.54 26.01
CA LEU A 619 16.38 -4.72 26.36
C LEU A 619 17.74 -4.68 25.68
N VAL A 620 17.75 -4.49 24.35
CA VAL A 620 19.00 -4.42 23.61
C VAL A 620 19.80 -3.19 24.02
N TYR A 621 19.12 -2.05 24.19
CA TYR A 621 19.82 -0.84 24.61
C TYR A 621 20.50 -1.04 25.96
N LEU A 622 19.86 -1.76 26.87
CA LEU A 622 20.44 -2.01 28.18
C LEU A 622 21.61 -2.97 28.09
N LEU A 623 21.52 -3.96 27.19
CA LEU A 623 22.70 -4.79 26.94
C LEU A 623 23.90 -3.92 26.54
N PHE A 624 23.68 -3.04 25.57
CA PHE A 624 24.76 -2.15 25.13
C PHE A 624 25.25 -1.27 26.28
N MET A 625 24.32 -0.68 27.03
CA MET A 625 24.68 0.21 28.12
C MET A 625 25.52 -0.51 29.16
N ILE A 626 25.06 -1.69 29.60
CA ILE A 626 25.79 -2.43 30.62
C ILE A 626 27.19 -2.76 30.12
N GLY A 627 27.28 -3.31 28.90
CA GLY A 627 28.59 -3.70 28.41
C GLY A 627 29.55 -2.53 28.33
N TYR A 628 29.13 -1.44 27.68
CA TYR A 628 30.03 -0.32 27.48
C TYR A 628 30.37 0.36 28.80
N ALA A 629 29.39 0.55 29.68
CA ALA A 629 29.65 1.21 30.96
C ALA A 629 30.61 0.39 31.81
N SER A 630 30.41 -0.93 31.87
CA SER A 630 31.33 -1.77 32.63
C SER A 630 32.72 -1.70 32.04
N ALA A 631 32.84 -1.75 30.71
CA ALA A 631 34.14 -1.67 30.07
C ALA A 631 34.85 -0.37 30.43
N LEU A 632 34.16 0.76 30.28
CA LEU A 632 34.79 2.05 30.54
C LEU A 632 35.16 2.19 32.01
N VAL A 633 34.30 1.73 32.92
CA VAL A 633 34.62 1.81 34.34
C VAL A 633 35.87 0.99 34.65
N SER A 634 35.95 -0.22 34.08
CA SER A 634 37.10 -1.07 34.34
C SER A 634 38.38 -0.44 33.79
N LEU A 635 38.29 0.19 32.60
CA LEU A 635 39.50 0.64 31.93
C LEU A 635 40.22 1.73 32.70
N LEU A 636 39.48 2.68 33.27
CA LEU A 636 40.11 3.85 33.87
C LEU A 636 40.95 3.48 35.08
N ASN A 637 42.03 4.24 35.27
CA ASN A 637 42.93 4.08 36.40
C ASN A 637 42.80 5.26 37.34
N PRO A 638 42.33 5.09 38.58
CA PRO A 638 42.24 6.25 39.48
C PRO A 638 43.59 6.80 39.88
N CYS A 639 44.62 5.96 39.96
CA CYS A 639 45.95 6.40 40.37
C CYS A 639 47.03 5.63 39.62
N ASP A 662 35.45 3.00 45.92
CA ASP A 662 35.35 2.99 44.46
C ASP A 662 33.90 3.18 44.01
N SER A 663 32.97 2.97 44.93
CA SER A 663 31.56 3.13 44.59
C SER A 663 31.23 4.56 44.19
N GLU A 664 31.78 5.54 44.93
CA GLU A 664 31.52 6.94 44.59
C GLU A 664 32.09 7.29 43.23
N THR A 665 33.31 6.81 42.93
CA THR A 665 33.90 7.07 41.62
C THR A 665 33.06 6.46 40.50
N PHE A 666 32.59 5.23 40.70
CA PHE A 666 31.75 4.58 39.70
C PHE A 666 30.45 5.35 39.49
N SER A 667 29.83 5.80 40.58
CA SER A 667 28.59 6.56 40.46
C SER A 667 28.81 7.87 39.73
N THR A 668 29.90 8.58 40.05
CA THR A 668 30.19 9.83 39.36
C THR A 668 30.46 9.61 37.88
N PHE A 669 31.20 8.56 37.55
CA PHE A 669 31.45 8.26 36.15
C PHE A 669 30.16 7.92 35.42
N LEU A 670 29.27 7.16 36.07
CA LEU A 670 28.00 6.83 35.46
C LEU A 670 27.16 8.08 35.22
N LEU A 671 27.17 9.00 36.18
CA LEU A 671 26.47 10.27 35.99
C LEU A 671 27.03 11.03 34.80
N ASP A 672 28.36 11.11 34.71
CA ASP A 672 28.98 11.83 33.59
C ASP A 672 28.64 11.16 32.27
N LEU A 673 28.67 9.83 32.23
CA LEU A 673 28.36 9.12 30.99
C LEU A 673 26.90 9.30 30.59
N PHE A 674 25.99 9.33 31.56
CA PHE A 674 24.59 9.57 31.21
C PHE A 674 24.41 11.00 30.67
N LYS A 675 25.06 11.98 31.32
CA LYS A 675 24.98 13.34 30.83
C LYS A 675 25.50 13.43 29.39
N LEU A 676 26.57 12.70 29.10
CA LEU A 676 27.03 12.60 27.71
C LEU A 676 25.99 11.93 26.83
N THR A 677 25.35 10.86 27.33
CA THR A 677 24.39 10.12 26.54
C THR A 677 23.26 11.01 26.08
N ILE A 678 22.84 11.96 26.93
CA ILE A 678 21.79 12.89 26.51
C ILE A 678 22.24 13.68 25.28
N GLY A 679 23.48 14.14 25.29
CA GLY A 679 24.01 14.93 24.18
C GLY A 679 24.69 16.21 24.65
N MET A 680 24.83 16.36 25.97
CA MET A 680 25.47 17.50 26.58
C MET A 680 26.65 17.02 27.43
N GLY A 681 27.26 17.94 28.16
CA GLY A 681 28.42 17.63 28.97
C GLY A 681 29.72 17.77 28.19
N ASP A 682 30.79 17.34 28.83
CA ASP A 682 32.14 17.46 28.28
C ASP A 682 32.87 16.14 28.42
N LEU A 683 33.81 15.90 27.49
CA LEU A 683 34.61 14.68 27.47
C LEU A 683 35.97 15.00 28.09
N GLU A 684 36.02 14.89 29.42
CA GLU A 684 37.23 15.17 30.19
C GLU A 684 37.81 13.93 30.84
N MET A 685 37.09 12.81 30.86
CA MET A 685 37.54 11.62 31.57
C MET A 685 38.81 11.05 30.96
N LEU A 686 39.02 11.23 29.65
CA LEU A 686 40.14 10.58 28.99
C LEU A 686 41.49 11.03 29.54
N SER A 687 41.57 12.21 30.15
CA SER A 687 42.85 12.74 30.58
C SER A 687 43.50 11.84 31.63
N SER A 688 42.73 11.41 32.62
CA SER A 688 43.31 10.64 33.73
C SER A 688 43.59 9.19 33.33
N THR A 689 42.73 8.60 32.51
CA THR A 689 42.87 7.18 32.19
C THR A 689 44.05 6.93 31.26
N LYS A 690 44.55 5.71 31.30
CA LYS A 690 45.58 5.25 30.39
C LYS A 690 44.96 4.59 29.17
N TYR A 691 45.73 4.53 28.09
CA TYR A 691 45.23 4.04 26.80
C TYR A 691 44.07 4.92 26.36
N PRO A 692 44.24 6.24 26.31
CA PRO A 692 43.11 7.10 25.92
C PRO A 692 42.58 6.82 24.53
N VAL A 693 43.43 6.40 23.60
CA VAL A 693 42.99 6.24 22.21
C VAL A 693 41.92 5.14 22.11
N VAL A 694 42.15 4.00 22.77
CA VAL A 694 41.14 2.95 22.76
C VAL A 694 39.88 3.42 23.47
N PHE A 695 40.03 4.23 24.51
CA PHE A 695 38.85 4.76 25.20
C PHE A 695 38.01 5.59 24.25
N ILE A 696 38.65 6.46 23.46
CA ILE A 696 37.91 7.28 22.52
C ILE A 696 37.29 6.42 21.43
N ILE A 697 38.01 5.40 20.97
CA ILE A 697 37.46 4.50 19.96
C ILE A 697 36.19 3.84 20.48
N LEU A 698 36.23 3.36 21.72
CA LEU A 698 35.07 2.70 22.31
C LEU A 698 33.91 3.68 22.50
N LEU A 699 34.21 4.90 22.93
CA LEU A 699 33.17 5.92 23.05
C LEU A 699 32.53 6.20 21.69
N VAL A 700 33.36 6.26 20.65
CA VAL A 700 32.85 6.54 19.30
C VAL A 700 31.95 5.41 18.84
N THR A 701 32.36 4.15 19.08
CA THR A 701 31.50 3.04 18.71
C THR A 701 30.18 3.09 19.47
N TYR A 702 30.25 3.41 20.77
CA TYR A 702 29.03 3.55 21.57
C TYR A 702 28.10 4.59 20.96
N ILE A 703 28.62 5.79 20.70
CA ILE A 703 27.79 6.87 20.18
C ILE A 703 27.24 6.49 18.82
N ILE A 704 28.11 6.03 17.92
CA ILE A 704 27.66 5.64 16.59
C ILE A 704 26.52 4.65 16.70
N LEU A 705 26.80 3.47 17.26
CA LEU A 705 25.79 2.42 17.32
C LEU A 705 24.51 3.01 17.88
N THR A 706 24.53 3.41 19.16
CA THR A 706 23.28 3.80 19.79
C THR A 706 22.62 4.93 19.01
N PHE A 707 23.21 6.12 19.03
CA PHE A 707 22.54 7.30 18.49
C PHE A 707 22.19 7.11 17.02
N VAL A 708 23.16 6.78 16.18
CA VAL A 708 22.91 6.77 14.75
C VAL A 708 21.93 5.66 14.39
N LEU A 709 22.21 4.42 14.79
CA LEU A 709 21.38 3.33 14.33
C LEU A 709 20.13 3.16 15.20
N LEU A 710 20.32 2.85 16.49
CA LEU A 710 19.20 2.37 17.30
C LEU A 710 18.22 3.49 17.63
N LEU A 711 18.76 4.65 18.04
CA LEU A 711 17.92 5.74 18.53
C LEU A 711 16.81 6.08 17.55
N ASN A 712 17.11 6.04 16.25
CA ASN A 712 16.15 6.40 15.21
C ASN A 712 15.74 5.22 14.35
N MET A 713 16.25 4.01 14.61
CA MET A 713 15.73 2.81 13.98
C MET A 713 14.59 2.22 14.78
N LEU A 714 14.56 2.47 16.10
CA LEU A 714 13.35 2.22 16.86
C LEU A 714 12.18 2.97 16.24
N ILE A 715 12.47 4.16 15.71
CA ILE A 715 11.43 4.97 15.11
C ILE A 715 10.77 4.26 13.92
N ALA A 716 11.52 3.38 13.26
CA ALA A 716 10.96 2.65 12.12
C ALA A 716 9.75 1.83 12.56
N LEU A 717 9.94 0.89 13.48
CA LEU A 717 8.83 0.07 13.92
C LEU A 717 7.84 0.87 14.76
N MET A 718 8.28 1.95 15.40
CA MET A 718 7.33 2.82 16.08
C MET A 718 6.36 3.45 15.08
N GLY A 719 6.89 3.94 13.96
CA GLY A 719 6.04 4.49 12.93
C GLY A 719 5.18 3.43 12.27
N GLU A 720 5.69 2.20 12.16
CA GLU A 720 4.88 1.11 11.65
C GLU A 720 3.71 0.80 12.59
N THR A 721 3.96 0.83 13.90
CA THR A 721 2.89 0.65 14.87
C THR A 721 1.85 1.75 14.75
N VAL A 722 2.30 3.00 14.67
CA VAL A 722 1.39 4.12 14.48
C VAL A 722 0.67 4.00 13.15
N GLY A 723 1.32 3.39 12.16
CA GLY A 723 0.66 3.12 10.90
C GLY A 723 -0.47 2.13 11.02
N GLN A 724 -0.25 1.04 11.77
CA GLN A 724 -1.34 0.12 12.05
C GLN A 724 -2.48 0.84 12.76
N VAL A 725 -2.14 1.68 13.74
CA VAL A 725 -3.16 2.42 14.46
C VAL A 725 -3.88 3.39 13.53
N SER A 726 -3.16 3.99 12.58
CA SER A 726 -3.79 4.89 11.62
C SER A 726 -4.75 4.12 10.72
N LYS A 727 -4.34 2.92 10.29
CA LYS A 727 -5.20 2.09 9.45
C LYS A 727 -6.45 1.64 10.20
N GLU A 728 -6.36 1.49 11.52
CA GLU A 728 -7.49 1.03 12.33
C GLU A 728 -7.94 2.10 13.33
N SER A 729 -7.77 3.36 12.97
CA SER A 729 -8.11 4.46 13.87
C SER A 729 -9.60 4.54 14.15
N LYS A 730 -10.43 4.48 13.11
CA LYS A 730 -11.87 4.57 13.33
C LYS A 730 -12.37 3.41 14.18
N HIS A 731 -11.90 2.19 13.90
CA HIS A 731 -12.38 1.04 14.63
C HIS A 731 -11.99 1.09 16.10
N ILE A 732 -10.75 1.50 16.40
CA ILE A 732 -10.32 1.50 17.79
C ILE A 732 -10.98 2.62 18.57
N TRP A 733 -11.22 3.77 17.93
CA TRP A 733 -11.88 4.87 18.63
C TRP A 733 -13.28 4.48 19.07
N LYS A 734 -14.01 3.77 18.20
CA LYS A 734 -15.35 3.32 18.56
C LYS A 734 -15.30 2.42 19.78
N LEU A 735 -14.33 1.51 19.82
CA LEU A 735 -14.19 0.61 20.96
C LEU A 735 -13.89 1.40 22.23
N GLN A 736 -12.95 2.35 22.17
CA GLN A 736 -12.59 3.12 23.35
C GLN A 736 -13.76 3.95 23.84
N TRP A 737 -14.49 4.58 22.93
CA TRP A 737 -15.65 5.38 23.32
C TRP A 737 -16.71 4.52 23.98
N ALA A 738 -16.97 3.34 23.40
CA ALA A 738 -17.93 2.42 24.01
C ALA A 738 -17.46 2.01 25.40
N THR A 739 -16.17 1.74 25.55
CA THR A 739 -15.64 1.32 26.84
C THR A 739 -15.85 2.41 27.88
N THR A 740 -15.52 3.65 27.54
CA THR A 740 -15.64 4.73 28.52
C THR A 740 -17.09 4.99 28.88
N ILE A 741 -17.99 4.98 27.90
CA ILE A 741 -19.39 5.25 28.22
C ILE A 741 -19.97 4.12 29.08
N LEU A 742 -19.63 2.86 28.76
CA LEU A 742 -20.09 1.76 29.58
C LEU A 742 -19.52 1.85 30.99
N ASP A 743 -18.27 2.28 31.07
CA ASP A 743 -17.59 2.43 32.34
C ASP A 743 -18.37 3.40 33.17
N ILE A 744 -18.61 4.57 32.62
CA ILE A 744 -19.34 5.62 33.32
C ILE A 744 -20.71 5.10 33.77
N GLU A 745 -21.38 4.35 32.90
CA GLU A 745 -22.70 3.83 33.24
C GLU A 745 -22.64 2.87 34.43
N ARG A 746 -21.66 1.97 34.44
CA ARG A 746 -21.66 0.89 35.42
C ARG A 746 -21.48 1.39 36.84
N SER A 747 -20.98 2.60 37.04
CA SER A 747 -20.78 3.11 38.39
C SER A 747 -22.05 3.70 38.99
N PHE A 748 -23.12 3.84 38.22
CA PHE A 748 -24.35 4.39 38.74
C PHE A 748 -25.04 3.38 39.65
N PRO A 749 -25.90 3.85 40.55
CA PRO A 749 -26.69 2.93 41.37
C PRO A 749 -27.74 2.23 40.52
N VAL A 750 -28.18 1.07 41.02
CA VAL A 750 -29.09 0.22 40.26
C VAL A 750 -30.41 0.94 40.00
N PHE A 751 -30.95 1.61 41.03
CA PHE A 751 -32.26 2.26 40.86
C PHE A 751 -32.18 3.38 39.83
N LEU A 752 -31.13 4.18 39.88
CA LEU A 752 -30.96 5.24 38.88
C LEU A 752 -30.81 4.64 37.49
N ARG A 753 -30.05 3.54 37.37
CA ARG A 753 -29.88 2.89 36.07
C ARG A 753 -31.21 2.42 35.52
N LYS A 754 -32.06 1.84 36.37
CA LYS A 754 -33.39 1.45 35.93
C LYS A 754 -34.21 2.67 35.51
N ALA A 755 -34.08 3.76 36.26
CA ALA A 755 -34.77 4.99 35.88
C ALA A 755 -34.31 5.50 34.51
N PHE A 756 -33.11 5.13 34.07
CA PHE A 756 -32.57 5.55 32.78
C PHE A 756 -32.70 4.46 31.73
N ARG A 757 -33.67 3.56 31.87
CA ARG A 757 -33.84 2.49 30.90
C ARG A 757 -34.14 3.09 29.53
N SER A 758 -33.60 2.45 28.50
CA SER A 758 -33.77 2.88 27.12
C SER A 758 -34.66 1.88 26.39
N GLY A 759 -35.48 2.40 25.47
CA GLY A 759 -36.37 1.59 24.66
C GLY A 759 -37.83 1.83 25.02
N GLU A 760 -38.68 1.04 24.39
CA GLU A 760 -40.12 1.13 24.54
C GLU A 760 -40.67 -0.15 25.17
N MET A 761 -41.98 -0.18 25.38
CA MET A 761 -42.67 -1.34 25.92
C MET A 761 -43.74 -1.83 24.96
N VAL A 762 -43.38 -1.92 23.67
CA VAL A 762 -44.37 -2.26 22.65
C VAL A 762 -44.86 -3.68 22.86
N THR A 763 -46.19 -3.85 22.80
CA THR A 763 -46.81 -5.17 22.84
C THR A 763 -46.99 -5.65 21.41
N VAL A 764 -45.89 -6.11 20.81
CA VAL A 764 -45.89 -6.47 19.40
C VAL A 764 -46.84 -7.63 19.14
N GLY A 765 -46.82 -8.64 20.01
CA GLY A 765 -47.64 -9.81 19.81
C GLY A 765 -48.13 -10.38 21.12
N LYS A 766 -49.07 -11.32 21.02
CA LYS A 766 -49.66 -11.99 22.15
C LYS A 766 -49.14 -13.42 22.24
N SER A 767 -49.12 -13.95 23.46
CA SER A 767 -48.64 -15.31 23.68
C SER A 767 -49.61 -16.32 23.09
N SER A 768 -49.28 -17.60 23.26
CA SER A 768 -50.15 -18.66 22.75
C SER A 768 -51.52 -18.59 23.39
N ASP A 769 -51.58 -18.32 24.69
CA ASP A 769 -52.85 -18.18 25.39
C ASP A 769 -53.50 -16.82 25.18
N GLY A 770 -52.82 -15.90 24.50
CA GLY A 770 -53.35 -14.58 24.22
C GLY A 770 -52.81 -13.47 25.10
N THR A 771 -52.05 -13.81 26.15
CA THR A 771 -51.51 -12.78 27.02
C THR A 771 -50.49 -11.94 26.26
N PRO A 772 -50.39 -10.64 26.57
CA PRO A 772 -49.42 -9.78 25.87
C PRO A 772 -48.00 -10.04 26.34
N ASP A 773 -47.08 -10.05 25.38
CA ASP A 773 -45.67 -10.26 25.71
C ASP A 773 -45.11 -9.06 26.49
N ARG A 774 -45.34 -7.85 25.99
CA ARG A 774 -44.89 -6.62 26.64
C ARG A 774 -43.42 -6.69 26.99
N ARG A 775 -42.59 -6.77 25.94
CA ARG A 775 -41.15 -6.88 26.09
C ARG A 775 -40.49 -5.58 25.65
N TRP A 776 -39.39 -5.24 26.33
CA TRP A 776 -38.62 -4.04 25.98
C TRP A 776 -37.97 -4.22 24.61
N CYS A 777 -37.99 -3.17 23.81
CA CYS A 777 -37.45 -3.21 22.46
C CYS A 777 -36.78 -1.88 22.16
N PHE A 778 -36.39 -1.69 20.90
CA PHE A 778 -35.68 -0.49 20.47
C PHE A 778 -35.79 -0.39 18.95
N ARG A 779 -36.24 0.74 18.45
CA ARG A 779 -36.55 0.91 17.04
C ARG A 779 -35.46 1.70 16.33
N VAL A 780 -35.15 1.28 15.10
CA VAL A 780 -34.21 1.99 14.24
C VAL A 780 -34.84 2.08 12.86
N ASP A 781 -34.16 2.77 11.95
CA ASP A 781 -34.67 2.96 10.61
C ASP A 781 -33.51 3.12 9.64
N GLU A 782 -33.79 2.81 8.37
CA GLU A 782 -32.81 2.94 7.30
C GLU A 782 -33.55 3.27 6.01
N VAL A 783 -32.78 3.36 4.92
CA VAL A 783 -33.30 3.77 3.63
C VAL A 783 -32.88 2.75 2.58
N ASN A 784 -33.82 2.33 1.75
CA ASN A 784 -33.55 1.43 0.63
C ASN A 784 -34.30 1.94 -0.59
N TRP A 785 -33.64 1.89 -1.75
CA TRP A 785 -34.22 2.39 -2.99
C TRP A 785 -34.51 1.28 -4.01
N SER A 786 -34.01 0.08 -3.80
CA SER A 786 -34.23 -1.02 -4.73
C SER A 786 -35.43 -1.88 -4.37
N HIS A 787 -36.15 -1.54 -3.29
CA HIS A 787 -37.30 -2.33 -2.87
C HIS A 787 -38.55 -1.82 -3.59
N TRP A 788 -38.63 -2.15 -4.87
CA TRP A 788 -39.78 -1.82 -5.69
C TRP A 788 -40.36 -3.07 -6.33
N ASN B 150 -24.27 36.53 -57.26
CA ASN B 150 -25.05 35.32 -57.07
C ASN B 150 -24.39 34.37 -56.08
N ARG B 151 -23.38 34.86 -55.37
CA ARG B 151 -22.68 34.02 -54.40
C ARG B 151 -23.62 33.53 -53.29
N PRO B 152 -24.42 34.38 -52.64
CA PRO B 152 -25.29 33.86 -51.58
C PRO B 152 -26.30 32.84 -52.07
N ILE B 153 -26.95 33.10 -53.21
CA ILE B 153 -27.95 32.17 -53.72
C ILE B 153 -27.32 30.84 -54.09
N LEU B 154 -26.17 30.88 -54.76
CA LEU B 154 -25.51 29.64 -55.14
C LEU B 154 -25.04 28.86 -53.91
N PHE B 155 -24.52 29.56 -52.90
CA PHE B 155 -24.11 28.89 -51.68
C PHE B 155 -25.30 28.22 -51.01
N ASP B 156 -26.44 28.93 -50.93
CA ASP B 156 -27.63 28.33 -50.32
C ASP B 156 -28.09 27.12 -51.11
N ILE B 157 -28.10 27.22 -52.44
CA ILE B 157 -28.56 26.11 -53.26
C ILE B 157 -27.67 24.89 -53.07
N VAL B 158 -26.35 25.09 -53.06
CA VAL B 158 -25.44 23.96 -52.93
C VAL B 158 -25.52 23.37 -51.53
N SER B 159 -25.67 24.22 -50.51
CA SER B 159 -25.80 23.71 -49.15
C SER B 159 -27.06 22.87 -49.00
N ARG B 160 -28.18 23.33 -49.56
CA ARG B 160 -29.42 22.56 -49.49
C ARG B 160 -29.35 21.29 -50.32
N GLY B 161 -28.43 21.20 -51.26
CA GLY B 161 -28.29 20.02 -52.09
C GLY B 161 -29.25 19.93 -53.24
N SER B 162 -30.09 20.94 -53.46
CA SER B 162 -31.04 20.90 -54.55
C SER B 162 -30.31 20.95 -55.89
N THR B 163 -30.78 20.13 -56.85
CA THR B 163 -30.17 20.07 -58.17
C THR B 163 -30.95 20.85 -59.22
N ALA B 164 -32.27 21.01 -59.04
CA ALA B 164 -33.06 21.73 -60.02
C ALA B 164 -32.65 23.20 -60.09
N ASP B 165 -32.36 23.81 -58.94
CA ASP B 165 -32.01 25.23 -58.91
C ASP B 165 -30.81 25.53 -59.78
N LEU B 166 -29.89 24.57 -59.94
CA LEU B 166 -28.70 24.79 -60.75
C LEU B 166 -29.02 24.98 -62.22
N ASP B 167 -30.22 24.59 -62.67
CA ASP B 167 -30.59 24.76 -64.06
C ASP B 167 -30.53 26.24 -64.44
N GLY B 168 -29.97 26.51 -65.63
CA GLY B 168 -29.82 27.86 -66.11
C GLY B 168 -28.52 28.54 -65.73
N LEU B 169 -27.70 27.92 -64.89
CA LEU B 169 -26.42 28.51 -64.53
C LEU B 169 -25.46 28.54 -65.71
N LEU B 170 -25.42 27.46 -66.49
CA LEU B 170 -24.50 27.40 -67.62
C LEU B 170 -24.82 28.48 -68.66
N PRO B 171 -26.07 28.67 -69.09
CA PRO B 171 -26.34 29.81 -69.98
C PRO B 171 -25.93 31.14 -69.40
N PHE B 172 -26.13 31.35 -68.10
CA PHE B 172 -25.74 32.61 -67.47
C PHE B 172 -24.23 32.81 -67.55
N LEU B 173 -23.46 31.77 -67.25
CA LEU B 173 -22.02 31.87 -67.32
C LEU B 173 -21.56 32.11 -68.76
N LEU B 174 -22.18 31.43 -69.71
CA LEU B 174 -21.80 31.61 -71.11
C LEU B 174 -22.08 33.02 -71.58
N THR B 175 -23.25 33.56 -71.23
CA THR B 175 -23.62 34.90 -71.67
C THR B 175 -22.74 35.96 -71.01
N HIS B 176 -22.53 35.84 -69.70
CA HIS B 176 -21.73 36.81 -68.95
C HIS B 176 -20.24 36.49 -68.97
N LYS B 177 -19.85 35.31 -69.46
CA LYS B 177 -18.44 34.92 -69.51
C LYS B 177 -17.79 35.02 -68.14
N LYS B 178 -18.51 34.61 -67.12
CA LYS B 178 -18.04 34.66 -65.74
C LYS B 178 -17.58 33.27 -65.32
N ARG B 179 -16.30 33.17 -64.93
CA ARG B 179 -15.75 31.90 -64.50
C ARG B 179 -16.18 31.58 -63.07
N LEU B 180 -16.22 30.28 -62.76
CA LEU B 180 -16.63 29.83 -61.44
C LEU B 180 -15.61 30.15 -60.36
N THR B 181 -14.41 30.58 -60.73
CA THR B 181 -13.38 30.95 -59.77
C THR B 181 -13.29 32.45 -59.54
N ASP B 182 -14.28 33.21 -60.02
CA ASP B 182 -14.25 34.65 -59.83
C ASP B 182 -14.27 35.01 -58.35
N GLU B 183 -13.57 36.10 -58.01
CA GLU B 183 -13.47 36.51 -56.62
C GLU B 183 -14.84 36.67 -55.99
N GLU B 184 -15.82 37.17 -56.75
CA GLU B 184 -17.15 37.37 -56.20
C GLU B 184 -17.78 36.05 -55.78
N PHE B 185 -17.62 34.99 -56.60
CA PHE B 185 -18.16 33.70 -56.24
C PHE B 185 -17.46 33.13 -55.01
N ARG B 186 -16.15 33.27 -54.94
CA ARG B 186 -15.39 32.73 -53.81
C ARG B 186 -15.71 33.50 -52.54
N GLU B 187 -15.82 32.76 -51.43
CA GLU B 187 -16.09 33.37 -50.15
C GLU B 187 -14.91 34.23 -49.73
N PRO B 188 -15.11 35.52 -49.43
CA PRO B 188 -13.96 36.36 -49.05
C PRO B 188 -13.24 35.88 -47.81
N SER B 189 -13.95 35.23 -46.88
CA SER B 189 -13.35 34.90 -45.59
C SER B 189 -12.14 33.98 -45.76
N THR B 190 -12.27 32.93 -46.56
CA THR B 190 -11.18 31.96 -46.70
C THR B 190 -10.97 31.52 -48.14
N GLY B 191 -11.47 32.27 -49.12
CA GLY B 191 -11.34 31.85 -50.50
C GLY B 191 -12.07 30.57 -50.82
N LYS B 192 -12.97 30.13 -49.93
CA LYS B 192 -13.71 28.90 -50.15
C LYS B 192 -14.56 29.02 -51.41
N THR B 193 -14.68 27.91 -52.13
CA THR B 193 -15.43 27.85 -53.39
C THR B 193 -16.61 26.91 -53.23
N CYS B 194 -17.34 26.71 -54.33
CA CYS B 194 -18.58 25.94 -54.28
C CYS B 194 -18.32 24.48 -53.92
N LEU B 195 -17.28 23.90 -54.51
CA LEU B 195 -17.05 22.47 -54.33
C LEU B 195 -16.74 22.09 -52.89
N PRO B 196 -15.83 22.76 -52.18
CA PRO B 196 -15.61 22.41 -50.78
C PRO B 196 -16.84 22.60 -49.92
N LYS B 197 -17.66 23.63 -50.21
CA LYS B 197 -18.91 23.78 -49.48
C LYS B 197 -19.84 22.60 -49.73
N ALA B 198 -19.91 22.14 -50.98
CA ALA B 198 -20.74 20.98 -51.29
C ALA B 198 -20.25 19.74 -50.54
N LEU B 199 -18.94 19.53 -50.51
CA LEU B 199 -18.40 18.33 -49.89
C LEU B 199 -18.50 18.39 -48.38
N LEU B 200 -18.44 19.58 -47.79
CA LEU B 200 -18.48 19.70 -46.34
C LEU B 200 -19.81 19.20 -45.78
N ASN B 201 -20.91 19.64 -46.36
CA ASN B 201 -22.24 19.26 -45.92
C ASN B 201 -22.92 18.42 -47.00
N LEU B 202 -23.43 17.26 -46.62
CA LEU B 202 -24.07 16.36 -47.55
C LEU B 202 -24.82 15.29 -46.77
N SER B 203 -25.74 14.61 -47.47
CA SER B 203 -26.61 13.62 -46.86
C SER B 203 -26.11 12.23 -47.23
N ASN B 204 -25.62 11.49 -46.23
CA ASN B 204 -25.19 10.11 -46.42
C ASN B 204 -24.14 9.98 -47.50
N GLY B 205 -23.30 11.01 -47.66
CA GLY B 205 -22.23 10.95 -48.63
C GLY B 205 -22.68 10.98 -50.07
N ARG B 206 -23.88 11.51 -50.35
CA ARG B 206 -24.44 11.54 -51.70
C ARG B 206 -25.05 12.91 -51.98
N ASN B 207 -24.26 13.97 -51.77
CA ASN B 207 -24.71 15.33 -52.00
C ASN B 207 -25.42 15.46 -53.34
N ASP B 208 -24.94 14.73 -54.35
CA ASP B 208 -25.62 14.60 -55.64
C ASP B 208 -25.49 15.86 -56.49
N THR B 209 -24.89 16.92 -55.94
CA THR B 209 -24.64 18.14 -56.69
C THR B 209 -23.25 18.18 -57.30
N ILE B 210 -22.35 17.30 -56.88
CA ILE B 210 -20.96 17.37 -57.35
C ILE B 210 -20.88 17.15 -58.86
N PRO B 211 -21.46 16.09 -59.43
CA PRO B 211 -21.27 15.87 -60.88
C PRO B 211 -21.77 17.00 -61.74
N VAL B 212 -22.88 17.64 -61.35
CA VAL B 212 -23.41 18.75 -62.16
C VAL B 212 -22.44 19.92 -62.15
N LEU B 213 -21.91 20.27 -60.97
CA LEU B 213 -20.95 21.36 -60.89
C LEU B 213 -19.68 21.02 -61.68
N LEU B 214 -19.23 19.77 -61.60
CA LEU B 214 -18.04 19.38 -62.34
C LEU B 214 -18.27 19.47 -63.85
N ASP B 215 -19.44 19.04 -64.31
CA ASP B 215 -19.75 19.18 -65.73
C ASP B 215 -19.80 20.65 -66.14
N ILE B 216 -20.38 21.50 -65.30
CA ILE B 216 -20.43 22.93 -65.61
C ILE B 216 -19.02 23.49 -65.72
N ALA B 217 -18.15 23.13 -64.77
CA ALA B 217 -16.77 23.60 -64.82
C ALA B 217 -16.07 23.10 -66.08
N GLU B 218 -16.34 21.86 -66.47
CA GLU B 218 -15.76 21.33 -67.69
C GLU B 218 -16.21 22.14 -68.91
N ARG B 219 -17.50 22.48 -68.96
CA ARG B 219 -18.00 23.28 -70.08
C ARG B 219 -17.34 24.65 -70.08
N THR B 220 -17.16 25.26 -68.91
CA THR B 220 -16.47 26.54 -68.84
C THR B 220 -14.99 26.42 -69.21
N GLY B 221 -14.45 25.21 -69.25
CA GLY B 221 -13.05 25.02 -69.60
C GLY B 221 -12.08 25.38 -68.50
N ASN B 222 -12.51 25.37 -67.24
CA ASN B 222 -11.68 25.73 -66.10
C ASN B 222 -11.78 24.66 -65.03
N MET B 223 -11.73 23.39 -65.44
CA MET B 223 -11.86 22.30 -64.47
C MET B 223 -10.61 22.16 -63.60
N ARG B 224 -9.43 22.23 -64.22
CA ARG B 224 -8.19 22.02 -63.47
C ARG B 224 -8.03 23.08 -62.37
N GLU B 225 -8.26 24.34 -62.72
CA GLU B 225 -8.15 25.41 -61.72
C GLU B 225 -9.22 25.26 -60.65
N PHE B 226 -10.44 24.87 -61.04
CA PHE B 226 -11.56 24.87 -60.11
C PHE B 226 -11.44 23.72 -59.11
N ILE B 227 -11.11 22.51 -59.57
CA ILE B 227 -11.12 21.35 -58.68
C ILE B 227 -10.09 21.52 -57.57
N ASN B 228 -8.88 21.94 -57.93
CA ASN B 228 -7.76 22.01 -56.99
C ASN B 228 -7.50 23.44 -56.54
N SER B 229 -8.53 24.23 -56.37
CA SER B 229 -8.36 25.60 -55.89
C SER B 229 -8.02 25.57 -54.40
N PRO B 230 -6.87 26.07 -53.98
CA PRO B 230 -6.49 25.99 -52.57
C PRO B 230 -7.13 27.09 -51.73
N PHE B 231 -7.37 26.76 -50.47
CA PHE B 231 -7.88 27.75 -49.53
C PHE B 231 -6.80 28.76 -49.18
N ARG B 232 -7.20 30.02 -49.05
CA ARG B 232 -6.31 31.08 -48.60
C ARG B 232 -6.40 31.19 -47.07
N ASP B 233 -5.89 32.30 -46.53
CA ASP B 233 -5.92 32.54 -45.09
C ASP B 233 -4.87 31.70 -44.37
N ILE B 234 -4.98 31.60 -43.06
CA ILE B 234 -3.95 31.00 -42.20
C ILE B 234 -4.37 29.63 -41.71
N TYR B 235 -5.56 29.52 -41.12
CA TYR B 235 -5.94 28.30 -40.42
C TYR B 235 -6.03 27.11 -41.37
N TYR B 236 -6.64 27.29 -42.53
CA TYR B 236 -6.88 26.21 -43.49
C TYR B 236 -6.14 26.44 -44.79
N ARG B 237 -4.90 26.90 -44.72
CA ARG B 237 -4.13 27.19 -45.93
C ARG B 237 -3.70 25.89 -46.60
N GLY B 238 -3.90 25.83 -47.92
CA GLY B 238 -3.50 24.69 -48.72
C GLY B 238 -4.52 23.60 -48.84
N GLN B 239 -5.56 23.61 -48.01
CA GLN B 239 -6.58 22.57 -48.07
C GLN B 239 -7.27 22.58 -49.42
N THR B 240 -7.59 21.40 -49.93
CA THR B 240 -8.22 21.23 -51.23
C THR B 240 -9.44 20.34 -51.09
N ALA B 241 -10.12 20.13 -52.21
CA ALA B 241 -11.31 19.28 -52.22
C ALA B 241 -10.95 17.82 -51.94
N LEU B 242 -9.80 17.36 -52.43
CA LEU B 242 -9.42 15.97 -52.26
C LEU B 242 -9.25 15.61 -50.79
N HIS B 243 -8.65 16.51 -50.01
CA HIS B 243 -8.49 16.25 -48.59
C HIS B 243 -9.85 16.08 -47.92
N ILE B 244 -10.81 16.94 -48.26
CA ILE B 244 -12.15 16.83 -47.68
C ILE B 244 -12.79 15.51 -48.09
N ALA B 245 -12.70 15.16 -49.37
CA ALA B 245 -13.31 13.92 -49.84
C ALA B 245 -12.74 12.72 -49.11
N ILE B 246 -11.42 12.71 -48.91
CA ILE B 246 -10.78 11.62 -48.18
C ILE B 246 -11.26 11.59 -46.74
N GLU B 247 -11.36 12.77 -46.12
CA GLU B 247 -11.74 12.83 -44.70
C GLU B 247 -13.14 12.28 -44.49
N ARG B 248 -14.09 12.64 -45.36
CA ARG B 248 -15.46 12.20 -45.18
C ARG B 248 -15.67 10.73 -45.49
N ARG B 249 -14.60 10.00 -45.82
CA ARG B 249 -14.65 8.54 -45.93
C ARG B 249 -15.54 8.08 -47.08
N CYS B 250 -15.69 8.91 -48.11
CA CYS B 250 -16.48 8.56 -49.29
C CYS B 250 -15.51 8.22 -50.42
N LYS B 251 -15.52 6.95 -50.84
CA LYS B 251 -14.64 6.51 -51.91
C LYS B 251 -15.08 7.04 -53.27
N HIS B 252 -16.39 7.19 -53.48
CA HIS B 252 -16.89 7.58 -54.79
C HIS B 252 -16.39 8.95 -55.20
N TYR B 253 -16.47 9.92 -54.30
CA TYR B 253 -16.02 11.27 -54.63
C TYR B 253 -14.50 11.31 -54.81
N VAL B 254 -13.77 10.50 -54.05
CA VAL B 254 -12.32 10.42 -54.26
C VAL B 254 -12.02 9.94 -55.66
N GLU B 255 -12.68 8.86 -56.08
CA GLU B 255 -12.48 8.36 -57.44
C GLU B 255 -12.82 9.43 -58.46
N LEU B 256 -13.94 10.12 -58.27
CA LEU B 256 -14.37 11.13 -59.23
C LEU B 256 -13.33 12.25 -59.34
N LEU B 257 -12.90 12.80 -58.20
CA LEU B 257 -11.94 13.88 -58.22
C LEU B 257 -10.62 13.45 -58.84
N VAL B 258 -10.15 12.25 -58.50
CA VAL B 258 -8.88 11.78 -59.05
C VAL B 258 -8.98 11.60 -60.55
N ALA B 259 -10.08 11.01 -61.03
CA ALA B 259 -10.25 10.78 -62.46
C ALA B 259 -10.35 12.11 -63.20
N GLN B 260 -11.07 13.08 -62.65
CA GLN B 260 -11.24 14.36 -63.33
C GLN B 260 -9.97 15.18 -63.41
N GLY B 261 -8.93 14.79 -62.67
CA GLY B 261 -7.66 15.47 -62.70
C GLY B 261 -7.27 16.19 -61.42
N ALA B 262 -7.83 15.81 -60.28
CA ALA B 262 -7.49 16.46 -59.02
C ALA B 262 -6.03 16.18 -58.66
N ASP B 263 -5.34 17.22 -58.21
CA ASP B 263 -3.96 17.06 -57.77
C ASP B 263 -3.91 16.14 -56.55
N VAL B 264 -2.93 15.24 -56.55
CA VAL B 264 -2.79 14.26 -55.48
C VAL B 264 -1.60 14.54 -54.58
N HIS B 265 -0.74 15.50 -54.92
CA HIS B 265 0.41 15.86 -54.10
C HIS B 265 0.23 17.20 -53.40
N ALA B 266 -0.99 17.75 -53.40
CA ALA B 266 -1.22 19.04 -52.76
C ALA B 266 -0.97 18.93 -51.26
N GLN B 267 -0.33 19.96 -50.71
CA GLN B 267 0.06 20.00 -49.32
C GLN B 267 -0.80 20.99 -48.56
N ALA B 268 -1.32 20.56 -47.41
CA ALA B 268 -2.09 21.41 -46.51
C ALA B 268 -1.18 21.88 -45.37
N ARG B 269 -0.97 23.19 -45.29
CA ARG B 269 0.00 23.76 -44.36
C ARG B 269 -0.64 24.74 -43.39
N GLY B 270 -1.95 24.69 -43.20
CA GLY B 270 -2.60 25.59 -42.27
C GLY B 270 -2.23 25.29 -40.84
N ARG B 271 -2.36 26.33 -40.00
CA ARG B 271 -2.02 26.17 -38.59
C ARG B 271 -2.86 25.10 -37.91
N PHE B 272 -4.10 24.91 -38.37
CA PHE B 272 -4.95 23.87 -37.80
C PHE B 272 -4.35 22.49 -38.03
N PHE B 273 -3.64 22.30 -39.14
CA PHE B 273 -3.07 21.01 -39.49
C PHE B 273 -1.70 20.77 -38.87
N GLN B 274 -1.16 21.75 -38.14
CA GLN B 274 0.14 21.62 -37.52
C GLN B 274 0.06 20.73 -36.28
N PRO B 275 1.21 20.26 -35.78
CA PRO B 275 1.20 19.36 -34.62
C PRO B 275 0.48 19.99 -33.43
N LYS B 276 0.19 19.14 -32.45
CA LYS B 276 -0.55 19.58 -31.27
C LYS B 276 0.22 20.64 -30.50
N ASP B 277 1.50 20.39 -30.20
CA ASP B 277 2.26 21.31 -29.38
C ASP B 277 2.50 22.64 -30.07
N GLU B 278 2.35 22.71 -31.38
CA GLU B 278 2.61 23.94 -32.13
C GLU B 278 1.38 24.83 -32.26
N GLY B 279 0.18 24.26 -32.15
CA GLY B 279 -1.04 25.05 -32.24
C GLY B 279 -2.12 24.42 -33.10
N GLY B 280 -1.76 23.40 -33.87
CA GLY B 280 -2.71 22.69 -34.71
C GLY B 280 -3.22 21.46 -34.03
N TYR B 281 -4.54 21.28 -34.05
CA TYR B 281 -5.18 20.21 -33.31
C TYR B 281 -5.04 18.84 -33.98
N PHE B 282 -4.60 18.78 -35.23
CA PHE B 282 -4.49 17.51 -35.93
C PHE B 282 -3.35 17.60 -36.93
N TYR B 283 -2.50 16.57 -36.96
CA TYR B 283 -1.38 16.49 -37.89
C TYR B 283 -1.39 15.13 -38.56
N PHE B 284 -1.24 15.12 -39.89
CA PHE B 284 -1.32 13.87 -40.64
C PHE B 284 -0.28 13.80 -41.76
N GLY B 285 0.78 14.62 -41.71
CA GLY B 285 1.81 14.60 -42.72
C GLY B 285 1.57 15.54 -43.88
N GLU B 286 0.40 16.19 -43.96
CA GLU B 286 0.13 17.20 -44.98
C GLU B 286 0.16 16.61 -46.38
N LEU B 287 -0.54 15.49 -46.55
CA LEU B 287 -0.64 14.83 -47.84
C LEU B 287 -1.94 14.05 -47.91
N PRO B 288 -2.50 13.84 -49.10
CA PRO B 288 -3.72 13.03 -49.19
C PRO B 288 -3.53 11.58 -48.76
N LEU B 289 -2.51 10.92 -49.32
CA LEU B 289 -2.30 9.51 -48.97
C LEU B 289 -1.97 9.36 -47.49
N SER B 290 -1.15 10.26 -46.94
CA SER B 290 -0.86 10.21 -45.52
C SER B 290 -2.11 10.42 -44.69
N LEU B 291 -2.97 11.36 -45.12
CA LEU B 291 -4.22 11.59 -44.40
C LEU B 291 -5.10 10.34 -44.41
N ALA B 292 -5.19 9.67 -45.56
CA ALA B 292 -5.98 8.45 -45.63
C ALA B 292 -5.40 7.37 -44.73
N ALA B 293 -4.08 7.23 -44.73
CA ALA B 293 -3.44 6.20 -43.90
C ALA B 293 -3.66 6.47 -42.43
N CYS B 294 -3.55 7.73 -42.00
CA CYS B 294 -3.70 8.06 -40.59
C CYS B 294 -5.14 7.93 -40.11
N THR B 295 -6.11 7.90 -41.03
CA THR B 295 -7.52 7.81 -40.67
C THR B 295 -8.07 6.39 -40.76
N ASN B 296 -7.20 5.40 -40.95
CA ASN B 296 -7.61 3.99 -41.00
C ASN B 296 -8.63 3.75 -42.12
N GLN B 297 -8.18 3.97 -43.35
CA GLN B 297 -8.98 3.74 -44.55
C GLN B 297 -8.15 2.92 -45.53
N PRO B 298 -7.96 1.62 -45.27
CA PRO B 298 -7.11 0.82 -46.15
C PRO B 298 -7.56 0.83 -47.60
N HIS B 299 -8.87 0.82 -47.85
CA HIS B 299 -9.35 0.78 -49.24
C HIS B 299 -8.95 2.04 -49.98
N ILE B 300 -9.08 3.21 -49.35
CA ILE B 300 -8.70 4.45 -50.00
C ILE B 300 -7.22 4.45 -50.32
N VAL B 301 -6.39 4.00 -49.38
CA VAL B 301 -4.95 3.97 -49.61
C VAL B 301 -4.63 3.03 -50.76
N ASN B 302 -5.24 1.85 -50.78
CA ASN B 302 -4.99 0.90 -51.85
C ASN B 302 -5.36 1.48 -53.20
N TYR B 303 -6.53 2.11 -53.29
CA TYR B 303 -6.95 2.70 -54.57
C TYR B 303 -6.02 3.82 -54.99
N LEU B 304 -5.66 4.69 -54.04
CA LEU B 304 -4.86 5.87 -54.39
C LEU B 304 -3.45 5.48 -54.81
N THR B 305 -2.89 4.46 -54.16
CA THR B 305 -1.54 4.02 -54.51
C THR B 305 -1.47 3.51 -55.95
N GLU B 306 -2.46 2.72 -56.36
CA GLU B 306 -2.50 2.13 -57.69
C GLU B 306 -3.79 2.60 -58.37
N ASN B 307 -3.68 3.62 -59.21
CA ASN B 307 -4.80 4.12 -59.98
C ASN B 307 -4.36 4.33 -61.43
N PRO B 308 -5.22 4.03 -62.40
CA PRO B 308 -4.82 4.23 -63.80
C PRO B 308 -4.58 5.69 -64.18
N HIS B 309 -5.11 6.63 -63.41
CA HIS B 309 -4.98 8.05 -63.74
C HIS B 309 -3.75 8.66 -63.10
N LYS B 310 -3.64 8.56 -61.78
CA LYS B 310 -2.52 9.13 -61.04
C LYS B 310 -2.18 8.22 -59.87
N LYS B 311 -0.93 8.30 -59.43
CA LYS B 311 -0.43 7.51 -58.33
C LYS B 311 0.31 8.40 -57.35
N ALA B 312 0.11 8.16 -56.06
CA ALA B 312 0.77 8.90 -55.00
C ALA B 312 1.92 8.05 -54.48
N ASP B 313 3.14 8.41 -54.87
CA ASP B 313 4.31 7.67 -54.42
C ASP B 313 4.44 7.74 -52.90
N MET B 314 4.69 6.59 -52.28
CA MET B 314 4.78 6.53 -50.83
C MET B 314 6.04 7.18 -50.29
N ARG B 315 7.07 7.31 -51.11
CA ARG B 315 8.32 7.95 -50.69
C ARG B 315 8.31 9.43 -51.08
N ARG B 316 7.34 10.15 -50.51
CA ARG B 316 7.13 11.56 -50.76
C ARG B 316 7.18 12.30 -49.43
N GLN B 317 7.93 13.41 -49.40
CA GLN B 317 8.17 14.15 -48.18
C GLN B 317 7.48 15.51 -48.27
N ASP B 318 6.91 15.94 -47.14
CA ASP B 318 6.26 17.24 -47.04
C ASP B 318 7.31 18.30 -46.72
N SER B 319 6.86 19.50 -46.36
CA SER B 319 7.80 20.55 -46.00
C SER B 319 8.65 20.15 -44.80
N ARG B 320 8.03 19.54 -43.79
CA ARG B 320 8.75 19.09 -42.62
C ARG B 320 9.74 17.98 -42.95
N GLY B 321 9.57 17.31 -44.09
CA GLY B 321 10.36 16.15 -44.43
C GLY B 321 9.73 14.83 -44.04
N ASN B 322 8.70 14.86 -43.20
CA ASN B 322 8.04 13.62 -42.78
C ASN B 322 7.31 12.97 -43.95
N THR B 323 7.53 11.67 -44.11
CA THR B 323 6.84 10.88 -45.10
C THR B 323 5.66 10.16 -44.44
N VAL B 324 5.04 9.23 -45.18
CA VAL B 324 3.83 8.59 -44.68
C VAL B 324 4.10 7.86 -43.38
N LEU B 325 5.22 7.14 -43.30
CA LEU B 325 5.56 6.43 -42.07
C LEU B 325 5.80 7.41 -40.94
N HIS B 326 6.46 8.53 -41.22
CA HIS B 326 6.70 9.54 -40.19
C HIS B 326 5.37 10.04 -39.62
N ALA B 327 4.43 10.37 -40.50
CA ALA B 327 3.14 10.87 -40.03
C ALA B 327 2.38 9.79 -39.26
N LEU B 328 2.44 8.55 -39.75
CA LEU B 328 1.75 7.46 -39.08
C LEU B 328 2.29 7.28 -37.66
N VAL B 329 3.61 7.39 -37.50
CA VAL B 329 4.19 7.33 -36.16
C VAL B 329 3.77 8.54 -35.34
N ALA B 330 3.67 9.72 -35.97
CA ALA B 330 3.35 10.93 -35.23
C ALA B 330 1.99 10.83 -34.57
N ILE B 331 0.98 10.31 -35.28
CA ILE B 331 -0.34 10.16 -34.71
C ILE B 331 -0.49 8.87 -33.91
N ALA B 332 0.53 8.02 -33.88
CA ALA B 332 0.44 6.77 -33.15
C ALA B 332 0.25 7.06 -31.67
N ASP B 333 -0.53 6.20 -31.01
CA ASP B 333 -0.83 6.33 -29.61
C ASP B 333 -0.64 4.98 -28.92
N ASN B 334 -0.43 5.03 -27.62
CA ASN B 334 -0.20 3.83 -26.83
C ASN B 334 -1.49 3.11 -26.47
N THR B 335 -2.64 3.61 -26.92
CA THR B 335 -3.91 2.97 -26.62
C THR B 335 -4.00 1.62 -27.33
N ARG B 336 -4.85 0.75 -26.77
CA ARG B 336 -4.95 -0.62 -27.26
C ARG B 336 -5.46 -0.65 -28.70
N GLU B 337 -6.50 0.13 -28.99
CA GLU B 337 -7.10 0.10 -30.33
C GLU B 337 -6.23 0.80 -31.35
N ASN B 338 -5.65 1.95 -30.99
CA ASN B 338 -4.88 2.73 -31.95
C ASN B 338 -3.65 1.96 -32.43
N THR B 339 -2.97 1.29 -31.51
CA THR B 339 -1.72 0.62 -31.87
C THR B 339 -1.94 -0.47 -32.91
N LYS B 340 -3.02 -1.24 -32.77
CA LYS B 340 -3.26 -2.34 -33.70
C LYS B 340 -3.36 -1.81 -35.13
N PHE B 341 -4.23 -0.82 -35.35
CA PHE B 341 -4.41 -0.31 -36.71
C PHE B 341 -3.17 0.43 -37.18
N VAL B 342 -2.46 1.13 -36.30
CA VAL B 342 -1.22 1.79 -36.71
C VAL B 342 -0.22 0.78 -37.23
N THR B 343 0.00 -0.30 -36.48
CA THR B 343 0.94 -1.32 -36.91
C THR B 343 0.48 -1.99 -38.20
N LYS B 344 -0.81 -2.28 -38.31
CA LYS B 344 -1.31 -2.93 -39.51
C LYS B 344 -1.08 -2.07 -40.74
N MET B 345 -1.42 -0.78 -40.65
CA MET B 345 -1.23 0.12 -41.77
C MET B 345 0.24 0.30 -42.09
N TYR B 346 1.08 0.41 -41.06
CA TYR B 346 2.52 0.56 -41.27
C TYR B 346 3.07 -0.63 -42.04
N ASP B 347 2.73 -1.84 -41.61
CA ASP B 347 3.22 -3.04 -42.29
C ASP B 347 2.70 -3.10 -43.72
N LEU B 348 1.41 -2.81 -43.92
CA LEU B 348 0.85 -2.87 -45.26
C LEU B 348 1.56 -1.90 -46.19
N LEU B 349 1.75 -0.67 -45.73
CA LEU B 349 2.36 0.35 -46.59
C LEU B 349 3.82 0.03 -46.87
N LEU B 350 4.55 -0.44 -45.85
CA LEU B 350 5.94 -0.81 -46.07
C LEU B 350 6.06 -1.96 -47.06
N LEU B 351 5.20 -2.96 -46.93
CA LEU B 351 5.24 -4.08 -47.87
C LEU B 351 4.91 -3.63 -49.28
N LYS B 352 3.91 -2.76 -49.44
CA LYS B 352 3.58 -2.27 -50.77
C LYS B 352 4.74 -1.49 -51.37
N CYS B 353 5.37 -0.62 -50.58
CA CYS B 353 6.48 0.16 -51.10
C CYS B 353 7.64 -0.73 -51.50
N ALA B 354 7.96 -1.73 -50.67
CA ALA B 354 9.04 -2.64 -51.02
C ALA B 354 8.71 -3.43 -52.28
N ARG B 355 7.46 -3.89 -52.40
CA ARG B 355 7.06 -4.67 -53.56
C ARG B 355 7.18 -3.86 -54.83
N LEU B 356 6.71 -2.60 -54.80
CA LEU B 356 6.73 -1.79 -56.01
C LEU B 356 8.15 -1.36 -56.36
N PHE B 357 8.92 -0.94 -55.37
CA PHE B 357 10.32 -0.55 -55.57
C PHE B 357 11.22 -1.48 -54.76
N PRO B 358 11.82 -2.50 -55.38
CA PRO B 358 12.69 -3.41 -54.61
C PRO B 358 14.05 -2.83 -54.28
N ASP B 359 14.53 -1.85 -55.04
CA ASP B 359 15.89 -1.35 -54.83
C ASP B 359 15.98 -0.52 -53.55
N SER B 360 15.00 0.35 -53.31
CA SER B 360 15.06 1.29 -52.20
C SER B 360 14.16 0.82 -51.06
N ASN B 361 14.63 1.02 -49.83
CA ASN B 361 13.87 0.72 -48.63
C ASN B 361 13.24 2.00 -48.10
N LEU B 362 11.95 1.95 -47.80
CA LEU B 362 11.23 3.15 -47.43
C LEU B 362 11.74 3.74 -46.11
N GLU B 363 12.05 2.88 -45.15
CA GLU B 363 12.50 3.36 -43.84
C GLU B 363 13.81 4.14 -43.93
N ALA B 364 14.55 3.98 -45.03
CA ALA B 364 15.83 4.67 -45.15
C ALA B 364 15.65 6.19 -45.19
N VAL B 365 14.55 6.66 -45.77
CA VAL B 365 14.35 8.10 -45.92
C VAL B 365 14.35 8.77 -44.57
N LEU B 366 14.96 9.95 -44.50
CA LEU B 366 15.04 10.73 -43.28
C LEU B 366 14.37 12.08 -43.48
N ASN B 367 13.88 12.65 -42.38
CA ASN B 367 13.24 13.95 -42.42
C ASN B 367 14.30 15.05 -42.32
N ASN B 368 13.83 16.30 -42.24
CA ASN B 368 14.75 17.42 -42.12
C ASN B 368 15.55 17.34 -40.82
N ASP B 369 14.91 16.89 -39.74
CA ASP B 369 15.61 16.71 -38.47
C ASP B 369 16.65 15.61 -38.53
N GLY B 370 16.64 14.77 -39.56
CA GLY B 370 17.59 13.69 -39.70
C GLY B 370 17.16 12.38 -39.09
N LEU B 371 15.99 12.33 -38.45
CA LEU B 371 15.53 11.12 -37.79
C LEU B 371 14.77 10.23 -38.77
N SER B 372 14.69 8.95 -38.43
CA SER B 372 13.94 7.95 -39.14
C SER B 372 12.71 7.55 -38.32
N PRO B 373 11.77 6.81 -38.91
CA PRO B 373 10.57 6.43 -38.16
C PRO B 373 10.88 5.71 -36.85
N LEU B 374 11.88 4.82 -36.87
CA LEU B 374 12.29 4.16 -35.64
C LEU B 374 12.84 5.16 -34.64
N MET B 375 13.75 6.03 -35.10
CA MET B 375 14.35 7.01 -34.21
C MET B 375 13.31 8.01 -33.71
N MET B 376 12.40 8.43 -34.57
CA MET B 376 11.37 9.37 -34.15
C MET B 376 10.43 8.72 -33.13
N ALA B 377 10.07 7.46 -33.34
CA ALA B 377 9.24 6.76 -32.37
C ALA B 377 9.97 6.64 -31.03
N ALA B 378 11.26 6.34 -31.06
CA ALA B 378 12.03 6.26 -29.82
C ALA B 378 12.07 7.62 -29.12
N LYS B 379 12.27 8.69 -29.88
CA LYS B 379 12.38 10.02 -29.29
C LYS B 379 11.05 10.50 -28.72
N THR B 380 9.95 10.15 -29.38
CA THR B 380 8.63 10.58 -28.96
C THR B 380 8.05 9.73 -27.84
N GLY B 381 8.64 8.57 -27.56
CA GLY B 381 8.16 7.74 -26.48
C GLY B 381 6.96 6.89 -26.81
N LYS B 382 6.80 6.52 -28.09
CA LYS B 382 5.67 5.69 -28.53
C LYS B 382 6.14 4.24 -28.58
N ILE B 383 5.96 3.54 -27.45
CA ILE B 383 6.43 2.16 -27.34
C ILE B 383 5.65 1.23 -28.26
N GLY B 384 4.36 1.50 -28.46
CA GLY B 384 3.52 0.53 -29.17
C GLY B 384 4.05 0.20 -30.55
N ILE B 385 4.42 1.23 -31.31
CA ILE B 385 4.97 0.99 -32.64
C ILE B 385 6.46 0.64 -32.56
N PHE B 386 7.16 1.17 -31.57
CA PHE B 386 8.60 0.94 -31.46
C PHE B 386 8.90 -0.55 -31.27
N GLN B 387 8.24 -1.18 -30.30
CA GLN B 387 8.50 -2.58 -30.02
C GLN B 387 8.20 -3.44 -31.25
N HIS B 388 7.10 -3.14 -31.93
CA HIS B 388 6.74 -3.89 -33.14
C HIS B 388 7.81 -3.72 -34.21
N ILE B 389 8.32 -2.50 -34.39
CA ILE B 389 9.34 -2.27 -35.41
C ILE B 389 10.61 -3.04 -35.08
N ILE B 390 10.95 -3.10 -33.79
CA ILE B 390 12.19 -3.77 -33.40
C ILE B 390 12.15 -5.24 -33.78
N ARG B 391 11.03 -5.90 -33.52
CA ARG B 391 10.89 -7.34 -33.73
C ARG B 391 10.06 -7.65 -34.98
N ARG B 392 10.21 -6.85 -36.02
CA ARG B 392 9.46 -7.09 -37.25
C ARG B 392 10.01 -8.33 -37.96
N GLU B 393 9.11 -9.27 -38.26
CA GLU B 393 9.45 -10.49 -38.97
C GLU B 393 8.46 -10.68 -40.11
N VAL B 394 8.98 -10.98 -41.30
CA VAL B 394 8.17 -11.15 -42.50
C VAL B 394 8.26 -12.60 -42.94
N THR B 395 7.11 -13.26 -43.00
CA THR B 395 7.07 -14.66 -43.45
C THR B 395 7.19 -14.76 -44.97
N ASP B 396 6.77 -13.74 -45.70
CA ASP B 396 6.79 -13.80 -47.16
C ASP B 396 8.21 -14.02 -47.66
N GLU B 397 8.36 -14.97 -48.59
CA GLU B 397 9.69 -15.26 -49.14
C GLU B 397 10.18 -14.13 -50.04
N ASP B 398 9.27 -13.52 -50.80
CA ASP B 398 9.68 -12.52 -51.78
C ASP B 398 10.33 -11.31 -51.10
N THR B 399 9.77 -10.87 -49.98
CA THR B 399 10.21 -9.64 -49.32
C THR B 399 10.47 -9.90 -47.83
N ARG B 400 11.16 -11.00 -47.54
CA ARG B 400 11.58 -11.30 -46.18
C ARG B 400 12.89 -10.63 -45.81
N HIS B 401 13.56 -9.99 -46.77
CA HIS B 401 14.86 -9.38 -46.48
C HIS B 401 14.71 -8.22 -45.49
N LEU B 402 13.64 -7.44 -45.61
CA LEU B 402 13.46 -6.28 -44.76
C LEU B 402 13.05 -6.63 -43.34
N SER B 403 12.99 -7.91 -42.99
CA SER B 403 12.68 -8.29 -41.62
C SER B 403 13.84 -7.95 -40.69
N ARG B 404 13.51 -7.74 -39.41
CA ARG B 404 14.48 -7.35 -38.41
C ARG B 404 14.74 -8.43 -37.36
N LYS B 405 13.90 -9.47 -37.31
CA LYS B 405 14.06 -10.56 -36.36
C LYS B 405 14.08 -11.87 -37.14
N PHE B 406 15.14 -12.65 -36.96
CA PHE B 406 15.30 -13.94 -37.62
C PHE B 406 15.36 -15.05 -36.58
N LYS B 407 15.12 -16.27 -37.04
CA LYS B 407 15.20 -17.46 -36.20
C LYS B 407 16.51 -18.18 -36.46
N ASP B 408 17.27 -18.43 -35.39
CA ASP B 408 18.57 -19.08 -35.52
C ASP B 408 18.44 -20.59 -35.43
N TRP B 409 17.93 -21.10 -34.32
CA TRP B 409 17.70 -22.55 -34.20
C TRP B 409 16.99 -22.85 -32.89
N ALA B 410 16.32 -23.99 -32.86
CA ALA B 410 15.59 -24.45 -31.69
C ALA B 410 16.10 -25.82 -31.28
N TYR B 411 16.48 -25.95 -30.01
CA TYR B 411 16.83 -27.23 -29.41
C TYR B 411 15.91 -27.43 -28.21
N GLY B 412 14.95 -28.33 -28.35
CA GLY B 412 13.98 -28.57 -27.32
C GLY B 412 13.28 -27.30 -26.92
N PRO B 413 13.05 -27.12 -25.61
CA PRO B 413 12.43 -25.88 -25.14
C PRO B 413 13.25 -24.63 -25.43
N VAL B 414 14.54 -24.78 -25.69
CA VAL B 414 15.41 -23.63 -25.92
C VAL B 414 15.23 -23.15 -27.36
N TYR B 415 15.00 -21.85 -27.52
CA TYR B 415 14.88 -21.23 -28.84
C TYR B 415 15.83 -20.05 -28.92
N SER B 416 16.70 -20.06 -29.92
CA SER B 416 17.68 -19.00 -30.14
C SER B 416 17.30 -18.26 -31.42
N SER B 417 17.11 -16.95 -31.30
CA SER B 417 16.70 -16.08 -32.40
C SER B 417 17.71 -14.96 -32.56
N LEU B 418 17.86 -14.51 -33.81
CA LEU B 418 18.93 -13.61 -34.21
C LEU B 418 18.32 -12.27 -34.61
N TYR B 419 18.36 -11.30 -33.70
CA TYR B 419 17.87 -9.96 -33.99
C TYR B 419 18.88 -9.20 -34.84
N ASP B 420 18.41 -8.11 -35.43
CA ASP B 420 19.23 -7.22 -36.24
C ASP B 420 19.33 -5.86 -35.56
N LEU B 421 20.53 -5.29 -35.56
CA LEU B 421 20.78 -4.00 -34.93
C LEU B 421 21.66 -3.14 -35.84
N SER B 422 21.36 -3.15 -37.13
CA SER B 422 22.17 -2.37 -38.07
C SER B 422 22.15 -0.89 -37.70
N SER B 423 20.98 -0.34 -37.40
CA SER B 423 20.84 1.05 -36.99
C SER B 423 20.54 1.22 -35.51
N LEU B 424 20.29 0.13 -34.78
CA LEU B 424 19.99 0.24 -33.37
C LEU B 424 21.22 0.65 -32.57
N ASP B 425 22.40 0.23 -33.01
CA ASP B 425 23.66 0.60 -32.38
C ASP B 425 24.62 1.09 -33.44
N THR B 426 25.19 2.27 -33.21
CA THR B 426 26.12 2.89 -34.16
C THR B 426 27.38 3.33 -33.42
N CYS B 427 28.53 3.04 -34.00
CA CYS B 427 29.82 3.41 -33.43
C CYS B 427 30.28 4.79 -33.92
N GLY B 428 29.40 5.78 -33.76
CA GLY B 428 29.70 7.13 -34.19
C GLY B 428 29.41 7.42 -35.65
N GLU B 429 29.13 6.40 -36.46
CA GLU B 429 28.82 6.64 -37.86
C GLU B 429 27.55 7.45 -38.02
N GLU B 430 26.53 7.14 -37.23
CA GLU B 430 25.27 7.87 -37.27
C GLU B 430 24.60 7.78 -35.91
N ALA B 431 23.60 8.61 -35.70
CA ALA B 431 22.86 8.60 -34.44
C ALA B 431 22.24 7.23 -34.21
N SER B 432 22.26 6.79 -32.95
CA SER B 432 21.76 5.49 -32.57
C SER B 432 20.50 5.62 -31.73
N VAL B 433 19.64 4.61 -31.82
CA VAL B 433 18.40 4.61 -31.05
C VAL B 433 18.70 4.63 -29.56
N LEU B 434 19.76 3.92 -29.15
CA LEU B 434 20.06 3.79 -27.74
C LEU B 434 20.43 5.13 -27.11
N GLU B 435 21.30 5.90 -27.78
CA GLU B 435 21.70 7.19 -27.25
C GLU B 435 20.51 8.14 -27.16
N ILE B 436 19.67 8.16 -28.19
CA ILE B 436 18.51 9.03 -28.17
C ILE B 436 17.57 8.63 -27.05
N LEU B 437 17.36 7.33 -26.87
CA LEU B 437 16.46 6.85 -25.83
C LEU B 437 16.97 7.21 -24.44
N VAL B 438 18.28 7.14 -24.24
CA VAL B 438 18.84 7.35 -22.91
C VAL B 438 18.99 8.84 -22.60
N TYR B 439 19.79 9.54 -23.40
CA TYR B 439 20.19 10.89 -23.04
C TYR B 439 19.02 11.86 -23.07
N ASN B 440 18.11 11.71 -24.05
CA ASN B 440 17.04 12.68 -24.20
C ASN B 440 16.15 12.70 -22.96
N SER B 441 15.60 13.87 -22.67
CA SER B 441 14.79 14.12 -21.49
C SER B 441 13.32 14.26 -21.89
N LYS B 442 12.45 14.04 -20.90
CA LYS B 442 11.01 14.21 -21.09
C LYS B 442 10.46 13.19 -22.08
N ILE B 443 10.75 11.92 -21.82
CA ILE B 443 10.23 10.81 -22.62
C ILE B 443 9.20 10.07 -21.78
N GLU B 444 8.02 9.84 -22.36
CA GLU B 444 6.89 9.31 -21.59
C GLU B 444 7.19 7.93 -21.02
N ASN B 445 7.72 7.03 -21.84
CA ASN B 445 7.89 5.63 -21.48
C ASN B 445 9.32 5.17 -21.72
N ARG B 446 10.28 5.97 -21.26
CA ARG B 446 11.68 5.62 -21.44
C ARG B 446 12.01 4.30 -20.74
N HIS B 447 11.54 4.16 -19.49
CA HIS B 447 11.87 2.97 -18.72
C HIS B 447 11.31 1.71 -19.36
N GLU B 448 10.09 1.80 -19.90
CA GLU B 448 9.49 0.63 -20.52
C GLU B 448 10.19 0.30 -21.84
N MET B 449 10.53 1.32 -22.62
CA MET B 449 11.20 1.09 -23.90
C MET B 449 12.61 0.54 -23.70
N LEU B 450 13.24 0.85 -22.57
CA LEU B 450 14.55 0.27 -22.30
C LEU B 450 14.46 -1.23 -22.04
N ALA B 451 13.32 -1.72 -21.58
CA ALA B 451 13.15 -3.13 -21.25
C ALA B 451 12.56 -3.89 -22.43
N VAL B 452 13.40 -4.08 -23.44
CA VAL B 452 13.04 -4.83 -24.64
C VAL B 452 14.12 -5.90 -24.86
N GLU B 453 13.74 -6.92 -25.61
CA GLU B 453 14.57 -8.13 -25.70
C GLU B 453 16.01 -7.86 -26.11
N PRO B 454 16.30 -7.08 -27.15
CA PRO B 454 17.69 -6.94 -27.59
C PRO B 454 18.46 -5.87 -26.80
N ILE B 455 17.75 -4.86 -26.31
CA ILE B 455 18.42 -3.74 -25.64
C ILE B 455 19.14 -4.24 -24.39
N ASN B 456 18.46 -5.02 -23.57
CA ASN B 456 19.05 -5.49 -22.31
C ASN B 456 20.27 -6.36 -22.59
N GLU B 457 20.15 -7.29 -23.54
CA GLU B 457 21.27 -8.17 -23.85
C GLU B 457 22.45 -7.39 -24.42
N LEU B 458 22.18 -6.41 -25.28
CA LEU B 458 23.27 -5.61 -25.83
C LEU B 458 23.98 -4.83 -24.74
N LEU B 459 23.21 -4.23 -23.82
CA LEU B 459 23.84 -3.50 -22.72
C LEU B 459 24.67 -4.44 -21.86
N ARG B 460 24.14 -5.64 -21.57
CA ARG B 460 24.88 -6.59 -20.76
C ARG B 460 26.19 -6.99 -21.42
N ASP B 461 26.14 -7.31 -22.72
CA ASP B 461 27.35 -7.71 -23.43
C ASP B 461 28.36 -6.57 -23.49
N LYS B 462 27.88 -5.35 -23.76
CA LYS B 462 28.78 -4.21 -23.82
C LYS B 462 29.45 -3.97 -22.47
N TRP B 463 28.68 -4.09 -21.39
CA TRP B 463 29.25 -3.91 -20.05
C TRP B 463 30.29 -4.97 -19.75
N ARG B 464 30.00 -6.24 -20.08
CA ARG B 464 30.94 -7.30 -19.79
C ARG B 464 32.21 -7.16 -20.62
N LYS B 465 32.08 -6.78 -21.88
CA LYS B 465 33.24 -6.80 -22.79
C LYS B 465 34.31 -5.84 -22.32
N PHE B 466 33.95 -4.57 -22.09
CA PHE B 466 34.94 -3.57 -21.70
C PHE B 466 34.50 -2.62 -20.59
N GLY B 467 33.21 -2.54 -20.25
CA GLY B 467 32.78 -1.53 -19.31
C GLY B 467 33.39 -1.69 -17.94
N ALA B 468 33.36 -2.92 -17.40
CA ALA B 468 33.90 -3.15 -16.07
C ALA B 468 35.40 -2.92 -16.03
N VAL B 469 36.11 -3.29 -17.10
CA VAL B 469 37.56 -3.15 -17.12
C VAL B 469 37.95 -1.69 -16.96
N SER B 470 37.28 -0.79 -17.69
CA SER B 470 37.66 0.61 -17.68
C SER B 470 37.02 1.40 -16.55
N PHE B 471 35.90 0.94 -16.00
CA PHE B 471 35.25 1.67 -14.92
C PHE B 471 36.15 1.72 -13.67
N TYR B 472 36.73 0.57 -13.31
CA TYR B 472 37.59 0.54 -12.13
C TYR B 472 38.89 1.31 -12.37
N ILE B 473 39.41 1.27 -13.59
CA ILE B 473 40.56 2.11 -13.95
C ILE B 473 40.20 3.57 -13.74
N ASN B 474 39.01 3.96 -14.17
CA ASN B 474 38.52 5.31 -13.98
C ASN B 474 38.52 5.68 -12.50
N VAL B 475 37.92 4.82 -11.67
CA VAL B 475 37.81 5.12 -10.25
C VAL B 475 39.19 5.27 -9.62
N VAL B 476 40.08 4.34 -9.93
CA VAL B 476 41.42 4.36 -9.34
C VAL B 476 42.16 5.63 -9.73
N SER B 477 42.12 5.98 -11.02
CA SER B 477 42.84 7.17 -11.47
C SER B 477 42.28 8.42 -10.82
N TYR B 478 40.95 8.55 -10.78
CA TYR B 478 40.37 9.76 -10.20
C TYR B 478 40.68 9.87 -8.71
N LEU B 479 40.59 8.76 -7.98
CA LEU B 479 40.89 8.79 -6.56
C LEU B 479 42.36 9.13 -6.31
N CYS B 480 43.26 8.58 -7.13
CA CYS B 480 44.67 8.91 -6.98
C CYS B 480 44.92 10.39 -7.23
N ALA B 481 44.29 10.94 -8.27
CA ALA B 481 44.45 12.36 -8.55
C ALA B 481 43.92 13.21 -7.39
N MET B 482 42.78 12.81 -6.81
CA MET B 482 42.22 13.56 -5.69
C MET B 482 43.14 13.49 -4.48
N VAL B 483 43.72 12.32 -4.21
CA VAL B 483 44.64 12.19 -3.09
C VAL B 483 45.85 13.10 -3.31
N ILE B 484 46.39 13.11 -4.53
CA ILE B 484 47.52 13.98 -4.84
C ILE B 484 47.14 15.44 -4.62
N PHE B 485 45.94 15.82 -5.07
CA PHE B 485 45.49 17.20 -4.90
C PHE B 485 45.37 17.56 -3.42
N THR B 486 44.83 16.64 -2.62
CA THR B 486 44.70 16.90 -1.18
C THR B 486 46.07 17.07 -0.53
N LEU B 487 47.02 16.20 -0.87
CA LEU B 487 48.36 16.32 -0.31
C LEU B 487 49.01 17.64 -0.72
N THR B 488 48.83 18.04 -1.98
CA THR B 488 49.35 19.32 -2.41
C THR B 488 48.72 20.46 -1.63
N ALA B 489 47.41 20.40 -1.41
CA ALA B 489 46.73 21.47 -0.68
C ALA B 489 47.21 21.57 0.75
N TYR B 490 47.39 20.42 1.41
CA TYR B 490 47.82 20.44 2.81
C TYR B 490 49.20 21.08 2.94
N TYR B 491 50.18 20.60 2.17
CA TYR B 491 51.55 21.09 2.26
C TYR B 491 51.69 22.34 1.39
N GLN B 492 50.98 23.39 1.81
CA GLN B 492 51.00 24.67 1.12
C GLN B 492 51.71 25.69 1.98
N PRO B 493 52.85 26.26 1.55
CA PRO B 493 53.56 27.22 2.41
C PRO B 493 52.84 28.55 2.52
N LEU B 494 52.24 28.82 3.68
CA LEU B 494 51.60 30.12 3.88
C LEU B 494 52.61 31.25 3.85
N GLU B 495 53.77 31.05 4.48
CA GLU B 495 54.81 32.07 4.50
C GLU B 495 55.33 32.31 3.08
N GLY B 496 55.66 33.57 2.81
CA GLY B 496 56.19 33.95 1.51
C GLY B 496 55.09 34.35 0.53
N THR B 497 55.49 35.14 -0.45
CA THR B 497 54.57 35.60 -1.48
C THR B 497 54.58 34.63 -2.65
N PRO B 498 53.44 34.05 -3.03
CA PRO B 498 53.41 33.21 -4.24
C PRO B 498 53.75 34.04 -5.47
N PRO B 499 54.45 33.46 -6.45
CA PRO B 499 54.99 32.09 -6.49
C PRO B 499 56.22 31.94 -5.61
N TYR B 500 56.58 30.71 -5.24
CA TYR B 500 57.73 30.46 -4.38
C TYR B 500 58.87 29.84 -5.17
N PRO B 501 60.12 30.07 -4.78
CA PRO B 501 61.24 29.38 -5.42
C PRO B 501 61.29 27.93 -4.98
N TYR B 502 61.70 27.06 -5.92
CA TYR B 502 61.78 25.63 -5.70
C TYR B 502 63.24 25.20 -5.82
N ARG B 503 63.86 24.87 -4.70
CA ARG B 503 65.28 24.55 -4.66
C ARG B 503 65.56 23.27 -3.91
N THR B 504 64.69 22.91 -2.97
CA THR B 504 64.94 21.80 -2.07
C THR B 504 64.44 20.48 -2.66
N THR B 505 64.76 19.38 -1.99
CA THR B 505 64.36 18.07 -2.47
C THR B 505 62.84 17.92 -2.46
N VAL B 506 62.18 18.40 -1.41
CA VAL B 506 60.74 18.31 -1.32
C VAL B 506 60.06 19.09 -2.44
N ASP B 507 60.75 20.08 -3.01
CA ASP B 507 60.18 20.86 -4.09
C ASP B 507 59.90 19.99 -5.32
N TYR B 508 60.80 19.05 -5.61
CA TYR B 508 60.58 18.13 -6.73
C TYR B 508 59.20 17.49 -6.63
N LEU B 509 58.86 16.98 -5.44
CA LEU B 509 57.58 16.31 -5.27
C LEU B 509 56.42 17.30 -5.20
N ARG B 510 56.64 18.47 -4.58
CA ARG B 510 55.53 19.39 -4.37
C ARG B 510 55.08 20.03 -5.68
N LEU B 511 56.02 20.40 -6.55
CA LEU B 511 55.64 21.05 -7.81
C LEU B 511 54.85 20.10 -8.70
N ALA B 512 55.20 18.81 -8.68
CA ALA B 512 54.53 17.85 -9.54
C ALA B 512 53.05 17.77 -9.23
N GLY B 513 52.68 17.85 -7.94
CA GLY B 513 51.27 17.79 -7.59
C GLY B 513 50.48 18.93 -8.20
N GLU B 514 51.00 20.15 -8.09
CA GLU B 514 50.31 21.30 -8.67
C GLU B 514 50.22 21.17 -10.19
N VAL B 515 51.31 20.77 -10.83
CA VAL B 515 51.29 20.64 -12.28
C VAL B 515 50.26 19.61 -12.71
N ILE B 516 50.24 18.46 -12.03
CA ILE B 516 49.32 17.39 -12.38
C ILE B 516 47.88 17.83 -12.17
N THR B 517 47.60 18.51 -11.06
CA THR B 517 46.23 18.96 -10.81
C THR B 517 45.78 19.96 -11.86
N LEU B 518 46.65 20.91 -12.22
CA LEU B 518 46.27 21.89 -13.23
C LEU B 518 46.03 21.21 -14.58
N PHE B 519 46.89 20.28 -14.96
CA PHE B 519 46.70 19.58 -16.23
C PHE B 519 45.44 18.73 -16.20
N THR B 520 45.13 18.13 -15.06
CA THR B 520 43.90 17.35 -14.94
C THR B 520 42.68 18.24 -15.09
N GLY B 521 42.70 19.44 -14.48
CA GLY B 521 41.59 20.35 -14.65
C GLY B 521 41.41 20.79 -16.09
N VAL B 522 42.52 21.09 -16.76
CA VAL B 522 42.44 21.48 -18.17
C VAL B 522 41.89 20.32 -19.00
N LEU B 523 42.32 19.10 -18.69
CA LEU B 523 41.82 17.93 -19.40
C LEU B 523 40.32 17.76 -19.18
N PHE B 524 39.87 17.99 -17.95
CA PHE B 524 38.44 17.91 -17.65
C PHE B 524 37.67 18.94 -18.47
N PHE B 525 38.19 20.16 -18.55
CA PHE B 525 37.52 21.20 -19.33
C PHE B 525 37.44 20.83 -20.80
N PHE B 526 38.56 20.33 -21.36
CA PHE B 526 38.56 19.92 -22.75
C PHE B 526 37.59 18.77 -22.99
N THR B 527 37.55 17.81 -22.07
CA THR B 527 36.64 16.68 -22.23
C THR B 527 35.20 17.16 -22.18
N ASN B 528 34.93 18.18 -21.38
CA ASN B 528 33.58 18.66 -21.21
C ASN B 528 33.10 19.58 -22.29
N ILE B 529 33.99 20.18 -23.00
CA ILE B 529 33.63 20.91 -24.21
C ILE B 529 33.50 19.96 -25.39
N LYS B 530 34.38 18.97 -25.48
CA LYS B 530 34.27 17.97 -26.54
C LYS B 530 32.97 17.20 -26.43
N ASP B 531 32.56 16.88 -25.21
CA ASP B 531 31.33 16.14 -25.01
C ASP B 531 30.13 17.01 -25.35
N LEU B 532 30.19 18.28 -24.98
CA LEU B 532 29.09 19.19 -25.29
C LEU B 532 28.90 19.32 -26.79
N PHE B 533 30.01 19.45 -27.54
CA PHE B 533 29.89 19.51 -29.00
C PHE B 533 29.56 18.16 -29.62
N MET B 534 29.91 17.06 -28.95
CA MET B 534 29.66 15.73 -29.49
C MET B 534 28.16 15.45 -29.58
N LYS B 535 27.40 15.86 -28.57
CA LYS B 535 25.96 15.67 -28.54
C LYS B 535 25.20 16.77 -29.28
N LYS B 536 25.89 17.49 -30.17
CA LYS B 536 25.28 18.56 -30.95
C LYS B 536 24.77 19.67 -30.04
N CYS B 537 25.59 20.05 -29.07
CA CYS B 537 25.31 21.16 -28.18
C CYS B 537 23.96 21.01 -27.50
N PRO B 538 23.81 20.06 -26.56
CA PRO B 538 22.57 19.98 -25.80
C PRO B 538 22.31 21.27 -25.03
N GLY B 539 21.04 21.61 -24.91
CA GLY B 539 20.64 22.85 -24.28
C GLY B 539 20.68 22.79 -22.77
N VAL B 540 20.00 23.76 -22.15
CA VAL B 540 19.99 23.86 -20.69
C VAL B 540 19.37 22.61 -20.08
N ASN B 541 18.27 22.12 -20.65
CA ASN B 541 17.56 21.00 -20.06
C ASN B 541 18.47 19.80 -19.86
N SER B 542 19.42 19.60 -20.79
CA SER B 542 20.31 18.45 -20.67
C SER B 542 21.29 18.61 -19.51
N LEU B 543 21.76 19.83 -19.27
CA LEU B 543 22.80 20.07 -18.27
C LEU B 543 22.24 20.39 -16.89
N PHE B 544 21.37 21.40 -16.80
CA PHE B 544 20.96 21.90 -15.50
C PHE B 544 20.05 20.93 -14.76
N ILE B 545 18.95 20.52 -15.41
CA ILE B 545 17.91 19.76 -14.70
C ILE B 545 18.46 18.41 -14.26
N ASP B 546 19.10 17.68 -15.16
CA ASP B 546 19.58 16.33 -14.88
C ASP B 546 21.04 16.23 -15.31
N GLY B 547 21.69 15.14 -14.90
CA GLY B 547 23.10 14.96 -15.16
C GLY B 547 23.91 16.07 -14.54
N SER B 548 23.61 16.38 -13.28
CA SER B 548 24.26 17.51 -12.61
C SER B 548 25.77 17.40 -12.65
N PHE B 549 26.31 16.18 -12.58
CA PHE B 549 27.76 16.01 -12.57
C PHE B 549 28.40 16.49 -13.86
N GLN B 550 27.64 16.54 -14.96
CA GLN B 550 28.20 17.08 -16.20
C GLN B 550 28.49 18.56 -16.08
N LEU B 551 27.74 19.27 -15.23
CA LEU B 551 27.99 20.69 -14.98
C LEU B 551 29.02 20.92 -13.89
N LEU B 552 28.99 20.10 -12.83
CA LEU B 552 29.87 20.34 -11.69
C LEU B 552 31.34 20.30 -12.10
N TYR B 553 31.73 19.31 -12.90
CA TYR B 553 33.12 19.24 -13.33
C TYR B 553 33.52 20.46 -14.15
N PHE B 554 32.55 21.10 -14.80
CA PHE B 554 32.86 22.37 -15.46
C PHE B 554 33.25 23.42 -14.44
N ILE B 555 32.48 23.53 -13.36
CA ILE B 555 32.83 24.45 -12.28
C ILE B 555 34.19 24.08 -11.70
N TYR B 556 34.37 22.80 -11.38
CA TYR B 556 35.68 22.33 -10.94
C TYR B 556 36.75 22.65 -11.99
N SER B 557 36.37 22.61 -13.27
CA SER B 557 37.32 22.96 -14.32
C SER B 557 37.74 24.43 -14.21
N VAL B 558 36.78 25.30 -13.89
CA VAL B 558 37.07 26.73 -13.82
C VAL B 558 37.98 27.03 -12.63
N LEU B 559 37.48 26.76 -11.42
CA LEU B 559 38.18 27.20 -10.21
C LEU B 559 39.64 26.76 -10.24
N VAL B 560 39.89 25.50 -10.57
CA VAL B 560 41.24 24.96 -10.51
C VAL B 560 42.18 25.81 -11.36
N ILE B 561 41.74 26.20 -12.56
CA ILE B 561 42.60 27.03 -13.39
C ILE B 561 42.56 28.48 -12.91
N VAL B 562 41.41 28.95 -12.43
CA VAL B 562 41.32 30.33 -11.96
C VAL B 562 42.36 30.57 -10.89
N SER B 563 42.44 29.68 -9.91
CA SER B 563 43.44 29.81 -8.85
C SER B 563 44.82 29.99 -9.44
N ALA B 564 45.14 29.23 -10.48
CA ALA B 564 46.47 29.33 -11.09
C ALA B 564 46.78 30.77 -11.45
N ALA B 565 45.83 31.45 -12.12
CA ALA B 565 46.04 32.85 -12.45
C ALA B 565 46.39 33.64 -11.21
N LEU B 566 45.57 33.51 -10.17
CA LEU B 566 45.87 34.20 -8.91
C LEU B 566 47.23 33.79 -8.39
N TYR B 567 47.54 32.50 -8.43
CA TYR B 567 48.81 32.03 -7.93
C TYR B 567 49.98 32.72 -8.60
N LEU B 568 49.78 33.23 -9.81
CA LEU B 568 50.83 33.96 -10.51
C LEU B 568 50.84 35.44 -10.14
N ALA B 569 49.66 36.05 -9.99
CA ALA B 569 49.55 37.46 -9.65
C ALA B 569 48.84 37.70 -8.33
N GLY B 570 47.63 37.17 -8.17
CA GLY B 570 46.89 37.33 -6.93
C GLY B 570 47.34 36.33 -5.90
N ILE B 571 48.58 36.49 -5.44
CA ILE B 571 49.23 35.47 -4.62
C ILE B 571 48.50 35.28 -3.30
N GLU B 572 47.98 36.37 -2.72
CA GLU B 572 47.49 36.32 -1.35
C GLU B 572 46.32 35.35 -1.20
N ALA B 573 45.35 35.41 -2.12
CA ALA B 573 44.05 34.79 -1.91
C ALA B 573 43.76 33.67 -2.90
N TYR B 574 44.78 32.94 -3.34
CA TYR B 574 44.53 31.77 -4.19
C TYR B 574 44.03 30.58 -3.39
N LEU B 575 44.44 30.47 -2.12
CA LEU B 575 43.97 29.37 -1.28
C LEU B 575 42.46 29.41 -1.11
N ALA B 576 41.88 30.61 -1.01
CA ALA B 576 40.46 30.71 -0.74
C ALA B 576 39.64 29.96 -1.78
N VAL B 577 40.00 30.07 -3.05
CA VAL B 577 39.26 29.39 -4.10
C VAL B 577 39.82 28.00 -4.38
N MET B 578 41.13 27.79 -4.17
CA MET B 578 41.70 26.46 -4.36
C MET B 578 41.07 25.44 -3.41
N VAL B 579 40.87 25.83 -2.16
CA VAL B 579 40.27 24.93 -1.18
C VAL B 579 38.83 24.61 -1.56
N PHE B 580 38.10 25.61 -2.07
CA PHE B 580 36.73 25.36 -2.48
C PHE B 580 36.69 24.43 -3.68
N ALA B 581 37.63 24.59 -4.61
CA ALA B 581 37.72 23.67 -5.73
C ALA B 581 38.00 22.25 -5.25
N LEU B 582 38.90 22.10 -4.29
CA LEU B 582 39.19 20.79 -3.74
C LEU B 582 37.95 20.17 -3.10
N VAL B 583 37.21 20.97 -2.33
CA VAL B 583 36.00 20.45 -1.68
C VAL B 583 34.99 20.01 -2.72
N LEU B 584 34.79 20.82 -3.77
CA LEU B 584 33.84 20.45 -4.81
C LEU B 584 34.27 19.18 -5.52
N GLY B 585 35.57 19.05 -5.81
CA GLY B 585 36.06 17.85 -6.46
C GLY B 585 35.85 16.61 -5.62
N TRP B 586 36.11 16.71 -4.31
CA TRP B 586 35.85 15.57 -3.44
C TRP B 586 34.37 15.25 -3.37
N MET B 587 33.52 16.28 -3.35
CA MET B 587 32.08 16.07 -3.19
C MET B 587 31.43 15.55 -4.45
N ASN B 588 32.01 15.78 -5.62
CA ASN B 588 31.42 15.38 -6.89
C ASN B 588 31.98 14.07 -7.42
N ALA B 589 32.32 13.14 -6.52
CA ALA B 589 32.79 11.82 -6.92
C ALA B 589 31.68 10.79 -6.96
N LEU B 590 30.44 11.19 -6.69
CA LEU B 590 29.31 10.26 -6.73
C LEU B 590 28.96 9.84 -8.15
N TYR B 591 29.49 10.51 -9.17
CA TYR B 591 29.26 10.06 -10.54
C TYR B 591 29.81 8.66 -10.74
N PHE B 592 30.96 8.36 -10.15
CA PHE B 592 31.53 7.02 -10.24
C PHE B 592 30.78 6.01 -9.39
N THR B 593 30.12 6.45 -8.32
CA THR B 593 29.30 5.55 -7.51
C THR B 593 27.96 5.27 -8.16
N ARG B 594 27.53 6.11 -9.10
CA ARG B 594 26.28 5.85 -9.81
C ARG B 594 26.27 4.43 -10.39
N GLY B 595 27.40 3.98 -10.92
CA GLY B 595 27.43 2.69 -11.60
C GLY B 595 27.16 1.52 -10.68
N LEU B 596 27.73 1.55 -9.48
CA LEU B 596 27.61 0.41 -8.58
C LEU B 596 26.15 0.09 -8.28
N LYS B 597 25.79 -1.19 -8.39
CA LYS B 597 24.41 -1.59 -8.16
C LYS B 597 24.00 -1.37 -6.71
N LEU B 598 24.89 -1.69 -5.76
CA LEU B 598 24.54 -1.59 -4.35
C LEU B 598 24.26 -0.15 -3.95
N THR B 599 25.04 0.81 -4.47
CA THR B 599 24.91 2.21 -4.12
C THR B 599 24.53 3.08 -5.32
N GLY B 600 23.99 2.47 -6.38
CA GLY B 600 23.64 3.25 -7.55
C GLY B 600 22.54 4.26 -7.29
N THR B 601 21.50 3.85 -6.57
CA THR B 601 20.37 4.75 -6.32
C THR B 601 20.79 5.95 -5.49
N TYR B 602 21.63 5.72 -4.48
CA TYR B 602 21.88 6.74 -3.46
C TYR B 602 22.26 8.08 -4.08
N SER B 603 23.19 8.08 -5.03
CA SER B 603 23.64 9.33 -5.63
C SER B 603 22.50 10.02 -6.38
N ILE B 604 21.75 9.25 -7.18
CA ILE B 604 20.66 9.84 -7.96
C ILE B 604 19.63 10.46 -7.03
N MET B 605 19.26 9.74 -5.96
CA MET B 605 18.20 10.23 -5.10
C MET B 605 18.67 11.38 -4.20
N ILE B 606 19.94 11.42 -3.82
CA ILE B 606 20.43 12.57 -3.06
C ILE B 606 20.48 13.80 -3.96
N GLN B 607 20.91 13.64 -5.21
CA GLN B 607 20.88 14.77 -6.13
C GLN B 607 19.45 15.24 -6.37
N LYS B 608 18.51 14.31 -6.50
CA LYS B 608 17.12 14.65 -6.75
C LYS B 608 16.51 15.39 -5.56
N ILE B 609 16.65 14.83 -4.36
CA ILE B 609 16.02 15.42 -3.18
C ILE B 609 16.64 16.77 -2.85
N LEU B 610 17.95 16.91 -3.03
CA LEU B 610 18.64 18.12 -2.61
C LEU B 610 18.08 19.35 -3.30
N PHE B 611 17.98 19.31 -4.63
CA PHE B 611 17.58 20.51 -5.37
C PHE B 611 16.09 20.77 -5.33
N LYS B 612 15.27 19.72 -5.19
CA LYS B 612 13.82 19.85 -5.31
C LYS B 612 13.11 19.96 -3.97
N ASP B 613 13.35 19.01 -3.06
CA ASP B 613 12.67 19.04 -1.77
C ASP B 613 13.31 20.05 -0.83
N LEU B 614 14.62 19.98 -0.66
CA LEU B 614 15.28 20.82 0.34
C LEU B 614 15.14 22.29 -0.01
N PHE B 615 15.26 22.65 -1.29
CA PHE B 615 15.12 24.05 -1.67
C PHE B 615 13.69 24.55 -1.50
N ARG B 616 12.70 23.73 -1.86
CA ARG B 616 11.31 24.11 -1.67
C ARG B 616 11.02 24.35 -0.19
N PHE B 617 11.53 23.48 0.68
CA PHE B 617 11.40 23.70 2.11
C PHE B 617 12.19 24.91 2.59
N LEU B 618 13.36 25.13 1.98
CA LEU B 618 14.23 26.21 2.40
C LEU B 618 13.65 27.57 2.06
N LEU B 619 12.80 27.65 1.05
CA LEU B 619 12.10 28.90 0.80
C LEU B 619 11.31 29.33 2.03
N VAL B 620 10.47 28.44 2.55
CA VAL B 620 9.68 28.75 3.74
C VAL B 620 10.58 28.97 4.94
N TYR B 621 11.60 28.12 5.09
CA TYR B 621 12.52 28.28 6.21
C TYR B 621 13.20 29.65 6.18
N LEU B 622 13.55 30.13 4.98
CA LEU B 622 14.19 31.42 4.85
C LEU B 622 13.22 32.55 5.13
N LEU B 623 11.96 32.39 4.74
CA LEU B 623 10.95 33.36 5.17
C LEU B 623 10.94 33.49 6.68
N PHE B 624 10.86 32.35 7.38
CA PHE B 624 10.87 32.38 8.85
C PHE B 624 12.15 33.01 9.37
N MET B 625 13.30 32.61 8.83
CA MET B 625 14.57 33.12 9.31
C MET B 625 14.65 34.63 9.15
N ILE B 626 14.32 35.13 7.96
CA ILE B 626 14.39 36.56 7.72
C ILE B 626 13.49 37.30 8.69
N GLY B 627 12.23 36.86 8.79
CA GLY B 627 11.30 37.57 9.66
C GLY B 627 11.79 37.62 11.10
N TYR B 628 12.11 36.45 11.66
CA TYR B 628 12.49 36.40 13.07
C TYR B 628 13.80 37.14 13.31
N ALA B 629 14.80 36.96 12.45
CA ALA B 629 16.07 37.62 12.65
C ALA B 629 15.93 39.14 12.59
N SER B 630 15.17 39.64 11.60
CA SER B 630 14.94 41.07 11.52
C SER B 630 14.22 41.58 12.77
N ALA B 631 13.21 40.84 13.23
CA ALA B 631 12.49 41.26 14.42
C ALA B 631 13.42 41.36 15.63
N LEU B 632 14.21 40.31 15.85
CA LEU B 632 15.09 40.29 17.02
C LEU B 632 16.15 41.38 16.93
N VAL B 633 16.72 41.59 15.74
CA VAL B 633 17.71 42.65 15.58
C VAL B 633 17.11 44.00 15.88
N SER B 634 15.90 44.26 15.38
CA SER B 634 15.25 45.54 15.62
C SER B 634 14.95 45.73 17.11
N LEU B 635 14.52 44.67 17.79
CA LEU B 635 14.03 44.82 19.16
C LEU B 635 15.13 45.27 20.11
N LEU B 636 16.34 44.72 19.97
CA LEU B 636 17.38 44.96 20.96
C LEU B 636 17.81 46.42 20.98
N ASN B 637 18.18 46.89 22.17
CA ASN B 637 18.68 48.25 22.37
C ASN B 637 20.16 48.20 22.72
N PRO B 638 21.05 48.75 21.88
CA PRO B 638 22.48 48.73 22.25
C PRO B 638 22.80 49.60 23.45
N CYS B 639 22.06 50.69 23.66
CA CYS B 639 22.33 51.61 24.75
C CYS B 639 21.03 52.18 25.31
N ASP B 662 26.64 49.81 13.33
CA ASP B 662 25.62 48.85 13.71
C ASP B 662 25.76 47.55 12.92
N SER B 663 26.51 47.60 11.81
CA SER B 663 26.70 46.41 10.99
C SER B 663 27.43 45.32 11.77
N GLU B 664 28.46 45.68 12.52
CA GLU B 664 29.19 44.69 13.31
C GLU B 664 28.29 44.04 14.35
N THR B 665 27.47 44.85 15.03
CA THR B 665 26.56 44.31 16.04
C THR B 665 25.56 43.35 15.39
N PHE B 666 25.02 43.73 14.24
CA PHE B 666 24.08 42.86 13.54
C PHE B 666 24.73 41.55 13.14
N SER B 667 25.96 41.62 12.62
CA SER B 667 26.66 40.40 12.22
C SER B 667 26.93 39.50 13.42
N THR B 668 27.36 40.09 14.54
CA THR B 668 27.61 39.28 15.74
C THR B 668 26.33 38.64 16.25
N PHE B 669 25.23 39.39 16.24
CA PHE B 669 23.96 38.82 16.68
C PHE B 669 23.54 37.69 15.75
N LEU B 670 23.73 37.86 14.44
CA LEU B 670 23.36 36.81 13.50
C LEU B 670 24.21 35.56 13.73
N LEU B 671 25.50 35.74 14.02
CA LEU B 671 26.36 34.60 14.34
C LEU B 671 25.85 33.89 15.58
N ASP B 672 25.52 34.65 16.62
CA ASP B 672 25.03 34.04 17.86
C ASP B 672 23.72 33.30 17.62
N LEU B 673 22.82 33.88 16.83
CA LEU B 673 21.54 33.25 16.56
C LEU B 673 21.72 31.99 15.73
N PHE B 674 22.66 31.98 14.78
CA PHE B 674 22.90 30.75 14.03
C PHE B 674 23.48 29.67 14.94
N LYS B 675 24.42 30.03 15.81
CA LYS B 675 24.97 29.07 16.75
C LYS B 675 23.88 28.48 17.61
N LEU B 676 22.92 29.31 18.04
CA LEU B 676 21.75 28.81 18.74
C LEU B 676 20.93 27.88 17.84
N THR B 677 20.75 28.26 16.58
CA THR B 677 19.92 27.49 15.66
C THR B 677 20.45 26.07 15.53
N ILE B 678 21.78 25.90 15.55
CA ILE B 678 22.33 24.55 15.49
C ILE B 678 21.84 23.72 16.67
N GLY B 679 21.85 24.32 17.86
CA GLY B 679 21.45 23.63 19.07
C GLY B 679 22.44 23.78 20.19
N MET B 680 23.46 24.61 19.99
CA MET B 680 24.49 24.89 20.97
C MET B 680 24.50 26.39 21.26
N GLY B 681 25.49 26.82 22.05
CA GLY B 681 25.58 28.21 22.44
C GLY B 681 24.81 28.49 23.71
N ASP B 682 24.73 29.78 24.04
CA ASP B 682 24.09 30.24 25.26
C ASP B 682 23.16 31.40 24.94
N LEU B 683 22.11 31.53 25.76
CA LEU B 683 21.11 32.58 25.60
C LEU B 683 21.44 33.70 26.58
N GLU B 684 22.32 34.62 26.15
CA GLU B 684 22.75 35.74 26.96
C GLU B 684 22.29 37.08 26.42
N MET B 685 21.74 37.12 25.20
CA MET B 685 21.38 38.39 24.58
C MET B 685 20.25 39.09 25.34
N LEU B 686 19.38 38.34 26.01
CA LEU B 686 18.21 38.94 26.63
C LEU B 686 18.57 39.94 27.71
N SER B 687 19.76 39.84 28.30
CA SER B 687 20.10 40.70 29.44
C SER B 687 20.13 42.17 29.03
N SER B 688 20.76 42.48 27.89
CA SER B 688 20.91 43.87 27.50
C SER B 688 19.62 44.47 26.95
N THR B 689 18.85 43.68 26.20
CA THR B 689 17.67 44.19 25.53
C THR B 689 16.55 44.49 26.54
N LYS B 690 15.66 45.40 26.13
CA LYS B 690 14.46 45.71 26.89
C LYS B 690 13.31 44.84 26.40
N TYR B 691 12.29 44.71 27.26
CA TYR B 691 11.18 43.81 27.00
C TYR B 691 11.70 42.39 26.82
N PRO B 692 12.47 41.87 27.78
CA PRO B 692 13.03 40.52 27.61
C PRO B 692 11.97 39.44 27.47
N VAL B 693 10.82 39.60 28.13
CA VAL B 693 9.82 38.54 28.13
C VAL B 693 9.30 38.27 26.72
N VAL B 694 8.98 39.34 25.98
CA VAL B 694 8.53 39.16 24.61
C VAL B 694 9.64 38.58 23.75
N PHE B 695 10.89 38.95 24.04
CA PHE B 695 12.01 38.38 23.30
C PHE B 695 12.07 36.88 23.48
N ILE B 696 11.91 36.42 24.73
CA ILE B 696 11.94 34.98 24.98
C ILE B 696 10.73 34.30 24.34
N ILE B 697 9.57 34.94 24.39
CA ILE B 697 8.39 34.36 23.75
C ILE B 697 8.65 34.16 22.26
N LEU B 698 9.22 35.17 21.61
CA LEU B 698 9.50 35.09 20.18
C LEU B 698 10.54 34.02 19.88
N LEU B 699 11.58 33.93 20.71
CA LEU B 699 12.57 32.87 20.54
C LEU B 699 11.93 31.49 20.68
N VAL B 700 11.02 31.35 21.64
CA VAL B 700 10.35 30.07 21.85
C VAL B 700 9.49 29.71 20.64
N THR B 701 8.77 30.69 20.10
CA THR B 701 7.97 30.42 18.91
C THR B 701 8.88 30.01 17.75
N TYR B 702 10.00 30.71 17.58
CA TYR B 702 10.96 30.36 16.55
C TYR B 702 11.42 28.92 16.70
N ILE B 703 11.89 28.55 17.89
CA ILE B 703 12.42 27.21 18.11
C ILE B 703 11.31 26.18 17.89
N ILE B 704 10.16 26.39 18.52
CA ILE B 704 9.05 25.45 18.37
C ILE B 704 8.76 25.24 16.90
N LEU B 705 8.33 26.30 16.21
CA LEU B 705 7.94 26.15 14.82
C LEU B 705 9.04 25.41 14.07
N THR B 706 10.21 26.03 13.93
CA THR B 706 11.23 25.44 13.07
C THR B 706 11.55 24.03 13.53
N PHE B 707 12.20 23.88 14.68
CA PHE B 707 12.73 22.59 15.09
C PHE B 707 11.64 21.53 15.15
N VAL B 708 10.58 21.79 15.93
CA VAL B 708 9.60 20.75 16.18
C VAL B 708 8.86 20.39 14.90
N LEU B 709 8.28 21.39 14.22
CA LEU B 709 7.43 21.05 13.08
C LEU B 709 8.25 20.87 11.81
N LEU B 710 8.93 21.93 11.36
CA LEU B 710 9.48 21.92 10.01
C LEU B 710 10.68 21.00 9.88
N LEU B 711 11.59 21.06 10.85
CA LEU B 711 12.85 20.34 10.76
C LEU B 711 12.64 18.87 10.46
N ASN B 712 11.60 18.27 11.06
CA ASN B 712 11.32 16.86 10.90
C ASN B 712 10.02 16.58 10.15
N MET B 713 9.31 17.61 9.71
CA MET B 713 8.21 17.44 8.78
C MET B 713 8.67 17.46 7.33
N LEU B 714 9.79 18.14 7.06
CA LEU B 714 10.47 17.94 5.79
C LEU B 714 10.78 16.47 5.59
N ILE B 715 11.10 15.80 6.70
CA ILE B 715 11.45 14.38 6.62
C ILE B 715 10.28 13.56 6.08
N ALA B 716 9.06 14.02 6.29
CA ALA B 716 7.90 13.29 5.78
C ALA B 716 7.98 13.15 4.26
N LEU B 717 7.98 14.27 3.55
CA LEU B 717 8.03 14.19 2.09
C LEU B 717 9.39 13.71 1.60
N MET B 718 10.45 13.91 2.39
CA MET B 718 11.74 13.32 2.02
C MET B 718 11.65 11.80 2.02
N GLY B 719 11.04 11.21 3.05
CA GLY B 719 10.85 9.79 3.10
C GLY B 719 9.90 9.31 2.02
N GLU B 720 8.90 10.11 1.67
CA GLU B 720 8.02 9.77 0.57
C GLU B 720 8.78 9.74 -0.76
N THR B 721 9.68 10.70 -0.97
CA THR B 721 10.52 10.69 -2.16
C THR B 721 11.40 9.45 -2.19
N VAL B 722 12.05 9.14 -1.07
CA VAL B 722 12.86 7.92 -1.00
C VAL B 722 11.98 6.69 -1.18
N GLY B 723 10.71 6.78 -0.78
CA GLY B 723 9.80 5.68 -1.03
C GLY B 723 9.51 5.48 -2.50
N GLN B 724 9.30 6.57 -3.24
CA GLN B 724 9.16 6.46 -4.69
C GLN B 724 10.42 5.84 -5.29
N VAL B 725 11.58 6.29 -4.83
CA VAL B 725 12.83 5.74 -5.34
C VAL B 725 12.96 4.27 -4.97
N SER B 726 12.49 3.88 -3.78
CA SER B 726 12.53 2.48 -3.40
C SER B 726 11.61 1.64 -4.30
N LYS B 727 10.43 2.19 -4.60
CA LYS B 727 9.49 1.48 -5.47
C LYS B 727 10.04 1.34 -6.89
N GLU B 728 10.87 2.29 -7.33
CA GLU B 728 11.42 2.27 -8.68
C GLU B 728 12.94 2.11 -8.66
N SER B 729 13.47 1.43 -7.64
CA SER B 729 14.92 1.28 -7.50
C SER B 729 15.52 0.45 -8.62
N LYS B 730 14.94 -0.70 -8.94
CA LYS B 730 15.49 -1.53 -10.00
C LYS B 730 15.48 -0.80 -11.34
N HIS B 731 14.38 -0.13 -11.65
CA HIS B 731 14.26 0.53 -12.94
C HIS B 731 15.28 1.67 -13.08
N ILE B 732 15.45 2.48 -12.02
CA ILE B 732 16.36 3.61 -12.13
C ILE B 732 17.81 3.16 -12.17
N TRP B 733 18.15 2.09 -11.44
CA TRP B 733 19.53 1.61 -11.46
C TRP B 733 19.92 1.15 -12.85
N LYS B 734 19.01 0.47 -13.55
CA LYS B 734 19.29 0.03 -14.91
C LYS B 734 19.59 1.22 -15.81
N LEU B 735 18.79 2.28 -15.67
CA LEU B 735 19.00 3.48 -16.48
C LEU B 735 20.37 4.10 -16.16
N GLN B 736 20.70 4.23 -14.88
CA GLN B 736 21.97 4.86 -14.52
C GLN B 736 23.15 4.03 -15.00
N TRP B 737 23.07 2.71 -14.86
CA TRP B 737 24.14 1.85 -15.33
C TRP B 737 24.31 1.96 -16.85
N ALA B 738 23.20 1.97 -17.58
CA ALA B 738 23.28 2.15 -19.03
C ALA B 738 23.90 3.50 -19.37
N THR B 739 23.52 4.53 -18.64
CA THR B 739 24.05 5.87 -18.91
C THR B 739 25.56 5.89 -18.72
N THR B 740 26.05 5.32 -17.61
CA THR B 740 27.47 5.38 -17.34
C THR B 740 28.26 4.54 -18.35
N ILE B 741 27.76 3.36 -18.71
CA ILE B 741 28.50 2.53 -19.66
C ILE B 741 28.52 3.20 -21.03
N LEU B 742 27.41 3.79 -21.46
CA LEU B 742 27.39 4.50 -22.72
C LEU B 742 28.32 5.69 -22.69
N ASP B 743 28.36 6.35 -21.54
CA ASP B 743 29.21 7.51 -21.35
C ASP B 743 30.63 7.10 -21.58
N ILE B 744 31.05 6.06 -20.87
CA ILE B 744 32.41 5.55 -20.98
C ILE B 744 32.73 5.20 -22.41
N GLU B 745 31.77 4.55 -23.11
CA GLU B 745 32.00 4.15 -24.49
C GLU B 745 32.22 5.35 -25.39
N ARG B 746 31.40 6.39 -25.24
CA ARG B 746 31.41 7.50 -26.20
C ARG B 746 32.72 8.27 -26.22
N SER B 747 33.53 8.16 -25.17
CA SER B 747 34.79 8.89 -25.12
C SER B 747 35.90 8.19 -25.88
N PHE B 748 35.69 6.96 -26.31
CA PHE B 748 36.73 6.23 -27.03
C PHE B 748 36.89 6.80 -28.44
N PRO B 749 38.07 6.61 -29.05
CA PRO B 749 38.25 7.01 -30.45
C PRO B 749 37.42 6.13 -31.38
N VAL B 750 37.14 6.68 -32.56
CA VAL B 750 36.26 6.00 -33.51
C VAL B 750 36.86 4.67 -33.95
N PHE B 751 38.16 4.65 -34.25
CA PHE B 751 38.77 3.42 -34.74
C PHE B 751 38.75 2.32 -33.69
N LEU B 752 39.05 2.67 -32.44
CA LEU B 752 38.96 1.69 -31.37
C LEU B 752 37.53 1.19 -31.19
N ARG B 753 36.56 2.10 -31.28
CA ARG B 753 35.16 1.70 -31.14
C ARG B 753 34.78 0.71 -32.24
N LYS B 754 35.22 0.96 -33.48
CA LYS B 754 34.96 0.00 -34.55
C LYS B 754 35.65 -1.33 -34.25
N ALA B 755 36.87 -1.28 -33.72
CA ALA B 755 37.56 -2.51 -33.35
C ALA B 755 36.80 -3.30 -32.28
N PHE B 756 35.95 -2.63 -31.50
CA PHE B 756 35.15 -3.27 -30.46
C PHE B 756 33.71 -3.51 -30.89
N ARG B 757 33.47 -3.63 -32.20
CA ARG B 757 32.12 -3.87 -32.68
C ARG B 757 31.58 -5.19 -32.10
N SER B 758 30.29 -5.19 -31.77
CA SER B 758 29.62 -6.35 -31.22
C SER B 758 28.65 -6.93 -32.25
N GLY B 759 28.53 -8.25 -32.24
CA GLY B 759 27.63 -8.94 -33.13
C GLY B 759 28.39 -9.78 -34.15
N GLU B 760 27.63 -10.36 -35.06
CA GLU B 760 28.14 -11.24 -36.11
C GLU B 760 27.90 -10.61 -37.48
N MET B 761 28.35 -11.33 -38.52
CA MET B 761 28.16 -10.90 -39.89
C MET B 761 27.40 -11.98 -40.67
N VAL B 762 26.33 -12.50 -40.08
CA VAL B 762 25.61 -13.61 -40.68
C VAL B 762 24.96 -13.16 -41.98
N THR B 763 25.12 -13.98 -43.03
CA THR B 763 24.44 -13.75 -44.30
C THR B 763 23.13 -14.54 -44.29
N VAL B 764 22.14 -13.99 -43.58
CA VAL B 764 20.90 -14.72 -43.36
C VAL B 764 20.18 -14.96 -44.68
N GLY B 765 20.15 -13.95 -45.56
CA GLY B 765 19.44 -14.07 -46.81
C GLY B 765 20.14 -13.32 -47.92
N LYS B 766 19.67 -13.57 -49.15
CA LYS B 766 20.21 -12.94 -50.34
C LYS B 766 19.21 -11.91 -50.87
N SER B 767 19.74 -10.91 -51.56
CA SER B 767 18.91 -9.85 -52.10
C SER B 767 18.06 -10.38 -53.25
N SER B 768 17.27 -9.49 -53.85
CA SER B 768 16.42 -9.89 -54.98
C SER B 768 17.26 -10.40 -56.14
N ASP B 769 18.40 -9.76 -56.41
CA ASP B 769 19.29 -10.21 -57.46
C ASP B 769 20.17 -11.37 -57.03
N GLY B 770 20.12 -11.77 -55.75
CA GLY B 770 20.91 -12.87 -55.25
C GLY B 770 22.13 -12.48 -54.45
N THR B 771 22.48 -11.20 -54.43
CA THR B 771 23.65 -10.78 -53.68
C THR B 771 23.41 -10.96 -52.18
N PRO B 772 24.44 -11.29 -51.42
CA PRO B 772 24.26 -11.48 -49.97
C PRO B 772 24.10 -10.17 -49.24
N ASP B 773 23.17 -10.16 -48.28
CA ASP B 773 22.94 -8.96 -47.48
C ASP B 773 24.13 -8.66 -46.58
N ARG B 774 24.62 -9.66 -45.85
CA ARG B 774 25.78 -9.53 -44.97
C ARG B 774 25.63 -8.31 -44.04
N ARG B 775 24.63 -8.39 -43.18
CA ARG B 775 24.32 -7.34 -42.23
C ARG B 775 24.69 -7.75 -40.82
N TRP B 776 25.13 -6.78 -40.03
CA TRP B 776 25.46 -7.06 -38.63
C TRP B 776 24.21 -7.38 -37.84
N CYS B 777 24.32 -8.38 -36.96
CA CYS B 777 23.18 -8.85 -36.18
C CYS B 777 23.67 -9.20 -34.77
N PHE B 778 22.79 -9.81 -33.99
CA PHE B 778 23.09 -10.17 -32.61
C PHE B 778 22.09 -11.21 -32.16
N ARG B 779 22.57 -12.33 -31.63
CA ARG B 779 21.72 -13.47 -31.33
C ARG B 779 21.46 -13.58 -29.82
N VAL B 780 20.25 -13.93 -29.47
CA VAL B 780 19.84 -14.18 -28.10
C VAL B 780 19.06 -15.49 -28.06
N ASP B 781 18.70 -15.93 -26.86
CA ASP B 781 17.96 -17.16 -26.71
C ASP B 781 17.09 -17.09 -25.46
N GLU B 782 16.04 -17.92 -25.47
CA GLU B 782 15.12 -18.00 -24.35
C GLU B 782 14.58 -19.42 -24.27
N VAL B 783 13.67 -19.65 -23.32
CA VAL B 783 13.13 -20.98 -23.05
C VAL B 783 11.60 -20.89 -23.04
N ASN B 784 10.95 -21.81 -23.74
CA ASN B 784 9.51 -21.93 -23.73
C ASN B 784 9.12 -23.40 -23.61
N TRP B 785 8.10 -23.67 -22.79
CA TRP B 785 7.66 -25.03 -22.52
C TRP B 785 6.29 -25.35 -23.10
N SER B 786 5.53 -24.36 -23.53
CA SER B 786 4.20 -24.58 -24.08
C SER B 786 4.20 -24.75 -25.59
N HIS B 787 5.35 -24.70 -26.24
CA HIS B 787 5.44 -24.83 -27.69
C HIS B 787 5.55 -26.30 -28.07
N TRP B 788 4.42 -27.00 -27.92
CA TRP B 788 4.33 -28.40 -28.31
C TRP B 788 3.18 -28.59 -29.30
N ASN C 150 33.50 -36.36 -52.54
CA ASN C 150 32.07 -36.31 -52.81
C ASN C 150 31.30 -35.84 -51.59
N ARG C 151 32.01 -35.32 -50.59
CA ARG C 151 31.35 -34.83 -49.38
C ARG C 151 30.37 -33.70 -49.68
N PRO C 152 30.74 -32.65 -50.42
CA PRO C 152 29.76 -31.58 -50.67
C PRO C 152 28.53 -32.05 -51.43
N ILE C 153 28.71 -32.85 -52.47
CA ILE C 153 27.57 -33.31 -53.26
C ILE C 153 26.65 -34.19 -52.42
N LEU C 154 27.23 -35.11 -51.65
CA LEU C 154 26.42 -35.97 -50.81
C LEU C 154 25.68 -35.17 -49.75
N PHE C 155 26.36 -34.19 -49.13
CA PHE C 155 25.70 -33.35 -48.15
C PHE C 155 24.53 -32.59 -48.77
N ASP C 156 24.72 -32.03 -49.97
CA ASP C 156 23.64 -31.32 -50.62
C ASP C 156 22.48 -32.25 -50.94
N ILE C 157 22.79 -33.45 -51.44
CA ILE C 157 21.74 -34.40 -51.80
C ILE C 157 20.93 -34.78 -50.57
N VAL C 158 21.61 -35.08 -49.46
CA VAL C 158 20.91 -35.51 -48.26
C VAL C 158 20.10 -34.35 -47.67
N SER C 159 20.65 -33.14 -47.70
CA SER C 159 19.92 -31.99 -47.19
C SER C 159 18.66 -31.75 -48.00
N ARG C 160 18.75 -31.84 -49.33
CA ARG C 160 17.57 -31.65 -50.17
C ARG C 160 16.57 -32.79 -50.01
N GLY C 161 16.99 -33.94 -49.49
CA GLY C 161 16.09 -35.05 -49.29
C GLY C 161 15.84 -35.89 -50.52
N SER C 162 16.48 -35.59 -51.64
CA SER C 162 16.27 -36.36 -52.86
C SER C 162 16.81 -37.78 -52.69
N THR C 163 16.05 -38.75 -53.19
CA THR C 163 16.42 -40.15 -53.09
C THR C 163 17.02 -40.70 -54.38
N ALA C 164 16.64 -40.15 -55.53
CA ALA C 164 17.16 -40.64 -56.80
C ALA C 164 18.66 -40.41 -56.91
N ASP C 165 19.14 -39.26 -56.43
CA ASP C 165 20.56 -38.94 -56.55
C ASP C 165 21.43 -39.97 -55.87
N LEU C 166 20.91 -40.63 -54.83
CA LEU C 166 21.70 -41.64 -54.11
C LEU C 166 21.99 -42.86 -54.98
N ASP C 167 21.27 -43.05 -56.07
CA ASP C 167 21.51 -44.19 -56.93
C ASP C 167 22.94 -44.16 -57.47
N GLY C 168 23.59 -45.32 -57.45
CA GLY C 168 24.95 -45.45 -57.90
C GLY C 168 26.00 -45.25 -56.83
N LEU C 169 25.60 -44.86 -55.62
CA LEU C 169 26.57 -44.70 -54.54
C LEU C 169 27.15 -46.05 -54.10
N LEU C 170 26.31 -47.07 -54.01
CA LEU C 170 26.79 -48.39 -53.58
C LEU C 170 27.81 -48.97 -54.54
N PRO C 171 27.60 -48.97 -55.86
CA PRO C 171 28.67 -49.41 -56.76
C PRO C 171 29.95 -48.61 -56.60
N PHE C 172 29.85 -47.30 -56.38
CA PHE C 172 31.04 -46.48 -56.21
C PHE C 172 31.81 -46.91 -54.96
N LEU C 173 31.09 -47.11 -53.85
CA LEU C 173 31.74 -47.54 -52.62
C LEU C 173 32.38 -48.92 -52.79
N LEU C 174 31.66 -49.83 -53.46
CA LEU C 174 32.20 -51.17 -53.66
C LEU C 174 33.47 -51.15 -54.51
N THR C 175 33.46 -50.35 -55.59
CA THR C 175 34.62 -50.30 -56.47
C THR C 175 35.80 -49.63 -55.78
N HIS C 176 35.57 -48.50 -55.10
CA HIS C 176 36.63 -47.77 -54.43
C HIS C 176 36.90 -48.26 -53.02
N LYS C 177 36.05 -49.15 -52.49
CA LYS C 177 36.23 -49.69 -51.14
C LYS C 177 36.35 -48.56 -50.11
N LYS C 178 35.52 -47.54 -50.28
CA LYS C 178 35.53 -46.37 -49.40
C LYS C 178 34.37 -46.50 -48.42
N ARG C 179 34.69 -46.50 -47.12
CA ARG C 179 33.68 -46.60 -46.09
C ARG C 179 32.98 -45.25 -45.89
N LEU C 180 31.73 -45.32 -45.42
CA LEU C 180 30.95 -44.11 -45.19
C LEU C 180 31.46 -43.29 -44.00
N THR C 181 32.36 -43.83 -43.19
CA THR C 181 32.93 -43.12 -42.05
C THR C 181 34.29 -42.53 -42.36
N ASP C 182 34.69 -42.49 -43.63
CA ASP C 182 35.99 -41.93 -43.98
C ASP C 182 36.07 -40.46 -43.60
N GLU C 183 37.26 -40.03 -43.19
CA GLU C 183 37.45 -38.66 -42.73
C GLU C 183 36.98 -37.67 -43.78
N GLU C 184 37.19 -37.97 -45.07
CA GLU C 184 36.79 -37.06 -46.12
C GLU C 184 35.27 -36.86 -46.13
N PHE C 185 34.51 -37.95 -45.96
CA PHE C 185 33.06 -37.82 -45.91
C PHE C 185 32.60 -37.04 -44.69
N ARG C 186 33.22 -37.28 -43.54
CA ARG C 186 32.83 -36.60 -42.32
C ARG C 186 33.19 -35.13 -42.39
N GLU C 187 32.30 -34.29 -41.88
CA GLU C 187 32.55 -32.84 -41.87
C GLU C 187 33.72 -32.53 -40.93
N PRO C 188 34.76 -31.86 -41.40
CA PRO C 188 35.89 -31.58 -40.51
C PRO C 188 35.53 -30.75 -39.29
N SER C 189 34.52 -29.89 -39.39
CA SER C 189 34.23 -28.95 -38.32
C SER C 189 33.89 -29.67 -37.02
N THR C 190 33.00 -30.68 -37.08
CA THR C 190 32.55 -31.36 -35.88
C THR C 190 32.46 -32.88 -36.07
N GLY C 191 33.12 -33.44 -37.07
CA GLY C 191 33.00 -34.86 -37.31
C GLY C 191 31.61 -35.30 -37.67
N LYS C 192 30.74 -34.37 -38.04
CA LYS C 192 29.36 -34.71 -38.40
C LYS C 192 29.36 -35.62 -39.63
N THR C 193 28.42 -36.56 -39.64
CA THR C 193 28.29 -37.53 -40.71
C THR C 193 26.96 -37.33 -41.43
N CYS C 194 26.70 -38.21 -42.40
CA CYS C 194 25.52 -38.05 -43.25
C CYS C 194 24.22 -38.18 -42.44
N LEU C 195 24.17 -39.17 -41.56
CA LEU C 195 22.92 -39.46 -40.85
C LEU C 195 22.46 -38.31 -39.96
N PRO C 196 23.30 -37.72 -39.11
CA PRO C 196 22.83 -36.57 -38.31
C PRO C 196 22.41 -35.40 -39.18
N LYS C 197 23.08 -35.17 -40.31
CA LYS C 197 22.63 -34.11 -41.22
C LYS C 197 21.25 -34.42 -41.77
N ALA C 198 21.01 -35.69 -42.12
CA ALA C 198 19.69 -36.06 -42.61
C ALA C 198 18.63 -35.85 -41.55
N LEU C 199 18.92 -36.24 -40.31
CA LEU C 199 17.92 -36.13 -39.24
C LEU C 199 17.69 -34.69 -38.83
N LEU C 200 18.71 -33.83 -38.94
CA LEU C 200 18.57 -32.45 -38.50
C LEU C 200 17.52 -31.71 -39.33
N ASN C 201 17.60 -31.84 -40.66
CA ASN C 201 16.68 -31.18 -41.56
C ASN C 201 15.84 -32.23 -42.28
N LEU C 202 14.52 -32.06 -42.24
CA LEU C 202 13.61 -33.01 -42.86
C LEU C 202 12.23 -32.37 -42.94
N SER C 203 11.37 -32.95 -43.78
CA SER C 203 10.04 -32.43 -44.05
C SER C 203 9.01 -33.29 -43.31
N ASN C 204 8.37 -32.70 -42.31
CA ASN C 204 7.30 -33.37 -41.56
C ASN C 204 7.76 -34.69 -40.96
N GLY C 205 9.03 -34.77 -40.59
CA GLY C 205 9.55 -35.97 -39.96
C GLY C 205 9.64 -37.17 -40.87
N ARG C 206 9.71 -36.97 -42.18
CA ARG C 206 9.75 -38.05 -43.16
C ARG C 206 10.82 -37.77 -44.22
N ASN C 207 12.04 -37.49 -43.78
CA ASN C 207 13.16 -37.22 -44.66
C ASN C 207 13.22 -38.23 -45.81
N ASP C 208 12.89 -39.49 -45.50
CA ASP C 208 12.74 -40.54 -46.51
C ASP C 208 14.08 -41.01 -47.08
N THR C 209 15.18 -40.37 -46.66
CA THR C 209 16.51 -40.80 -47.08
C THR C 209 17.17 -41.73 -46.08
N ILE C 210 16.64 -41.81 -44.86
CA ILE C 210 17.29 -42.60 -43.82
C ILE C 210 17.37 -44.08 -44.19
N PRO C 211 16.28 -44.75 -44.58
CA PRO C 211 16.38 -46.19 -44.84
C PRO C 211 17.38 -46.54 -45.94
N VAL C 212 17.47 -45.71 -46.98
CA VAL C 212 18.41 -46.01 -48.07
C VAL C 212 19.84 -45.94 -47.56
N LEU C 213 20.17 -44.89 -46.80
CA LEU C 213 21.51 -44.78 -46.24
C LEU C 213 21.82 -45.92 -45.29
N LEU C 214 20.82 -46.33 -44.48
CA LEU C 214 21.04 -47.44 -43.56
C LEU C 214 21.29 -48.74 -44.32
N ASP C 215 20.53 -48.98 -45.39
CA ASP C 215 20.77 -50.17 -46.20
C ASP C 215 22.16 -50.13 -46.83
N ILE C 216 22.58 -48.96 -47.32
CA ILE C 216 23.91 -48.84 -47.90
C ILE C 216 24.97 -49.16 -46.85
N ALA C 217 24.82 -48.62 -45.65
CA ALA C 217 25.78 -48.90 -44.58
C ALA C 217 25.79 -50.39 -44.24
N GLU C 218 24.61 -51.02 -44.24
CA GLU C 218 24.56 -52.46 -43.99
C GLU C 218 25.32 -53.23 -45.05
N ARG C 219 25.14 -52.85 -46.33
CA ARG C 219 25.87 -53.52 -47.39
C ARG C 219 27.37 -53.33 -47.23
N THR C 220 27.80 -52.12 -46.85
CA THR C 220 29.22 -51.89 -46.60
C THR C 220 29.73 -52.66 -45.39
N GLY C 221 28.83 -53.18 -44.55
CA GLY C 221 29.24 -53.92 -43.38
C GLY C 221 29.75 -53.07 -42.25
N ASN C 222 29.38 -51.80 -42.20
CA ASN C 222 29.84 -50.87 -41.16
C ASN C 222 28.65 -50.13 -40.56
N MET C 223 27.58 -50.88 -40.25
CA MET C 223 26.38 -50.25 -39.71
C MET C 223 26.58 -49.83 -38.26
N ARG C 224 27.20 -50.69 -37.45
CA ARG C 224 27.35 -50.38 -36.03
C ARG C 224 28.19 -49.12 -35.82
N GLU C 225 29.32 -49.03 -36.53
CA GLU C 225 30.16 -47.85 -36.42
C GLU C 225 29.44 -46.61 -36.94
N PHE C 226 28.71 -46.76 -38.05
CA PHE C 226 28.12 -45.60 -38.71
C PHE C 226 26.96 -45.01 -37.91
N ILE C 227 26.07 -45.86 -37.41
CA ILE C 227 24.86 -45.36 -36.76
C ILE C 227 25.21 -44.57 -35.51
N ASN C 228 26.10 -45.11 -34.69
CA ASN C 228 26.44 -44.52 -33.40
C ASN C 228 27.77 -43.78 -33.43
N SER C 229 28.07 -43.11 -34.54
CA SER C 229 29.30 -42.35 -34.63
C SER C 229 29.16 -41.07 -33.80
N PRO C 230 29.99 -40.85 -32.80
CA PRO C 230 29.82 -39.67 -31.95
C PRO C 230 30.46 -38.43 -32.56
N PHE C 231 29.86 -37.28 -32.23
CA PHE C 231 30.42 -36.01 -32.65
C PHE C 231 31.70 -35.70 -31.88
N ARG C 232 32.66 -35.12 -32.57
CA ARG C 232 33.89 -34.65 -31.95
C ARG C 232 33.71 -33.19 -31.54
N ASP C 233 34.81 -32.52 -31.23
CA ASP C 233 34.79 -31.12 -30.83
C ASP C 233 34.31 -30.96 -29.40
N ILE C 234 33.96 -29.75 -29.01
CA ILE C 234 33.67 -29.40 -27.62
C ILE C 234 32.17 -29.21 -27.40
N TYR C 235 31.54 -28.38 -28.22
CA TYR C 235 30.16 -27.96 -27.94
C TYR C 235 29.20 -29.15 -27.98
N TYR C 236 29.33 -30.02 -28.99
CA TYR C 236 28.41 -31.12 -29.20
C TYR C 236 29.11 -32.46 -29.08
N ARG C 237 29.98 -32.60 -28.07
CA ARG C 237 30.73 -33.84 -27.91
C ARG C 237 29.82 -34.94 -27.37
N GLY C 238 29.90 -36.12 -27.98
CA GLY C 238 29.16 -37.27 -27.55
C GLY C 238 27.78 -37.41 -28.18
N GLN C 239 27.26 -36.36 -28.81
CA GLN C 239 25.94 -36.43 -29.41
C GLN C 239 25.92 -37.50 -30.50
N THR C 240 24.79 -38.20 -30.61
CA THR C 240 24.62 -39.28 -31.55
C THR C 240 23.32 -39.08 -32.33
N ALA C 241 23.06 -39.99 -33.25
CA ALA C 241 21.83 -39.91 -34.05
C ALA C 241 20.60 -40.15 -33.20
N LEU C 242 20.69 -41.04 -32.20
CA LEU C 242 19.54 -41.36 -31.39
C LEU C 242 19.03 -40.15 -30.62
N HIS C 243 19.95 -39.35 -30.08
CA HIS C 243 19.54 -38.14 -29.37
C HIS C 243 18.76 -37.21 -30.29
N ILE C 244 19.24 -37.04 -31.52
CA ILE C 244 18.55 -36.17 -32.47
C ILE C 244 17.17 -36.73 -32.79
N ALA C 245 17.09 -38.04 -33.04
CA ALA C 245 15.80 -38.65 -33.37
C ALA C 245 14.81 -38.47 -32.24
N ILE C 246 15.27 -38.64 -31.00
CA ILE C 246 14.39 -38.43 -29.86
C ILE C 246 13.95 -36.97 -29.77
N GLU C 247 14.88 -36.05 -30.00
CA GLU C 247 14.57 -34.64 -29.86
C GLU C 247 13.52 -34.20 -30.87
N ARG C 248 13.62 -34.66 -32.11
CA ARG C 248 12.68 -34.25 -33.14
C ARG C 248 11.30 -34.88 -32.98
N ARG C 249 11.09 -35.67 -31.93
CA ARG C 249 9.76 -36.16 -31.56
C ARG C 249 9.19 -37.12 -32.62
N CYS C 250 10.06 -37.80 -33.36
CA CYS C 250 9.64 -38.78 -34.36
C CYS C 250 9.88 -40.17 -33.79
N LYS C 251 8.78 -40.90 -33.56
CA LYS C 251 8.88 -42.25 -33.02
C LYS C 251 9.43 -43.24 -34.04
N HIS C 252 9.09 -43.05 -35.32
CA HIS C 252 9.48 -44.02 -36.35
C HIS C 252 10.99 -44.15 -36.44
N TYR C 253 11.70 -43.03 -36.51
CA TYR C 253 13.15 -43.09 -36.63
C TYR C 253 13.79 -43.64 -35.36
N VAL C 254 13.21 -43.36 -34.20
CA VAL C 254 13.71 -43.95 -32.96
C VAL C 254 13.61 -45.47 -33.03
N GLU C 255 12.45 -45.98 -33.44
CA GLU C 255 12.29 -47.42 -33.58
C GLU C 255 13.30 -47.98 -34.56
N LEU C 256 13.48 -47.32 -35.70
CA LEU C 256 14.40 -47.81 -36.71
C LEU C 256 15.82 -47.88 -36.18
N LEU C 257 16.30 -46.79 -35.56
CA LEU C 257 17.66 -46.77 -35.05
C LEU C 257 17.85 -47.82 -33.96
N VAL C 258 16.88 -47.96 -33.06
CA VAL C 258 17.02 -48.93 -31.98
C VAL C 258 17.06 -50.35 -32.54
N ALA C 259 16.19 -50.65 -33.51
CA ALA C 259 16.16 -51.98 -34.08
C ALA C 259 17.44 -52.29 -34.83
N GLN C 260 17.98 -51.31 -35.58
CA GLN C 260 19.18 -51.55 -36.36
C GLN C 260 20.42 -51.72 -35.49
N GLY C 261 20.35 -51.44 -34.21
CA GLY C 261 21.44 -51.61 -33.30
C GLY C 261 22.04 -50.34 -32.72
N ALA C 262 21.29 -49.24 -32.70
CA ALA C 262 21.81 -48.00 -32.16
C ALA C 262 22.05 -48.12 -30.66
N ASP C 263 23.19 -47.60 -30.21
CA ASP C 263 23.48 -47.61 -28.78
C ASP C 263 22.47 -46.75 -28.04
N VAL C 264 22.02 -47.25 -26.89
CA VAL C 264 20.99 -46.58 -26.10
C VAL C 264 21.55 -45.98 -24.81
N HIS C 265 22.80 -46.26 -24.47
CA HIS C 265 23.42 -45.72 -23.27
C HIS C 265 24.47 -44.65 -23.59
N ALA C 266 24.52 -44.18 -24.85
CA ALA C 266 25.49 -43.17 -25.22
C ALA C 266 25.26 -41.89 -24.44
N GLN C 267 26.34 -41.26 -24.01
CA GLN C 267 26.30 -40.06 -23.18
C GLN C 267 26.76 -38.86 -23.99
N ALA C 268 25.98 -37.78 -23.90
CA ALA C 268 26.32 -36.52 -24.55
C ALA C 268 26.90 -35.58 -23.49
N ARG C 269 28.17 -35.20 -23.66
CA ARG C 269 28.90 -34.44 -22.65
C ARG C 269 29.40 -33.10 -23.18
N GLY C 270 28.82 -32.60 -24.27
CA GLY C 270 29.24 -31.32 -24.80
C GLY C 270 28.89 -30.17 -23.87
N ARG C 271 29.64 -29.07 -24.02
CA ARG C 271 29.41 -27.92 -23.17
C ARG C 271 28.00 -27.35 -23.36
N PHE C 272 27.43 -27.50 -24.56
CA PHE C 272 26.07 -27.02 -24.79
C PHE C 272 25.07 -27.78 -23.94
N PHE C 273 25.34 -29.04 -23.63
CA PHE C 273 24.46 -29.89 -22.85
C PHE C 273 24.65 -29.74 -21.35
N GLN C 274 25.62 -28.94 -20.92
CA GLN C 274 25.89 -28.75 -19.51
C GLN C 274 24.85 -27.83 -18.87
N PRO C 275 24.76 -27.81 -17.55
CA PRO C 275 23.76 -26.97 -16.88
C PRO C 275 23.86 -25.51 -17.29
N LYS C 276 22.81 -24.75 -16.95
CA LYS C 276 22.75 -23.36 -17.33
C LYS C 276 23.89 -22.55 -16.71
N ASP C 277 24.07 -22.68 -15.40
CA ASP C 277 25.08 -21.88 -14.70
C ASP C 277 26.50 -22.21 -15.14
N GLU C 278 26.72 -23.37 -15.75
CA GLU C 278 28.06 -23.79 -16.15
C GLU C 278 28.43 -23.34 -17.55
N GLY C 279 27.44 -23.08 -18.41
CA GLY C 279 27.71 -22.61 -19.76
C GLY C 279 26.87 -23.29 -20.82
N GLY C 280 26.20 -24.37 -20.47
CA GLY C 280 25.35 -25.10 -21.39
C GLY C 280 23.90 -24.67 -21.23
N TYR C 281 23.25 -24.39 -22.37
CA TYR C 281 21.91 -23.83 -22.35
C TYR C 281 20.83 -24.85 -22.02
N PHE C 282 21.14 -26.15 -22.06
CA PHE C 282 20.14 -27.18 -21.81
C PHE C 282 20.81 -28.38 -21.17
N TYR C 283 20.20 -28.91 -20.11
CA TYR C 283 20.69 -30.10 -19.43
C TYR C 283 19.56 -31.09 -19.24
N PHE C 284 19.82 -32.36 -19.57
CA PHE C 284 18.78 -33.37 -19.52
C PHE C 284 19.30 -34.71 -18.97
N GLY C 285 20.42 -34.71 -18.27
CA GLY C 285 20.96 -35.92 -17.70
C GLY C 285 21.92 -36.68 -18.59
N GLU C 286 22.08 -36.26 -19.85
CA GLU C 286 23.06 -36.85 -20.76
C GLU C 286 22.76 -38.31 -21.04
N LEU C 287 21.50 -38.60 -21.38
CA LEU C 287 21.08 -39.95 -21.72
C LEU C 287 19.89 -39.86 -22.65
N PRO C 288 19.68 -40.88 -23.50
CA PRO C 288 18.50 -40.85 -24.38
C PRO C 288 17.18 -40.91 -23.61
N LEU C 289 17.04 -41.88 -22.69
CA LEU C 289 15.79 -42.00 -21.95
C LEU C 289 15.53 -40.76 -21.12
N SER C 290 16.57 -40.23 -20.47
CA SER C 290 16.41 -39.01 -19.69
C SER C 290 16.00 -37.85 -20.58
N LEU C 291 16.59 -37.76 -21.78
CA LEU C 291 16.21 -36.71 -22.72
C LEU C 291 14.75 -36.82 -23.11
N ALA C 292 14.29 -38.04 -23.40
CA ALA C 292 12.89 -38.23 -23.75
C ALA C 292 11.98 -37.85 -22.59
N ALA C 293 12.35 -38.24 -21.37
CA ALA C 293 11.51 -37.93 -20.21
C ALA C 293 11.44 -36.43 -19.97
N CYS C 294 12.56 -35.72 -20.12
CA CYS C 294 12.58 -34.28 -19.86
C CYS C 294 11.84 -33.49 -20.93
N THR C 295 11.58 -34.09 -22.09
CA THR C 295 10.92 -33.41 -23.20
C THR C 295 9.44 -33.74 -23.28
N ASN C 296 8.89 -34.42 -22.28
CA ASN C 296 7.46 -34.73 -22.22
C ASN C 296 7.04 -35.57 -23.44
N GLN C 297 7.61 -36.76 -23.54
CA GLN C 297 7.29 -37.73 -24.59
C GLN C 297 7.02 -39.08 -23.96
N PRO C 298 5.87 -39.24 -23.30
CA PRO C 298 5.59 -40.51 -22.61
C PRO C 298 5.67 -41.73 -23.51
N HIS C 299 5.21 -41.61 -24.76
CA HIS C 299 5.22 -42.75 -25.66
C HIS C 299 6.64 -43.22 -25.94
N ILE C 300 7.55 -42.27 -26.18
CA ILE C 300 8.93 -42.64 -26.45
C ILE C 300 9.55 -43.33 -25.25
N VAL C 301 9.30 -42.80 -24.05
CA VAL C 301 9.85 -43.41 -22.84
C VAL C 301 9.29 -44.82 -22.67
N ASN C 302 7.99 -44.99 -22.87
CA ASN C 302 7.38 -46.31 -22.73
C ASN C 302 8.00 -47.31 -23.71
N TYR C 303 8.15 -46.90 -24.96
CA TYR C 303 8.73 -47.80 -25.95
C TYR C 303 10.18 -48.13 -25.62
N LEU C 304 10.96 -47.12 -25.23
CA LEU C 304 12.38 -47.33 -25.01
C LEU C 304 12.63 -48.19 -23.78
N THR C 305 11.81 -48.03 -22.74
CA THR C 305 11.97 -48.83 -21.53
C THR C 305 11.77 -50.31 -21.82
N GLU C 306 10.74 -50.66 -22.60
CA GLU C 306 10.41 -52.04 -22.93
C GLU C 306 10.45 -52.19 -24.44
N ASN C 307 11.56 -52.71 -24.95
CA ASN C 307 11.72 -52.99 -26.36
C ASN C 307 12.32 -54.38 -26.53
N PRO C 308 11.88 -55.14 -27.54
CA PRO C 308 12.43 -56.49 -27.73
C PRO C 308 13.91 -56.50 -28.09
N HIS C 309 14.45 -55.39 -28.58
CA HIS C 309 15.85 -55.33 -29.02
C HIS C 309 16.77 -54.90 -27.89
N LYS C 310 16.52 -53.74 -27.30
CA LYS C 310 17.32 -53.20 -26.23
C LYS C 310 16.43 -52.46 -25.24
N LYS C 311 16.90 -52.37 -24.00
CA LYS C 311 16.19 -51.70 -22.93
C LYS C 311 17.13 -50.75 -22.21
N ALA C 312 16.62 -49.57 -21.88
CA ALA C 312 17.38 -48.56 -21.14
C ALA C 312 16.95 -48.61 -19.68
N ASP C 313 17.79 -49.21 -18.84
CA ASP C 313 17.48 -49.31 -17.42
C ASP C 313 17.36 -47.92 -16.81
N MET C 314 16.30 -47.72 -16.02
CA MET C 314 16.04 -46.43 -15.42
C MET C 314 17.02 -46.09 -14.31
N ARG C 315 17.67 -47.08 -13.72
CA ARG C 315 18.65 -46.85 -12.66
C ARG C 315 20.06 -46.80 -13.25
N ARG C 316 20.24 -45.82 -14.14
CA ARG C 316 21.50 -45.61 -14.84
C ARG C 316 21.98 -44.19 -14.57
N GLN C 317 23.26 -44.06 -14.22
CA GLN C 317 23.83 -42.79 -13.81
C GLN C 317 24.83 -42.31 -14.86
N ASP C 318 24.82 -41.00 -15.12
CA ASP C 318 25.74 -40.38 -16.05
C ASP C 318 27.06 -40.07 -15.33
N SER C 319 27.92 -39.28 -15.96
CA SER C 319 29.18 -38.91 -15.33
C SER C 319 28.93 -38.15 -14.04
N ARG C 320 27.98 -37.22 -14.06
CA ARG C 320 27.66 -36.45 -12.86
C ARG C 320 27.06 -37.32 -11.77
N GLY C 321 26.57 -38.51 -12.11
CA GLY C 321 25.87 -39.36 -11.18
C GLY C 321 24.37 -39.20 -11.20
N ASN C 322 23.87 -38.14 -11.83
CA ASN C 322 22.43 -37.90 -11.89
C ASN C 322 21.75 -38.98 -12.74
N THR C 323 20.67 -39.55 -12.21
CA THR C 323 19.85 -40.50 -12.93
C THR C 323 18.64 -39.77 -13.51
N VAL C 324 17.69 -40.53 -14.04
CA VAL C 324 16.57 -39.93 -14.76
C VAL C 324 15.78 -39.00 -13.84
N LEU C 325 15.53 -39.43 -12.60
CA LEU C 325 14.82 -38.58 -11.66
C LEU C 325 15.62 -37.32 -11.34
N HIS C 326 16.93 -37.46 -11.20
CA HIS C 326 17.77 -36.29 -10.95
C HIS C 326 17.64 -35.27 -12.07
N ALA C 327 17.73 -35.74 -13.32
CA ALA C 327 17.61 -34.82 -14.45
C ALA C 327 16.23 -34.22 -14.52
N LEU C 328 15.20 -35.02 -14.26
CA LEU C 328 13.83 -34.51 -14.31
C LEU C 328 13.64 -33.40 -13.29
N VAL C 329 14.22 -33.56 -12.10
CA VAL C 329 14.16 -32.50 -11.10
C VAL C 329 14.97 -31.29 -11.55
N ALA C 330 16.10 -31.54 -12.22
CA ALA C 330 16.98 -30.44 -12.61
C ALA C 330 16.26 -29.47 -13.56
N ILE C 331 15.53 -30.02 -14.54
CA ILE C 331 14.79 -29.17 -15.47
C ILE C 331 13.44 -28.76 -14.94
N ALA C 332 13.05 -29.24 -13.76
CA ALA C 332 11.75 -28.88 -13.20
C ALA C 332 11.69 -27.38 -12.95
N ASP C 333 10.52 -26.81 -13.15
CA ASP C 333 10.30 -25.38 -12.97
C ASP C 333 9.02 -25.17 -12.16
N ASN C 334 8.93 -24.01 -11.52
CA ASN C 334 7.80 -23.67 -10.69
C ASN C 334 6.60 -23.19 -11.49
N THR C 335 6.69 -23.16 -12.82
CA THR C 335 5.58 -22.73 -13.65
C THR C 335 4.43 -23.72 -13.56
N ARG C 336 3.23 -23.23 -13.85
CA ARG C 336 2.03 -24.03 -13.70
C ARG C 336 2.04 -25.23 -14.64
N GLU C 337 2.41 -25.01 -15.90
CA GLU C 337 2.36 -26.09 -16.89
C GLU C 337 3.51 -27.08 -16.67
N ASN C 338 4.70 -26.58 -16.40
CA ASN C 338 5.87 -27.46 -16.29
C ASN C 338 5.71 -28.44 -15.13
N THR C 339 5.19 -27.97 -13.99
CA THR C 339 5.11 -28.81 -12.80
C THR C 339 4.21 -30.00 -13.03
N LYS C 340 3.08 -29.81 -13.71
CA LYS C 340 2.14 -30.90 -13.91
C LYS C 340 2.81 -32.04 -14.66
N PHE C 341 3.43 -31.75 -15.80
CA PHE C 341 4.05 -32.81 -16.59
C PHE C 341 5.27 -33.39 -15.88
N VAL C 342 6.02 -32.56 -15.15
CA VAL C 342 7.16 -33.08 -14.41
C VAL C 342 6.70 -34.12 -13.39
N THR C 343 5.67 -33.77 -12.61
CA THR C 343 5.17 -34.71 -11.60
C THR C 343 4.60 -35.95 -12.25
N LYS C 344 3.86 -35.80 -13.35
CA LYS C 344 3.27 -36.96 -14.00
C LYS C 344 4.35 -37.91 -14.49
N MET C 345 5.37 -37.38 -15.16
CA MET C 345 6.45 -38.22 -15.66
C MET C 345 7.22 -38.86 -14.52
N TYR C 346 7.47 -38.11 -13.45
CA TYR C 346 8.18 -38.64 -12.30
C TYR C 346 7.44 -39.83 -11.71
N ASP C 347 6.13 -39.66 -11.48
CA ASP C 347 5.34 -40.75 -10.93
C ASP C 347 5.31 -41.95 -11.87
N LEU C 348 5.12 -41.71 -13.16
CA LEU C 348 5.08 -42.82 -14.11
C LEU C 348 6.38 -43.60 -14.10
N LEU C 349 7.51 -42.89 -14.15
CA LEU C 349 8.80 -43.56 -14.22
C LEU C 349 9.10 -44.30 -12.92
N LEU C 350 8.78 -43.69 -11.77
CA LEU C 350 9.01 -44.37 -10.50
C LEU C 350 8.17 -45.63 -10.39
N LEU C 351 6.90 -45.56 -10.81
CA LEU C 351 6.05 -46.73 -10.75
C LEU C 351 6.58 -47.83 -11.67
N LYS C 352 7.01 -47.46 -12.87
CA LYS C 352 7.56 -48.47 -13.79
C LYS C 352 8.79 -49.13 -13.20
N CYS C 353 9.70 -48.33 -12.64
CA CYS C 353 10.92 -48.88 -12.06
C CYS C 353 10.61 -49.81 -10.90
N ALA C 354 9.69 -49.41 -10.03
CA ALA C 354 9.30 -50.27 -8.91
C ALA C 354 8.66 -51.55 -9.41
N ARG C 355 7.81 -51.46 -10.41
CA ARG C 355 7.12 -52.63 -10.93
C ARG C 355 8.12 -53.62 -11.52
N LEU C 356 9.08 -53.13 -12.31
CA LEU C 356 10.03 -54.02 -12.96
C LEU C 356 11.02 -54.60 -11.95
N PHE C 357 11.53 -53.78 -11.05
CA PHE C 357 12.44 -54.23 -9.99
C PHE C 357 11.80 -53.98 -8.63
N PRO C 358 11.20 -55.00 -8.00
CA PRO C 358 10.56 -54.77 -6.69
C PRO C 358 11.56 -54.66 -5.54
N ASP C 359 12.75 -55.23 -5.68
CA ASP C 359 13.69 -55.26 -4.56
C ASP C 359 14.27 -53.87 -4.28
N SER C 360 14.65 -53.15 -5.32
CA SER C 360 15.35 -51.88 -5.18
C SER C 360 14.41 -50.71 -5.44
N ASN C 361 14.56 -49.65 -4.65
CA ASN C 361 13.80 -48.42 -4.82
C ASN C 361 14.66 -47.41 -5.58
N LEU C 362 14.07 -46.81 -6.61
CA LEU C 362 14.84 -45.93 -7.49
C LEU C 362 15.35 -44.70 -6.76
N GLU C 363 14.52 -44.12 -5.88
CA GLU C 363 14.93 -42.90 -5.18
C GLU C 363 16.13 -43.12 -4.29
N ALA C 364 16.45 -44.38 -3.96
CA ALA C 364 17.58 -44.64 -3.07
C ALA C 364 18.90 -44.22 -3.71
N VAL C 365 19.02 -44.33 -5.04
CA VAL C 365 20.27 -44.03 -5.70
C VAL C 365 20.67 -42.58 -5.43
N LEU C 366 21.96 -42.36 -5.24
CA LEU C 366 22.50 -41.04 -4.98
C LEU C 366 23.52 -40.68 -6.05
N ASN C 367 23.67 -39.38 -6.28
CA ASN C 367 24.63 -38.88 -7.25
C ASN C 367 26.01 -38.77 -6.61
N ASN C 368 26.97 -38.22 -7.38
CA ASN C 368 28.31 -38.05 -6.85
C ASN C 368 28.32 -37.08 -5.68
N ASP C 369 27.50 -36.04 -5.74
CA ASP C 369 27.39 -35.10 -4.63
C ASP C 369 26.79 -35.73 -3.38
N GLY C 370 26.19 -36.92 -3.50
CA GLY C 370 25.58 -37.60 -2.37
C GLY C 370 24.13 -37.27 -2.15
N LEU C 371 23.54 -36.39 -2.93
CA LEU C 371 22.15 -35.99 -2.76
C LEU C 371 21.22 -36.94 -3.49
N SER C 372 19.96 -36.95 -3.06
CA SER C 372 18.88 -37.68 -3.68
C SER C 372 17.91 -36.71 -4.34
N PRO C 373 16.99 -37.21 -5.17
CA PRO C 373 16.07 -36.29 -5.85
C PRO C 373 15.32 -35.37 -4.90
N LEU C 374 14.88 -35.91 -3.76
CA LEU C 374 14.23 -35.06 -2.76
C LEU C 374 15.20 -34.01 -2.23
N MET C 375 16.40 -34.44 -1.85
CA MET C 375 17.37 -33.50 -1.31
C MET C 375 17.81 -32.48 -2.36
N MET C 376 18.00 -32.93 -3.60
CA MET C 376 18.39 -31.99 -4.65
C MET C 376 17.28 -30.99 -4.93
N ALA C 377 16.02 -31.43 -4.94
CA ALA C 377 14.92 -30.49 -5.12
C ALA C 377 14.87 -29.49 -3.98
N ALA C 378 15.09 -29.95 -2.75
CA ALA C 378 15.11 -29.04 -1.61
C ALA C 378 16.24 -28.03 -1.74
N LYS C 379 17.42 -28.48 -2.17
CA LYS C 379 18.58 -27.61 -2.27
C LYS C 379 18.41 -26.59 -3.38
N THR C 380 17.79 -27.01 -4.49
CA THR C 380 17.62 -26.14 -5.65
C THR C 380 16.45 -25.19 -5.51
N GLY C 381 15.57 -25.40 -4.54
CA GLY C 381 14.45 -24.50 -4.34
C GLY C 381 13.28 -24.73 -5.26
N LYS C 382 13.09 -25.96 -5.74
CA LYS C 382 11.98 -26.29 -6.63
C LYS C 382 10.85 -26.86 -5.80
N ILE C 383 9.95 -25.97 -5.35
CA ILE C 383 8.86 -26.37 -4.48
C ILE C 383 7.86 -27.27 -5.21
N GLY C 384 7.64 -27.04 -6.50
CA GLY C 384 6.58 -27.73 -7.20
C GLY C 384 6.69 -29.24 -7.11
N ILE C 385 7.90 -29.76 -7.35
CA ILE C 385 8.10 -31.21 -7.25
C ILE C 385 8.33 -31.63 -5.80
N PHE C 386 8.92 -30.74 -4.99
CA PHE C 386 9.22 -31.10 -3.61
C PHE C 386 7.96 -31.41 -2.83
N GLN C 387 6.97 -30.50 -2.87
CA GLN C 387 5.75 -30.72 -2.12
C GLN C 387 5.05 -31.99 -2.56
N HIS C 388 5.02 -32.25 -3.87
CA HIS C 388 4.40 -33.48 -4.37
C HIS C 388 5.13 -34.71 -3.85
N ILE C 389 6.46 -34.67 -3.83
CA ILE C 389 7.22 -35.82 -3.35
C ILE C 389 6.94 -36.06 -1.87
N ILE C 390 6.81 -34.98 -1.09
CA ILE C 390 6.60 -35.14 0.34
C ILE C 390 5.30 -35.89 0.62
N ARG C 391 4.24 -35.53 -0.09
CA ARG C 391 2.91 -36.09 0.15
C ARG C 391 2.51 -37.09 -0.92
N ARG C 392 3.47 -37.89 -1.39
CA ARG C 392 3.17 -38.89 -2.40
C ARG C 392 2.36 -40.02 -1.80
N GLU C 393 1.21 -40.32 -2.41
CA GLU C 393 0.35 -41.41 -1.98
C GLU C 393 -0.02 -42.25 -3.19
N VAL C 394 0.10 -43.56 -3.06
CA VAL C 394 -0.16 -44.50 -4.14
C VAL C 394 -1.38 -45.33 -3.77
N THR C 395 -2.41 -45.27 -4.61
CA THR C 395 -3.62 -46.05 -4.38
C THR C 395 -3.43 -47.51 -4.77
N ASP C 396 -2.53 -47.80 -5.71
CA ASP C 396 -2.34 -49.17 -6.18
C ASP C 396 -1.92 -50.06 -5.02
N GLU C 397 -2.58 -51.23 -4.91
CA GLU C 397 -2.26 -52.16 -3.84
C GLU C 397 -0.91 -52.82 -4.07
N ASP C 398 -0.56 -53.11 -5.32
CA ASP C 398 0.67 -53.85 -5.60
C ASP C 398 1.90 -53.07 -5.16
N THR C 399 1.92 -51.76 -5.41
CA THR C 399 3.09 -50.93 -5.16
C THR C 399 2.71 -49.70 -4.34
N ARG C 400 1.92 -49.92 -3.28
CA ARG C 400 1.58 -48.86 -2.34
C ARG C 400 2.63 -48.68 -1.26
N HIS C 401 3.62 -49.57 -1.19
CA HIS C 401 4.62 -49.48 -0.13
C HIS C 401 5.45 -48.21 -0.26
N LEU C 402 5.78 -47.82 -1.50
CA LEU C 402 6.64 -46.66 -1.71
C LEU C 402 5.93 -45.34 -1.48
N SER C 403 4.69 -45.35 -1.01
CA SER C 403 4.00 -44.10 -0.71
C SER C 403 4.60 -43.46 0.54
N ARG C 404 4.45 -42.14 0.63
CA ARG C 404 5.01 -41.37 1.73
C ARG C 404 3.95 -40.76 2.64
N LYS C 405 2.68 -40.77 2.24
CA LYS C 405 1.59 -40.25 3.04
C LYS C 405 0.53 -41.33 3.19
N PHE C 406 0.19 -41.65 4.42
CA PHE C 406 -0.81 -42.66 4.73
C PHE C 406 -1.98 -42.03 5.48
N LYS C 407 -3.11 -42.72 5.48
CA LYS C 407 -4.29 -42.30 6.20
C LYS C 407 -4.42 -43.08 7.49
N ASP C 408 -4.54 -42.37 8.61
CA ASP C 408 -4.61 -43.01 9.93
C ASP C 408 -6.06 -43.31 10.30
N TRP C 409 -6.90 -42.29 10.39
CA TRP C 409 -8.32 -42.51 10.65
C TRP C 409 -9.08 -41.19 10.58
N ALA C 410 -10.38 -41.31 10.34
CA ALA C 410 -11.26 -40.16 10.24
C ALA C 410 -12.39 -40.29 11.26
N TYR C 411 -12.56 -39.26 12.07
CA TYR C 411 -13.70 -39.14 12.98
C TYR C 411 -14.42 -37.85 12.64
N GLY C 412 -15.58 -37.98 12.01
CA GLY C 412 -16.34 -36.82 11.58
C GLY C 412 -15.50 -35.91 10.71
N PRO C 413 -15.64 -34.60 10.91
CA PRO C 413 -14.81 -33.65 10.14
C PRO C 413 -13.33 -33.79 10.40
N VAL C 414 -12.93 -34.43 11.49
CA VAL C 414 -11.51 -34.56 11.83
C VAL C 414 -10.91 -35.70 11.03
N TYR C 415 -9.78 -35.43 10.37
CA TYR C 415 -9.05 -36.44 9.61
C TYR C 415 -7.61 -36.45 10.08
N SER C 416 -7.12 -37.61 10.51
CA SER C 416 -5.75 -37.79 10.96
C SER C 416 -5.02 -38.66 9.96
N SER C 417 -3.91 -38.13 9.44
CA SER C 417 -3.10 -38.80 8.44
C SER C 417 -1.66 -38.93 8.93
N LEU C 418 -1.00 -39.98 8.49
CA LEU C 418 0.29 -40.39 9.03
C LEU C 418 1.35 -40.24 7.95
N TYR C 419 2.11 -39.14 8.00
CA TYR C 419 3.19 -38.90 7.06
C TYR C 419 4.40 -39.75 7.43
N ASP C 420 5.32 -39.87 6.47
CA ASP C 420 6.57 -40.60 6.65
C ASP C 420 7.73 -39.62 6.56
N LEU C 421 8.70 -39.78 7.45
CA LEU C 421 9.87 -38.91 7.49
C LEU C 421 11.13 -39.75 7.71
N SER C 422 11.23 -40.86 6.99
CA SER C 422 12.40 -41.73 7.14
C SER C 422 13.68 -40.99 6.81
N SER C 423 13.69 -40.23 5.70
CA SER C 423 14.84 -39.44 5.31
C SER C 423 14.64 -37.95 5.49
N LEU C 424 13.43 -37.51 5.86
CA LEU C 424 13.19 -36.08 6.05
C LEU C 424 13.90 -35.57 7.29
N ASP C 425 14.03 -36.41 8.32
CA ASP C 425 14.74 -36.05 9.54
C ASP C 425 15.72 -37.16 9.87
N THR C 426 16.98 -36.78 10.09
CA THR C 426 18.03 -37.73 10.42
C THR C 426 18.79 -37.25 11.65
N CYS C 427 19.07 -38.19 12.55
CA CYS C 427 19.80 -37.90 13.78
C CYS C 427 21.30 -38.09 13.60
N GLY C 428 21.85 -37.45 12.58
CA GLY C 428 23.26 -37.54 12.28
C GLY C 428 23.66 -38.73 11.43
N GLU C 429 22.75 -39.69 11.21
CA GLU C 429 23.07 -40.84 10.39
C GLU C 429 23.37 -40.42 8.95
N GLU C 430 22.57 -39.50 8.41
CA GLU C 430 22.77 -39.01 7.06
C GLU C 430 22.21 -37.59 6.97
N ALA C 431 22.57 -36.90 5.89
CA ALA C 431 22.07 -35.55 5.68
C ALA C 431 20.54 -35.55 5.62
N SER C 432 19.95 -34.51 6.20
CA SER C 432 18.51 -34.39 6.30
C SER C 432 18.02 -33.23 5.43
N VAL C 433 16.79 -33.36 4.95
CA VAL C 433 16.20 -32.32 4.11
C VAL C 433 16.09 -31.02 4.89
N LEU C 434 15.77 -31.12 6.19
CA LEU C 434 15.53 -29.93 6.99
C LEU C 434 16.80 -29.08 7.12
N GLU C 435 17.93 -29.73 7.43
CA GLU C 435 19.18 -28.99 7.57
C GLU C 435 19.58 -28.32 6.27
N ILE C 436 19.46 -29.05 5.15
CA ILE C 436 19.81 -28.48 3.86
C ILE C 436 18.90 -27.30 3.55
N LEU C 437 17.61 -27.44 3.81
CA LEU C 437 16.66 -26.37 3.51
C LEU C 437 16.96 -25.13 4.34
N VAL C 438 17.35 -25.30 5.60
CA VAL C 438 17.53 -24.17 6.49
C VAL C 438 18.90 -23.51 6.28
N TYR C 439 19.96 -24.28 6.51
CA TYR C 439 21.30 -23.68 6.57
C TYR C 439 21.75 -23.14 5.22
N ASN C 440 21.42 -23.82 4.13
CA ASN C 440 21.92 -23.41 2.83
C ASN C 440 21.41 -22.03 2.46
N SER C 441 22.23 -21.29 1.73
CA SER C 441 21.95 -19.92 1.32
C SER C 441 21.59 -19.85 -0.15
N LYS C 442 20.91 -18.77 -0.52
CA LYS C 442 20.55 -18.50 -1.91
C LYS C 442 19.57 -19.55 -2.44
N ILE C 443 18.48 -19.74 -1.70
CA ILE C 443 17.40 -20.65 -2.10
C ILE C 443 16.21 -19.79 -2.51
N GLU C 444 15.64 -20.09 -3.67
CA GLU C 444 14.61 -19.22 -4.25
C GLU C 444 13.38 -19.15 -3.36
N ASN C 445 12.88 -20.30 -2.90
CA ASN C 445 11.61 -20.40 -2.20
C ASN C 445 11.77 -21.13 -0.87
N ARG C 446 12.79 -20.74 -0.11
CA ARG C 446 13.02 -21.38 1.19
C ARG C 446 11.83 -21.18 2.11
N HIS C 447 11.33 -19.94 2.18
CA HIS C 447 10.23 -19.64 3.11
C HIS C 447 8.98 -20.43 2.76
N GLU C 448 8.69 -20.58 1.47
CA GLU C 448 7.50 -21.33 1.07
C GLU C 448 7.67 -22.81 1.34
N MET C 449 8.87 -23.34 1.06
CA MET C 449 9.11 -24.75 1.28
C MET C 449 9.10 -25.11 2.76
N LEU C 450 9.44 -24.15 3.62
CA LEU C 450 9.36 -24.40 5.06
C LEU C 450 7.92 -24.56 5.53
N ALA C 451 6.96 -23.96 4.81
CA ALA C 451 5.56 -23.99 5.22
C ALA C 451 4.85 -25.14 4.51
N VAL C 452 5.16 -26.36 4.96
CA VAL C 452 4.53 -27.57 4.47
C VAL C 452 4.01 -28.36 5.65
N GLU C 453 3.04 -29.23 5.39
CA GLU C 453 2.26 -29.86 6.44
C GLU C 453 3.12 -30.55 7.50
N PRO C 454 4.11 -31.37 7.16
CA PRO C 454 4.84 -32.11 8.20
C PRO C 454 5.96 -31.30 8.82
N ILE C 455 6.54 -30.38 8.07
CA ILE C 455 7.70 -29.63 8.55
C ILE C 455 7.32 -28.81 9.78
N ASN C 456 6.22 -28.08 9.69
CA ASN C 456 5.81 -27.21 10.80
C ASN C 456 5.51 -28.02 12.04
N GLU C 457 4.78 -29.13 11.89
CA GLU C 457 4.45 -29.95 13.04
C GLU C 457 5.69 -30.58 13.66
N LEU C 458 6.63 -31.02 12.82
CA LEU C 458 7.86 -31.61 13.35
C LEU C 458 8.67 -30.58 14.12
N LEU C 459 8.78 -29.36 13.58
CA LEU C 459 9.49 -28.32 14.30
C LEU C 459 8.81 -27.99 15.62
N ARG C 460 7.47 -27.93 15.62
CA ARG C 460 6.74 -27.62 16.84
C ARG C 460 6.99 -28.69 17.90
N ASP C 461 6.88 -29.97 17.49
CA ASP C 461 7.09 -31.06 18.45
C ASP C 461 8.52 -31.07 18.96
N LYS C 462 9.50 -30.86 18.09
CA LYS C 462 10.89 -30.85 18.52
C LYS C 462 11.14 -29.72 19.50
N TRP C 463 10.56 -28.53 19.24
CA TRP C 463 10.72 -27.41 20.14
C TRP C 463 10.09 -27.70 21.50
N ARG C 464 8.88 -28.27 21.50
CA ARG C 464 8.22 -28.55 22.77
C ARG C 464 8.96 -29.61 23.57
N LYS C 465 9.47 -30.64 22.89
CA LYS C 465 10.03 -31.79 23.61
C LYS C 465 11.25 -31.38 24.44
N PHE C 466 12.22 -30.72 23.82
CA PHE C 466 13.44 -30.35 24.53
C PHE C 466 13.96 -28.95 24.23
N GLY C 467 13.49 -28.27 23.18
CA GLY C 467 14.10 -27.00 22.81
C GLY C 467 13.96 -25.95 23.88
N ALA C 468 12.74 -25.78 24.41
CA ALA C 468 12.52 -24.76 25.43
C ALA C 468 13.29 -25.06 26.70
N VAL C 469 13.39 -26.34 27.07
CA VAL C 469 14.06 -26.70 28.31
C VAL C 469 15.52 -26.26 28.27
N SER C 470 16.20 -26.50 27.15
CA SER C 470 17.63 -26.22 27.05
C SER C 470 17.91 -24.78 26.65
N PHE C 471 16.98 -24.10 25.97
CA PHE C 471 17.23 -22.72 25.55
C PHE C 471 17.41 -21.81 26.77
N TYR C 472 16.53 -21.93 27.76
CA TYR C 472 16.63 -21.09 28.94
C TYR C 472 17.87 -21.44 29.76
N ILE C 473 18.22 -22.73 29.83
CA ILE C 473 19.47 -23.12 30.47
C ILE C 473 20.64 -22.44 29.78
N ASN C 474 20.61 -22.42 28.44
CA ASN C 474 21.64 -21.72 27.67
C ASN C 474 21.73 -20.27 28.07
N VAL C 475 20.59 -19.58 28.10
CA VAL C 475 20.58 -18.15 28.39
C VAL C 475 21.14 -17.90 29.78
N VAL C 476 20.68 -18.68 30.75
CA VAL C 476 21.11 -18.48 32.14
C VAL C 476 22.60 -18.69 32.27
N SER C 477 23.12 -19.78 31.69
CA SER C 477 24.54 -20.07 31.81
C SER C 477 25.38 -18.96 31.16
N TYR C 478 24.98 -18.53 29.96
CA TYR C 478 25.77 -17.51 29.27
C TYR C 478 25.75 -16.19 30.03
N LEU C 479 24.58 -15.80 30.54
CA LEU C 479 24.49 -14.55 31.29
C LEU C 479 25.31 -14.62 32.57
N CYS C 480 25.29 -15.77 33.27
CA CYS C 480 26.10 -15.92 34.47
C CYS C 480 27.57 -15.81 34.14
N ALA C 481 28.01 -16.46 33.05
CA ALA C 481 29.41 -16.35 32.67
C ALA C 481 29.80 -14.92 32.34
N MET C 482 28.91 -14.19 31.65
CA MET C 482 29.20 -12.80 31.32
C MET C 482 29.28 -11.94 32.57
N VAL C 483 28.39 -12.17 33.54
CA VAL C 483 28.45 -11.42 34.80
C VAL C 483 29.76 -11.70 35.51
N ILE C 484 30.17 -12.97 35.55
CA ILE C 484 31.44 -13.31 36.19
C ILE C 484 32.59 -12.61 35.48
N PHE C 485 32.56 -12.59 34.15
CA PHE C 485 33.62 -11.94 33.39
C PHE C 485 33.66 -10.44 33.69
N THR C 486 32.49 -9.81 33.77
CA THR C 486 32.44 -8.38 34.07
C THR C 486 33.01 -8.09 35.46
N LEU C 487 32.63 -8.91 36.45
CA LEU C 487 33.15 -8.70 37.79
C LEU C 487 34.66 -8.89 37.82
N THR C 488 35.17 -9.90 37.10
CA THR C 488 36.61 -10.09 37.03
C THR C 488 37.29 -8.88 36.40
N ALA C 489 36.69 -8.34 35.33
CA ALA C 489 37.29 -7.20 34.65
C ALA C 489 37.34 -5.97 35.55
N TYR C 490 36.25 -5.72 36.28
CA TYR C 490 36.20 -4.54 37.14
C TYR C 490 37.28 -4.61 38.21
N TYR C 491 37.34 -5.72 38.96
CA TYR C 491 38.29 -5.87 40.06
C TYR C 491 39.62 -6.36 39.51
N GLN C 492 40.25 -5.50 38.70
CA GLN C 492 41.53 -5.80 38.10
C GLN C 492 42.60 -4.90 38.71
N PRO C 493 43.60 -5.45 39.40
CA PRO C 493 44.61 -4.59 40.04
C PRO C 493 45.54 -3.93 39.04
N LEU C 494 45.37 -2.61 38.82
CA LEU C 494 46.27 -1.90 37.92
C LEU C 494 47.69 -1.89 38.47
N GLU C 495 47.85 -1.67 39.78
CA GLU C 495 49.16 -1.65 40.39
C GLU C 495 49.82 -3.03 40.29
N GLY C 496 51.12 -3.04 40.10
CA GLY C 496 51.88 -4.27 40.00
C GLY C 496 52.00 -4.76 38.57
N THR C 497 53.03 -5.57 38.34
CA THR C 497 53.27 -6.14 37.02
C THR C 497 52.57 -7.49 36.92
N PRO C 498 51.68 -7.70 35.96
CA PRO C 498 51.10 -9.03 35.77
C PRO C 498 52.18 -10.04 35.40
N PRO C 499 52.08 -11.29 35.85
CA PRO C 499 51.04 -11.85 36.73
C PRO C 499 51.22 -11.41 38.17
N TYR C 500 50.17 -11.51 39.00
CA TYR C 500 50.24 -11.09 40.39
C TYR C 500 50.24 -12.29 41.31
N PRO C 501 50.85 -12.18 42.50
CA PRO C 501 50.74 -13.27 43.47
C PRO C 501 49.37 -13.28 44.11
N TYR C 502 48.89 -14.49 44.42
CA TYR C 502 47.57 -14.71 45.00
C TYR C 502 47.74 -15.32 46.37
N ARG C 503 47.50 -14.53 47.42
CA ARG C 503 47.74 -14.98 48.79
C ARG C 503 46.54 -14.71 49.69
N THR C 504 45.74 -13.71 49.35
CA THR C 504 44.68 -13.25 50.23
C THR C 504 43.38 -14.03 49.97
N THR C 505 42.40 -13.79 50.83
CA THR C 505 41.11 -14.48 50.71
C THR C 505 40.42 -14.12 49.41
N VAL C 506 40.43 -12.84 49.05
CA VAL C 506 39.79 -12.40 47.81
C VAL C 506 40.43 -13.04 46.59
N ASP C 507 41.68 -13.48 46.71
CA ASP C 507 42.36 -14.11 45.58
C ASP C 507 41.66 -15.40 45.18
N TYR C 508 41.19 -16.17 46.16
CA TYR C 508 40.45 -17.40 45.86
C TYR C 508 39.33 -17.11 44.87
N LEU C 509 38.55 -16.07 45.13
CA LEU C 509 37.42 -15.75 44.25
C LEU C 509 37.88 -15.10 42.96
N ARG C 510 38.92 -14.27 43.00
CA ARG C 510 39.32 -13.53 41.81
C ARG C 510 39.94 -14.44 40.76
N LEU C 511 40.77 -15.39 41.18
CA LEU C 511 41.42 -16.28 40.22
C LEU C 511 40.41 -17.15 39.49
N ALA C 512 39.36 -17.58 40.20
CA ALA C 512 38.37 -18.46 39.61
C ALA C 512 37.69 -17.79 38.42
N GLY C 513 37.42 -16.50 38.51
CA GLY C 513 36.77 -15.81 37.40
C GLY C 513 37.62 -15.84 36.14
N GLU C 514 38.91 -15.53 36.27
CA GLU C 514 39.79 -15.57 35.10
C GLU C 514 39.88 -16.98 34.54
N VAL C 515 40.04 -17.99 35.41
CA VAL C 515 40.15 -19.35 34.92
C VAL C 515 38.88 -19.76 34.18
N ILE C 516 37.72 -19.44 34.76
CA ILE C 516 36.45 -19.81 34.13
C ILE C 516 36.28 -19.11 32.79
N THR C 517 36.62 -17.83 32.72
CA THR C 517 36.47 -17.10 31.46
C THR C 517 37.38 -17.68 30.39
N LEU C 518 38.64 -17.98 30.74
CA LEU C 518 39.55 -18.55 29.75
C LEU C 518 39.06 -19.92 29.28
N PHE C 519 38.60 -20.76 30.21
CA PHE C 519 38.10 -22.07 29.81
C PHE C 519 36.85 -21.94 28.96
N THR C 520 35.99 -20.97 29.26
CA THR C 520 34.79 -20.75 28.44
C THR C 520 35.17 -20.30 27.04
N GLY C 521 36.17 -19.43 26.92
CA GLY C 521 36.61 -19.03 25.59
C GLY C 521 37.18 -20.19 24.80
N VAL C 522 37.98 -21.03 25.45
CA VAL C 522 38.53 -22.21 24.78
C VAL C 522 37.41 -23.14 24.36
N LEU C 523 36.41 -23.31 25.22
CA LEU C 523 35.27 -24.15 24.88
C LEU C 523 34.51 -23.59 23.68
N PHE C 524 34.35 -22.27 23.63
CA PHE C 524 33.69 -21.65 22.49
C PHE C 524 34.47 -21.90 21.21
N PHE C 525 35.80 -21.78 21.27
CA PHE C 525 36.63 -22.04 20.10
C PHE C 525 36.49 -23.48 19.63
N PHE C 526 36.54 -24.42 20.57
CA PHE C 526 36.40 -25.83 20.21
C PHE C 526 35.02 -26.11 19.63
N THR C 527 33.99 -25.52 20.20
CA THR C 527 32.64 -25.72 19.68
C THR C 527 32.52 -25.16 18.27
N ASN C 528 33.22 -24.08 18.01
CA ASN C 528 33.12 -23.43 16.72
C ASN C 528 33.94 -24.04 15.64
N ILE C 529 34.96 -24.77 16.00
CA ILE C 529 35.69 -25.58 15.03
C ILE C 529 34.96 -26.91 14.79
N LYS C 530 34.40 -27.50 15.86
CA LYS C 530 33.63 -28.72 15.70
C LYS C 530 32.41 -28.48 14.80
N ASP C 531 31.77 -27.34 14.96
CA ASP C 531 30.60 -27.02 14.16
C ASP C 531 31.00 -26.78 12.73
N LEU C 532 32.12 -26.11 12.52
CA LEU C 532 32.59 -25.84 11.16
C LEU C 532 32.88 -27.14 10.43
N PHE C 533 33.52 -28.10 11.11
CA PHE C 533 33.78 -29.39 10.48
C PHE C 533 32.53 -30.25 10.39
N MET C 534 31.54 -30.03 11.26
CA MET C 534 30.32 -30.82 11.25
C MET C 534 29.52 -30.59 9.98
N LYS C 535 29.44 -29.34 9.53
CA LYS C 535 28.72 -28.98 8.33
C LYS C 535 29.56 -29.16 7.06
N LYS C 536 30.62 -29.96 7.15
CA LYS C 536 31.49 -30.24 6.01
C LYS C 536 32.16 -28.95 5.53
N CYS C 537 32.67 -28.17 6.48
CA CYS C 537 33.43 -26.96 6.21
C CYS C 537 32.66 -26.02 5.29
N PRO C 538 31.60 -25.38 5.77
CA PRO C 538 30.93 -24.36 4.96
C PRO C 538 31.88 -23.23 4.61
N GLY C 539 31.69 -22.67 3.41
CA GLY C 539 32.57 -21.66 2.90
C GLY C 539 32.28 -20.28 3.48
N VAL C 540 32.82 -19.26 2.79
CA VAL C 540 32.67 -17.89 3.26
C VAL C 540 31.19 -17.50 3.30
N ASN C 541 30.43 -17.86 2.28
CA ASN C 541 29.04 -17.43 2.20
C ASN C 541 28.26 -17.83 3.44
N SER C 542 28.57 -18.99 4.02
CA SER C 542 27.85 -19.45 5.20
C SER C 542 28.18 -18.58 6.42
N LEU C 543 29.44 -18.15 6.55
CA LEU C 543 29.87 -17.44 7.74
C LEU C 543 29.72 -15.93 7.62
N PHE C 544 30.31 -15.34 6.58
CA PHE C 544 30.41 -13.88 6.52
C PHE C 544 29.05 -13.23 6.26
N ILE C 545 28.37 -13.64 5.19
CA ILE C 545 27.17 -12.92 4.75
C ILE C 545 26.07 -13.02 5.80
N ASP C 546 25.79 -14.24 6.27
CA ASP C 546 24.71 -14.48 7.20
C ASP C 546 25.22 -15.30 8.38
N GLY C 547 24.41 -15.38 9.42
CA GLY C 547 24.82 -16.05 10.65
C GLY C 547 26.04 -15.39 11.25
N SER C 548 26.00 -14.06 11.32
CA SER C 548 27.16 -13.30 11.78
C SER C 548 27.65 -13.79 13.15
N PHE C 549 26.72 -14.20 14.02
CA PHE C 549 27.11 -14.62 15.36
C PHE C 549 28.00 -15.85 15.33
N GLN C 550 27.94 -16.66 14.27
CA GLN C 550 28.84 -17.80 14.17
C GLN C 550 30.29 -17.35 14.02
N LEU C 551 30.51 -16.17 13.43
CA LEU C 551 31.85 -15.62 13.29
C LEU C 551 32.27 -14.83 14.53
N LEU C 552 31.35 -14.07 15.12
CA LEU C 552 31.71 -13.18 16.22
C LEU C 552 32.29 -13.96 17.39
N TYR C 553 31.67 -15.07 17.76
CA TYR C 553 32.19 -15.86 18.87
C TYR C 553 33.58 -16.39 18.57
N PHE C 554 33.92 -16.56 17.28
CA PHE C 554 35.30 -16.90 16.95
C PHE C 554 36.25 -15.76 17.33
N ILE C 555 35.87 -14.53 16.97
CA ILE C 555 36.66 -13.38 17.39
C ILE C 555 36.74 -13.31 18.90
N TYR C 556 35.60 -13.41 19.57
CA TYR C 556 35.59 -13.50 21.03
C TYR C 556 36.46 -14.65 21.51
N SER C 557 36.49 -15.75 20.75
CA SER C 557 37.34 -16.87 21.12
C SER C 557 38.80 -16.48 21.07
N VAL C 558 39.19 -15.69 20.08
CA VAL C 558 40.59 -15.31 19.92
C VAL C 558 41.02 -14.36 21.05
N LEU C 559 40.39 -13.19 21.12
CA LEU C 559 40.85 -12.15 22.01
C LEU C 559 41.01 -12.67 23.44
N VAL C 560 40.01 -13.40 23.93
CA VAL C 560 40.02 -13.84 25.31
C VAL C 560 41.27 -14.65 25.60
N ILE C 561 41.67 -15.52 24.67
CA ILE C 561 42.88 -16.30 24.89
C ILE C 561 44.12 -15.45 24.58
N VAL C 562 44.03 -14.58 23.58
CA VAL C 562 45.18 -13.73 23.24
C VAL C 562 45.62 -12.96 24.47
N SER C 563 44.66 -12.31 25.15
CA SER C 563 44.98 -11.56 26.35
C SER C 563 45.77 -12.43 27.34
N ALA C 564 45.37 -13.70 27.50
CA ALA C 564 46.06 -14.58 28.42
C ALA C 564 47.55 -14.60 28.12
N ALA C 565 47.92 -14.78 26.86
CA ALA C 565 49.33 -14.76 26.50
C ALA C 565 49.99 -13.48 26.99
N LEU C 566 49.38 -12.33 26.67
CA LEU C 566 49.93 -11.07 27.15
C LEU C 566 49.98 -11.06 28.67
N TYR C 567 48.92 -11.54 29.32
CA TYR C 567 48.88 -11.54 30.78
C TYR C 567 50.07 -12.29 31.37
N LEU C 568 50.66 -13.21 30.61
CA LEU C 568 51.83 -13.93 31.08
C LEU C 568 53.13 -13.19 30.76
N ALA C 569 53.22 -12.57 29.58
CA ALA C 569 54.41 -11.83 29.18
C ALA C 569 54.13 -10.36 28.93
N GLY C 570 53.17 -10.04 28.07
CA GLY C 570 52.84 -8.65 27.80
C GLY C 570 51.93 -8.09 28.87
N ILE C 571 52.47 -7.95 30.08
CA ILE C 571 51.65 -7.66 31.25
C ILE C 571 50.98 -6.29 31.11
N GLU C 572 51.68 -5.32 30.52
CA GLU C 572 51.23 -3.94 30.58
C GLU C 572 49.89 -3.75 29.87
N ALA C 573 49.73 -4.32 28.68
CA ALA C 573 48.64 -3.95 27.79
C ALA C 573 47.67 -5.10 27.53
N TYR C 574 47.45 -5.97 28.51
CA TYR C 574 46.45 -7.02 28.35
C TYR C 574 45.04 -6.47 28.53
N LEU C 575 44.88 -5.45 29.38
CA LEU C 575 43.57 -4.84 29.59
C LEU C 575 43.00 -4.28 28.30
N ALA C 576 43.86 -3.70 27.45
CA ALA C 576 43.37 -3.03 26.25
C ALA C 576 42.54 -3.98 25.39
N VAL C 577 42.99 -5.23 25.25
CA VAL C 577 42.27 -6.19 24.43
C VAL C 577 41.25 -6.98 25.25
N MET C 578 41.51 -7.17 26.55
CA MET C 578 40.56 -7.88 27.39
C MET C 578 39.24 -7.12 27.47
N VAL C 579 39.31 -5.79 27.61
CA VAL C 579 38.10 -4.98 27.69
C VAL C 579 37.33 -5.04 26.38
N PHE C 580 38.04 -5.03 25.26
CA PHE C 580 37.37 -5.11 23.97
C PHE C 580 36.70 -6.48 23.79
N ALA C 581 37.35 -7.54 24.26
CA ALA C 581 36.73 -8.86 24.24
C ALA C 581 35.47 -8.87 25.08
N LEU C 582 35.51 -8.26 26.27
CA LEU C 582 34.33 -8.19 27.11
C LEU C 582 33.19 -7.44 26.42
N VAL C 583 33.52 -6.31 25.79
CA VAL C 583 32.49 -5.54 25.09
C VAL C 583 31.87 -6.36 23.98
N LEU C 584 32.71 -7.05 23.19
CA LEU C 584 32.19 -7.86 22.10
C LEU C 584 31.31 -8.97 22.62
N GLY C 585 31.73 -9.62 23.71
CA GLY C 585 30.92 -10.68 24.28
C GLY C 585 29.57 -10.19 24.76
N TRP C 586 29.55 -9.03 25.42
CA TRP C 586 28.27 -8.46 25.84
C TRP C 586 27.41 -8.09 24.64
N MET C 587 28.03 -7.56 23.58
CA MET C 587 27.27 -7.09 22.43
C MET C 587 26.74 -8.23 21.56
N ASN C 588 27.37 -9.40 21.61
CA ASN C 588 26.99 -10.52 20.76
C ASN C 588 26.10 -11.52 21.49
N ALA C 589 25.23 -11.04 22.38
CA ALA C 589 24.26 -11.89 23.06
C ALA C 589 22.91 -11.92 22.37
N LEU C 590 22.76 -11.21 21.24
CA LEU C 590 21.50 -11.22 20.51
C LEU C 590 21.20 -12.56 19.84
N TYR C 591 22.19 -13.45 19.74
CA TYR C 591 21.93 -14.77 19.21
C TYR C 591 20.88 -15.49 20.05
N PHE C 592 20.94 -15.34 21.37
CA PHE C 592 19.96 -15.94 22.25
C PHE C 592 18.61 -15.23 22.18
N THR C 593 18.60 -13.95 21.84
CA THR C 593 17.33 -13.23 21.67
C THR C 593 16.67 -13.55 20.34
N ARG C 594 17.43 -14.08 19.37
CA ARG C 594 16.84 -14.47 18.10
C ARG C 594 15.64 -15.39 18.31
N GLY C 595 15.74 -16.30 19.28
CA GLY C 595 14.69 -17.29 19.46
C GLY C 595 13.37 -16.70 19.89
N LEU C 596 13.41 -15.73 20.80
CA LEU C 596 12.18 -15.18 21.36
C LEU C 596 11.29 -14.61 20.26
N LYS C 597 10.01 -14.96 20.30
CA LYS C 597 9.08 -14.49 19.27
C LYS C 597 8.88 -12.98 19.35
N LEU C 598 8.78 -12.43 20.56
CA LEU C 598 8.51 -11.01 20.70
C LEU C 598 9.66 -10.16 20.16
N THR C 599 10.89 -10.59 20.39
CA THR C 599 12.08 -9.85 19.97
C THR C 599 12.92 -10.62 18.95
N GLY C 600 12.34 -11.61 18.29
CA GLY C 600 13.11 -12.39 17.33
C GLY C 600 13.57 -11.58 16.14
N THR C 601 12.69 -10.74 15.59
CA THR C 601 13.04 -9.97 14.40
C THR C 601 14.15 -8.99 14.70
N TYR C 602 14.10 -8.33 15.86
CA TYR C 602 14.96 -7.18 16.13
C TYR C 602 16.42 -7.49 15.83
N SER C 603 16.93 -8.61 16.33
CA SER C 603 18.34 -8.94 16.14
C SER C 603 18.66 -9.15 14.67
N ILE C 604 17.81 -9.89 13.96
CA ILE C 604 18.06 -10.16 12.54
C ILE C 604 18.08 -8.85 11.76
N MET C 605 17.12 -7.96 12.02
CA MET C 605 17.02 -6.74 11.22
C MET C 605 18.10 -5.74 11.60
N ILE C 606 18.55 -5.71 12.86
CA ILE C 606 19.66 -4.83 13.20
C ILE C 606 20.95 -5.32 12.57
N GLN C 607 21.16 -6.65 12.55
CA GLN C 607 22.34 -7.17 11.86
C GLN C 607 22.27 -6.89 10.37
N LYS C 608 21.08 -7.01 9.79
CA LYS C 608 20.92 -6.78 8.35
C LYS C 608 21.17 -5.31 8.00
N ILE C 609 20.52 -4.39 8.71
CA ILE C 609 20.62 -2.97 8.38
C ILE C 609 22.03 -2.46 8.64
N LEU C 610 22.68 -2.95 9.69
CA LEU C 610 23.98 -2.40 10.08
C LEU C 610 25.01 -2.55 8.97
N PHE C 611 25.15 -3.76 8.43
CA PHE C 611 26.21 -4.02 7.46
C PHE C 611 25.87 -3.51 6.07
N LYS C 612 24.59 -3.45 5.71
CA LYS C 612 24.18 -3.14 4.35
C LYS C 612 23.79 -1.68 4.15
N ASP C 613 22.88 -1.16 4.96
CA ASP C 613 22.43 0.22 4.79
C ASP C 613 23.44 1.20 5.38
N LEU C 614 23.84 0.98 6.64
CA LEU C 614 24.70 1.95 7.30
C LEU C 614 26.05 2.08 6.61
N PHE C 615 26.62 0.96 6.16
CA PHE C 615 27.92 1.03 5.48
C PHE C 615 27.80 1.72 4.11
N ARG C 616 26.74 1.42 3.37
CA ARG C 616 26.53 2.07 2.08
C ARG C 616 26.40 3.58 2.25
N PHE C 617 25.66 4.00 3.28
CA PHE C 617 25.57 5.44 3.59
C PHE C 617 26.90 5.98 4.10
N LEU C 618 27.64 5.18 4.85
CA LEU C 618 28.88 5.63 5.46
C LEU C 618 29.95 5.84 4.41
N LEU C 619 29.87 5.15 3.27
CA LEU C 619 30.79 5.45 2.17
C LEU C 619 30.69 6.93 1.77
N VAL C 620 29.47 7.38 1.48
CA VAL C 620 29.26 8.77 1.10
C VAL C 620 29.61 9.71 2.25
N TYR C 621 29.20 9.34 3.47
CA TYR C 621 29.51 10.17 4.62
C TYR C 621 31.02 10.33 4.80
N LEU C 622 31.78 9.27 4.54
CA LEU C 622 33.22 9.33 4.67
C LEU C 622 33.84 10.17 3.57
N LEU C 623 33.28 10.10 2.36
CA LEU C 623 33.72 11.02 1.32
C LEU C 623 33.59 12.46 1.80
N PHE C 624 32.40 12.81 2.32
CA PHE C 624 32.19 14.17 2.83
C PHE C 624 33.17 14.50 3.95
N MET C 625 33.32 13.58 4.90
CA MET C 625 34.19 13.81 6.05
C MET C 625 35.61 14.07 5.60
N ILE C 626 36.15 13.20 4.74
CA ILE C 626 37.52 13.34 4.29
C ILE C 626 37.70 14.67 3.59
N GLY C 627 36.80 15.00 2.64
CA GLY C 627 36.95 16.24 1.91
C GLY C 627 36.94 17.45 2.82
N TYR C 628 35.91 17.57 3.66
CA TYR C 628 35.79 18.75 4.50
C TYR C 628 36.91 18.83 5.53
N ALA C 629 37.26 17.71 6.16
CA ALA C 629 38.31 17.73 7.17
C ALA C 629 39.65 18.14 6.55
N SER C 630 39.98 17.56 5.39
CA SER C 630 41.22 17.95 4.72
C SER C 630 41.21 19.42 4.36
N ALA C 631 40.09 19.92 3.84
CA ALA C 631 39.99 21.33 3.49
C ALA C 631 40.24 22.22 4.70
N LEU C 632 39.54 21.93 5.81
CA LEU C 632 39.67 22.78 7.00
C LEU C 632 41.08 22.71 7.58
N VAL C 633 41.68 21.52 7.60
CA VAL C 633 43.04 21.39 8.11
C VAL C 633 44.00 22.21 7.26
N SER C 634 43.85 22.13 5.93
CA SER C 634 44.74 22.89 5.06
C SER C 634 44.57 24.39 5.24
N LEU C 635 43.32 24.84 5.43
CA LEU C 635 43.05 26.27 5.43
C LEU C 635 43.73 26.98 6.60
N LEU C 636 43.70 26.38 7.78
CA LEU C 636 44.15 27.09 8.97
C LEU C 636 45.65 27.39 8.92
N ASN C 637 46.01 28.52 9.52
CA ASN C 637 47.40 28.95 9.62
C ASN C 637 47.86 28.86 11.06
N PRO C 638 48.84 28.00 11.39
CA PRO C 638 49.30 27.95 12.79
C PRO C 638 50.02 29.21 13.23
N CYS C 639 50.69 29.90 12.32
CA CYS C 639 51.45 31.10 12.66
C CYS C 639 51.40 32.11 11.53
N ASP C 662 53.30 18.90 13.07
CA ASP C 662 51.97 19.25 12.58
C ASP C 662 50.97 18.13 12.84
N SER C 663 51.49 16.92 13.10
CA SER C 663 50.61 15.79 13.35
C SER C 663 49.76 16.01 14.59
N GLU C 664 50.35 16.54 15.66
CA GLU C 664 49.58 16.79 16.88
C GLU C 664 48.49 17.82 16.64
N THR C 665 48.81 18.90 15.91
CA THR C 665 47.82 19.90 15.61
C THR C 665 46.67 19.33 14.79
N PHE C 666 46.99 18.50 13.79
CA PHE C 666 45.97 17.88 12.98
C PHE C 666 45.09 16.95 13.82
N SER C 667 45.70 16.17 14.71
CA SER C 667 44.91 15.28 15.56
C SER C 667 43.99 16.07 16.49
N THR C 668 44.51 17.16 17.09
CA THR C 668 43.67 17.97 17.97
C THR C 668 42.52 18.61 17.21
N PHE C 669 42.79 19.11 16.00
CA PHE C 669 41.72 19.69 15.19
C PHE C 669 40.68 18.63 14.84
N LEU C 670 41.12 17.42 14.51
CA LEU C 670 40.18 16.36 14.18
C LEU C 670 39.32 15.99 15.38
N LEU C 671 39.93 15.97 16.57
CA LEU C 671 39.16 15.73 17.80
C LEU C 671 38.11 16.81 18.00
N ASP C 672 38.51 18.08 17.82
CA ASP C 672 37.57 19.18 18.01
C ASP C 672 36.44 19.10 16.99
N LEU C 673 36.77 18.78 15.74
CA LEU C 673 35.75 18.69 14.70
C LEU C 673 34.79 17.53 14.96
N PHE C 674 35.30 16.40 15.46
CA PHE C 674 34.40 15.30 15.80
C PHE C 674 33.48 15.68 16.95
N LYS C 675 34.03 16.34 17.97
CA LYS C 675 33.20 16.80 19.08
C LYS C 675 32.11 17.73 18.60
N LEU C 676 32.44 18.60 17.64
CA LEU C 676 31.42 19.42 17.00
C LEU C 676 30.41 18.57 16.24
N THR C 677 30.91 17.55 15.53
CA THR C 677 30.03 16.71 14.71
C THR C 677 28.95 16.06 15.57
N ILE C 678 29.29 15.67 16.80
CA ILE C 678 28.29 15.10 17.68
C ILE C 678 27.16 16.10 17.91
N GLY C 679 27.51 17.36 18.16
CA GLY C 679 26.53 18.38 18.42
C GLY C 679 26.86 19.21 19.65
N MET C 680 28.03 18.96 20.23
CA MET C 680 28.52 19.68 21.39
C MET C 680 29.84 20.35 21.05
N GLY C 681 30.48 20.94 22.06
CA GLY C 681 31.71 21.66 21.86
C GLY C 681 31.47 23.12 21.53
N ASP C 682 32.57 23.80 21.18
CA ASP C 682 32.55 25.22 20.89
C ASP C 682 33.31 25.49 19.59
N LEU C 683 32.91 26.56 18.92
CA LEU C 683 33.51 26.97 17.65
C LEU C 683 34.50 28.10 17.96
N GLU C 684 35.72 27.72 18.31
CA GLU C 684 36.79 28.66 18.63
C GLU C 684 37.92 28.66 17.62
N MET C 685 37.95 27.68 16.70
CA MET C 685 39.07 27.57 15.77
C MET C 685 39.17 28.75 14.84
N LEU C 686 38.04 29.40 14.52
CA LEU C 686 38.05 30.45 13.51
C LEU C 686 38.92 31.63 13.90
N SER C 687 39.18 31.82 15.19
CA SER C 687 39.91 33.01 15.63
C SER C 687 41.32 33.04 15.07
N SER C 688 42.03 31.90 15.12
CA SER C 688 43.42 31.88 14.70
C SER C 688 43.57 31.89 13.18
N THR C 689 42.68 31.18 12.48
CA THR C 689 42.82 31.03 11.05
C THR C 689 42.51 32.33 10.31
N LYS C 690 43.06 32.44 9.11
CA LYS C 690 42.77 33.54 8.21
C LYS C 690 41.62 33.17 7.28
N TYR C 691 40.97 34.19 6.72
CA TYR C 691 39.78 33.99 5.91
C TYR C 691 38.71 33.31 6.75
N PRO C 692 38.38 33.84 7.93
CA PRO C 692 37.38 33.17 8.77
C PRO C 692 36.01 33.03 8.12
N VAL C 693 35.62 33.98 7.27
CA VAL C 693 34.27 33.96 6.70
C VAL C 693 34.07 32.72 5.83
N VAL C 694 35.05 32.42 4.98
CA VAL C 694 34.93 31.22 4.15
C VAL C 694 34.96 29.98 5.02
N PHE C 695 35.73 30.01 6.11
CA PHE C 695 35.76 28.87 7.03
C PHE C 695 34.37 28.61 7.60
N ILE C 696 33.68 29.67 8.02
CA ILE C 696 32.34 29.51 8.58
C ILE C 696 31.37 29.06 7.50
N ILE C 697 31.51 29.58 6.28
CA ILE C 697 30.65 29.14 5.19
C ILE C 697 30.79 27.64 4.96
N LEU C 698 32.05 27.17 4.94
CA LEU C 698 32.30 25.75 4.72
C LEU C 698 31.77 24.91 5.86
N LEU C 699 31.94 25.37 7.10
CA LEU C 699 31.38 24.65 8.25
C LEU C 699 29.86 24.58 8.14
N VAL C 700 29.23 25.66 7.71
CA VAL C 700 27.77 25.69 7.58
C VAL C 700 27.33 24.70 6.51
N THR C 701 28.03 24.67 5.38
CA THR C 701 27.67 23.70 4.34
C THR C 701 27.83 22.28 4.87
N TYR C 702 28.93 22.02 5.60
CA TYR C 702 29.14 20.72 6.20
C TYR C 702 27.97 20.33 7.09
N ILE C 703 27.62 21.20 8.03
CA ILE C 703 26.56 20.91 8.98
C ILE C 703 25.24 20.71 8.24
N ILE C 704 24.89 21.65 7.38
CA ILE C 704 23.64 21.55 6.63
C ILE C 704 23.58 20.21 5.92
N LEU C 705 24.49 19.98 4.98
CA LEU C 705 24.43 18.76 4.20
C LEU C 705 24.30 17.56 5.13
N THR C 706 25.33 17.30 5.94
CA THR C 706 25.31 16.07 6.71
C THR C 706 24.07 16.01 7.60
N PHE C 707 23.99 16.88 8.61
CA PHE C 707 22.95 16.75 9.61
C PHE C 707 21.56 16.82 9.00
N VAL C 708 21.27 17.88 8.25
CA VAL C 708 19.92 18.09 7.78
C VAL C 708 19.52 17.00 6.79
N LEU C 709 20.32 16.81 5.73
CA LEU C 709 19.88 15.89 4.68
C LEU C 709 20.23 14.44 5.03
N LEU C 710 21.52 14.14 5.16
CA LEU C 710 21.94 12.74 5.17
C LEU C 710 21.57 12.05 6.48
N LEU C 711 21.82 12.72 7.60
CA LEU C 711 21.65 12.10 8.91
C LEU C 711 20.27 11.48 9.06
N ASN C 712 19.24 12.15 8.54
CA ASN C 712 17.87 11.68 8.66
C ASN C 712 17.25 11.25 7.33
N MET C 713 18.00 11.32 6.24
CA MET C 713 17.57 10.71 4.99
C MET C 713 18.01 9.26 4.89
N LEU C 714 19.09 8.90 5.58
CA LEU C 714 19.38 7.49 5.80
C LEU C 714 18.18 6.81 6.47
N ILE C 715 17.50 7.57 7.34
CA ILE C 715 16.36 7.02 8.04
C ILE C 715 15.25 6.60 7.07
N ALA C 716 15.19 7.25 5.91
CA ALA C 716 14.17 6.89 4.93
C ALA C 716 14.30 5.43 4.52
N LEU C 717 15.45 5.06 3.93
CA LEU C 717 15.64 3.68 3.50
C LEU C 717 15.78 2.74 4.69
N MET C 718 16.24 3.24 5.84
CA MET C 718 16.25 2.39 7.03
C MET C 718 14.83 2.00 7.42
N GLY C 719 13.91 2.95 7.41
CA GLY C 719 12.51 2.66 7.69
C GLY C 719 11.90 1.78 6.62
N GLU C 720 12.31 1.96 5.36
CA GLU C 720 11.85 1.06 4.30
C GLU C 720 12.32 -0.38 4.52
N THR C 721 13.57 -0.54 4.96
CA THR C 721 14.07 -1.86 5.30
C THR C 721 13.28 -2.47 6.45
N VAL C 722 13.06 -1.69 7.50
CA VAL C 722 12.24 -2.17 8.61
C VAL C 722 10.82 -2.44 8.15
N GLY C 723 10.35 -1.72 7.14
CA GLY C 723 9.05 -2.01 6.57
C GLY C 723 8.99 -3.35 5.86
N GLN C 724 10.03 -3.66 5.08
CA GLN C 724 10.11 -4.99 4.50
C GLN C 724 10.12 -6.05 5.59
N VAL C 725 10.90 -5.82 6.65
CA VAL C 725 10.95 -6.78 7.75
C VAL C 725 9.59 -6.88 8.44
N SER C 726 8.87 -5.76 8.55
CA SER C 726 7.53 -5.81 9.15
C SER C 726 6.58 -6.61 8.27
N LYS C 727 6.68 -6.44 6.95
CA LYS C 727 5.83 -7.18 6.04
C LYS C 727 6.13 -8.67 6.08
N GLU C 728 7.38 -9.04 6.37
CA GLU C 728 7.80 -10.44 6.40
C GLU C 728 8.22 -10.87 7.81
N SER C 729 7.63 -10.26 8.84
CA SER C 729 8.01 -10.55 10.21
C SER C 729 7.68 -11.99 10.62
N LYS C 730 6.46 -12.44 10.32
CA LYS C 730 6.08 -13.79 10.71
C LYS C 730 6.95 -14.82 10.01
N HIS C 731 7.21 -14.63 8.71
CA HIS C 731 7.98 -15.61 7.97
C HIS C 731 9.41 -15.69 8.47
N ILE C 732 10.04 -14.55 8.75
CA ILE C 732 11.44 -14.58 9.17
C ILE C 732 11.58 -15.12 10.58
N TRP C 733 10.61 -14.83 11.47
CA TRP C 733 10.69 -15.35 12.83
C TRP C 733 10.65 -16.87 12.83
N LYS C 734 9.80 -17.46 11.99
CA LYS C 734 9.72 -18.92 11.90
C LYS C 734 11.08 -19.49 11.50
N LEU C 735 11.72 -18.87 10.51
CA LEU C 735 13.02 -19.33 10.05
C LEU C 735 14.05 -19.24 11.17
N GLN C 736 14.10 -18.10 11.88
CA GLN C 736 15.08 -17.93 12.94
C GLN C 736 14.85 -18.92 14.07
N TRP C 737 13.59 -19.14 14.45
CA TRP C 737 13.28 -20.10 15.50
C TRP C 737 13.70 -21.51 15.09
N ALA C 738 13.41 -21.89 13.85
CA ALA C 738 13.83 -23.20 13.36
C ALA C 738 15.34 -23.31 13.39
N THR C 739 16.04 -22.24 12.98
CA THR C 739 17.50 -22.27 12.96
C THR C 739 18.05 -22.49 14.36
N THR C 740 17.53 -21.76 15.34
CA THR C 740 18.08 -21.87 16.68
C THR C 740 17.78 -23.24 17.30
N ILE C 741 16.57 -23.76 17.08
CA ILE C 741 16.25 -25.07 17.66
C ILE C 741 17.09 -26.16 17.00
N LEU C 742 17.27 -26.09 15.68
CA LEU C 742 18.12 -27.07 15.00
C LEU C 742 19.57 -26.96 15.48
N ASP C 743 19.99 -25.72 15.72
CA ASP C 743 21.34 -25.45 16.18
C ASP C 743 21.52 -26.16 17.49
N ILE C 744 20.62 -25.89 18.43
CA ILE C 744 20.69 -26.50 19.76
C ILE C 744 20.72 -28.01 19.64
N GLU C 745 19.89 -28.56 18.75
CA GLU C 745 19.82 -30.01 18.59
C GLU C 745 21.16 -30.58 18.12
N ARG C 746 21.77 -29.94 17.13
CA ARG C 746 22.93 -30.53 16.46
C ARG C 746 24.14 -30.67 17.38
N SER C 747 24.18 -29.94 18.50
CA SER C 747 25.31 -30.04 19.40
C SER C 747 25.21 -31.23 20.35
N PHE C 748 24.07 -31.92 20.39
CA PHE C 748 23.92 -33.06 21.27
C PHE C 748 24.74 -34.24 20.76
N PRO C 749 25.09 -35.17 21.65
CA PRO C 749 25.75 -36.40 21.20
C PRO C 749 24.80 -37.28 20.41
N VAL C 750 25.39 -38.15 19.59
CA VAL C 750 24.59 -38.98 18.68
C VAL C 750 23.68 -39.91 19.46
N PHE C 751 24.20 -40.54 20.52
CA PHE C 751 23.38 -41.51 21.27
C PHE C 751 22.20 -40.82 21.94
N LEU C 752 22.43 -39.65 22.54
CA LEU C 752 21.32 -38.91 23.14
C LEU C 752 20.31 -38.50 22.08
N ARG C 753 20.78 -38.07 20.91
CA ARG C 753 19.87 -37.69 19.84
C ARG C 753 19.00 -38.86 19.42
N LYS C 754 19.59 -40.05 19.30
CA LYS C 754 18.80 -41.23 19.00
C LYS C 754 17.80 -41.52 20.11
N ALA C 755 18.21 -41.34 21.36
CA ALA C 755 17.29 -41.51 22.48
C ALA C 755 16.11 -40.55 22.40
N PHE C 756 16.28 -39.41 21.72
CA PHE C 756 15.23 -38.42 21.58
C PHE C 756 14.53 -38.50 20.23
N ARG C 757 14.55 -39.66 19.59
CA ARG C 757 13.89 -39.81 18.30
C ARG C 757 12.40 -39.51 18.42
N SER C 758 11.86 -38.85 17.39
CA SER C 758 10.46 -38.48 17.34
C SER C 758 9.74 -39.33 16.31
N GLY C 759 8.48 -39.66 16.60
CA GLY C 759 7.65 -40.44 15.71
C GLY C 759 7.34 -41.81 16.28
N GLU C 760 6.67 -42.61 15.46
CA GLU C 760 6.24 -43.96 15.82
C GLU C 760 6.93 -44.98 14.95
N MET C 761 6.62 -46.25 15.20
CA MET C 761 7.16 -47.37 14.42
C MET C 761 6.03 -48.18 13.81
N VAL C 762 5.05 -47.49 13.22
CA VAL C 762 3.86 -48.16 12.71
C VAL C 762 4.24 -49.06 11.54
N THR C 763 3.73 -50.29 11.57
CA THR C 763 3.89 -51.22 10.46
C THR C 763 2.67 -51.08 9.55
N VAL C 764 2.68 -50.01 8.75
CA VAL C 764 1.52 -49.67 7.93
C VAL C 764 1.24 -50.77 6.92
N GLY C 765 2.29 -51.29 6.28
CA GLY C 765 2.11 -52.30 5.25
C GLY C 765 3.24 -53.30 5.25
N LYS C 766 3.04 -54.37 4.50
CA LYS C 766 4.01 -55.45 4.36
C LYS C 766 4.66 -55.39 2.99
N SER C 767 5.89 -55.89 2.91
CA SER C 767 6.64 -55.88 1.66
C SER C 767 6.01 -56.87 0.66
N SER C 768 6.63 -56.97 -0.51
CA SER C 768 6.13 -57.88 -1.54
C SER C 768 6.16 -59.32 -1.03
N ASP C 769 7.22 -59.69 -0.31
CA ASP C 769 7.32 -61.03 0.25
C ASP C 769 6.51 -61.19 1.54
N GLY C 770 5.93 -60.11 2.06
CA GLY C 770 5.13 -60.15 3.26
C GLY C 770 5.82 -59.63 4.50
N THR C 771 7.12 -59.36 4.44
CA THR C 771 7.82 -58.85 5.60
C THR C 771 7.33 -57.45 5.96
N PRO C 772 7.29 -57.12 7.24
CA PRO C 772 6.80 -55.79 7.64
C PRO C 772 7.82 -54.70 7.36
N ASP C 773 7.33 -53.57 6.87
CA ASP C 773 8.21 -52.44 6.58
C ASP C 773 8.80 -51.85 7.85
N ARG C 774 7.93 -51.57 8.83
CA ARG C 774 8.35 -51.04 10.13
C ARG C 774 9.25 -49.81 9.96
N ARG C 775 8.65 -48.77 9.38
CA ARG C 775 9.36 -47.52 9.12
C ARG C 775 8.87 -46.43 10.06
N TRP C 776 9.80 -45.55 10.43
CA TRP C 776 9.45 -44.43 11.31
C TRP C 776 8.55 -43.45 10.56
N CYS C 777 7.55 -42.94 11.27
CA CYS C 777 6.57 -42.04 10.68
C CYS C 777 6.20 -40.97 11.70
N PHE C 778 5.17 -40.18 11.38
CA PHE C 778 4.74 -39.08 12.23
C PHE C 778 3.34 -38.68 11.81
N ARG C 779 2.41 -38.64 12.77
CA ARG C 779 1.00 -38.44 12.47
C ARG C 779 0.57 -37.01 12.79
N VAL C 780 -0.28 -36.45 11.94
CA VAL C 780 -0.89 -35.15 12.14
C VAL C 780 -2.37 -35.28 11.85
N ASP C 781 -3.10 -34.18 12.08
CA ASP C 781 -4.53 -34.18 11.86
C ASP C 781 -5.01 -32.78 11.50
N GLU C 782 -6.14 -32.73 10.81
CA GLU C 782 -6.76 -31.47 10.41
C GLU C 782 -8.27 -31.65 10.40
N VAL C 783 -8.97 -30.61 9.98
CA VAL C 783 -10.43 -30.57 9.99
C VAL C 783 -10.92 -30.13 8.63
N ASN C 784 -11.89 -30.85 8.09
CA ASN C 784 -12.55 -30.49 6.83
C ASN C 784 -14.05 -30.66 7.00
N TRP C 785 -14.82 -29.72 6.45
CA TRP C 785 -16.27 -29.74 6.57
C TRP C 785 -16.98 -29.99 5.24
N SER C 786 -16.29 -29.91 4.12
CA SER C 786 -16.91 -30.12 2.82
C SER C 786 -16.81 -31.56 2.34
N HIS C 787 -16.22 -32.46 3.13
CA HIS C 787 -16.07 -33.86 2.73
C HIS C 787 -17.32 -34.64 3.15
N TRP C 788 -18.40 -34.39 2.42
CA TRP C 788 -19.65 -35.11 2.62
C TRP C 788 -20.10 -35.77 1.32
N ASN D 150 -69.68 5.37 17.80
CA ASN D 150 -69.49 4.26 16.87
C ASN D 150 -68.11 4.30 16.23
N ARG D 151 -67.23 5.15 16.76
CA ARG D 151 -65.88 5.25 16.21
C ARG D 151 -65.12 3.93 16.30
N PRO D 152 -65.07 3.23 17.44
CA PRO D 152 -64.32 1.96 17.46
C PRO D 152 -64.87 0.92 16.51
N ILE D 153 -66.19 0.75 16.46
CA ILE D 153 -66.77 -0.27 15.60
C ILE D 153 -66.50 0.06 14.13
N LEU D 154 -66.68 1.32 13.75
CA LEU D 154 -66.43 1.70 12.37
C LEU D 154 -64.97 1.54 12.01
N PHE D 155 -64.06 1.91 12.91
CA PHE D 155 -62.63 1.71 12.66
C PHE D 155 -62.31 0.24 12.46
N ASP D 156 -62.86 -0.63 13.32
CA ASP D 156 -62.61 -2.06 13.18
C ASP D 156 -63.16 -2.58 11.86
N ILE D 157 -64.37 -2.15 11.48
CA ILE D 157 -64.99 -2.62 10.25
C ILE D 157 -64.14 -2.21 9.05
N VAL D 158 -63.70 -0.95 9.03
CA VAL D 158 -62.93 -0.47 7.88
C VAL D 158 -61.57 -1.13 7.83
N SER D 159 -60.94 -1.35 9.00
CA SER D 159 -59.65 -2.02 9.01
C SER D 159 -59.77 -3.45 8.49
N ARG D 160 -60.81 -4.16 8.91
CA ARG D 160 -61.01 -5.52 8.42
C ARG D 160 -61.38 -5.57 6.95
N GLY D 161 -61.85 -4.45 6.39
CA GLY D 161 -62.20 -4.40 4.98
C GLY D 161 -63.57 -4.95 4.65
N SER D 162 -64.35 -5.38 5.65
CA SER D 162 -65.67 -5.92 5.39
C SER D 162 -66.59 -4.82 4.85
N THR D 163 -67.40 -5.18 3.85
CA THR D 163 -68.32 -4.25 3.22
C THR D 163 -69.76 -4.41 3.71
N ALA D 164 -70.14 -5.63 4.13
CA ALA D 164 -71.51 -5.85 4.59
C ALA D 164 -71.80 -5.06 5.86
N ASP D 165 -70.83 -4.97 6.77
CA ASP D 165 -71.05 -4.28 8.03
C ASP D 165 -71.45 -2.83 7.81
N LEU D 166 -70.99 -2.22 6.71
CA LEU D 166 -71.32 -0.82 6.46
C LEU D 166 -72.80 -0.61 6.17
N ASP D 167 -73.53 -1.68 5.85
CA ASP D 167 -74.96 -1.54 5.59
C ASP D 167 -75.67 -0.97 6.81
N GLY D 168 -76.57 -0.01 6.56
CA GLY D 168 -77.31 0.64 7.62
C GLY D 168 -76.67 1.89 8.17
N LEU D 169 -75.44 2.21 7.74
CA LEU D 169 -74.80 3.44 8.22
C LEU D 169 -75.49 4.68 7.67
N LEU D 170 -75.88 4.66 6.41
CA LEU D 170 -76.52 5.83 5.81
C LEU D 170 -77.85 6.15 6.49
N PRO D 171 -78.75 5.19 6.73
CA PRO D 171 -79.95 5.54 7.51
C PRO D 171 -79.63 6.09 8.88
N PHE D 172 -78.61 5.57 9.55
CA PHE D 172 -78.25 6.08 10.87
C PHE D 172 -77.80 7.54 10.78
N LEU D 173 -76.96 7.85 9.80
CA LEU D 173 -76.51 9.23 9.64
C LEU D 173 -77.68 10.14 9.29
N LEU D 174 -78.58 9.69 8.43
CA LEU D 174 -79.72 10.52 8.04
C LEU D 174 -80.62 10.78 9.24
N THR D 175 -80.89 9.76 10.04
CA THR D 175 -81.77 9.93 11.18
C THR D 175 -81.14 10.82 12.25
N HIS D 176 -79.87 10.58 12.56
CA HIS D 176 -79.17 11.34 13.58
C HIS D 176 -78.53 12.62 13.05
N LYS D 177 -78.51 12.79 11.72
CA LYS D 177 -77.93 13.99 11.12
C LYS D 177 -76.49 14.20 11.59
N LYS D 178 -75.74 13.10 11.67
CA LYS D 178 -74.35 13.13 12.11
C LYS D 178 -73.43 13.04 10.91
N ARG D 179 -72.58 14.05 10.74
CA ARG D 179 -71.64 14.08 9.63
C ARG D 179 -70.46 13.16 9.89
N LEU D 180 -69.86 12.68 8.82
CA LEU D 180 -68.72 11.78 8.92
C LEU D 180 -67.46 12.46 9.43
N THR D 181 -67.45 13.80 9.51
CA THR D 181 -66.30 14.54 10.01
C THR D 181 -66.47 14.96 11.47
N ASP D 182 -67.46 14.41 12.16
CA ASP D 182 -67.68 14.78 13.56
C ASP D 182 -66.47 14.40 14.40
N GLU D 183 -66.19 15.23 15.40
CA GLU D 183 -65.03 15.01 16.25
C GLU D 183 -65.03 13.62 16.85
N GLU D 184 -66.21 13.10 17.21
CA GLU D 184 -66.29 11.77 17.79
C GLU D 184 -65.79 10.71 16.81
N PHE D 185 -66.18 10.81 15.55
CA PHE D 185 -65.71 9.84 14.56
C PHE D 185 -64.21 9.96 14.33
N ARG D 186 -63.69 11.18 14.29
CA ARG D 186 -62.27 11.36 14.05
C ARG D 186 -61.45 10.90 15.24
N GLU D 187 -60.32 10.26 14.96
CA GLU D 187 -59.45 9.78 16.02
C GLU D 187 -58.86 10.97 16.78
N PRO D 188 -59.02 11.05 18.10
CA PRO D 188 -58.47 12.21 18.83
C PRO D 188 -56.97 12.35 18.70
N SER D 189 -56.24 11.25 18.53
CA SER D 189 -54.78 11.31 18.58
C SER D 189 -54.22 12.22 17.49
N THR D 190 -54.70 12.06 16.25
CA THR D 190 -54.16 12.81 15.13
C THR D 190 -55.24 13.33 14.18
N GLY D 191 -56.50 13.39 14.62
CA GLY D 191 -57.56 13.80 13.74
C GLY D 191 -57.77 12.88 12.56
N LYS D 192 -57.21 11.68 12.61
CA LYS D 192 -57.36 10.73 11.51
C LYS D 192 -58.83 10.37 11.32
N THR D 193 -59.21 10.18 10.06
CA THR D 193 -60.59 9.87 9.70
C THR D 193 -60.65 8.48 9.07
N CYS D 194 -61.85 8.11 8.63
CA CYS D 194 -62.07 6.75 8.14
C CYS D 194 -61.26 6.47 6.88
N LEU D 195 -61.24 7.43 5.95
CA LEU D 195 -60.61 7.20 4.65
C LEU D 195 -59.11 6.93 4.76
N PRO D 196 -58.32 7.74 5.48
CA PRO D 196 -56.89 7.42 5.61
C PRO D 196 -56.65 6.07 6.28
N LYS D 197 -57.49 5.71 7.25
CA LYS D 197 -57.36 4.38 7.86
C LYS D 197 -57.61 3.29 6.83
N ALA D 198 -58.62 3.47 5.98
CA ALA D 198 -58.90 2.49 4.94
C ALA D 198 -57.74 2.37 3.97
N LEU D 199 -57.15 3.51 3.58
CA LEU D 199 -56.07 3.48 2.59
C LEU D 199 -54.78 2.94 3.19
N LEU D 200 -54.56 3.15 4.49
CA LEU D 200 -53.32 2.70 5.11
C LEU D 200 -53.19 1.17 5.05
N ASN D 201 -54.24 0.47 5.44
CA ASN D 201 -54.26 -0.99 5.46
C ASN D 201 -55.24 -1.50 4.42
N LEU D 202 -54.78 -2.39 3.55
CA LEU D 202 -55.62 -2.95 2.50
C LEU D 202 -54.92 -4.17 1.91
N SER D 203 -55.70 -4.97 1.19
CA SER D 203 -55.23 -6.23 0.63
C SER D 203 -55.00 -6.04 -0.87
N ASN D 204 -53.73 -6.10 -1.29
CA ASN D 204 -53.36 -6.04 -2.70
C ASN D 204 -53.89 -4.77 -3.36
N GLY D 205 -53.98 -3.68 -2.60
CA GLY D 205 -54.44 -2.42 -3.17
C GLY D 205 -55.89 -2.38 -3.56
N ARG D 206 -56.73 -3.24 -2.98
CA ARG D 206 -58.15 -3.34 -3.32
C ARG D 206 -58.99 -3.43 -2.06
N ASN D 207 -58.78 -2.49 -1.13
CA ASN D 207 -59.53 -2.44 0.11
C ASN D 207 -61.02 -2.65 -0.13
N ASP D 208 -61.53 -2.11 -1.23
CA ASP D 208 -62.90 -2.37 -1.68
C ASP D 208 -63.94 -1.65 -0.82
N THR D 209 -63.50 -0.97 0.24
CA THR D 209 -64.41 -0.19 1.07
C THR D 209 -64.44 1.29 0.67
N ILE D 210 -63.48 1.73 -0.14
CA ILE D 210 -63.40 3.16 -0.47
C ILE D 210 -64.64 3.64 -1.21
N PRO D 211 -65.09 3.00 -2.29
CA PRO D 211 -66.23 3.56 -3.04
C PRO D 211 -67.49 3.67 -2.19
N VAL D 212 -67.75 2.72 -1.30
CA VAL D 212 -68.95 2.78 -0.47
C VAL D 212 -68.89 3.99 0.46
N LEU D 213 -67.74 4.19 1.10
CA LEU D 213 -67.59 5.35 1.98
C LEU D 213 -67.72 6.65 1.20
N LEU D 214 -67.15 6.70 0.00
CA LEU D 214 -67.25 7.90 -0.82
C LEU D 214 -68.69 8.19 -1.21
N ASP D 215 -69.45 7.14 -1.58
CA ASP D 215 -70.86 7.33 -1.89
C ASP D 215 -71.63 7.81 -0.68
N ILE D 216 -71.32 7.25 0.50
CA ILE D 216 -72.00 7.69 1.71
C ILE D 216 -71.72 9.18 1.97
N ALA D 217 -70.45 9.58 1.83
CA ALA D 217 -70.09 10.98 2.03
C ALA D 217 -70.81 11.87 1.02
N GLU D 218 -70.92 11.40 -0.23
CA GLU D 218 -71.66 12.16 -1.24
C GLU D 218 -73.11 12.34 -0.83
N ARG D 219 -73.74 11.27 -0.34
CA ARG D 219 -75.14 11.38 0.09
C ARG D 219 -75.26 12.36 1.25
N THR D 220 -74.31 12.33 2.19
CA THR D 220 -74.33 13.29 3.29
C THR D 220 -74.07 14.71 2.81
N GLY D 221 -73.58 14.88 1.59
CA GLY D 221 -73.31 16.22 1.07
C GLY D 221 -72.07 16.87 1.63
N ASN D 222 -71.12 16.08 2.13
CA ASN D 222 -69.89 16.59 2.72
C ASN D 222 -68.68 15.88 2.12
N MET D 223 -68.68 15.71 0.80
CA MET D 223 -67.59 14.99 0.15
C MET D 223 -66.31 15.83 0.11
N ARG D 224 -66.42 17.12 -0.22
CA ARG D 224 -65.24 17.95 -0.35
C ARG D 224 -64.49 18.06 0.97
N GLU D 225 -65.22 18.30 2.06
CA GLU D 225 -64.58 18.38 3.37
C GLU D 225 -63.98 17.04 3.78
N PHE D 226 -64.71 15.94 3.49
CA PHE D 226 -64.29 14.63 3.99
C PHE D 226 -63.05 14.12 3.26
N ILE D 227 -63.02 14.24 1.94
CA ILE D 227 -61.93 13.64 1.16
C ILE D 227 -60.60 14.27 1.53
N ASN D 228 -60.56 15.61 1.60
CA ASN D 228 -59.33 16.36 1.82
C ASN D 228 -59.21 16.86 3.25
N SER D 229 -59.66 16.08 4.21
CA SER D 229 -59.54 16.46 5.61
C SER D 229 -58.09 16.30 6.04
N PRO D 230 -57.41 17.36 6.47
CA PRO D 230 -56.00 17.25 6.82
C PRO D 230 -55.79 16.72 8.23
N PHE D 231 -54.66 16.02 8.41
CA PHE D 231 -54.29 15.54 9.73
C PHE D 231 -53.85 16.70 10.60
N ARG D 232 -54.21 16.64 11.89
CA ARG D 232 -53.76 17.59 12.87
C ARG D 232 -52.48 17.08 13.52
N ASP D 233 -52.09 17.68 14.64
CA ASP D 233 -50.89 17.28 15.37
C ASP D 233 -49.64 17.79 14.68
N ILE D 234 -48.48 17.26 15.07
CA ILE D 234 -47.19 17.77 14.65
C ILE D 234 -46.54 16.86 13.61
N TYR D 235 -46.43 15.57 13.91
CA TYR D 235 -45.63 14.68 13.08
C TYR D 235 -46.19 14.57 11.67
N TYR D 236 -47.50 14.41 11.53
CA TYR D 236 -48.15 14.17 10.25
C TYR D 236 -49.10 15.32 9.89
N ARG D 237 -48.68 16.56 10.13
CA ARG D 237 -49.53 17.70 9.85
C ARG D 237 -49.63 17.95 8.36
N GLY D 238 -50.86 18.15 7.88
CA GLY D 238 -51.10 18.46 6.48
C GLY D 238 -51.31 17.25 5.60
N GLN D 239 -50.96 16.05 6.07
CA GLN D 239 -51.12 14.86 5.24
C GLN D 239 -52.59 14.65 4.89
N THR D 240 -52.83 14.18 3.68
CA THR D 240 -54.18 13.97 3.17
C THR D 240 -54.29 12.57 2.59
N ALA D 241 -55.48 12.23 2.12
CA ALA D 241 -55.70 10.92 1.52
C ALA D 241 -54.94 10.76 0.21
N LEU D 242 -54.82 11.83 -0.56
CA LEU D 242 -54.15 11.74 -1.86
C LEU D 242 -52.69 11.35 -1.70
N HIS D 243 -52.01 11.90 -0.69
CA HIS D 243 -50.62 11.54 -0.47
C HIS D 243 -50.49 10.05 -0.19
N ILE D 244 -51.39 9.52 0.65
CA ILE D 244 -51.35 8.09 0.96
C ILE D 244 -51.60 7.26 -0.28
N ALA D 245 -52.60 7.65 -1.07
CA ALA D 245 -52.92 6.89 -2.28
C ALA D 245 -51.74 6.87 -3.23
N ILE D 246 -51.06 8.01 -3.38
CA ILE D 246 -49.88 8.06 -4.25
C ILE D 246 -48.78 7.18 -3.68
N GLU D 247 -48.58 7.22 -2.36
CA GLU D 247 -47.49 6.46 -1.75
C GLU D 247 -47.68 4.97 -1.96
N ARG D 248 -48.90 4.47 -1.78
CA ARG D 248 -49.15 3.03 -1.90
C ARG D 248 -49.10 2.55 -3.34
N ARG D 249 -48.80 3.41 -4.31
CA ARG D 249 -48.53 3.00 -5.68
C ARG D 249 -49.76 2.42 -6.36
N CYS D 250 -50.95 2.82 -5.93
CA CYS D 250 -52.21 2.38 -6.54
C CYS D 250 -52.75 3.50 -7.39
N LYS D 251 -52.79 3.28 -8.71
CA LYS D 251 -53.28 4.29 -9.64
C LYS D 251 -54.80 4.45 -9.54
N HIS D 252 -55.52 3.36 -9.27
CA HIS D 252 -56.97 3.40 -9.28
C HIS D 252 -57.51 4.37 -8.24
N TYR D 253 -57.01 4.28 -7.00
CA TYR D 253 -57.49 5.17 -5.95
C TYR D 253 -57.09 6.61 -6.23
N VAL D 254 -55.92 6.83 -6.83
CA VAL D 254 -55.53 8.18 -7.20
C VAL D 254 -56.53 8.77 -8.19
N GLU D 255 -56.87 7.99 -9.22
CA GLU D 255 -57.86 8.45 -10.19
C GLU D 255 -59.19 8.75 -9.50
N LEU D 256 -59.62 7.85 -8.62
CA LEU D 256 -60.90 8.04 -7.94
C LEU D 256 -60.91 9.32 -7.11
N LEU D 257 -59.88 9.51 -6.29
CA LEU D 257 -59.83 10.70 -5.45
C LEU D 257 -59.76 11.98 -6.28
N VAL D 258 -58.95 11.97 -7.35
CA VAL D 258 -58.84 13.17 -8.18
C VAL D 258 -60.17 13.48 -8.84
N ALA D 259 -60.84 12.46 -9.38
CA ALA D 259 -62.12 12.69 -10.05
C ALA D 259 -63.18 13.19 -9.07
N GLN D 260 -63.21 12.63 -7.87
CA GLN D 260 -64.23 13.02 -6.90
C GLN D 260 -64.02 14.43 -6.37
N GLY D 261 -62.88 15.05 -6.64
CA GLY D 261 -62.61 16.41 -6.22
C GLY D 261 -61.52 16.57 -5.18
N ALA D 262 -60.61 15.60 -5.04
CA ALA D 262 -59.55 15.71 -4.07
C ALA D 262 -58.61 16.85 -4.43
N ASP D 263 -58.22 17.63 -3.42
CA ASP D 263 -57.26 18.70 -3.64
C ASP D 263 -55.92 18.13 -4.08
N VAL D 264 -55.30 18.77 -5.07
CA VAL D 264 -54.04 18.31 -5.63
C VAL D 264 -52.86 19.19 -5.24
N HIS D 265 -53.10 20.34 -4.61
CA HIS D 265 -52.04 21.24 -4.18
C HIS D 265 -51.84 21.22 -2.67
N ALA D 266 -52.45 20.27 -1.97
CA ALA D 266 -52.32 20.21 -0.52
C ALA D 266 -50.86 19.96 -0.14
N GLN D 267 -50.42 20.64 0.91
CA GLN D 267 -49.03 20.59 1.36
C GLN D 267 -48.95 19.84 2.68
N ALA D 268 -48.01 18.91 2.76
CA ALA D 268 -47.75 18.16 3.99
C ALA D 268 -46.52 18.77 4.66
N ARG D 269 -46.70 19.31 5.87
CA ARG D 269 -45.66 20.05 6.56
C ARG D 269 -45.32 19.45 7.92
N GLY D 270 -45.63 18.18 8.13
CA GLY D 270 -45.29 17.54 9.40
C GLY D 270 -43.80 17.36 9.56
N ARG D 271 -43.38 17.26 10.83
CA ARG D 271 -41.96 17.12 11.12
C ARG D 271 -41.39 15.84 10.50
N PHE D 272 -42.21 14.81 10.37
CA PHE D 272 -41.74 13.57 9.74
C PHE D 272 -41.37 13.79 8.29
N PHE D 273 -42.03 14.73 7.62
CA PHE D 273 -41.78 15.02 6.21
C PHE D 273 -40.65 16.00 5.99
N GLN D 274 -40.06 16.54 7.05
CA GLN D 274 -38.98 17.49 6.94
C GLN D 274 -37.67 16.81 6.56
N PRO D 275 -36.67 17.57 6.11
CA PRO D 275 -35.40 16.96 5.70
C PRO D 275 -34.79 16.11 6.80
N LYS D 276 -33.80 15.30 6.40
CA LYS D 276 -33.15 14.39 7.34
C LYS D 276 -32.47 15.15 8.46
N ASP D 277 -31.65 16.15 8.12
CA ASP D 277 -30.88 16.85 9.14
C ASP D 277 -31.76 17.65 10.10
N GLU D 278 -33.00 17.95 9.72
CA GLU D 278 -33.88 18.74 10.56
C GLU D 278 -34.70 17.90 11.52
N GLY D 279 -34.91 16.62 11.24
CA GLY D 279 -35.66 15.75 12.13
C GLY D 279 -36.66 14.86 11.42
N GLY D 280 -36.93 15.13 10.15
CA GLY D 280 -37.86 14.34 9.37
C GLY D 280 -37.11 13.31 8.54
N TYR D 281 -37.59 12.08 8.59
CA TYR D 281 -36.89 10.97 7.96
C TYR D 281 -37.05 10.93 6.45
N PHE D 282 -37.99 11.69 5.88
CA PHE D 282 -38.22 11.67 4.44
C PHE D 282 -38.70 13.04 3.99
N TYR D 283 -38.13 13.53 2.89
CA TYR D 283 -38.52 14.82 2.31
C TYR D 283 -38.74 14.64 0.83
N PHE D 284 -39.86 15.18 0.34
CA PHE D 284 -40.22 15.01 -1.07
C PHE D 284 -40.81 16.28 -1.69
N GLY D 285 -40.58 17.45 -1.08
CA GLY D 285 -41.09 18.69 -1.62
C GLY D 285 -42.46 19.08 -1.11
N GLU D 286 -43.14 18.22 -0.36
CA GLU D 286 -44.41 18.55 0.27
C GLU D 286 -45.48 18.85 -0.78
N LEU D 287 -45.61 17.96 -1.76
CA LEU D 287 -46.62 18.08 -2.79
C LEU D 287 -46.96 16.70 -3.32
N PRO D 288 -48.16 16.50 -3.84
CA PRO D 288 -48.49 15.19 -4.43
C PRO D 288 -47.66 14.84 -5.64
N LEU D 289 -47.58 15.75 -6.62
CA LEU D 289 -46.81 15.47 -7.83
C LEU D 289 -45.34 15.26 -7.50
N SER D 290 -44.79 16.09 -6.62
CA SER D 290 -43.40 15.91 -6.22
C SER D 290 -43.19 14.57 -5.53
N LEU D 291 -44.15 14.18 -4.68
CA LEU D 291 -44.05 12.88 -4.02
C LEU D 291 -44.06 11.75 -5.03
N ALA D 292 -44.93 11.82 -6.04
CA ALA D 292 -44.97 10.79 -7.06
C ALA D 292 -43.66 10.75 -7.83
N ALA D 293 -43.12 11.92 -8.18
CA ALA D 293 -41.87 11.95 -8.94
C ALA D 293 -40.71 11.38 -8.14
N CYS D 294 -40.64 11.70 -6.85
CA CYS D 294 -39.53 11.22 -6.03
C CYS D 294 -39.62 9.72 -5.75
N THR D 295 -40.78 9.11 -5.95
CA THR D 295 -40.98 7.70 -5.68
C THR D 295 -40.89 6.83 -6.93
N ASN D 296 -40.46 7.41 -8.06
CA ASN D 296 -40.28 6.67 -9.30
C ASN D 296 -41.60 6.01 -9.75
N GLN D 297 -42.57 6.86 -10.05
CA GLN D 297 -43.88 6.43 -10.55
C GLN D 297 -44.23 7.26 -11.78
N PRO D 298 -43.57 7.00 -12.91
CA PRO D 298 -43.82 7.83 -14.11
C PRO D 298 -45.27 7.87 -14.52
N HIS D 299 -45.99 6.74 -14.41
CA HIS D 299 -47.38 6.72 -14.84
C HIS D 299 -48.24 7.66 -14.01
N ILE D 300 -48.03 7.67 -12.69
CA ILE D 300 -48.80 8.56 -11.82
C ILE D 300 -48.52 10.00 -12.18
N VAL D 301 -47.25 10.35 -12.40
CA VAL D 301 -46.90 11.72 -12.75
C VAL D 301 -47.55 12.12 -14.06
N ASN D 302 -47.49 11.22 -15.05
CA ASN D 302 -48.09 11.53 -16.35
C ASN D 302 -49.59 11.76 -16.22
N TYR D 303 -50.27 10.89 -15.48
CA TYR D 303 -51.71 11.07 -15.32
C TYR D 303 -52.04 12.35 -14.57
N LEU D 304 -51.31 12.63 -13.50
CA LEU D 304 -51.62 13.78 -12.67
C LEU D 304 -51.35 15.09 -13.39
N THR D 305 -50.29 15.13 -14.21
CA THR D 305 -49.97 16.35 -14.95
C THR D 305 -51.09 16.70 -15.92
N GLU D 306 -51.61 15.71 -16.65
CA GLU D 306 -52.66 15.92 -17.63
C GLU D 306 -53.87 15.08 -17.24
N ASN D 307 -54.84 15.72 -16.61
CA ASN D 307 -56.09 15.07 -16.22
C ASN D 307 -57.25 15.97 -16.61
N PRO D 308 -58.36 15.40 -17.08
CA PRO D 308 -59.51 16.25 -17.45
C PRO D 308 -60.14 16.97 -16.28
N HIS D 309 -59.91 16.52 -15.05
CA HIS D 309 -60.54 17.13 -13.88
C HIS D 309 -59.67 18.24 -13.28
N LYS D 310 -58.43 17.90 -12.93
CA LYS D 310 -57.50 18.85 -12.33
C LYS D 310 -56.10 18.55 -12.82
N LYS D 311 -55.25 19.58 -12.80
CA LYS D 311 -53.86 19.48 -13.23
C LYS D 311 -52.96 20.10 -12.18
N ALA D 312 -51.84 19.45 -11.92
CA ALA D 312 -50.84 19.94 -10.97
C ALA D 312 -49.72 20.59 -11.77
N ASP D 313 -49.70 21.93 -11.77
CA ASP D 313 -48.66 22.65 -12.50
C ASP D 313 -47.28 22.32 -11.91
N MET D 314 -46.33 22.04 -12.79
CA MET D 314 -44.99 21.66 -12.37
C MET D 314 -44.21 22.83 -11.79
N ARG D 315 -44.59 24.06 -12.11
CA ARG D 315 -43.91 25.24 -11.58
C ARG D 315 -44.66 25.75 -10.35
N ARG D 316 -44.70 24.89 -9.34
CA ARG D 316 -45.39 25.17 -8.08
C ARG D 316 -44.40 25.01 -6.94
N GLN D 317 -44.38 25.98 -6.04
CA GLN D 317 -43.41 26.03 -4.95
C GLN D 317 -44.10 25.80 -3.62
N ASP D 318 -43.43 25.05 -2.75
CA ASP D 318 -43.94 24.79 -1.40
C ASP D 318 -43.54 25.94 -0.49
N SER D 319 -43.71 25.75 0.83
CA SER D 319 -43.32 26.79 1.78
C SER D 319 -41.83 27.08 1.69
N ARG D 320 -41.01 26.04 1.57
CA ARG D 320 -39.57 26.23 1.45
C ARG D 320 -39.19 26.92 0.14
N GLY D 321 -40.09 26.92 -0.84
CA GLY D 321 -39.78 27.43 -2.16
C GLY D 321 -39.32 26.38 -3.14
N ASN D 322 -38.98 25.19 -2.66
CA ASN D 322 -38.52 24.12 -3.54
C ASN D 322 -39.65 23.63 -4.43
N THR D 323 -39.38 23.53 -5.73
CA THR D 323 -40.31 22.98 -6.70
C THR D 323 -39.96 21.51 -6.94
N VAL D 324 -40.60 20.92 -7.95
CA VAL D 324 -40.45 19.48 -8.17
C VAL D 324 -39.00 19.13 -8.45
N LEU D 325 -38.32 19.93 -9.27
CA LEU D 325 -36.91 19.67 -9.55
C LEU D 325 -36.07 19.81 -8.29
N HIS D 326 -36.37 20.80 -7.46
CA HIS D 326 -35.64 20.98 -6.21
C HIS D 326 -35.77 19.74 -5.33
N ALA D 327 -37.00 19.24 -5.17
CA ALA D 327 -37.21 18.05 -4.35
C ALA D 327 -36.52 16.84 -4.96
N LEU D 328 -36.60 16.69 -6.28
CA LEU D 328 -35.97 15.56 -6.94
C LEU D 328 -34.47 15.57 -6.71
N VAL D 329 -33.85 16.75 -6.76
CA VAL D 329 -32.43 16.85 -6.44
C VAL D 329 -32.18 16.55 -4.97
N ALA D 330 -33.09 16.98 -4.09
CA ALA D 330 -32.88 16.80 -2.66
C ALA D 330 -32.77 15.32 -2.30
N ILE D 331 -33.65 14.48 -2.86
CA ILE D 331 -33.61 13.05 -2.60
C ILE D 331 -32.61 12.32 -3.49
N ALA D 332 -31.98 13.02 -4.43
CA ALA D 332 -31.03 12.37 -5.30
C ALA D 332 -29.86 11.81 -4.50
N ASP D 333 -29.35 10.67 -4.94
CA ASP D 333 -28.24 10.00 -4.28
C ASP D 333 -27.22 9.59 -5.32
N ASN D 334 -25.98 9.41 -4.85
CA ASN D 334 -24.87 9.04 -5.73
C ASN D 334 -24.86 7.56 -6.05
N THR D 335 -25.82 6.79 -5.57
CA THR D 335 -25.87 5.36 -5.85
C THR D 335 -26.16 5.12 -7.33
N ARG D 336 -25.76 3.94 -7.80
CA ARG D 336 -25.86 3.63 -9.22
C ARG D 336 -27.33 3.59 -9.67
N GLU D 337 -28.19 2.95 -8.88
CA GLU D 337 -29.58 2.80 -9.28
C GLU D 337 -30.35 4.11 -9.13
N ASN D 338 -30.13 4.83 -8.03
CA ASN D 338 -30.90 6.04 -7.76
C ASN D 338 -30.65 7.10 -8.83
N THR D 339 -29.40 7.25 -9.26
CA THR D 339 -29.05 8.32 -10.19
C THR D 339 -29.77 8.13 -11.53
N LYS D 340 -29.85 6.90 -12.02
CA LYS D 340 -30.48 6.67 -13.32
C LYS D 340 -31.93 7.15 -13.32
N PHE D 341 -32.71 6.71 -12.33
CA PHE D 341 -34.12 7.09 -12.29
C PHE D 341 -34.27 8.57 -11.99
N VAL D 342 -33.40 9.15 -11.15
CA VAL D 342 -33.48 10.57 -10.87
C VAL D 342 -33.30 11.37 -12.16
N THR D 343 -32.25 11.05 -12.93
CA THR D 343 -32.00 11.75 -14.17
C THR D 343 -33.15 11.56 -15.16
N LYS D 344 -33.66 10.32 -15.26
CA LYS D 344 -34.73 10.06 -16.21
C LYS D 344 -35.97 10.89 -15.87
N MET D 345 -36.36 10.89 -14.59
CA MET D 345 -37.52 11.65 -14.17
C MET D 345 -37.30 13.15 -14.36
N TYR D 346 -36.09 13.63 -14.03
CA TYR D 346 -35.79 15.05 -14.21
C TYR D 346 -35.94 15.46 -15.66
N ASP D 347 -35.36 14.68 -16.58
CA ASP D 347 -35.45 15.00 -17.99
C ASP D 347 -36.91 14.96 -18.46
N LEU D 348 -37.64 13.91 -18.06
CA LEU D 348 -39.03 13.79 -18.49
C LEU D 348 -39.84 15.00 -18.03
N LEU D 349 -39.70 15.37 -16.76
CA LEU D 349 -40.50 16.47 -16.21
C LEU D 349 -40.11 17.79 -16.85
N LEU D 350 -38.81 18.02 -17.05
CA LEU D 350 -38.37 19.26 -17.69
C LEU D 350 -38.91 19.36 -19.10
N LEU D 351 -38.84 18.26 -19.86
CA LEU D 351 -39.36 18.27 -21.22
C LEU D 351 -40.86 18.53 -21.24
N LYS D 352 -41.60 17.90 -20.33
CA LYS D 352 -43.05 18.14 -20.28
C LYS D 352 -43.35 19.60 -19.96
N CYS D 353 -42.64 20.17 -18.98
CA CYS D 353 -42.89 21.55 -18.62
C CYS D 353 -42.58 22.50 -19.77
N ALA D 354 -41.45 22.27 -20.45
CA ALA D 354 -41.10 23.10 -21.60
C ALA D 354 -42.13 22.96 -22.71
N ARG D 355 -42.59 21.73 -22.97
CA ARG D 355 -43.56 21.51 -24.03
C ARG D 355 -44.87 22.23 -23.74
N LEU D 356 -45.35 22.14 -22.50
CA LEU D 356 -46.63 22.75 -22.17
C LEU D 356 -46.52 24.27 -22.12
N PHE D 357 -45.45 24.78 -21.51
CA PHE D 357 -45.21 26.22 -21.45
C PHE D 357 -43.91 26.54 -22.17
N PRO D 358 -43.96 27.01 -23.42
CA PRO D 358 -42.71 27.31 -24.13
C PRO D 358 -42.06 28.61 -23.71
N ASP D 359 -42.80 29.56 -23.15
CA ASP D 359 -42.24 30.86 -22.83
C ASP D 359 -41.30 30.78 -21.64
N SER D 360 -41.68 30.05 -20.59
CA SER D 360 -40.93 30.02 -19.35
C SER D 360 -40.13 28.72 -19.24
N ASN D 361 -38.91 28.84 -18.71
CA ASN D 361 -38.06 27.69 -18.44
C ASN D 361 -38.17 27.31 -16.97
N LEU D 362 -38.37 26.02 -16.71
CA LEU D 362 -38.64 25.58 -15.34
C LEU D 362 -37.44 25.81 -14.44
N GLU D 363 -36.23 25.55 -14.94
CA GLU D 363 -35.04 25.70 -14.11
C GLU D 363 -34.84 27.13 -13.64
N ALA D 364 -35.48 28.11 -14.28
CA ALA D 364 -35.28 29.49 -13.89
C ALA D 364 -35.80 29.76 -12.49
N VAL D 365 -36.85 29.06 -12.07
CA VAL D 365 -37.44 29.33 -10.77
C VAL D 365 -36.43 29.09 -9.67
N LEU D 366 -36.46 29.95 -8.65
CA LEU D 366 -35.55 29.86 -7.52
C LEU D 366 -36.35 29.69 -6.24
N ASN D 367 -35.71 29.06 -5.25
CA ASN D 367 -36.33 28.84 -3.96
C ASN D 367 -36.14 30.07 -3.07
N ASN D 368 -36.57 29.97 -1.82
CA ASN D 368 -36.41 31.08 -0.89
C ASN D 368 -34.94 31.39 -0.65
N ASP D 369 -34.11 30.35 -0.58
CA ASP D 369 -32.67 30.55 -0.41
C ASP D 369 -32.03 31.21 -1.62
N GLY D 370 -32.74 31.29 -2.75
CA GLY D 370 -32.21 31.90 -3.96
C GLY D 370 -31.47 30.97 -4.88
N LEU D 371 -31.33 29.69 -4.51
CA LEU D 371 -30.60 28.73 -5.33
C LEU D 371 -31.52 28.10 -6.38
N SER D 372 -30.91 27.58 -7.42
CA SER D 372 -31.55 26.82 -8.47
C SER D 372 -31.17 25.35 -8.37
N PRO D 373 -31.87 24.47 -9.09
CA PRO D 373 -31.54 23.04 -8.98
C PRO D 373 -30.08 22.74 -9.25
N LEU D 374 -29.48 23.39 -10.24
CA LEU D 374 -28.06 23.22 -10.50
C LEU D 374 -27.23 23.70 -9.32
N MET D 375 -27.53 24.89 -8.82
CA MET D 375 -26.78 25.44 -7.69
C MET D 375 -26.99 24.60 -6.44
N MET D 376 -28.22 24.16 -6.20
CA MET D 376 -28.47 23.33 -5.01
C MET D 376 -27.76 22.00 -5.11
N ALA D 377 -27.73 21.39 -6.30
CA ALA D 377 -27.00 20.15 -6.46
C ALA D 377 -25.51 20.37 -6.23
N ALA D 378 -24.97 21.48 -6.72
CA ALA D 378 -23.56 21.78 -6.49
C ALA D 378 -23.29 21.97 -5.00
N LYS D 379 -24.17 22.67 -4.31
CA LYS D 379 -23.96 22.96 -2.89
C LYS D 379 -24.08 21.71 -2.05
N THR D 380 -24.99 20.81 -2.41
CA THR D 380 -25.24 19.59 -1.66
C THR D 380 -24.24 18.49 -1.96
N GLY D 381 -23.45 18.63 -3.02
CA GLY D 381 -22.45 17.63 -3.34
C GLY D 381 -22.97 16.40 -4.05
N LYS D 382 -24.07 16.54 -4.81
CA LYS D 382 -24.66 15.42 -5.54
C LYS D 382 -24.14 15.47 -6.98
N ILE D 383 -23.03 14.77 -7.21
CA ILE D 383 -22.38 14.79 -8.51
C ILE D 383 -23.25 14.10 -9.56
N GLY D 384 -23.98 13.05 -9.19
CA GLY D 384 -24.66 12.25 -10.18
C GLY D 384 -25.60 13.06 -11.05
N ILE D 385 -26.41 13.92 -10.43
CA ILE D 385 -27.32 14.75 -11.21
C ILE D 385 -26.59 15.98 -11.74
N PHE D 386 -25.59 16.47 -11.02
CA PHE D 386 -24.88 17.69 -11.43
C PHE D 386 -24.21 17.49 -12.78
N GLN D 387 -23.43 16.42 -12.92
CA GLN D 387 -22.71 16.21 -14.17
C GLN D 387 -23.68 16.05 -15.33
N HIS D 388 -24.79 15.34 -15.11
CA HIS D 388 -25.78 15.19 -16.16
C HIS D 388 -26.38 16.53 -16.56
N ILE D 389 -26.67 17.38 -15.57
CA ILE D 389 -27.25 18.70 -15.88
C ILE D 389 -26.27 19.53 -16.67
N ILE D 390 -24.98 19.44 -16.34
CA ILE D 390 -23.99 20.28 -17.03
C ILE D 390 -23.95 19.94 -18.51
N ARG D 391 -23.97 18.66 -18.86
CA ARG D 391 -23.83 18.20 -20.23
C ARG D 391 -25.16 17.74 -20.83
N ARG D 392 -26.25 18.42 -20.47
CA ARG D 392 -27.55 18.05 -21.00
C ARG D 392 -27.64 18.42 -22.47
N GLU D 393 -28.00 17.44 -23.30
CA GLU D 393 -28.17 17.63 -24.73
C GLU D 393 -29.50 17.02 -25.15
N VAL D 394 -30.29 17.78 -25.92
CA VAL D 394 -31.61 17.36 -26.35
C VAL D 394 -31.58 17.18 -27.86
N THR D 395 -31.89 15.97 -28.32
CA THR D 395 -31.93 15.69 -29.75
C THR D 395 -33.20 16.23 -30.40
N ASP D 396 -34.28 16.36 -29.63
CA ASP D 396 -35.55 16.80 -30.20
C ASP D 396 -35.40 18.19 -30.81
N GLU D 397 -35.91 18.36 -32.03
CA GLU D 397 -35.81 19.65 -32.70
C GLU D 397 -36.73 20.69 -32.06
N ASP D 398 -37.91 20.25 -31.61
CA ASP D 398 -38.90 21.20 -31.08
C ASP D 398 -38.37 21.92 -29.85
N THR D 399 -37.71 21.19 -28.95
CA THR D 399 -37.28 21.72 -27.66
C THR D 399 -35.80 21.43 -27.42
N ARG D 400 -34.98 21.67 -28.45
CA ARG D 400 -33.55 21.55 -28.32
C ARG D 400 -32.90 22.82 -27.79
N HIS D 401 -33.67 23.91 -27.65
CA HIS D 401 -33.09 25.16 -27.18
C HIS D 401 -32.57 25.05 -25.75
N LEU D 402 -33.29 24.32 -24.89
CA LEU D 402 -32.92 24.21 -23.49
C LEU D 402 -31.71 23.31 -23.26
N SER D 403 -31.08 22.80 -24.31
CA SER D 403 -29.89 21.98 -24.14
C SER D 403 -28.72 22.86 -23.68
N ARG D 404 -27.77 22.22 -22.99
CA ARG D 404 -26.61 22.91 -22.44
C ARG D 404 -25.30 22.52 -23.12
N LYS D 405 -25.29 21.46 -23.92
CA LYS D 405 -24.10 21.02 -24.63
C LYS D 405 -24.43 20.92 -26.12
N PHE D 406 -23.66 21.60 -26.95
CA PHE D 406 -23.84 21.60 -28.38
C PHE D 406 -22.60 21.04 -29.06
N LYS D 407 -22.77 20.63 -30.32
CA LYS D 407 -21.68 20.11 -31.14
C LYS D 407 -21.23 21.19 -32.10
N ASP D 408 -19.92 21.49 -32.08
CA ASP D 408 -19.37 22.53 -32.94
C ASP D 408 -18.94 21.98 -34.29
N TRP D 409 -18.01 21.02 -34.29
CA TRP D 409 -17.60 20.38 -35.54
C TRP D 409 -16.63 19.26 -35.25
N ALA D 410 -16.55 18.32 -36.19
CA ALA D 410 -15.67 17.17 -36.09
C ALA D 410 -14.74 17.15 -37.29
N TYR D 411 -13.44 17.06 -37.03
CA TYR D 411 -12.43 16.85 -38.07
C TYR D 411 -11.66 15.59 -37.70
N GLY D 412 -11.92 14.51 -38.42
CA GLY D 412 -11.30 13.24 -38.12
C GLY D 412 -11.55 12.82 -36.69
N PRO D 413 -10.53 12.26 -36.03
CA PRO D 413 -10.68 11.90 -34.62
C PRO D 413 -10.95 13.08 -33.70
N VAL D 414 -10.66 14.29 -34.14
CA VAL D 414 -10.84 15.47 -33.30
C VAL D 414 -12.31 15.89 -33.32
N TYR D 415 -12.89 16.08 -32.14
CA TYR D 415 -14.27 16.53 -32.00
C TYR D 415 -14.29 17.75 -31.10
N SER D 416 -14.85 18.86 -31.60
CA SER D 416 -14.97 20.10 -30.85
C SER D 416 -16.44 20.34 -30.55
N SER D 417 -16.75 20.50 -29.27
CA SER D 417 -18.11 20.69 -28.78
C SER D 417 -18.17 21.98 -27.97
N LEU D 418 -19.34 22.61 -28.01
CA LEU D 418 -19.53 23.96 -27.49
C LEU D 418 -20.48 23.90 -26.29
N TYR D 419 -19.91 23.92 -25.08
CA TYR D 419 -20.71 23.93 -23.88
C TYR D 419 -21.29 25.32 -23.62
N ASP D 420 -22.29 25.37 -22.74
CA ASP D 420 -22.93 26.62 -22.34
C ASP D 420 -22.66 26.86 -20.87
N LEU D 421 -22.35 28.11 -20.53
CA LEU D 421 -22.04 28.51 -19.16
C LEU D 421 -22.74 29.82 -18.82
N SER D 422 -24.00 29.94 -19.22
CA SER D 422 -24.74 31.18 -18.96
C SER D 422 -24.82 31.46 -17.46
N SER D 423 -25.13 30.44 -16.67
CA SER D 423 -25.19 30.57 -15.22
C SER D 423 -24.04 29.89 -14.50
N LEU D 424 -23.20 29.14 -15.22
CA LEU D 424 -22.09 28.47 -14.57
C LEU D 424 -21.03 29.46 -14.12
N ASP D 425 -20.86 30.56 -14.85
CA ASP D 425 -19.92 31.61 -14.49
C ASP D 425 -20.63 32.95 -14.55
N THR D 426 -20.53 33.73 -13.48
CA THR D 426 -21.17 35.02 -13.39
C THR D 426 -20.16 36.05 -12.93
N CYS D 427 -20.18 37.22 -13.58
CA CYS D 427 -19.27 38.32 -13.25
C CYS D 427 -19.91 39.26 -12.22
N GLY D 428 -20.36 38.69 -11.10
CA GLY D 428 -20.99 39.46 -10.05
C GLY D 428 -22.46 39.72 -10.24
N GLU D 429 -23.02 39.43 -11.43
CA GLU D 429 -24.45 39.66 -11.65
C GLU D 429 -25.28 38.76 -10.74
N GLU D 430 -24.88 37.50 -10.59
CA GLU D 430 -25.58 36.57 -9.73
C GLU D 430 -24.61 35.52 -9.23
N ALA D 431 -25.04 34.76 -8.22
CA ALA D 431 -24.19 33.70 -7.69
C ALA D 431 -23.86 32.69 -8.77
N SER D 432 -22.62 32.20 -8.74
CA SER D 432 -22.12 31.28 -9.73
C SER D 432 -21.88 29.91 -9.12
N VAL D 433 -22.01 28.87 -9.94
CA VAL D 433 -21.80 27.51 -9.47
C VAL D 433 -20.37 27.33 -8.99
N LEU D 434 -19.42 27.98 -9.66
CA LEU D 434 -18.01 27.78 -9.34
C LEU D 434 -17.69 28.30 -7.95
N GLU D 435 -18.15 29.50 -7.62
CA GLU D 435 -17.88 30.06 -6.30
C GLU D 435 -18.50 29.22 -5.20
N ILE D 436 -19.74 28.78 -5.40
CA ILE D 436 -20.40 27.94 -4.40
C ILE D 436 -19.64 26.63 -4.23
N LEU D 437 -19.21 26.02 -5.35
CA LEU D 437 -18.51 24.75 -5.27
C LEU D 437 -17.18 24.89 -4.55
N VAL D 438 -16.48 26.01 -4.75
CA VAL D 438 -15.15 26.16 -4.19
C VAL D 438 -15.22 26.61 -2.73
N TYR D 439 -15.81 27.79 -2.49
CA TYR D 439 -15.70 28.41 -1.18
C TYR D 439 -16.44 27.62 -0.10
N ASN D 440 -17.59 27.05 -0.44
CA ASN D 440 -18.39 26.38 0.58
C ASN D 440 -17.63 25.19 1.17
N SER D 441 -17.90 24.93 2.45
CA SER D 441 -17.24 23.90 3.21
C SER D 441 -18.17 22.71 3.44
N LYS D 442 -17.58 21.56 3.73
CA LYS D 442 -18.32 20.35 4.05
C LYS D 442 -19.14 19.88 2.85
N ILE D 443 -18.47 19.71 1.72
CA ILE D 443 -19.07 19.17 0.50
C ILE D 443 -18.51 17.77 0.28
N GLU D 444 -19.41 16.82 0.05
CA GLU D 444 -19.02 15.41 0.01
C GLU D 444 -18.03 15.13 -1.12
N ASN D 445 -18.32 15.62 -2.32
CA ASN D 445 -17.56 15.27 -3.52
C ASN D 445 -17.11 16.52 -4.25
N ARG D 446 -16.55 17.49 -3.51
CA ARG D 446 -16.09 18.72 -4.12
C ARG D 446 -14.99 18.44 -5.14
N HIS D 447 -14.03 17.60 -4.77
CA HIS D 447 -12.89 17.33 -5.65
C HIS D 447 -13.34 16.67 -6.95
N GLU D 448 -14.30 15.74 -6.86
CA GLU D 448 -14.78 15.07 -8.07
C GLU D 448 -15.59 16.02 -8.93
N MET D 449 -16.42 16.85 -8.32
CA MET D 449 -17.24 17.79 -9.07
C MET D 449 -16.39 18.86 -9.75
N LEU D 450 -15.23 19.18 -9.17
CA LEU D 450 -14.33 20.13 -9.83
C LEU D 450 -13.73 19.57 -11.11
N ALA D 451 -13.64 18.23 -11.21
CA ALA D 451 -13.02 17.60 -12.37
C ALA D 451 -14.10 17.21 -13.39
N VAL D 452 -14.62 18.24 -14.06
CA VAL D 452 -15.61 18.07 -15.11
C VAL D 452 -15.12 18.84 -16.34
N GLU D 453 -15.65 18.43 -17.49
CA GLU D 453 -15.11 18.88 -18.77
C GLU D 453 -14.99 20.40 -18.89
N PRO D 454 -16.01 21.19 -18.58
CA PRO D 454 -15.92 22.63 -18.82
C PRO D 454 -15.22 23.39 -17.70
N ILE D 455 -15.31 22.87 -16.47
CA ILE D 455 -14.76 23.57 -15.31
C ILE D 455 -13.25 23.73 -15.45
N ASN D 456 -12.56 22.63 -15.78
CA ASN D 456 -11.12 22.66 -15.88
C ASN D 456 -10.66 23.61 -16.97
N GLU D 457 -11.30 23.54 -18.14
CA GLU D 457 -10.92 24.41 -19.24
C GLU D 457 -11.19 25.87 -18.91
N LEU D 458 -12.31 26.17 -18.26
CA LEU D 458 -12.60 27.55 -17.89
C LEU D 458 -11.58 28.07 -16.89
N LEU D 459 -11.22 27.26 -15.90
CA LEU D 459 -10.19 27.68 -14.95
C LEU D 459 -8.87 27.93 -15.65
N ARG D 460 -8.50 27.04 -16.58
CA ARG D 460 -7.23 27.19 -17.29
C ARG D 460 -7.22 28.49 -18.10
N ASP D 461 -8.30 28.74 -18.83
CA ASP D 461 -8.37 29.95 -19.65
C ASP D 461 -8.36 31.20 -18.79
N LYS D 462 -9.09 31.19 -17.67
CA LYS D 462 -9.11 32.34 -16.79
C LYS D 462 -7.74 32.61 -16.20
N TRP D 463 -7.03 31.53 -15.82
CA TRP D 463 -5.68 31.70 -15.28
C TRP D 463 -4.73 32.26 -16.32
N ARG D 464 -4.80 31.75 -17.55
CA ARG D 464 -3.89 32.23 -18.59
C ARG D 464 -4.18 33.68 -18.95
N LYS D 465 -5.47 34.05 -19.02
CA LYS D 465 -5.82 35.37 -19.54
C LYS D 465 -5.26 36.48 -18.65
N PHE D 466 -5.53 36.43 -17.35
CA PHE D 466 -5.07 37.48 -16.45
C PHE D 466 -4.51 37.01 -15.12
N GLY D 467 -4.72 35.74 -14.72
CA GLY D 467 -4.33 35.34 -13.39
C GLY D 467 -2.82 35.44 -13.16
N ALA D 468 -2.04 34.92 -14.10
CA ALA D 468 -0.59 34.93 -13.95
C ALA D 468 -0.05 36.35 -13.96
N VAL D 469 -0.64 37.22 -14.79
CA VAL D 469 -0.14 38.58 -14.90
C VAL D 469 -0.24 39.29 -13.55
N SER D 470 -1.38 39.16 -12.87
CA SER D 470 -1.61 39.88 -11.63
C SER D 470 -1.05 39.17 -10.40
N PHE D 471 -0.88 37.85 -10.46
CA PHE D 471 -0.34 37.13 -9.30
C PHE D 471 1.08 37.57 -8.98
N TYR D 472 1.93 37.68 -10.00
CA TYR D 472 3.30 38.11 -9.76
C TYR D 472 3.38 39.56 -9.34
N ILE D 473 2.50 40.41 -9.88
CA ILE D 473 2.40 41.80 -9.42
C ILE D 473 2.06 41.80 -7.93
N ASN D 474 1.11 40.95 -7.54
CA ASN D 474 0.75 40.82 -6.14
C ASN D 474 1.96 40.48 -5.29
N VAL D 475 2.70 39.45 -5.70
CA VAL D 475 3.84 38.98 -4.91
C VAL D 475 4.87 40.08 -4.78
N VAL D 476 5.19 40.74 -5.88
CA VAL D 476 6.21 41.78 -5.88
C VAL D 476 5.80 42.92 -4.95
N SER D 477 4.55 43.39 -5.08
CA SER D 477 4.10 44.50 -4.25
C SER D 477 4.13 44.14 -2.78
N TYR D 478 3.64 42.95 -2.42
CA TYR D 478 3.61 42.57 -1.02
C TYR D 478 5.01 42.42 -0.46
N LEU D 479 5.92 41.82 -1.21
CA LEU D 479 7.29 41.67 -0.73
C LEU D 479 7.98 43.02 -0.57
N CYS D 480 7.74 43.94 -1.51
CA CYS D 480 8.32 45.27 -1.39
C CYS D 480 7.79 45.98 -0.14
N ALA D 481 6.49 45.87 0.11
CA ALA D 481 5.92 46.49 1.31
C ALA D 481 6.52 45.89 2.57
N MET D 482 6.70 44.57 2.59
CA MET D 482 7.28 43.93 3.75
C MET D 482 8.73 44.36 3.96
N VAL D 483 9.50 44.49 2.89
CA VAL D 483 10.88 44.96 3.01
C VAL D 483 10.89 46.38 3.57
N ILE D 484 10.01 47.24 3.08
CA ILE D 484 9.93 48.60 3.59
C ILE D 484 9.59 48.59 5.07
N PHE D 485 8.63 47.74 5.46
CA PHE D 485 8.25 47.66 6.87
C PHE D 485 9.43 47.20 7.72
N THR D 486 10.17 46.21 7.25
CA THR D 486 11.32 45.72 8.00
C THR D 486 12.37 46.81 8.17
N LEU D 487 12.66 47.54 7.09
CA LEU D 487 13.64 48.63 7.19
C LEU D 487 13.17 49.70 8.16
N THR D 488 11.87 50.03 8.13
CA THR D 488 11.35 51.00 9.07
C THR D 488 11.50 50.50 10.50
N ALA D 489 11.22 49.21 10.73
CA ALA D 489 11.31 48.66 12.07
C ALA D 489 12.75 48.70 12.58
N TYR D 490 13.71 48.34 11.73
CA TYR D 490 15.10 48.31 12.17
C TYR D 490 15.57 49.70 12.58
N TYR D 491 15.38 50.69 11.70
CA TYR D 491 15.85 52.06 11.97
C TYR D 491 14.80 52.79 12.80
N GLN D 492 14.62 52.31 14.03
CA GLN D 492 13.67 52.89 14.97
C GLN D 492 14.44 53.55 16.11
N PRO D 493 14.34 54.87 16.29
CA PRO D 493 15.11 55.52 17.35
C PRO D 493 14.57 55.21 18.75
N LEU D 494 15.30 54.38 19.50
CA LEU D 494 14.90 54.08 20.87
C LEU D 494 14.95 55.33 21.73
N GLU D 495 16.00 56.13 21.59
CA GLU D 495 16.13 57.35 22.37
C GLU D 495 15.01 58.33 22.02
N GLY D 496 14.55 59.06 23.02
CA GLY D 496 13.50 60.04 22.84
C GLY D 496 12.11 59.45 23.05
N THR D 497 11.18 60.33 23.38
CA THR D 497 9.79 59.92 23.60
C THR D 497 9.02 60.02 22.29
N PRO D 498 8.41 58.95 21.80
CA PRO D 498 7.55 59.06 20.62
C PRO D 498 6.37 59.97 20.90
N PRO D 499 5.92 60.75 19.90
CA PRO D 499 6.45 60.89 18.54
C PRO D 499 7.74 61.70 18.51
N TYR D 500 8.52 61.58 17.44
CA TYR D 500 9.79 62.29 17.33
C TYR D 500 9.69 63.41 16.29
N PRO D 501 10.45 64.49 16.45
CA PRO D 501 10.50 65.51 15.40
C PRO D 501 11.28 65.03 14.20
N TYR D 502 10.84 65.45 13.02
CA TYR D 502 11.45 65.06 11.75
C TYR D 502 12.00 66.31 11.08
N ARG D 503 13.33 66.44 11.07
CA ARG D 503 13.97 67.64 10.56
C ARG D 503 15.09 67.31 9.58
N THR D 504 15.69 66.13 9.72
CA THR D 504 16.88 65.78 8.96
C THR D 504 16.51 65.14 7.63
N THR D 505 17.53 64.94 6.79
CA THR D 505 17.31 64.35 5.47
C THR D 505 16.78 62.93 5.58
N VAL D 506 17.34 62.14 6.50
CA VAL D 506 16.89 60.76 6.67
C VAL D 506 15.43 60.70 7.12
N ASP D 507 14.93 61.78 7.72
CA ASP D 507 13.53 61.81 8.16
C ASP D 507 12.58 61.69 6.98
N TYR D 508 12.91 62.34 5.87
CA TYR D 508 12.08 62.23 4.67
C TYR D 508 11.82 60.77 4.33
N LEU D 509 12.88 59.95 4.32
CA LEU D 509 12.73 58.55 3.97
C LEU D 509 12.09 57.75 5.09
N ARG D 510 12.41 58.07 6.35
CA ARG D 510 11.93 57.25 7.46
C ARG D 510 10.42 57.41 7.67
N LEU D 511 9.91 58.64 7.55
CA LEU D 511 8.48 58.85 7.78
C LEU D 511 7.64 58.15 6.72
N ALA D 512 8.14 58.11 5.48
CA ALA D 512 7.38 57.50 4.39
C ALA D 512 7.12 56.02 4.67
N GLY D 513 8.09 55.32 5.25
CA GLY D 513 7.89 53.91 5.55
C GLY D 513 6.75 53.69 6.51
N GLU D 514 6.72 54.46 7.61
CA GLU D 514 5.63 54.33 8.57
C GLU D 514 4.29 54.66 7.94
N VAL D 515 4.24 55.75 7.17
CA VAL D 515 2.97 56.15 6.55
C VAL D 515 2.49 55.05 5.61
N ILE D 516 3.40 54.51 4.79
CA ILE D 516 3.02 53.48 3.83
C ILE D 516 2.55 52.23 4.54
N THR D 517 3.24 51.83 5.61
CA THR D 517 2.83 50.62 6.33
C THR D 517 1.45 50.80 6.96
N LEU D 518 1.21 51.96 7.57
CA LEU D 518 -0.09 52.20 8.18
C LEU D 518 -1.21 52.20 7.13
N PHE D 519 -0.96 52.87 6.00
CA PHE D 519 -1.96 52.88 4.94
C PHE D 519 -2.20 51.49 4.37
N THR D 520 -1.14 50.69 4.26
CA THR D 520 -1.30 49.32 3.78
C THR D 520 -2.12 48.49 4.75
N GLY D 521 -1.90 48.66 6.05
CA GLY D 521 -2.70 47.95 7.02
C GLY D 521 -4.17 48.34 6.96
N VAL D 522 -4.43 49.64 6.83
CA VAL D 522 -5.81 50.11 6.71
C VAL D 522 -6.44 49.55 5.44
N LEU D 523 -5.69 49.51 4.34
CA LEU D 523 -6.20 48.95 3.10
C LEU D 523 -6.50 47.47 3.26
N PHE D 524 -5.64 46.74 3.98
CA PHE D 524 -5.92 45.32 4.24
C PHE D 524 -7.20 45.15 5.02
N PHE D 525 -7.40 45.99 6.05
CA PHE D 525 -8.62 45.90 6.84
C PHE D 525 -9.85 46.18 6.00
N PHE D 526 -9.79 47.23 5.16
CA PHE D 526 -10.92 47.54 4.30
C PHE D 526 -11.19 46.43 3.32
N THR D 527 -10.13 45.85 2.74
CA THR D 527 -10.31 44.74 1.81
C THR D 527 -10.95 43.55 2.48
N ASN D 528 -10.62 43.34 3.75
CA ASN D 528 -11.10 42.19 4.47
C ASN D 528 -12.48 42.33 5.02
N ILE D 529 -12.93 43.52 5.20
CA ILE D 529 -14.34 43.76 5.51
C ILE D 529 -15.18 43.74 4.24
N LYS D 530 -14.66 44.31 3.15
CA LYS D 530 -15.37 44.26 1.87
C LYS D 530 -15.56 42.82 1.41
N ASP D 531 -14.56 42.00 1.61
CA ASP D 531 -14.64 40.60 1.20
C ASP D 531 -15.63 39.86 2.07
N LEU D 532 -15.63 40.15 3.36
CA LEU D 532 -16.55 39.50 4.28
C LEU D 532 -18.00 39.81 3.91
N PHE D 533 -18.27 41.07 3.58
CA PHE D 533 -19.62 41.44 3.15
C PHE D 533 -19.93 40.97 1.74
N MET D 534 -18.92 40.77 0.90
CA MET D 534 -19.13 40.34 -0.47
C MET D 534 -19.71 38.93 -0.52
N LYS D 535 -19.21 38.04 0.33
CA LYS D 535 -19.67 36.66 0.40
C LYS D 535 -20.90 36.51 1.28
N LYS D 536 -21.63 37.59 1.52
CA LYS D 536 -22.85 37.58 2.34
C LYS D 536 -22.53 37.13 3.77
N CYS D 537 -21.46 37.69 4.32
CA CYS D 537 -21.06 37.47 5.70
C CYS D 537 -20.93 35.98 6.01
N PRO D 538 -19.91 35.31 5.49
CA PRO D 538 -19.67 33.92 5.87
C PRO D 538 -19.44 33.81 7.38
N GLY D 539 -19.90 32.69 7.94
CA GLY D 539 -19.83 32.47 9.37
C GLY D 539 -18.45 32.03 9.84
N VAL D 540 -18.42 31.49 11.05
CA VAL D 540 -17.17 31.06 11.65
C VAL D 540 -16.51 29.97 10.80
N ASN D 541 -17.31 29.00 10.34
CA ASN D 541 -16.75 27.86 9.61
C ASN D 541 -15.92 28.32 8.44
N SER D 542 -16.32 29.40 7.77
CA SER D 542 -15.58 29.87 6.61
C SER D 542 -14.22 30.45 7.01
N LEU D 543 -14.16 31.13 8.15
CA LEU D 543 -12.94 31.85 8.53
C LEU D 543 -12.02 30.99 9.40
N PHE D 544 -12.53 30.45 10.51
CA PHE D 544 -11.67 29.82 11.49
C PHE D 544 -11.10 28.49 10.99
N ILE D 545 -11.97 27.57 10.57
CA ILE D 545 -11.53 26.22 10.28
C ILE D 545 -10.57 26.20 9.10
N ASP D 546 -10.94 26.86 8.00
CA ASP D 546 -10.16 26.85 6.78
C ASP D 546 -9.96 28.28 6.30
N GLY D 547 -9.06 28.45 5.33
CA GLY D 547 -8.70 29.77 4.85
C GLY D 547 -8.14 30.62 5.97
N SER D 548 -7.21 30.05 6.73
CA SER D 548 -6.69 30.73 7.90
C SER D 548 -6.13 32.10 7.54
N PHE D 549 -5.53 32.24 6.35
CA PHE D 549 -4.93 33.51 5.96
C PHE D 549 -5.96 34.62 5.86
N GLN D 550 -7.23 34.29 5.64
CA GLN D 550 -8.27 35.31 5.62
C GLN D 550 -8.43 35.95 6.99
N LEU D 551 -8.16 35.20 8.06
CA LEU D 551 -8.23 35.73 9.41
C LEU D 551 -6.93 36.40 9.84
N LEU D 552 -5.79 35.83 9.45
CA LEU D 552 -4.51 36.35 9.93
C LEU D 552 -4.31 37.81 9.52
N TYR D 553 -4.60 38.13 8.26
CA TYR D 553 -4.43 39.50 7.82
C TYR D 553 -5.34 40.45 8.59
N PHE D 554 -6.46 39.96 9.13
CA PHE D 554 -7.26 40.79 10.01
C PHE D 554 -6.49 41.12 11.28
N ILE D 555 -5.85 40.11 11.89
CA ILE D 555 -5.01 40.35 13.05
C ILE D 555 -3.89 41.32 12.69
N TYR D 556 -3.18 41.04 11.58
CA TYR D 556 -2.19 41.97 11.08
C TYR D 556 -2.80 43.34 10.85
N SER D 557 -4.06 43.39 10.43
CA SER D 557 -4.72 44.67 10.24
C SER D 557 -4.86 45.41 11.56
N VAL D 558 -5.17 44.68 12.64
CA VAL D 558 -5.38 45.32 13.93
C VAL D 558 -4.07 45.86 14.48
N LEU D 559 -3.10 44.96 14.73
CA LEU D 559 -1.89 45.36 15.44
C LEU D 559 -1.24 46.57 14.80
N VAL D 560 -1.11 46.56 13.47
CA VAL D 560 -0.40 47.63 12.78
C VAL D 560 -1.03 48.98 13.10
N ILE D 561 -2.35 49.05 13.13
CA ILE D 561 -2.98 50.31 13.47
C ILE D 561 -2.97 50.53 14.98
N VAL D 562 -3.11 49.46 15.77
CA VAL D 562 -3.09 49.61 17.22
C VAL D 562 -1.81 50.31 17.65
N SER D 563 -0.67 49.82 17.15
CA SER D 563 0.61 50.45 17.48
C SER D 563 0.56 51.94 17.21
N ALA D 564 -0.03 52.35 16.09
CA ALA D 564 -0.10 53.76 15.77
C ALA D 564 -0.69 54.55 16.93
N ALA D 565 -1.82 54.09 17.47
CA ALA D 565 -2.41 54.75 18.61
C ALA D 565 -1.39 54.92 19.73
N LEU D 566 -0.75 53.81 20.11
CA LEU D 566 0.29 53.88 21.12
C LEU D 566 1.38 54.85 20.71
N TYR D 567 1.80 54.79 19.44
CA TYR D 567 2.86 55.67 18.97
C TYR D 567 2.52 57.14 19.20
N LEU D 568 1.23 57.47 19.28
CA LEU D 568 0.82 58.84 19.55
C LEU D 568 0.75 59.13 21.04
N ALA D 569 0.28 58.18 21.85
CA ALA D 569 0.17 58.37 23.29
C ALA D 569 1.00 57.38 24.07
N GLY D 570 0.83 56.08 23.84
CA GLY D 570 1.60 55.07 24.54
C GLY D 570 2.97 54.89 23.90
N ILE D 571 3.79 55.93 24.01
CA ILE D 571 5.03 55.99 23.24
C ILE D 571 5.98 54.86 23.64
N GLU D 572 6.00 54.52 24.93
CA GLU D 572 7.05 53.63 25.43
C GLU D 572 6.99 52.25 24.80
N ALA D 573 5.79 51.67 24.69
CA ALA D 573 5.66 50.25 24.40
C ALA D 573 4.97 49.98 23.05
N TYR D 574 5.17 50.85 22.06
CA TYR D 574 4.62 50.56 20.75
C TYR D 574 5.47 49.53 20.00
N LEU D 575 6.78 49.49 20.26
CA LEU D 575 7.63 48.51 19.62
C LEU D 575 7.20 47.08 19.94
N ALA D 576 6.75 46.85 21.18
CA ALA D 576 6.43 45.50 21.61
C ALA D 576 5.40 44.85 20.69
N VAL D 577 4.38 45.61 20.28
CA VAL D 577 3.35 45.07 19.41
C VAL D 577 3.69 45.29 17.94
N MET D 578 4.43 46.35 17.61
CA MET D 578 4.83 46.57 16.22
C MET D 578 5.70 45.43 15.71
N VAL D 579 6.63 44.97 16.55
CA VAL D 579 7.51 43.88 16.14
C VAL D 579 6.71 42.59 15.94
N PHE D 580 5.72 42.36 16.81
CA PHE D 580 4.90 41.16 16.66
C PHE D 580 4.07 41.23 15.39
N ALA D 581 3.57 42.42 15.07
CA ALA D 581 2.85 42.60 13.80
C ALA D 581 3.75 42.32 12.62
N LEU D 582 5.00 42.80 12.67
CA LEU D 582 5.95 42.54 11.60
C LEU D 582 6.21 41.05 11.45
N VAL D 583 6.39 40.35 12.57
CA VAL D 583 6.65 38.92 12.52
C VAL D 583 5.47 38.19 11.91
N LEU D 584 4.25 38.54 12.33
CA LEU D 584 3.07 37.89 11.78
C LEU D 584 2.93 38.16 10.29
N GLY D 585 3.21 39.40 9.86
CA GLY D 585 3.13 39.72 8.45
C GLY D 585 4.13 38.92 7.62
N TRP D 586 5.35 38.78 8.13
CA TRP D 586 6.35 37.97 7.43
C TRP D 586 5.92 36.51 7.39
N MET D 587 5.35 36.01 8.49
CA MET D 587 5.00 34.60 8.58
C MET D 587 3.77 34.24 7.76
N ASN D 588 2.91 35.20 7.48
CA ASN D 588 1.65 34.93 6.77
C ASN D 588 1.76 35.26 5.28
N ALA D 589 2.92 35.03 4.68
CA ALA D 589 3.10 35.22 3.25
C ALA D 589 2.92 33.93 2.45
N LEU D 590 2.59 32.82 3.12
CA LEU D 590 2.36 31.55 2.43
C LEU D 590 1.09 31.56 1.59
N TYR D 591 0.21 32.54 1.79
CA TYR D 591 -0.96 32.63 0.93
C TYR D 591 -0.57 32.81 -0.52
N PHE D 592 0.47 33.60 -0.78
CA PHE D 592 0.97 33.77 -2.13
C PHE D 592 1.70 32.54 -2.65
N THR D 593 2.29 31.75 -1.77
CA THR D 593 2.93 30.51 -2.18
C THR D 593 1.93 29.40 -2.46
N ARG D 594 0.71 29.53 -1.94
CA ARG D 594 -0.32 28.53 -2.23
C ARG D 594 -0.48 28.31 -3.73
N GLY D 595 -0.38 29.39 -4.52
CA GLY D 595 -0.64 29.27 -5.94
C GLY D 595 0.39 28.42 -6.67
N LEU D 596 1.67 28.56 -6.31
CA LEU D 596 2.72 27.88 -7.04
C LEU D 596 2.52 26.36 -6.99
N LYS D 597 2.63 25.72 -8.15
CA LYS D 597 2.42 24.28 -8.23
C LYS D 597 3.49 23.53 -7.45
N LEU D 598 4.75 23.97 -7.56
CA LEU D 598 5.83 23.24 -6.92
C LEU D 598 5.70 23.25 -5.40
N THR D 599 5.29 24.39 -4.83
CA THR D 599 5.17 24.55 -3.39
C THR D 599 3.73 24.81 -2.95
N GLY D 600 2.76 24.47 -3.78
CA GLY D 600 1.37 24.73 -3.41
C GLY D 600 0.92 23.92 -2.22
N THR D 601 1.28 22.63 -2.18
CA THR D 601 0.83 21.78 -1.08
C THR D 601 1.41 22.24 0.25
N TYR D 602 2.68 22.62 0.25
CA TYR D 602 3.41 22.82 1.51
C TYR D 602 2.64 23.72 2.47
N SER D 603 2.15 24.86 1.99
CA SER D 603 1.45 25.80 2.87
C SER D 603 0.17 25.18 3.42
N ILE D 604 -0.61 24.52 2.57
CA ILE D 604 -1.87 23.94 3.01
C ILE D 604 -1.60 22.88 4.08
N MET D 605 -0.60 22.02 3.84
CA MET D 605 -0.37 20.92 4.77
C MET D 605 0.29 21.38 6.06
N ILE D 606 1.11 22.44 6.02
CA ILE D 606 1.65 22.97 7.26
C ILE D 606 0.56 23.63 8.09
N GLN D 607 -0.36 24.35 7.44
CA GLN D 607 -1.48 24.93 8.16
C GLN D 607 -2.37 23.83 8.75
N LYS D 608 -2.58 22.75 7.99
CA LYS D 608 -3.43 21.66 8.44
C LYS D 608 -2.80 20.93 9.64
N ILE D 609 -1.53 20.55 9.52
CA ILE D 609 -0.88 19.77 10.57
C ILE D 609 -0.72 20.60 11.84
N LEU D 610 -0.43 21.89 11.69
CA LEU D 610 -0.10 22.72 12.84
C LEU D 610 -1.26 22.77 13.84
N PHE D 611 -2.47 23.07 13.35
CA PHE D 611 -3.60 23.26 14.26
C PHE D 611 -4.19 21.96 14.75
N LYS D 612 -4.10 20.89 13.96
CA LYS D 612 -4.79 19.63 14.28
C LYS D 612 -3.89 18.61 14.96
N ASP D 613 -2.74 18.28 14.36
CA ASP D 613 -1.87 17.28 14.95
C ASP D 613 -1.06 17.85 16.11
N LEU D 614 -0.38 18.98 15.88
CA LEU D 614 0.51 19.50 16.91
C LEU D 614 -0.24 19.89 18.16
N PHE D 615 -1.43 20.48 18.03
CA PHE D 615 -2.19 20.86 19.22
C PHE D 615 -2.71 19.64 19.97
N ARG D 616 -3.18 18.62 19.24
CA ARG D 616 -3.65 17.41 19.89
C ARG D 616 -2.51 16.74 20.66
N PHE D 617 -1.32 16.71 20.09
CA PHE D 617 -0.15 16.20 20.80
C PHE D 617 0.25 17.12 21.96
N LEU D 618 0.09 18.44 21.77
CA LEU D 618 0.51 19.40 22.76
C LEU D 618 -0.37 19.34 23.99
N LEU D 619 -1.61 18.89 23.85
CA LEU D 619 -2.44 18.68 25.05
C LEU D 619 -1.76 17.69 26.00
N VAL D 620 -1.38 16.52 25.49
CA VAL D 620 -0.70 15.52 26.31
C VAL D 620 0.65 16.04 26.78
N TYR D 621 1.39 16.70 25.90
CA TYR D 621 2.69 17.24 26.28
C TYR D 621 2.54 18.24 27.42
N LEU D 622 1.49 19.05 27.39
CA LEU D 622 1.27 20.04 28.43
C LEU D 622 0.85 19.37 29.73
N LEU D 623 0.07 18.28 29.66
CA LEU D 623 -0.20 17.52 30.86
C LEU D 623 1.12 17.08 31.51
N PHE D 624 2.00 16.49 30.72
CA PHE D 624 3.29 16.05 31.24
C PHE D 624 4.09 17.22 31.81
N MET D 625 4.15 18.32 31.06
CA MET D 625 4.92 19.49 31.49
C MET D 625 4.40 20.01 32.82
N ILE D 626 3.09 20.22 32.92
CA ILE D 626 2.51 20.75 34.15
C ILE D 626 2.84 19.83 35.31
N GLY D 627 2.57 18.53 35.15
CA GLY D 627 2.80 17.61 36.25
C GLY D 627 4.25 17.63 36.72
N TYR D 628 5.18 17.43 35.79
CA TYR D 628 6.58 17.33 36.17
C TYR D 628 7.11 18.66 36.72
N ALA D 629 6.75 19.77 36.09
CA ALA D 629 7.24 21.07 36.57
C ALA D 629 6.72 21.37 37.97
N SER D 630 5.44 21.11 38.21
CA SER D 630 4.89 21.33 39.55
C SER D 630 5.59 20.43 40.57
N ALA D 631 5.81 19.16 40.21
CA ALA D 631 6.48 18.25 41.12
C ALA D 631 7.88 18.76 41.48
N LEU D 632 8.66 19.12 40.46
CA LEU D 632 10.03 19.56 40.72
C LEU D 632 10.06 20.85 41.51
N VAL D 633 9.16 21.79 41.21
CA VAL D 633 9.12 23.04 41.96
C VAL D 633 8.79 22.76 43.42
N SER D 634 7.82 21.88 43.68
CA SER D 634 7.45 21.57 45.05
C SER D 634 8.60 20.90 45.79
N LEU D 635 9.33 20.00 45.11
CA LEU D 635 10.32 19.19 45.81
C LEU D 635 11.45 20.02 46.38
N LEU D 636 11.94 21.01 45.63
CA LEU D 636 13.14 21.72 46.03
C LEU D 636 12.92 22.51 47.31
N ASN D 637 13.99 22.62 48.10
CA ASN D 637 14.00 23.37 49.34
C ASN D 637 14.87 24.61 49.18
N PRO D 638 14.34 25.82 49.25
CA PRO D 638 15.20 27.00 49.13
C PRO D 638 16.15 27.17 50.30
N CYS D 639 15.76 26.73 51.50
CA CYS D 639 16.60 26.89 52.68
C CYS D 639 16.45 25.70 53.62
N ASP D 662 8.58 33.83 46.36
CA ASP D 662 8.78 32.52 45.77
C ASP D 662 8.48 32.53 44.27
N SER D 663 7.77 33.57 43.82
CA SER D 663 7.44 33.68 42.40
C SER D 663 8.69 33.79 41.55
N GLU D 664 9.65 34.60 41.98
CA GLU D 664 10.89 34.76 41.21
C GLU D 664 11.66 33.44 41.13
N THR D 665 11.73 32.71 42.25
CA THR D 665 12.42 31.42 42.23
C THR D 665 11.73 30.44 41.29
N PHE D 666 10.40 30.41 41.33
CA PHE D 666 9.65 29.52 40.43
C PHE D 666 9.88 29.89 38.97
N SER D 667 9.88 31.19 38.66
CA SER D 667 10.11 31.61 37.28
C SER D 667 11.52 31.23 36.83
N THR D 668 12.52 31.45 37.68
CA THR D 668 13.89 31.10 37.31
C THR D 668 14.03 29.60 37.11
N PHE D 669 13.41 28.79 37.98
CA PHE D 669 13.46 27.35 37.80
C PHE D 669 12.79 26.93 36.50
N LEU D 670 11.65 27.56 36.18
CA LEU D 670 10.97 27.23 34.94
C LEU D 670 11.82 27.59 33.73
N LEU D 671 12.52 28.73 33.79
CA LEU D 671 13.43 29.09 32.71
C LEU D 671 14.53 28.05 32.56
N ASP D 672 15.13 27.65 33.68
CA ASP D 672 16.20 26.65 33.63
C ASP D 672 15.69 25.33 33.06
N LEU D 673 14.49 24.91 33.49
CA LEU D 673 13.94 23.65 33.01
C LEU D 673 13.61 23.72 31.52
N PHE D 674 13.12 24.86 31.03
CA PHE D 674 12.88 24.99 29.61
C PHE D 674 14.19 24.94 28.82
N LYS D 675 15.22 25.63 29.31
CA LYS D 675 16.52 25.58 28.66
C LYS D 675 17.04 24.15 28.59
N LEU D 676 16.82 23.38 29.66
CA LEU D 676 17.14 21.96 29.62
C LEU D 676 16.28 21.22 28.59
N THR D 677 14.99 21.57 28.53
CA THR D 677 14.07 20.87 27.63
C THR D 677 14.53 21.00 26.19
N ILE D 678 15.09 22.15 25.83
CA ILE D 678 15.61 22.31 24.48
C ILE D 678 16.70 21.29 24.20
N GLY D 679 17.60 21.09 25.15
CA GLY D 679 18.70 20.16 25.00
C GLY D 679 20.04 20.77 25.37
N MET D 680 20.01 21.99 25.90
CA MET D 680 21.20 22.70 26.33
C MET D 680 21.06 23.04 27.83
N GLY D 681 22.01 23.81 28.33
CA GLY D 681 22.03 24.16 29.74
C GLY D 681 22.78 23.14 30.57
N ASP D 682 22.70 23.33 31.89
CA ASP D 682 23.42 22.50 32.84
C ASP D 682 22.47 22.05 33.95
N LEU D 683 22.76 20.89 34.52
CA LEU D 683 21.96 20.31 35.60
C LEU D 683 22.67 20.62 36.92
N GLU D 684 22.37 21.80 37.47
CA GLU D 684 22.96 22.26 38.73
C GLU D 684 21.94 22.36 39.85
N MET D 685 20.64 22.26 39.55
CA MET D 685 19.62 22.46 40.57
C MET D 685 19.68 21.40 41.66
N LEU D 686 20.15 20.19 41.34
CA LEU D 686 20.09 19.09 42.29
C LEU D 686 20.91 19.37 43.55
N SER D 687 21.92 20.25 43.46
CA SER D 687 22.82 20.45 44.58
C SER D 687 22.08 21.00 45.80
N SER D 688 21.22 22.00 45.60
CA SER D 688 20.56 22.64 46.72
C SER D 688 19.43 21.79 47.29
N THR D 689 18.69 21.11 46.43
CA THR D 689 17.51 20.38 46.86
C THR D 689 17.89 19.14 47.66
N LYS D 690 16.96 18.70 48.50
CA LYS D 690 17.09 17.46 49.25
C LYS D 690 16.46 16.31 48.47
N TYR D 691 16.87 15.09 48.80
CA TYR D 691 16.45 13.91 48.06
C TYR D 691 16.88 14.05 46.60
N PRO D 692 18.15 14.32 46.33
CA PRO D 692 18.57 14.50 44.93
C PRO D 692 18.35 13.28 44.05
N VAL D 693 18.45 12.08 44.62
CA VAL D 693 18.35 10.87 43.79
C VAL D 693 16.98 10.76 43.15
N VAL D 694 15.92 10.99 43.93
CA VAL D 694 14.57 10.95 43.36
C VAL D 694 14.39 12.06 42.35
N PHE D 695 15.02 13.22 42.59
CA PHE D 695 14.95 14.31 41.63
C PHE D 695 15.53 13.90 40.29
N ILE D 696 16.69 13.24 40.32
CA ILE D 696 17.32 12.80 39.08
C ILE D 696 16.48 11.71 38.42
N ILE D 697 15.90 10.81 39.22
CA ILE D 697 15.05 9.76 38.65
C ILE D 697 13.88 10.40 37.91
N LEU D 698 13.24 11.40 38.53
CA LEU D 698 12.11 12.07 37.90
C LEU D 698 12.52 12.81 36.65
N LEU D 699 13.68 13.48 36.69
CA LEU D 699 14.18 14.15 35.49
C LEU D 699 14.43 13.15 34.37
N VAL D 700 14.97 11.98 34.71
CA VAL D 700 15.25 10.96 33.71
C VAL D 700 13.95 10.45 33.10
N THR D 701 12.94 10.22 33.93
CA THR D 701 11.65 9.79 33.39
C THR D 701 11.08 10.86 32.47
N TYR D 702 11.17 12.12 32.88
CA TYR D 702 10.71 13.22 32.04
C TYR D 702 11.39 13.20 30.68
N ILE D 703 12.72 13.16 30.69
CA ILE D 703 13.49 13.20 29.44
C ILE D 703 13.14 11.99 28.59
N ILE D 704 13.21 10.80 29.19
CA ILE D 704 12.91 9.58 28.45
C ILE D 704 11.55 9.70 27.77
N LEU D 705 10.50 9.81 28.59
CA LEU D 705 9.16 9.84 28.03
C LEU D 705 9.10 10.86 26.92
N THR D 706 9.25 12.15 27.26
CA THR D 706 9.03 13.18 26.24
C THR D 706 9.93 12.95 25.04
N PHE D 707 11.25 13.14 25.21
CA PHE D 707 12.15 13.15 24.07
C PHE D 707 12.09 11.84 23.29
N VAL D 708 12.31 10.71 23.97
CA VAL D 708 12.43 9.45 23.25
C VAL D 708 11.11 9.08 22.60
N LEU D 709 10.03 9.03 23.37
CA LEU D 709 8.79 8.51 22.80
C LEU D 709 8.02 9.59 22.06
N LEU D 710 7.59 10.65 22.78
CA LEU D 710 6.59 11.55 22.21
C LEU D 710 7.20 12.43 21.12
N LEU D 711 8.38 12.99 21.37
CA LEU D 711 8.97 13.97 20.46
C LEU D 711 9.02 13.45 19.03
N ASN D 712 9.31 12.17 18.87
CA ASN D 712 9.43 11.57 17.54
C ASN D 712 8.36 10.55 17.23
N MET D 713 7.42 10.31 18.16
CA MET D 713 6.22 9.54 17.84
C MET D 713 5.12 10.41 17.30
N LEU D 714 5.11 11.70 17.66
CA LEU D 714 4.30 12.66 16.91
C LEU D 714 4.64 12.60 15.43
N ILE D 715 5.92 12.37 15.14
CA ILE D 715 6.36 12.32 13.77
C ILE D 715 5.65 11.20 12.99
N ALA D 716 5.26 10.14 13.70
CA ALA D 716 4.56 9.04 13.03
C ALA D 716 3.28 9.53 12.35
N LEU D 717 2.34 10.07 13.14
CA LEU D 717 1.10 10.55 12.55
C LEU D 717 1.32 11.80 11.71
N MET D 718 2.36 12.58 12.00
CA MET D 718 2.68 13.70 11.13
C MET D 718 3.05 13.22 9.73
N GLY D 719 3.89 12.18 9.66
CA GLY D 719 4.23 11.59 8.38
C GLY D 719 3.05 10.92 7.71
N GLU D 720 2.15 10.34 8.50
CA GLU D 720 0.93 9.78 7.94
C GLU D 720 0.04 10.87 7.33
N THR D 721 -0.05 12.02 8.00
CA THR D 721 -0.79 13.15 7.44
C THR D 721 -0.16 13.62 6.14
N VAL D 722 1.17 13.78 6.14
CA VAL D 722 1.87 14.17 4.91
C VAL D 722 1.69 13.09 3.85
N GLY D 723 1.55 11.83 4.27
CA GLY D 723 1.28 10.76 3.33
C GLY D 723 -0.09 10.91 2.67
N GLN D 724 -1.11 11.23 3.47
CA GLN D 724 -2.41 11.52 2.87
C GLN D 724 -2.31 12.68 1.90
N VAL D 725 -1.58 13.73 2.28
CA VAL D 725 -1.42 14.87 1.39
C VAL D 725 -0.65 14.48 0.14
N SER D 726 0.34 13.58 0.27
CA SER D 726 1.05 13.11 -0.91
C SER D 726 0.15 12.31 -1.83
N LYS D 727 -0.72 11.47 -1.25
CA LYS D 727 -1.65 10.70 -2.05
C LYS D 727 -2.67 11.60 -2.75
N GLU D 728 -3.00 12.74 -2.17
CA GLU D 728 -3.98 13.65 -2.74
C GLU D 728 -3.34 14.99 -3.13
N SER D 729 -2.05 14.98 -3.49
CA SER D 729 -1.35 16.21 -3.81
C SER D 729 -1.89 16.89 -5.06
N LYS D 730 -2.09 16.13 -6.14
CA LYS D 730 -2.60 16.73 -7.36
C LYS D 730 -3.98 17.33 -7.16
N HIS D 731 -4.86 16.61 -6.46
CA HIS D 731 -6.22 17.09 -6.28
C HIS D 731 -6.26 18.35 -5.44
N ILE D 732 -5.47 18.41 -4.37
CA ILE D 732 -5.53 19.58 -3.50
C ILE D 732 -4.90 20.79 -4.16
N TRP D 733 -3.83 20.59 -4.95
CA TRP D 733 -3.21 21.71 -5.63
C TRP D 733 -4.17 22.37 -6.60
N LYS D 734 -4.95 21.58 -7.32
CA LYS D 734 -5.93 22.13 -8.25
C LYS D 734 -6.93 23.00 -7.50
N LEU D 735 -7.40 22.52 -6.35
CA LEU D 735 -8.35 23.29 -5.55
C LEU D 735 -7.73 24.60 -5.09
N GLN D 736 -6.50 24.55 -4.57
CA GLN D 736 -5.86 25.77 -4.08
C GLN D 736 -5.62 26.77 -5.20
N TRP D 737 -5.18 26.29 -6.36
CA TRP D 737 -4.96 27.18 -7.50
C TRP D 737 -6.26 27.82 -7.93
N ALA D 738 -7.34 27.04 -8.01
CA ALA D 738 -8.64 27.60 -8.36
C ALA D 738 -9.06 28.65 -7.34
N THR D 739 -8.85 28.36 -6.06
CA THR D 739 -9.24 29.29 -5.01
C THR D 739 -8.51 30.61 -5.17
N THR D 740 -7.20 30.55 -5.38
CA THR D 740 -6.43 31.80 -5.47
C THR D 740 -6.80 32.59 -6.72
N ILE D 741 -6.99 31.91 -7.85
CA ILE D 741 -7.33 32.66 -9.07
C ILE D 741 -8.72 33.28 -8.93
N LEU D 742 -9.67 32.56 -8.35
CA LEU D 742 -11.00 33.12 -8.13
C LEU D 742 -10.94 34.29 -7.17
N ASP D 743 -10.08 34.15 -6.16
CA ASP D 743 -9.89 35.19 -5.17
C ASP D 743 -9.45 36.44 -5.87
N ILE D 744 -8.38 36.32 -6.63
CA ILE D 744 -7.83 37.46 -7.36
C ILE D 744 -8.89 38.08 -8.25
N GLU D 745 -9.69 37.25 -8.92
CA GLU D 745 -10.72 37.76 -9.81
C GLU D 745 -11.76 38.58 -9.05
N ARG D 746 -12.21 38.08 -7.90
CA ARG D 746 -13.36 38.67 -7.23
C ARG D 746 -13.08 40.08 -6.72
N SER D 747 -11.82 40.47 -6.59
CA SER D 747 -11.49 41.80 -6.10
C SER D 747 -11.55 42.87 -7.19
N PHE D 748 -11.69 42.47 -8.46
CA PHE D 748 -11.75 43.44 -9.53
C PHE D 748 -13.09 44.17 -9.52
N PRO D 749 -13.13 45.37 -10.11
CA PRO D 749 -14.41 46.07 -10.25
C PRO D 749 -15.31 45.37 -11.26
N VAL D 750 -16.61 45.63 -11.11
CA VAL D 750 -17.60 44.93 -11.91
C VAL D 750 -17.41 45.24 -13.40
N PHE D 751 -17.18 46.51 -13.73
CA PHE D 751 -17.06 46.88 -15.14
C PHE D 751 -15.84 46.23 -15.78
N LEU D 752 -14.71 46.22 -15.07
CA LEU D 752 -13.53 45.55 -15.60
C LEU D 752 -13.78 44.06 -15.76
N ARG D 753 -14.48 43.45 -14.80
CA ARG D 753 -14.78 42.02 -14.90
C ARG D 753 -15.63 41.73 -16.13
N LYS D 754 -16.62 42.58 -16.40
CA LYS D 754 -17.41 42.42 -17.61
C LYS D 754 -16.55 42.59 -18.85
N ALA D 755 -15.62 43.54 -18.82
CA ALA D 755 -14.70 43.72 -19.94
C ALA D 755 -13.84 42.49 -20.17
N PHE D 756 -13.64 41.66 -19.14
CA PHE D 756 -12.84 40.44 -19.25
C PHE D 756 -13.70 39.19 -19.39
N ARG D 757 -14.92 39.34 -19.91
CA ARG D 757 -15.79 38.18 -20.08
C ARG D 757 -15.14 37.16 -21.01
N SER D 758 -15.33 35.89 -20.69
CA SER D 758 -14.79 34.78 -21.46
C SER D 758 -15.90 34.06 -22.20
N GLY D 759 -15.59 33.58 -23.39
CA GLY D 759 -16.54 32.85 -24.21
C GLY D 759 -16.93 33.62 -25.45
N GLU D 760 -17.88 33.05 -26.19
CA GLU D 760 -18.36 33.60 -27.44
C GLU D 760 -19.84 33.96 -27.31
N MET D 761 -20.40 34.49 -28.39
CA MET D 761 -21.81 34.86 -28.45
C MET D 761 -22.50 34.12 -29.58
N VAL D 762 -22.24 32.81 -29.69
CA VAL D 762 -22.74 32.02 -30.81
C VAL D 762 -24.27 31.96 -30.74
N THR D 763 -24.92 32.19 -31.88
CA THR D 763 -26.36 32.03 -32.01
C THR D 763 -26.64 30.62 -32.53
N VAL D 764 -26.52 29.66 -31.62
CA VAL D 764 -26.61 28.25 -32.00
C VAL D 764 -27.99 27.93 -32.57
N GLY D 765 -29.04 28.44 -31.94
CA GLY D 765 -30.39 28.15 -32.37
C GLY D 765 -31.31 29.34 -32.18
N LYS D 766 -32.50 29.22 -32.76
CA LYS D 766 -33.53 30.24 -32.67
C LYS D 766 -34.65 29.78 -31.74
N SER D 767 -35.33 30.75 -31.15
CA SER D 767 -36.41 30.45 -30.22
C SER D 767 -37.61 29.88 -30.98
N SER D 768 -38.68 29.59 -30.23
CA SER D 768 -39.89 29.05 -30.85
C SER D 768 -40.46 30.02 -31.87
N ASP D 769 -40.44 31.32 -31.55
CA ASP D 769 -40.92 32.34 -32.48
C ASP D 769 -39.89 32.70 -33.54
N GLY D 770 -38.67 32.15 -33.46
CA GLY D 770 -37.64 32.40 -34.44
C GLY D 770 -36.57 33.38 -33.98
N THR D 771 -36.76 34.05 -32.86
CA THR D 771 -35.77 35.00 -32.39
C THR D 771 -34.48 34.27 -32.00
N PRO D 772 -33.32 34.89 -32.20
CA PRO D 772 -32.06 34.23 -31.86
C PRO D 772 -31.82 34.22 -30.36
N ASP D 773 -31.32 33.08 -29.86
CA ASP D 773 -31.02 32.96 -28.44
C ASP D 773 -29.86 33.86 -28.05
N ARG D 774 -28.77 33.79 -28.79
CA ARG D 774 -27.59 34.62 -28.56
C ARG D 774 -27.14 34.54 -27.10
N ARG D 775 -26.73 33.33 -26.70
CA ARG D 775 -26.29 33.05 -25.34
C ARG D 775 -24.79 32.84 -25.30
N TRP D 776 -24.17 33.27 -24.20
CA TRP D 776 -22.75 33.07 -24.02
C TRP D 776 -22.42 31.60 -23.85
N CYS D 777 -21.33 31.15 -24.47
CA CYS D 777 -20.94 29.75 -24.46
C CYS D 777 -19.43 29.67 -24.37
N PHE D 778 -18.90 28.45 -24.53
CA PHE D 778 -17.46 28.20 -24.42
C PHE D 778 -17.17 26.87 -25.07
N ARG D 779 -16.21 26.85 -26.00
CA ARG D 779 -15.96 25.66 -26.81
C ARG D 779 -14.70 24.95 -26.35
N VAL D 780 -14.76 23.61 -26.36
CA VAL D 780 -13.61 22.77 -26.05
C VAL D 780 -13.54 21.69 -27.11
N ASP D 781 -12.49 20.86 -27.03
CA ASP D 781 -12.30 19.81 -28.01
C ASP D 781 -11.54 18.65 -27.38
N GLU D 782 -11.72 17.47 -27.97
CA GLU D 782 -11.06 16.27 -27.51
C GLU D 782 -10.81 15.37 -28.71
N VAL D 783 -10.26 14.18 -28.45
CA VAL D 783 -9.87 13.23 -29.48
C VAL D 783 -10.46 11.87 -29.16
N ASN D 784 -11.08 11.23 -30.15
CA ASN D 784 -11.58 9.88 -30.02
C ASN D 784 -11.22 9.10 -31.26
N TRP D 785 -10.81 7.84 -31.07
CA TRP D 785 -10.38 6.99 -32.16
C TRP D 785 -11.32 5.82 -32.44
N SER D 786 -12.26 5.53 -31.55
CA SER D 786 -13.19 4.43 -31.73
C SER D 786 -14.48 4.84 -32.41
N HIS D 787 -14.64 6.11 -32.77
CA HIS D 787 -15.86 6.60 -33.41
C HIS D 787 -15.75 6.40 -34.92
N TRP D 788 -15.87 5.14 -35.33
CA TRP D 788 -15.87 4.78 -36.74
C TRP D 788 -17.13 4.00 -37.09
C10 XQ3 E . -14.19 12.00 40.67
C13 XQ3 E . -12.60 13.30 42.56
C15 XQ3 E . -14.29 11.64 42.00
C20 XQ3 E . -15.90 6.58 37.99
C21 XQ3 E . -15.83 5.05 38.00
C24 XQ3 E . -15.76 6.46 35.57
C26 XQ3 E . -12.66 3.27 36.26
CL34 XQ3 E . -11.20 4.50 40.12
CL37 XQ3 E . -12.73 9.51 38.56
C01 XQ3 E . -20.01 10.00 39.80
C02 XQ3 E . -20.51 9.74 38.37
C03 XQ3 E . -21.42 10.90 37.90
C04 XQ3 E . -19.39 9.51 37.33
C05 XQ3 E . -18.21 8.68 37.80
N06 XQ3 E . -17.25 9.55 38.46
C07 XQ3 E . -16.87 9.35 39.86
C08 XQ3 E . -15.85 10.30 40.49
C09 XQ3 E . -15.08 11.26 39.74
C11 XQ3 E . -13.29 13.02 40.27
C12 XQ3 E . -12.49 13.66 41.21
C14 XQ3 E . -13.49 12.28 42.95
S16 XQ3 E . -15.43 10.42 42.11
O17 XQ3 E . -17.35 8.46 40.49
C18 XQ3 E . -17.52 8.04 36.59
N19 XQ3 E . -16.43 7.05 36.73
N22 XQ3 E . -14.86 4.57 37.01
C23 XQ3 E . -15.24 5.01 35.68
C25 XQ3 E . -13.66 3.74 37.34
C27 XQ3 E . -13.30 2.17 35.43
O28 XQ3 E . -13.60 1.11 36.30
N29 XQ3 E . -11.47 2.74 36.90
S30 XQ3 E . -10.18 3.81 37.16
O31 XQ3 E . -9.30 3.87 35.98
C32 XQ3 E . -10.90 5.47 37.53
C33 XQ3 E . -11.34 5.73 38.84
C35 XQ3 E . -11.89 6.98 39.14
C36 XQ3 E . -12.01 7.93 38.15
C38 XQ3 E . -11.57 7.67 36.85
C39 XQ3 E . -11.02 6.43 36.54
O40 XQ3 E . -9.26 3.34 38.20
O41 XQ3 E . -13.46 3.45 38.46
O42 XQ3 E . -17.86 8.36 35.50
H131 XQ3 E . -12.07 13.72 43.19
H202 XQ3 E . -16.46 6.88 38.70
H201 XQ3 E . -15.01 6.94 38.11
H212 XQ3 E . -15.58 4.75 38.89
H211 XQ3 E . -16.70 4.70 37.77
H242 XQ3 E . -16.37 6.49 34.82
H241 XQ3 E . -15.00 7.02 35.37
H261 XQ3 E . -12.44 4.01 35.69
H011 XQ3 E . -20.76 10.28 40.35
H013 XQ3 E . -19.34 10.70 39.79
H012 XQ3 E . -19.63 9.19 40.17
H021 XQ3 E . -21.05 8.93 38.40
H032 XQ3 E . -21.01 11.36 37.16
H033 XQ3 E . -21.58 11.51 38.64
H031 XQ3 E . -22.28 10.53 37.61
H042 XQ3 E . -19.05 10.37 37.03
H041 XQ3 E . -19.79 9.06 36.58
H051 XQ3 E . -18.50 7.99 38.42
H061 XQ3 E . -16.90 10.21 38.02
H091 XQ3 E . -15.13 11.38 38.82
H111 XQ3 E . -13.22 13.26 39.37
H121 XQ3 E . -11.90 14.33 40.94
H141 XQ3 E . -13.55 12.05 43.85
H231 XQ3 E . -14.45 4.95 35.12
H232 XQ3 E . -15.92 4.42 35.34
H272 XQ3 E . -14.10 2.51 35.01
H271 XQ3 E . -12.68 1.88 34.75
H281 XQ3 E . -14.41 0.87 36.19
H291 XQ3 E . -11.41 1.92 37.14
H351 XQ3 E . -12.19 7.15 40.00
H381 XQ3 E . -11.65 8.32 36.19
H391 XQ3 E . -10.73 6.24 35.68
C10 XQ3 F . 40.62 10.54 -15.57
C13 XQ3 F . 42.43 12.16 -14.22
C15 XQ3 F . 41.37 11.46 -16.29
C20 XQ3 F . 35.57 10.22 -19.32
C21 XQ3 F . 34.57 10.97 -20.22
C24 XQ3 F . 33.72 8.88 -18.54
C26 XQ3 F . 31.41 12.73 -18.48
CL34 XQ3 F . 34.64 15.51 -17.85
CL37 XQ3 F . 37.13 11.31 -15.40
C01 XQ3 F . 40.09 7.16 -20.77
C02 XQ3 F . 39.01 6.07 -20.85
C03 XQ3 F . 39.64 4.68 -20.67
C04 XQ3 F . 37.84 6.26 -19.86
C05 XQ3 F . 37.36 7.68 -19.65
N06 XQ3 F . 38.17 8.31 -18.61
C07 XQ3 F . 38.96 9.51 -18.91
C08 XQ3 F . 39.79 10.13 -17.77
C09 XQ3 F . 39.67 9.73 -16.40
C11 XQ3 F . 40.78 10.42 -14.18
C12 XQ3 F . 41.68 11.22 -13.50
C14 XQ3 F . 42.28 12.28 -15.61
S16 XQ3 F . 40.93 11.34 -17.90
O17 XQ3 F . 38.94 10.00 -19.99
C18 XQ3 F . 35.91 7.66 -19.17
N19 XQ3 F . 35.10 8.89 -19.03
N22 XQ3 F . 33.33 11.20 -19.50
C23 XQ3 F . 32.74 9.93 -19.09
C25 XQ3 F . 32.73 12.54 -19.23
C27 XQ3 F . 30.25 12.30 -19.35
O28 XQ3 F . 30.26 13.12 -20.49
N29 XQ3 F . 31.23 14.14 -18.12
S30 XQ3 F . 31.81 14.64 -16.61
O31 XQ3 F . 30.79 14.46 -15.57
C32 XQ3 F . 33.33 13.67 -16.23
C33 XQ3 F . 34.55 14.06 -16.80
C35 XQ3 F . 35.70 13.34 -16.53
C36 XQ3 F . 35.64 12.22 -15.71
C38 XQ3 F . 34.43 11.81 -15.16
C39 XQ3 F . 33.26 12.55 -15.42
O40 XQ3 F . 32.04 16.09 -16.55
O41 XQ3 F . 33.30 13.50 -19.62
O42 XQ3 F . 35.41 6.62 -18.88
H131 XQ3 F . 43.04 12.69 -13.77
H202 XQ3 F . 36.42 10.17 -19.78
H201 XQ3 F . 35.68 10.71 -18.49
H212 XQ3 F . 34.97 11.81 -20.49
H211 XQ3 F . 34.39 10.42 -20.98
H242 XQ3 F . 33.34 8.00 -18.74
H241 XQ3 F . 33.75 8.98 -17.59
H261 XQ3 F . 31.42 12.19 -17.67
H011 XQ3 F . 40.85 6.89 -21.32
H013 XQ3 F . 40.38 7.27 -19.85
H012 XQ3 F . 39.73 8.00 -21.11
H021 XQ3 F . 38.64 6.11 -21.74
H032 XQ3 F . 39.32 4.27 -19.85
H033 XQ3 F . 40.60 4.75 -20.62
H031 XQ3 F . 39.40 4.11 -21.42
H042 XQ3 F . 38.10 5.90 -19.01
H041 XQ3 F . 37.10 5.74 -20.19
H051 XQ3 F . 37.43 8.18 -20.48
H061 XQ3 F . 38.19 7.97 -17.83
H091 XQ3 F . 39.11 9.08 -16.08
H111 XQ3 F . 40.26 9.79 -13.70
H121 XQ3 F . 41.78 11.13 -12.58
H141 XQ3 F . 42.79 12.91 -16.07
H231 XQ3 F . 32.10 10.12 -18.39
H232 XQ3 F . 32.27 9.55 -19.84
H272 XQ3 F . 30.36 11.38 -19.60
H271 XQ3 F . 29.41 12.41 -18.86
H281 XQ3 F . 30.21 12.64 -21.19
H291 XQ3 F . 30.86 14.69 -18.66
H351 XQ3 F . 36.51 13.61 -16.90
H381 XQ3 F . 34.39 11.06 -14.61
H391 XQ3 F . 32.45 12.28 -15.05
CAA Y01 G . 5.29 24.62 23.63
CBA Y01 G . 6.11 24.69 24.94
CAB Y01 G . 6.93 23.40 25.15
CAN Y01 G . 5.20 24.99 26.14
CAJ Y01 G . 5.85 26.02 27.09
CAO Y01 G . 5.49 27.48 26.75
CBB Y01 G . 6.67 28.48 26.76
CAC Y01 G . 6.26 29.73 25.97
CBE Y01 G . 7.04 28.83 28.23
CAP Y01 G . 7.91 27.67 28.79
CAQ Y01 G . 8.80 28.30 29.90
CBG Y01 G . 8.32 29.77 29.96
CBI Y01 G . 7.98 30.04 28.49
CAE Y01 G . 9.23 30.05 27.60
CAU Y01 G . 7.22 31.38 28.44
CAS Y01 G . 7.89 32.54 29.22
CBF Y01 G . 8.55 32.19 30.59
CBD Y01 G . 9.24 30.81 30.63
CAK Y01 G . 9.50 30.49 32.10
CAI Y01 G . 10.11 31.70 32.83
CAZ Y01 G . 10.19 32.97 32.38
CAV Y01 G . 10.78 34.23 33.06
CBH Y01 G . 9.66 33.25 30.94
CAD Y01 G . 10.79 33.43 29.91
CAT Y01 G . 8.69 34.46 30.97
CAR Y01 G . 9.21 35.71 31.73
CBC Y01 G . 9.80 35.41 33.12
OAW Y01 G . 10.46 36.58 33.58
CAY Y01 G . 11.63 36.38 34.38
OAG Y01 G . 12.73 36.42 33.85
CAM Y01 G . 11.51 36.09 35.88
CAL Y01 G . 12.38 37.03 36.74
CAX Y01 G . 11.55 37.98 37.63
OAH Y01 G . 10.41 38.26 37.31
OAF Y01 G . 12.02 38.45 38.64
HAA1 Y01 G . 4.40 24.04 23.81
HAA2 Y01 G . 5.02 25.61 23.33
HAA3 Y01 G . 5.87 24.16 22.87
HBA Y01 G . 6.79 25.49 24.84
HAB1 Y01 G . 7.91 23.53 24.73
HAB2 Y01 G . 7.03 23.20 26.19
HAB3 Y01 G . 6.44 22.59 24.67
HAN1 Y01 G . 4.28 25.39 25.79
HAN2 Y01 G . 5.01 24.08 26.68
HAJ1 Y01 G . 6.91 25.90 27.03
HAJ2 Y01 G . 5.55 25.79 28.09
HAO1 Y01 G . 4.76 27.82 27.46
HAO2 Y01 G . 5.04 27.49 25.78
HBB Y01 G . 7.51 28.03 26.27
HAC1 Y01 G . 7.14 30.28 25.70
HAC2 Y01 G . 5.73 29.45 25.09
HAC3 Y01 G . 5.62 30.35 26.58
HBE Y01 G . 6.15 28.92 28.82
HAP1 Y01 G . 8.54 27.27 28.02
HAP2 Y01 G . 7.29 26.91 29.21
HAQ1 Y01 G . 8.61 27.80 30.83
HAQ2 Y01 G . 9.83 28.24 29.63
HBG Y01 G . 7.41 29.78 30.50
HBD Y01 G . 10.18 30.83 30.12
HAE1 Y01 G . 9.27 30.98 27.08
HAE2 Y01 G . 10.10 29.94 28.21
HAE3 Y01 G . 9.18 29.24 26.91
HAU1 Y01 G . 7.16 31.70 27.42
HAU2 Y01 G . 6.24 31.25 28.82
HAS1 Y01 G . 8.61 32.98 28.57
HAS2 Y01 G . 7.12 33.25 29.38
HBF Y01 G . 7.79 32.19 31.34
HAK1 Y01 G . 8.54 30.35 32.54
HAK2 Y01 G . 10.26 29.72 32.11
HAI Y01 G . 10.48 31.52 33.82
HAV1 Y01 G . 11.59 34.55 32.44
HAV2 Y01 G . 10.92 33.93 34.08
HBC Y01 G . 9.00 35.17 33.79
HAD1 Y01 G . 11.17 32.49 29.58
HAD2 Y01 G . 11.58 33.99 30.34
HAD3 Y01 G . 10.42 33.97 29.06
HAT1 Y01 G . 8.54 34.80 29.97
HAT2 Y01 G . 7.75 34.20 31.40
HAR1 Y01 G . 9.98 36.16 31.13
HAR2 Y01 G . 8.40 36.40 31.84
HAM1 Y01 G . 11.81 35.08 36.06
HAM2 Y01 G . 10.48 36.20 36.17
HAL1 Y01 G . 13.01 36.44 37.38
HAL2 Y01 G . 13.00 37.62 36.11
CAA Y01 H . 31.85 6.81 11.73
CBA Y01 H . 32.64 8.10 11.95
CAB Y01 H . 31.78 9.35 11.69
CAN Y01 H . 33.93 8.12 11.12
CAJ Y01 H . 35.12 8.66 11.93
CAO Y01 H . 35.92 7.56 12.67
CBB Y01 H . 36.28 7.88 14.15
CAC Y01 H . 36.61 6.56 14.87
CBE Y01 H . 37.47 8.86 14.18
CAP Y01 H . 36.93 10.30 13.91
CAQ Y01 H . 37.93 11.27 14.59
CBG Y01 H . 39.03 10.33 15.15
CBI Y01 H . 38.23 9.08 15.52
CAE Y01 H . 37.28 9.35 16.70
CAU Y01 H . 39.23 7.96 15.83
CAS Y01 H . 40.38 8.36 16.78
CBF Y01 H . 41.00 9.78 16.61
CBD Y01 H . 39.96 10.87 16.24
CAK Y01 H . 40.77 12.09 15.78
CAI Y01 H . 41.94 12.38 16.74
CAZ Y01 H . 42.41 11.59 17.72
CAV Y01 H . 43.57 11.82 18.72
CBH Y01 H . 41.66 10.24 17.95
CAD Y01 H . 40.76 10.25 19.21
CAT Y01 H . 42.70 9.08 18.00
CAR Y01 H . 43.92 9.32 18.92
CBC Y01 H . 44.60 10.68 18.72
OAW Y01 H . 45.54 10.87 19.79
CAY Y01 H . 45.70 12.21 20.26
OAG Y01 H . 45.09 12.59 21.23
CAM Y01 H . 46.65 13.19 19.52
CAL Y01 H . 47.66 13.86 20.46
CAX Y01 H . 49.12 13.43 20.17
OAH Y01 H . 49.34 12.37 19.63
OAF Y01 H . 50.03 14.15 20.50
HAA1 Y01 H . 31.82 6.59 10.67
HAA2 Y01 H . 32.33 6.00 12.23
HAA3 Y01 H . 30.86 6.92 12.09
HBA Y01 H . 32.94 8.13 12.98
HAB1 Y01 H . 31.32 9.66 12.60
HAB2 Y01 H . 32.38 10.14 11.31
HAB3 Y01 H . 31.02 9.10 10.98
HAN1 Y01 H . 34.15 7.11 10.80
HAN2 Y01 H . 33.78 8.73 10.25
HAJ1 Y01 H . 34.75 9.36 12.63
HAJ2 Y01 H . 35.79 9.17 11.26
HAO1 Y01 H . 36.81 7.37 12.14
HAO2 Y01 H . 35.32 6.66 12.66
HBB Y01 H . 35.43 8.33 14.62
HAC1 Y01 H . 36.56 6.72 15.93
HAC2 Y01 H . 35.91 5.81 14.58
HAC3 Y01 H . 37.60 6.24 14.60
HBE Y01 H . 38.18 8.61 13.41
HAP1 Y01 H . 35.96 10.40 14.35
HAP2 Y01 H . 36.89 10.48 12.86
HAQ1 Y01 H . 38.33 11.94 13.87
HAQ2 Y01 H . 37.45 11.80 15.39
HBG Y01 H . 39.65 10.06 14.32
HBD Y01 H . 39.39 11.16 17.08
HAE1 Y01 H . 37.49 8.63 17.48
HAE2 Y01 H . 37.44 10.34 17.08
HAE3 Y01 H . 36.26 9.26 16.39
HAU1 Y01 H . 38.71 7.15 16.29
HAU2 Y01 H . 39.66 7.62 14.91
HAS1 Y01 H . 40.02 8.23 17.77
HAS2 Y01 H . 41.14 7.63 16.61
HBF Y01 H . 41.72 9.75 15.83
HAK1 Y01 H . 41.23 11.80 14.86
HAK2 Y01 H . 40.10 12.92 15.84
HAI Y01 H . 42.45 13.31 16.58
HAV1 Y01 H . 43.12 11.82 19.69
HAV2 Y01 H . 44.08 12.67 18.32
HBC Y01 H . 45.14 10.69 17.79
HAD1 Y01 H . 39.82 10.72 19.00
HAD2 Y01 H . 41.25 10.78 20.00
HAD3 Y01 H . 40.58 9.25 19.54
HAT1 Y01 H . 42.23 8.21 18.41
HAT2 Y01 H . 43.07 8.85 17.03
HAR1 Y01 H . 43.60 9.25 19.93
HAR2 Y01 H . 44.65 8.55 18.73
HAM1 Y01 H . 46.05 13.95 19.06
HAM2 Y01 H . 47.17 12.65 18.76
HAL1 Y01 H . 47.59 14.91 20.35
HAL2 Y01 H . 47.42 13.60 21.47
C10 XQ3 I . 27.46 -22.32 27.39
C13 XQ3 I . 29.39 -21.12 28.98
C15 XQ3 I . 28.69 -22.93 27.52
C20 XQ3 I . 25.88 -24.53 21.71
C21 XQ3 I . 26.32 -24.89 20.29
C24 XQ3 I . 23.82 -23.68 20.75
C26 XQ3 I . 26.45 -21.94 17.54
CL34 XQ3 I . 30.10 -21.46 19.79
CL37 XQ3 I . 26.81 -21.02 24.12
C01 XQ3 I . 25.01 -27.91 26.15
C02 XQ3 I . 23.63 -28.00 25.49
C03 XQ3 I . 22.56 -28.38 26.54
C04 XQ3 I . 23.19 -26.72 24.74
C05 XQ3 I . 24.28 -26.01 23.94
N06 XQ3 I . 24.99 -25.09 24.84
C07 XQ3 I . 26.43 -25.25 25.07
C08 XQ3 I . 27.12 -24.25 26.01
C09 XQ3 I . 26.49 -23.06 26.51
C11 XQ3 I . 27.18 -21.11 28.05
C12 XQ3 I . 28.13 -20.51 28.84
C14 XQ3 I . 29.67 -22.32 28.32
S16 XQ3 I . 28.68 -24.33 26.61
O17 XQ3 I . 27.05 -26.11 24.53
C18 XQ3 I . 23.63 -25.19 22.84
N19 XQ3 I . 24.42 -24.50 21.80
N22 XQ3 I . 25.94 -23.83 19.35
C23 XQ3 I . 24.50 -23.64 19.36
C25 XQ3 I . 26.90 -23.06 18.51
C27 XQ3 I . 25.77 -22.56 16.34
O28 XQ3 I . 26.71 -23.39 15.70
N29 XQ3 I . 27.61 -21.19 17.09
S30 XQ3 I . 28.04 -19.80 17.97
O31 XQ3 I . 27.32 -18.61 17.48
C32 XQ3 I . 27.67 -20.13 19.74
C33 XQ3 I . 28.58 -20.86 20.51
C35 XQ3 I . 28.31 -21.12 21.85
C36 XQ3 I . 27.14 -20.67 22.41
C38 XQ3 I . 26.21 -19.94 21.66
C39 XQ3 I . 26.49 -19.67 20.31
O40 XQ3 I . 29.43 -19.41 17.75
O41 XQ3 I . 28.06 -23.30 18.59
O42 XQ3 I . 22.46 -25.07 22.82
H131 XQ3 I . 30.03 -20.72 29.52
H202 XQ3 I . 26.22 -25.19 22.32
H201 XQ3 I . 26.22 -23.66 21.94
H212 XQ3 I . 27.28 -25.01 20.28
H211 XQ3 I . 25.88 -25.69 20.03
H242 XQ3 I . 22.92 -24.01 20.61
H241 XQ3 I . 23.77 -22.78 21.08
H261 XQ3 I . 25.84 -21.35 18.00
H011 XQ3 I . 25.14 -28.69 26.71
H013 XQ3 I . 25.08 -27.11 26.68
H012 XQ3 I . 25.70 -27.91 25.46
H021 XQ3 I . 23.67 -28.72 24.84
H032 XQ3 I . 21.93 -27.66 26.66
H033 XQ3 I . 22.99 -28.58 27.39
H031 XQ3 I . 22.09 -29.18 26.24
H042 XQ3 I . 22.82 -26.09 25.38
H041 XQ3 I . 22.49 -26.98 24.13
H051 XQ3 I . 24.90 -26.65 23.58
H061 XQ3 I . 24.56 -24.47 25.23
H091 XQ3 I . 25.63 -22.79 26.32
H111 XQ3 I . 26.33 -20.72 27.95
H121 XQ3 I . 27.94 -19.71 29.28
H141 XQ3 I . 30.51 -22.72 28.42
H231 XQ3 I . 24.31 -22.77 18.99
H232 XQ3 I . 24.10 -24.31 18.80
H272 XQ3 I . 25.00 -23.07 16.64
H271 XQ3 I . 25.47 -21.86 15.74
H281 XQ3 I . 26.36 -24.16 15.57
H291 XQ3 I . 28.06 -21.42 16.40
H351 XQ3 I . 28.92 -21.61 22.36
H381 XQ3 I . 25.43 -19.64 22.03
H391 XQ3 I . 25.87 -19.20 19.80
CAA Y01 J . 20.61 27.19 5.36
CBA Y01 J . 20.76 28.20 6.53
CAB Y01 J . 19.87 27.82 7.72
CAN Y01 J . 20.51 29.63 6.05
CAJ Y01 J . 21.53 30.62 6.65
CAO Y01 J . 22.79 30.81 5.76
CBB Y01 J . 24.14 30.77 6.51
CAC Y01 J . 25.26 30.50 5.49
CBE Y01 J . 24.35 32.12 7.23
CAP Y01 J . 23.54 32.09 8.55
CAQ Y01 J . 24.26 33.06 9.53
CBG Y01 J . 25.42 33.63 8.69
CBI Y01 J . 25.78 32.45 7.78
CAE Y01 J . 26.40 31.29 8.59
CAU Y01 J . 26.73 32.96 6.70
CAS Y01 J . 27.90 33.84 7.21
CBF Y01 J . 27.61 34.83 8.37
CBD Y01 J . 26.60 34.30 9.41
CAK Y01 J . 26.17 35.49 10.26
CAI Y01 J . 27.38 36.35 10.67
CAZ Y01 J . 28.65 36.25 10.20
CAV Y01 J . 29.90 37.07 10.58
CBH Y01 J . 28.93 35.15 9.16
CAD Y01 J . 29.69 33.94 9.75
CAT Y01 J . 29.67 35.76 7.94
CAR Y01 J . 30.88 36.66 8.28
CBC Y01 J . 30.60 37.71 9.38
OAW Y01 J . 31.85 38.29 9.76
CAY Y01 J . 31.98 38.65 11.14
OAG Y01 J . 32.51 37.89 11.91
CAM Y01 J . 31.43 40.00 11.64
CAL Y01 J . 32.46 40.83 12.43
CAX Y01 J . 32.87 42.12 11.70
OAH Y01 J . 32.75 42.21 10.51
OAF Y01 J . 33.31 43.05 12.33
HAA1 Y01 J . 19.72 27.43 4.81
HAA2 Y01 J . 21.46 27.26 4.72
HAA3 Y01 J . 20.53 26.20 5.76
HBA Y01 J . 21.78 28.14 6.86
HAB1 Y01 J . 20.42 27.21 8.40
HAB2 Y01 J . 19.55 28.70 8.23
HAB3 Y01 J . 19.02 27.28 7.37
HAN1 Y01 J . 20.57 29.66 4.98
HAN2 Y01 J . 19.52 29.93 6.33
HAJ1 Y01 J . 21.84 30.24 7.60
HAJ2 Y01 J . 21.05 31.56 6.78
HAO1 Y01 J . 22.70 31.74 5.25
HAO2 Y01 J . 22.79 30.03 5.02
HBB Y01 J . 24.12 29.97 7.22
HAC1 Y01 J . 26.14 30.16 5.99
HAC2 Y01 J . 24.95 29.74 4.79
HAC3 Y01 J . 25.48 31.40 4.94
HBE Y01 J . 24.02 32.93 6.62
HAP1 Y01 J . 23.53 31.10 8.96
HAP2 Y01 J . 22.54 32.43 8.37
HAQ1 Y01 J . 23.59 33.82 9.84
HAQ2 Y01 J . 24.64 32.51 10.37
HBG Y01 J . 24.99 34.39 8.06
HBD Y01 J . 27.05 33.58 10.07
HAE1 Y01 J . 27.36 31.05 8.16
HAE2 Y01 J . 26.54 31.58 9.60
HAE3 Y01 J . 25.76 30.44 8.55
HAU1 Y01 J . 27.16 32.14 6.18
HAU2 Y01 J . 26.17 33.54 5.99
HAS1 Y01 J . 28.68 33.16 7.49
HAS2 Y01 J . 28.23 34.39 6.36
HBF Y01 J . 27.20 35.73 7.95
HAK1 Y01 J . 25.61 36.12 9.59
HAK2 Y01 J . 25.76 35.09 11.16
HAI Y01 J . 27.20 37.11 11.40
HAV1 Y01 J . 30.60 36.37 10.99
HAV2 Y01 J . 29.52 37.90 11.15
HBC Y01 J . 29.98 38.48 8.97
HAD1 Y01 J . 29.03 33.28 10.25
HAD2 Y01 J . 30.43 34.29 10.43
HAD3 Y01 J . 30.19 33.41 8.95
HAT1 Y01 J . 30.09 34.97 7.34
HAT2 Y01 J . 29.02 36.34 7.33
HAR1 Y01 J . 31.68 36.04 8.62
HAR2 Y01 J . 31.20 37.17 7.39
HAM1 Y01 J . 30.59 39.81 12.28
HAM2 Y01 J . 31.09 40.57 10.81
HAL1 Y01 J . 32.06 41.07 13.39
HAL2 Y01 J . 33.33 40.22 12.58
C10 XQ3 K . -1.28 44.66 -2.20
C13 XQ3 K . 0.18 46.34 -0.53
C15 XQ3 K . -1.87 45.81 -1.72
C20 XQ3 K . -6.42 41.11 -2.99
C21 XQ3 K . -7.78 40.69 -2.44
C24 XQ3 K . -6.06 38.82 -3.66
C26 XQ3 K . -7.90 37.74 0.30
CL34 XQ3 K . -6.86 41.26 2.56
CL37 XQ3 K . -2.64 41.62 -0.87
C01 XQ3 K . -5.17 44.83 -7.05
C02 XQ3 K . -5.37 43.58 -7.90
C03 XQ3 K . -4.59 43.72 -9.23
C04 XQ3 K . -4.97 42.26 -7.21
C05 XQ3 K . -5.35 42.15 -5.74
N06 XQ3 K . -4.30 42.75 -4.93
C07 XQ3 K . -4.59 43.88 -4.04
C08 XQ3 K . -3.43 44.45 -3.21
C09 XQ3 K . -2.14 43.83 -3.08
C11 XQ3 K . 0.06 44.33 -1.86
C12 XQ3 K . 0.78 45.17 -1.03
C14 XQ3 K . -1.14 46.65 -0.87
S16 XQ3 K . -3.44 45.87 -2.31
O17 XQ3 K . -5.68 44.33 -3.96
C18 XQ3 K . -5.47 40.67 -5.35
N19 XQ3 K . -5.98 40.22 -4.05
N22 XQ3 K . -7.69 39.38 -1.78
C23 XQ3 K . -7.20 38.38 -2.72
C25 XQ3 K . -8.04 39.13 -0.36
C27 XQ3 K . -9.01 36.84 -0.22
O28 XQ3 K . -10.23 37.41 0.14
N29 XQ3 K . -8.04 37.87 1.74
S30 XQ3 K . -6.61 38.06 2.65
O31 XQ3 K . -6.03 36.76 3.00
C32 XQ3 K . -5.44 39.06 1.63
C33 XQ3 K . -5.59 40.45 1.61
C35 XQ3 K . -4.72 41.22 0.85
C36 XQ3 K . -3.73 40.62 0.10
C38 XQ3 K . -3.58 39.23 0.11
C39 XQ3 K . -4.46 38.45 0.89
O40 XQ3 K . -6.86 38.65 3.96
O41 XQ3 K . -8.42 40.04 0.31
O42 XQ3 K . -5.13 39.85 -6.14
H131 XQ3 K . 0.67 46.90 0.02
H202 XQ3 K . -6.48 42.01 -3.33
H201 XQ3 K . -5.77 41.09 -2.26
H212 XQ3 K . -8.11 41.35 -1.83
H211 XQ3 K . -8.39 40.60 -3.19
H242 XQ3 K . -6.15 38.30 -4.48
H241 XQ3 K . -5.22 38.58 -3.23
H261 XQ3 K . -7.05 37.36 0.07
H011 XQ3 K . -5.30 45.62 -7.60
H013 XQ3 K . -4.28 44.85 -6.67
H012 XQ3 K . -5.83 44.84 -6.33
H021 XQ3 K . -6.30 43.52 -8.13
H032 XQ3 K . -3.89 43.05 -9.27
H033 XQ3 K . -4.21 44.61 -9.30
H031 XQ3 K . -5.20 43.57 -9.98
H042 XQ3 K . -4.02 42.13 -7.27
H041 XQ3 K . -5.42 41.54 -7.68
H051 XQ3 K . -6.20 42.60 -5.57
H061 XQ3 K . -3.50 42.42 -4.97
H091 XQ3 K . -1.90 43.03 -3.49
H111 XQ3 K . 0.45 43.56 -2.19
H121 XQ3 K . 1.66 44.97 -0.80
H141 XQ3 K . -1.53 47.43 -0.55
H231 XQ3 K . -6.86 37.63 -2.20
H232 XQ3 K . -7.94 38.07 -3.25
H272 XQ3 K . -8.94 36.76 -1.18
H271 XQ3 K . -8.92 35.96 0.19
H281 XQ3 K . -10.74 37.46 -0.54
H291 XQ3 K . -8.81 37.83 2.13
H351 XQ3 K . -4.82 42.16 0.83
H381 XQ3 K . -2.92 38.82 -0.38
H391 XQ3 K . -4.36 37.52 0.90
CAA Y01 L . 16.38 4.30 30.11
CBA Y01 L . 17.82 4.68 30.49
CAB Y01 L . 18.67 5.00 29.25
CAN Y01 L . 18.47 3.56 31.34
CAJ Y01 L . 19.28 4.15 32.51
CAO Y01 L . 18.46 4.31 33.81
CBB Y01 L . 18.64 5.66 34.54
CAC Y01 L . 17.45 5.88 35.49
CBE Y01 L . 19.99 5.65 35.31
CAP Y01 L . 21.13 5.95 34.30
CAQ Y01 L . 22.28 6.59 35.12
CBG Y01 L . 21.75 6.55 36.58
CBI Y01 L . 20.24 6.76 36.37
CAE Y01 L . 19.93 8.18 35.87
CAU Y01 L . 19.55 6.46 37.72
CAS Y01 L . 20.20 7.14 38.95
CBF Y01 L . 21.75 7.23 38.99
CBD Y01 L . 22.41 7.46 37.62
CAK Y01 L . 23.90 7.17 37.79
CAI Y01 L . 24.46 7.82 39.07
CAZ Y01 L . 23.75 8.39 40.07
CAV Y01 L . 24.24 9.06 41.37
CBH Y01 L . 22.20 8.41 39.92
CAD Y01 L . 21.66 9.81 39.54
CAT Y01 L . 21.54 7.86 41.20
CAR Y01 L . 22.08 8.45 42.53
CBC Y01 L . 23.60 8.47 42.64
OAW Y01 L . 23.95 9.26 43.79
CAY Y01 L . 25.16 10.03 43.68
OAG Y01 L . 25.09 11.19 43.36
CAM Y01 L . 26.52 9.37 43.96
CAL Y01 L . 27.36 10.16 44.98
CAX Y01 L . 27.58 9.38 46.30
OAH Y01 L . 26.80 8.53 46.64
OAF Y01 L . 28.52 9.64 47.01
HAA1 Y01 L . 16.34 3.28 29.78
HAA2 Y01 L . 15.75 4.42 30.97
HAA3 Y01 L . 16.04 4.94 29.32
HBA Y01 L . 17.78 5.55 31.10
HAB1 Y01 L . 18.63 6.07 29.07
HAB2 Y01 L . 19.69 4.71 29.41
HAB3 Y01 L . 18.27 4.49 28.41
HAN1 Y01 L . 17.70 2.94 31.73
HAN2 Y01 L . 19.11 2.97 30.71
HAJ1 Y01 L . 19.66 5.10 32.21
HAJ2 Y01 L . 20.11 3.50 32.71
HAO1 Y01 L . 18.72 3.52 34.48
HAO2 Y01 L . 17.42 4.21 33.55
HBB Y01 L . 18.64 6.46 33.81
HAC1 Y01 L . 17.40 6.91 35.77
HAC2 Y01 L . 16.54 5.59 35.01
HAC3 Y01 L . 17.58 5.29 36.37
HBE Y01 L . 20.15 4.69 35.75
HAP1 Y01 L . 20.78 6.65 33.56
HAP2 Y01 L . 21.46 5.05 33.83
HAQ1 Y01 L . 23.16 6.00 35.01
HAQ2 Y01 L . 22.44 7.61 34.81
HBG Y01 L . 21.89 5.55 36.92
HBD Y01 L . 22.32 8.48 37.31
HAE1 Y01 L . 19.23 8.63 36.54
HAE2 Y01 L . 20.82 8.76 35.84
HAE3 Y01 L . 19.52 8.13 34.89
HAU1 Y01 L . 18.55 6.80 37.67
HAU2 Y01 L . 19.57 5.40 37.88
HAS1 Y01 L . 19.78 8.12 39.00
HAS2 Y01 L . 19.86 6.57 39.79
HBF Y01 L . 22.13 6.31 39.38
HAK1 Y01 L . 23.97 6.11 37.96
HAK2 Y01 L . 24.39 7.63 36.96
HAI Y01 L . 25.52 7.81 39.19
HAV1 Y01 L . 23.91 10.08 41.32
HAV2 Y01 L . 25.28 8.79 41.43
HBC Y01 L . 23.97 7.47 42.79
HAD1 Y01 L . 21.77 10.00 38.50
HAD2 Y01 L . 22.20 10.56 40.07
HAD3 Y01 L . 20.63 9.88 39.81
HAT1 Y01 L . 20.50 8.12 41.19
HAT2 Y01 L . 21.63 6.80 41.26
HAR1 Y01 L . 21.72 9.46 42.62
HAR2 Y01 L . 21.68 7.87 43.35
HAM1 Y01 L . 27.06 9.32 43.05
HAM2 Y01 L . 26.36 8.38 44.32
HAL1 Y01 L . 28.32 10.38 44.55
HAL2 Y01 L . 26.88 11.08 45.21
#